data_8FCK
#
_entry.id   8FCK
#
_cell.length_a   1.00
_cell.length_b   1.00
_cell.length_c   1.00
_cell.angle_alpha   90.00
_cell.angle_beta   90.00
_cell.angle_gamma   90.00
#
_symmetry.space_group_name_H-M   'P 1'
#
loop_
_entity.id
_entity.type
_entity.pdbx_description
1 polymer 'HAUS augmin-like complex subunit 1'
2 polymer 'HAUS augmin-like complex subunit 3'
3 polymer 'HAUS augmin like complex subunit 4 L homeolog'
4 polymer 'HAUS augmin-like complex subunit 5'
5 polymer 'HAUS augmin like complex subunit 2 L homeolog, Green fluorescent protein chimera'
6 polymer 'HAUS augmin like complex subunit 6 L homeolog'
7 polymer 'HAUS augmin like complex subunit 7 S homeolog'
8 polymer 'HAUS augmin-like complex subunit 8'
#
loop_
_entity_poly.entity_id
_entity_poly.type
_entity_poly.pdbx_seq_one_letter_code
_entity_poly.pdbx_strand_id
1 'polypeptide(L)'
;MDEKSTKIIMWLKKMFGDKPLPPYEVNTRTMEILYQLAEWNEARDKDLSLVTEDLKLKSAEVKAEAKYLQDLLTEGLGPS
YTNLSRMGNNYLNQIVDSCLALELKNSSLSSYIPAVNDLSSELVAIELNNQEMEAELTSLRKKLTEALVLEKSLEQDLKK
AEEQCNFEKAKVEIRSQNMKKLKDKSEEYKYKIHAAKDQLSSAGMEEPLTHRSLVSLSETLTELKAQSMAAKEKLNSYLD
LAPNPSLVKVKIEEAKRELKATEVELTTKVNMMEFVVPEPSKRRLK
;
A
2 'polypeptide(L)'
;MSGGDRFVQTLQKLNYPKGAQLDGEDFDWLFEAVDLKPFLDWFCSAASEQNVVPDEKLQAFNTLKESGKPVLDEKALDEV
LKTFSISKVPAIEEVAIEKLEEEVKALQKQKNLHIRRRNKLQMVESGNRQMCLKSKDKEEETGRAFQEVLHLLRVTNKKL
NHELQSIVNGVQTLMSFFSTPETACELSSQPIFLSQLLLDKYLSLEEQSTAALTSFTKEHFFEGMSKFVEGSDENFQLVQ
LNVNSFGEDGTTEDKCKEMMRLQLAYICAKHKLIQMKAKSASLKVGLQWAENNASVVQDKASQKEENLKVRITSLKNETL
QIENHTNSISNEKLPGLVRDNAQLLNMPIVKGDYDLQMAHQTSCSSRQDLVCDHLMKQKASFELLQLGYELELRKHRDVY
RELGSIVQELKESGDKLEERLTMLSDVNLLSASKPRSNIDSKDLTSHRLYQLLDGDNTQKLFRTYDGLESVAQKLSQDIA
SMRDQLEVSEQEHSLLLSKLDSHLKELRDFMYPEGNTLMLTTPELSGEFHQLGSQLEKLNHITVEILGDLQLKRKMLESN
KLQQIEKQLYVYFFQNEEQLKSIVGKLEAQTGGGSSA
;
B
3 'polypeptide(L)'
;MAQTLQYVSSRLSMLQIDEEDLERNAQFGKVLIELCPLLGPNGGSANLNRELEETRRELLLQRKMWMRSEVIYQLVQEML
LDLQVRKLEGSLTEEERKFQDGLQQCMLVSECSRLLTADSVPPSDSTSILGLDKQDLLDLLPPNMLVLWVRDRLQKQLEE
ALKKKCFTFLSFHQPETDEEGDVLRAAKVLRLASTLEDEKRRLQNEQEKHQEMRALLEKQQEIYPHVLLRCLSLLRQAAS
ELRLRAQSDIDRINAEYLEAKSNALFLKLRMEELQVLTDCYTPEKVLVHRQIRDTLEAGVKKEKQELSTSRQILSSYEFL
GPEFEGLVQEYTRLKDKIKDNRWMLQELSKSLP
;
C
4 'polypeptide(L)'
;MERRSLAQELKKWAVEEMGLPAQKAPSEEMLQRLFIGQCGDIWKFIIRHIHSHRTVRKIEGNLLWYQQLQHTEAQRTAEE
EQQQRRKQLCKEILELRAELHHLQEQIQTAEREIVGQDLNCERAQDLCRRSLLLRAFNKKREEECEALCQSNKKIQYRCE
QLQEIRRASQREVMFSAVDPDLSSSTFLEPEVLRDVREVCKLRFKFLRSLHDDSISSSVHPGKEDLRSLSHQQWMSMAEK
VWNTHTPNHILAALERLTLNSTQELKKLQFSQAADLSKGPSCQLKEFSEPITQSRSCNESTHLDPQETLPSFHSLIQEGW
ANSVKVSSELRRVQSQAQALSEHLAERIQEIHKKLSDGSEVSVLTRAAFDAELRCVILRGCRDALMQECRMLQEEAAGKK
QEMKLLQQQQQNIQEACLLLDKKQKHIQILIKGNSSSKSQIRRSSVEAQKYVQDKLLPWPQEIIQESQRLQDSIQKEVKH
FSAICLPALLKVSTDGFNLLPSRELSINRMSNTHAPYYGIFKGIYESVRLPLYKAPESVLSHVADMKKQLFFLRSQLSSR
SEAISKTQRALQKNTNPDTDALLKSLSDHYSLELDEMVPKMQRLIQQCEKHQEYGKEVQATVMDWWEQPVQLCLPSEERG
GLTLRQWRERWTVAVTALQRATGSRS
;
D
5 'polypeptide(L)'
;MMAANPWSPVQPSAASLLLEKCLAAGVLSQNALDQAQLEAPCFSHAEELQRITEIKAEINQKSLELELLRLEKETADITH
PLYLGQKHQALQAMNSHLEAVLREKRSLRQRLAQPVCQENLPIEASYHRFTAELLPLAVNFIEKLEIYIKTIQTIPKIPD
CASNMDNALMRMESLEAEMEEVTEQILTWREQQKTAFQMNSDANSSCITAQTSYLSIENLHPVDMVSKGEELFTGVVPIL
VELDGDVNGHKFSVSGEGEGDATYGKLTLKFICTTGKLPVPWPTLVTTLTYGVQCFSRYPDHMKQHDFFKSAMPEGYVQE
RTIFFKDDGNYKTRAEVKFEGDTLVNRIELKGIDFKEDGNILGHKLEYNYNSHNVYIMADKQKNGIKVNFKIRHNIEDGS
VQLADHYQQNTPIGDGPVLLPDNHYLSTQSALSKDPNEKRDHMVLKEFVTAAGITLGMDELYKVDHHHHHHH
;
E
6 'polypeptide(L)'
;GPASGSTRGAEFMQSGSRPHLAWQREHMWLALQGLGFESGAEAANAGKTLVHVTFGVNMFDKPNKDAFYVVFHFLFGKLD
NVRCKEVFRYCWPPLDKKRDAEFRKACCEWLKKISDEVGAGFPQVVASIFLSPGGPKFVHLLYHFARYVMLQHIKRDADA
GNVFISEALQSKIQDPQKALARNKLARQKYLKVLQKENLVIEEYQRKAQLLIKQIRDMRSEHVALQNQQKLAEKVDRKIS
DKDENIQKTRCMWNTIMQMLKEMEKEVDVVDAVVRGNIDQYCLDGTNATLNIPNLLISRIESEMHRLQMDNVYEAGKVNL
ITVVQLLNEALKLVSGERSLYDCKGVRLDLQYLHGKAKFESEVLTRLRNMRHKIKREDLVSIEKIIADREREWERKWEKI
LGKCPFSLLKGLNPALELNPPMAPFSFDPASEEVLKSSVFCH
;
F
7 'polypeptide(L)'
;MTGGKELGAAVELYERLQMLSCPCLEGVYLTDPQSIYELLCTPSSHRLDILQWLCSRIYPPVQEQLSSLKESQTDTKVKE
IAKLCFDLMLCHFDDLDLIRGHASPFKQISFIGQLLDVIQYPDTISSNVILESLSHSTEKNVVTCIRENEELLKELFSSP
HFQATLSPECNPWPADFKPLLNAEESLQKRATQSSKGKDMSNSVEALLEISSSLKALKEECVDLCSSVTDGDKVIQSLRL
ALTDFHQLTIAFNQIYANEFQEHCGHPAPHMSPMGPFFQFVHQSLSTCFKELESIAQFTETSENIVDVVRERHQSKEKWA
GSTISTLCEKMKELRQSYEAFQQSSLQD
;
G
8 'polypeptide(L)'
;MSEAGVAPIEDGSQNSSGGSSGDAALKKSKGGAKVVKSRYMQIGRSKVSKNSLANTTVCSGGKVPERGSGGTPTRRSLAP
HKAKITAAVPLPALDGSIFTKEDLQSTLLDGHRIARPDLDLSVINDRTLQKITPRPVVTSEQKKPKRDTTPVNLVPEDMV
EMIESQTLLLTYLTIKMQKNLFRLEEKAERNLLLVNDQKDQLQETIHMMKRDLTLLQREERLRDLIEKQDEVLTPVVTSK
DPFKDNYTTFATALDSTRHQLAIKNIHITGNRHRYLEELQKHLAITKSLLEEIMPSHASENAESFDTIKDLENIVLKTDE
ELARSFRQILDLSFKVNKEISLQSQKAVEETCESALVRQWYFDGSLP
;
H
#
# COMPACT_ATOMS: atom_id res chain seq x y z
N MET A 1 -2.55 -102.29 -18.44
CA MET A 1 -3.95 -102.76 -18.43
C MET A 1 -4.71 -102.21 -17.24
N ASP A 2 -4.12 -102.25 -16.05
CA ASP A 2 -4.80 -101.82 -14.81
C ASP A 2 -5.32 -100.37 -14.83
N GLU A 3 -4.61 -99.41 -15.44
CA GLU A 3 -5.10 -98.02 -15.60
C GLU A 3 -6.37 -97.91 -16.47
N LYS A 4 -6.43 -98.63 -17.60
CA LYS A 4 -7.62 -98.63 -18.47
C LYS A 4 -8.81 -99.24 -17.71
N SER A 5 -8.58 -100.35 -17.01
CA SER A 5 -9.61 -101.02 -16.20
C SER A 5 -10.17 -100.11 -15.11
N THR A 6 -9.30 -99.38 -14.40
CA THR A 6 -9.74 -98.43 -13.37
C THR A 6 -10.55 -97.29 -13.97
N LYS A 7 -10.12 -96.75 -15.12
CA LYS A 7 -10.86 -95.69 -15.84
C LYS A 7 -12.25 -96.15 -16.26
N ILE A 8 -12.38 -97.36 -16.80
CA ILE A 8 -13.68 -97.96 -17.20
C ILE A 8 -14.59 -98.16 -15.99
N ILE A 9 -14.09 -98.73 -14.88
CA ILE A 9 -14.91 -98.98 -13.67
C ILE A 9 -15.40 -97.66 -13.07
N MET A 10 -14.53 -96.66 -12.98
CA MET A 10 -14.88 -95.30 -12.54
C MET A 10 -15.95 -94.66 -13.44
N TRP A 11 -15.77 -94.73 -14.76
CA TRP A 11 -16.71 -94.18 -15.75
C TRP A 11 -18.07 -94.88 -15.69
N LEU A 12 -18.08 -96.21 -15.64
CA LEU A 12 -19.29 -96.99 -15.49
C LEU A 12 -20.03 -96.67 -14.19
N LYS A 13 -19.32 -96.54 -13.05
CA LYS A 13 -19.94 -96.06 -11.80
C LYS A 13 -20.57 -94.69 -11.95
N LYS A 14 -19.92 -93.75 -12.65
CA LYS A 14 -20.45 -92.41 -12.90
C LYS A 14 -21.71 -92.44 -13.78
N MET A 15 -21.73 -93.30 -14.80
CA MET A 15 -22.85 -93.43 -15.74
C MET A 15 -24.07 -94.15 -15.13
N PHE A 16 -23.84 -95.25 -14.40
CA PHE A 16 -24.91 -96.01 -13.76
C PHE A 16 -25.38 -95.41 -12.43
N GLY A 17 -24.57 -94.56 -11.80
CA GLY A 17 -24.90 -93.92 -10.52
C GLY A 17 -25.14 -94.95 -9.42
N ASP A 18 -26.33 -94.90 -8.82
CA ASP A 18 -26.76 -95.84 -7.77
C ASP A 18 -27.28 -97.19 -8.31
N LYS A 19 -27.45 -97.35 -9.63
CA LYS A 19 -27.84 -98.65 -10.19
C LYS A 19 -26.67 -99.64 -10.07
N PRO A 20 -26.93 -100.89 -9.63
CA PRO A 20 -25.91 -101.91 -9.58
C PRO A 20 -25.36 -102.17 -10.99
N LEU A 21 -24.04 -102.20 -11.12
CA LEU A 21 -23.38 -102.46 -12.39
C LEU A 21 -23.77 -103.87 -12.88
N PRO A 22 -24.33 -104.02 -14.09
CA PRO A 22 -24.63 -105.34 -14.61
C PRO A 22 -23.33 -106.14 -14.79
N PRO A 23 -23.28 -107.42 -14.37
CA PRO A 23 -22.15 -108.28 -14.68
C PRO A 23 -22.00 -108.40 -16.22
N TYR A 24 -20.77 -108.48 -16.70
CA TYR A 24 -20.46 -108.71 -18.12
C TYR A 24 -19.17 -109.52 -18.26
N GLU A 25 -18.96 -110.11 -19.43
CA GLU A 25 -17.75 -110.87 -19.72
C GLU A 25 -16.55 -109.91 -19.86
N VAL A 26 -15.65 -109.90 -18.88
CA VAL A 26 -14.45 -109.04 -18.90
C VAL A 26 -13.34 -109.73 -19.68
N ASN A 27 -13.10 -109.28 -20.91
CA ASN A 27 -11.99 -109.72 -21.75
C ASN A 27 -11.33 -108.53 -22.46
N THR A 28 -10.26 -108.79 -23.19
CA THR A 28 -9.47 -107.77 -23.89
C THR A 28 -10.34 -106.91 -24.81
N ARG A 29 -11.18 -107.55 -25.61
CA ARG A 29 -12.04 -106.90 -26.62
C ARG A 29 -13.13 -106.04 -25.99
N THR A 30 -13.87 -106.56 -25.01
CA THR A 30 -14.91 -105.79 -24.30
C THR A 30 -14.33 -104.61 -23.53
N MET A 31 -13.15 -104.77 -22.93
CA MET A 31 -12.46 -103.65 -22.28
C MET A 31 -11.96 -102.60 -23.27
N GLU A 32 -11.52 -102.97 -24.48
CA GLU A 32 -11.11 -102.01 -25.51
C GLU A 32 -12.29 -101.17 -26.02
N ILE A 33 -13.42 -101.83 -26.30
CA ILE A 33 -14.66 -101.17 -26.73
C ILE A 33 -15.17 -100.21 -25.63
N LEU A 34 -15.21 -100.67 -24.38
CA LEU A 34 -15.60 -99.82 -23.24
C LEU A 34 -14.62 -98.67 -23.02
N TYR A 35 -13.33 -98.88 -23.24
CA TYR A 35 -12.32 -97.83 -23.11
C TYR A 35 -12.50 -96.73 -24.16
N GLN A 36 -12.68 -97.11 -25.44
CA GLN A 36 -12.98 -96.15 -26.51
C GLN A 36 -14.28 -95.38 -26.23
N LEU A 37 -15.32 -96.08 -25.77
CA LEU A 37 -16.59 -95.46 -25.43
C LEU A 37 -16.45 -94.47 -24.26
N ALA A 38 -15.67 -94.81 -23.24
CA ALA A 38 -15.40 -93.96 -22.10
C ALA A 38 -14.59 -92.71 -22.49
N GLU A 39 -13.53 -92.85 -23.30
CA GLU A 39 -12.78 -91.71 -23.82
C GLU A 39 -13.64 -90.80 -24.69
N TRP A 40 -14.45 -91.38 -25.57
CA TRP A 40 -15.31 -90.61 -26.46
C TRP A 40 -16.37 -89.85 -25.67
N ASN A 41 -17.03 -90.50 -24.69
CA ASN A 41 -18.01 -89.85 -23.83
C ASN A 41 -17.38 -88.73 -22.98
N GLU A 42 -16.20 -88.95 -22.36
CA GLU A 42 -15.51 -87.89 -21.60
C GLU A 42 -15.19 -86.66 -22.47
N ALA A 43 -14.69 -86.89 -23.69
CA ALA A 43 -14.39 -85.82 -24.62
C ALA A 43 -15.67 -85.06 -25.03
N ARG A 44 -16.73 -85.80 -25.36
CA ARG A 44 -18.02 -85.22 -25.76
C ARG A 44 -18.70 -84.44 -24.65
N ASP A 45 -18.63 -84.94 -23.41
CA ASP A 45 -19.20 -84.28 -22.22
C ASP A 45 -18.47 -82.97 -21.92
N LYS A 46 -17.14 -82.94 -22.04
CA LYS A 46 -16.36 -81.69 -21.94
C LYS A 46 -16.79 -80.68 -23.00
N ASP A 47 -16.88 -81.11 -24.25
CA ASP A 47 -17.27 -80.23 -25.35
C ASP A 47 -18.71 -79.70 -25.15
N LEU A 48 -19.66 -80.56 -24.78
CA LEU A 48 -21.04 -80.18 -24.48
C LEU A 48 -21.13 -79.19 -23.31
N SER A 49 -20.37 -79.40 -22.24
CA SER A 49 -20.36 -78.50 -21.09
C SER A 49 -19.89 -77.09 -21.47
N LEU A 50 -18.86 -76.99 -22.32
CA LEU A 50 -18.36 -75.70 -22.82
C LEU A 50 -19.40 -74.99 -23.69
N VAL A 51 -20.10 -75.72 -24.57
CA VAL A 51 -21.18 -75.18 -25.41
C VAL A 51 -22.37 -74.70 -24.54
N THR A 52 -22.80 -75.50 -23.57
CA THR A 52 -23.91 -75.15 -22.67
C THR A 52 -23.64 -73.87 -21.89
N GLU A 53 -22.43 -73.69 -21.36
CA GLU A 53 -22.05 -72.49 -20.61
C GLU A 53 -21.89 -71.25 -21.50
N ASP A 54 -21.49 -71.42 -22.76
CA ASP A 54 -21.49 -70.32 -23.72
C ASP A 54 -22.91 -69.91 -24.13
N LEU A 55 -23.81 -70.86 -24.36
CA LEU A 55 -25.22 -70.58 -24.66
C LEU A 55 -25.92 -69.81 -23.53
N LYS A 56 -25.60 -70.11 -22.25
CA LYS A 56 -26.09 -69.34 -21.11
C LYS A 56 -25.60 -67.89 -21.14
N LEU A 57 -24.31 -67.67 -21.43
CA LEU A 57 -23.74 -66.33 -21.58
C LEU A 57 -24.43 -65.57 -22.73
N LYS A 58 -24.53 -66.20 -23.90
CA LYS A 58 -25.16 -65.62 -25.09
C LYS A 58 -26.62 -65.26 -24.86
N SER A 59 -27.37 -66.10 -24.15
CA SER A 59 -28.76 -65.80 -23.77
C SER A 59 -28.87 -64.51 -22.94
N ALA A 60 -27.95 -64.29 -22.00
CA ALA A 60 -27.91 -63.05 -21.21
C ALA A 60 -27.52 -61.83 -22.06
N GLU A 61 -26.54 -61.96 -22.95
CA GLU A 61 -26.12 -60.87 -23.84
C GLU A 61 -27.22 -60.46 -24.83
N VAL A 62 -27.89 -61.44 -25.47
CA VAL A 62 -28.99 -61.19 -26.41
C VAL A 62 -30.19 -60.54 -25.71
N LYS A 63 -30.49 -60.97 -24.48
CA LYS A 63 -31.54 -60.33 -23.66
C LYS A 63 -31.21 -58.87 -23.36
N ALA A 64 -29.95 -58.57 -23.06
CA ALA A 64 -29.48 -57.22 -22.79
C ALA A 64 -29.62 -56.32 -24.03
N GLU A 65 -29.24 -56.85 -25.19
CA GLU A 65 -29.36 -56.14 -26.47
C GLU A 65 -30.82 -55.96 -26.92
N ALA A 66 -31.68 -56.95 -26.63
CA ALA A 66 -33.11 -56.88 -26.92
C ALA A 66 -33.75 -55.70 -26.18
N LYS A 67 -33.41 -55.54 -24.90
CA LYS A 67 -33.90 -54.44 -24.06
C LYS A 67 -33.41 -53.08 -24.58
N TYR A 68 -32.13 -52.98 -24.94
CA TYR A 68 -31.59 -51.76 -25.55
C TYR A 68 -32.36 -51.34 -26.81
N LEU A 69 -32.58 -52.27 -27.76
CA LEU A 69 -33.30 -52.01 -29.00
C LEU A 69 -34.77 -51.63 -28.74
N GLN A 70 -35.44 -52.33 -27.81
CA GLN A 70 -36.82 -52.02 -27.44
C GLN A 70 -36.94 -50.60 -26.88
N ASP A 71 -36.05 -50.21 -25.98
CA ASP A 71 -36.12 -48.90 -25.37
C ASP A 71 -35.73 -47.80 -26.38
N LEU A 72 -34.74 -48.03 -27.26
CA LEU A 72 -34.37 -47.12 -28.35
C LEU A 72 -35.57 -46.85 -29.28
N LEU A 73 -36.26 -47.90 -29.71
CA LEU A 73 -37.45 -47.80 -30.56
C LEU A 73 -38.60 -47.09 -29.83
N THR A 74 -38.73 -47.31 -28.52
CA THR A 74 -39.76 -46.64 -27.71
C THR A 74 -39.47 -45.15 -27.54
N GLU A 75 -38.22 -44.75 -27.35
CA GLU A 75 -37.82 -43.34 -27.28
C GLU A 75 -37.94 -42.65 -28.65
N GLY A 76 -37.44 -43.26 -29.73
CA GLY A 76 -37.48 -42.69 -31.07
C GLY A 76 -38.87 -42.68 -31.70
N LEU A 77 -39.51 -43.84 -31.78
CA LEU A 77 -40.77 -44.07 -32.53
C LEU A 77 -42.01 -44.00 -31.63
N GLY A 78 -41.84 -43.94 -30.30
CA GLY A 78 -42.95 -44.03 -29.35
C GLY A 78 -43.54 -45.44 -29.27
N PRO A 79 -44.58 -45.67 -28.46
CA PRO A 79 -45.24 -46.98 -28.36
C PRO A 79 -45.99 -47.40 -29.63
N SER A 80 -45.91 -46.63 -30.72
CA SER A 80 -46.61 -46.89 -31.98
C SER A 80 -46.09 -48.16 -32.69
N TYR A 81 -44.79 -48.47 -32.58
CA TYR A 81 -44.19 -49.61 -33.27
C TYR A 81 -44.69 -50.97 -32.75
N THR A 82 -45.23 -51.02 -31.53
CA THR A 82 -45.82 -52.25 -30.96
C THR A 82 -47.29 -52.44 -31.36
N ASN A 83 -47.97 -51.39 -31.82
CA ASN A 83 -49.40 -51.39 -32.17
C ASN A 83 -49.66 -51.78 -33.64
N LEU A 84 -48.90 -52.71 -34.21
CA LEU A 84 -49.11 -53.19 -35.57
C LEU A 84 -50.48 -53.91 -35.71
N SER A 85 -51.10 -53.82 -36.89
CA SER A 85 -52.31 -54.58 -37.23
C SER A 85 -52.07 -56.08 -37.14
N ARG A 86 -53.15 -56.88 -37.12
CA ARG A 86 -53.04 -58.34 -37.08
C ARG A 86 -52.23 -58.89 -38.26
N MET A 87 -52.34 -58.28 -39.45
CA MET A 87 -51.52 -58.66 -40.60
C MET A 87 -50.08 -58.14 -40.51
N GLY A 88 -49.88 -56.90 -40.06
CA GLY A 88 -48.54 -56.37 -39.80
C GLY A 88 -47.75 -57.26 -38.83
N ASN A 89 -48.40 -57.72 -37.76
CA ASN A 89 -47.78 -58.59 -36.76
C ASN A 89 -47.54 -60.02 -37.30
N ASN A 90 -48.39 -60.53 -38.20
CA ASN A 90 -48.16 -61.80 -38.89
C ASN A 90 -46.96 -61.74 -39.84
N TYR A 91 -46.82 -60.65 -40.61
CA TYR A 91 -45.65 -60.43 -41.45
C TYR A 91 -44.36 -60.32 -40.62
N LEU A 92 -44.40 -59.57 -39.52
CA LEU A 92 -43.28 -59.48 -38.58
C LEU A 92 -42.89 -60.85 -38.04
N ASN A 93 -43.86 -61.65 -37.58
CA ASN A 93 -43.60 -63.00 -37.08
C ASN A 93 -42.99 -63.90 -38.16
N GLN A 94 -43.44 -63.83 -39.42
CA GLN A 94 -42.85 -64.65 -40.47
C GLN A 94 -41.43 -64.27 -40.83
N ILE A 95 -41.06 -62.99 -40.82
CA ILE A 95 -39.66 -62.60 -41.00
C ILE A 95 -38.83 -63.15 -39.85
N VAL A 96 -39.28 -62.93 -38.61
CA VAL A 96 -38.58 -63.41 -37.40
C VAL A 96 -38.39 -64.93 -37.42
N ASP A 97 -39.46 -65.69 -37.66
CA ASP A 97 -39.44 -67.15 -37.65
C ASP A 97 -38.61 -67.71 -38.82
N SER A 98 -38.63 -67.06 -40.00
CA SER A 98 -37.75 -67.43 -41.11
C SER A 98 -36.27 -67.21 -40.78
N CYS A 99 -35.93 -66.09 -40.13
CA CYS A 99 -34.57 -65.80 -39.74
C CYS A 99 -34.07 -66.74 -38.61
N LEU A 100 -34.96 -67.15 -37.70
CA LEU A 100 -34.65 -68.13 -36.65
C LEU A 100 -34.42 -69.53 -37.26
N ALA A 101 -35.25 -69.95 -38.21
CA ALA A 101 -35.08 -71.23 -38.89
C ALA A 101 -33.72 -71.34 -39.60
N LEU A 102 -33.29 -70.24 -40.24
CA LEU A 102 -31.99 -70.14 -40.93
C LEU A 102 -30.81 -69.76 -40.00
N GLU A 103 -31.05 -69.55 -38.70
CA GLU A 103 -30.04 -69.16 -37.70
C GLU A 103 -29.24 -67.90 -38.10
N LEU A 104 -29.93 -66.88 -38.62
CA LEU A 104 -29.29 -65.66 -39.12
C LEU A 104 -28.75 -64.77 -37.99
N LYS A 105 -27.66 -64.06 -38.29
CA LYS A 105 -27.11 -62.95 -37.51
C LYS A 105 -28.15 -61.83 -37.30
N ASN A 106 -28.86 -61.45 -38.36
CA ASN A 106 -29.79 -60.33 -38.40
C ASN A 106 -30.84 -60.55 -39.53
N SER A 107 -31.81 -59.66 -39.69
CA SER A 107 -32.87 -59.79 -40.70
C SER A 107 -32.57 -59.12 -42.05
N SER A 108 -31.30 -58.84 -42.35
CA SER A 108 -30.92 -58.19 -43.61
C SER A 108 -31.04 -59.17 -44.78
N LEU A 109 -31.27 -58.63 -45.98
CA LEU A 109 -31.20 -59.43 -47.20
C LEU A 109 -29.80 -60.00 -47.43
N SER A 110 -28.75 -59.30 -46.99
CA SER A 110 -27.35 -59.75 -47.06
C SER A 110 -27.07 -60.99 -46.21
N SER A 111 -27.86 -61.26 -45.17
CA SER A 111 -27.81 -62.50 -44.38
C SER A 111 -28.77 -63.57 -44.91
N TYR A 112 -29.98 -63.18 -45.32
CA TYR A 112 -31.01 -64.11 -45.78
C TYR A 112 -30.67 -64.79 -47.12
N ILE A 113 -30.17 -64.01 -48.09
CA ILE A 113 -29.88 -64.48 -49.44
C ILE A 113 -28.86 -65.63 -49.45
N PRO A 114 -27.67 -65.49 -48.84
CA PRO A 114 -26.70 -66.58 -48.78
C PRO A 114 -27.23 -67.79 -48.04
N ALA A 115 -27.96 -67.60 -46.94
CA ALA A 115 -28.49 -68.72 -46.15
C ALA A 115 -29.49 -69.59 -46.93
N VAL A 116 -30.36 -68.97 -47.74
CA VAL A 116 -31.29 -69.70 -48.62
C VAL A 116 -30.54 -70.43 -49.74
N ASN A 117 -29.49 -69.81 -50.29
CA ASN A 117 -28.66 -70.44 -51.32
C ASN A 117 -27.89 -71.65 -50.76
N ASP A 118 -27.23 -71.49 -49.61
CA ASP A 118 -26.48 -72.56 -48.95
C ASP A 118 -27.40 -73.73 -48.60
N LEU A 119 -28.56 -73.48 -47.96
CA LEU A 119 -29.55 -74.51 -47.64
C LEU A 119 -30.00 -75.29 -48.89
N SER A 120 -30.31 -74.57 -49.99
CA SER A 120 -30.74 -75.20 -51.24
C SER A 120 -29.61 -76.03 -51.87
N SER A 121 -28.37 -75.54 -51.81
CA SER A 121 -27.22 -76.22 -52.40
C SER A 121 -26.81 -77.46 -51.61
N GLU A 122 -26.81 -77.39 -50.27
CA GLU A 122 -26.51 -78.52 -49.40
C GLU A 122 -27.57 -79.62 -49.53
N LEU A 123 -28.85 -79.24 -49.65
CA LEU A 123 -29.94 -80.21 -49.81
C LEU A 123 -29.78 -81.01 -51.12
N VAL A 124 -29.52 -80.34 -52.24
CA VAL A 124 -29.34 -81.04 -53.52
C VAL A 124 -28.03 -81.83 -53.53
N ALA A 125 -26.95 -81.30 -52.98
CA ALA A 125 -25.67 -82.01 -52.91
C ALA A 125 -25.77 -83.29 -52.07
N ILE A 126 -26.48 -83.28 -50.94
CA ILE A 126 -26.65 -84.46 -50.10
C ILE A 126 -27.60 -85.48 -50.76
N GLU A 127 -28.67 -85.03 -51.43
CA GLU A 127 -29.59 -85.90 -52.16
C GLU A 127 -28.88 -86.63 -53.32
N LEU A 128 -28.03 -85.92 -54.08
CA LEU A 128 -27.18 -86.50 -55.12
C LEU A 128 -26.18 -87.52 -54.57
N ASN A 129 -25.47 -87.16 -53.49
CA ASN A 129 -24.54 -88.08 -52.83
C ASN A 129 -25.25 -89.34 -52.33
N ASN A 130 -26.48 -89.21 -51.83
CA ASN A 130 -27.29 -90.33 -51.39
C ASN A 130 -27.73 -91.23 -52.53
N GLN A 131 -28.07 -90.68 -53.69
CA GLN A 131 -28.36 -91.48 -54.90
C GLN A 131 -27.12 -92.23 -55.40
N GLU A 132 -25.97 -91.57 -55.46
CA GLU A 132 -24.69 -92.21 -55.85
C GLU A 132 -24.34 -93.35 -54.88
N MET A 133 -24.46 -93.13 -53.57
CA MET A 133 -24.17 -94.14 -52.55
C MET A 133 -25.16 -95.31 -52.56
N GLU A 134 -26.45 -95.05 -52.84
CA GLU A 134 -27.47 -96.09 -52.97
C GLU A 134 -27.22 -96.95 -54.23
N ALA A 135 -26.70 -96.36 -55.31
CA ALA A 135 -26.27 -97.08 -56.51
C ALA A 135 -25.03 -97.94 -56.27
N GLU A 136 -24.02 -97.43 -55.56
CA GLU A 136 -22.85 -98.22 -55.15
C GLU A 136 -23.24 -99.40 -54.27
N LEU A 137 -24.12 -99.17 -53.29
CA LEU A 137 -24.58 -100.20 -52.36
C LEU A 137 -25.39 -101.29 -53.06
N THR A 138 -26.20 -100.91 -54.06
CA THR A 138 -26.95 -101.87 -54.90
C THR A 138 -26.01 -102.68 -55.80
N SER A 139 -25.04 -102.02 -56.42
CA SER A 139 -24.02 -102.66 -57.27
C SER A 139 -23.18 -103.67 -56.48
N LEU A 140 -22.70 -103.27 -55.30
CA LEU A 140 -21.89 -104.12 -54.43
C LEU A 140 -22.69 -105.32 -53.89
N ARG A 141 -23.98 -105.13 -53.55
CA ARG A 141 -24.89 -106.23 -53.21
C ARG A 141 -25.03 -107.24 -54.33
N LYS A 142 -25.16 -106.80 -55.59
CA LYS A 142 -25.25 -107.70 -56.75
C LYS A 142 -23.97 -108.53 -56.89
N LYS A 143 -22.81 -107.88 -56.87
CA LYS A 143 -21.49 -108.56 -56.92
C LYS A 143 -21.30 -109.55 -55.77
N LEU A 144 -21.68 -109.16 -54.56
CA LEU A 144 -21.61 -110.02 -53.38
C LEU A 144 -22.52 -111.25 -53.52
N THR A 145 -23.73 -111.07 -54.05
CA THR A 145 -24.69 -112.17 -54.28
C THR A 145 -24.18 -113.13 -55.34
N GLU A 146 -23.66 -112.61 -56.46
CA GLU A 146 -23.03 -113.42 -57.52
C GLU A 146 -21.84 -114.21 -57.00
N ALA A 147 -20.98 -113.59 -56.17
CA ALA A 147 -19.85 -114.27 -55.55
C ALA A 147 -20.28 -115.36 -54.55
N LEU A 148 -21.36 -115.16 -53.79
CA LEU A 148 -21.93 -116.18 -52.89
C LEU A 148 -22.53 -117.36 -53.66
N VAL A 149 -23.20 -117.11 -54.79
CA VAL A 149 -23.71 -118.18 -55.67
C VAL A 149 -22.56 -118.95 -56.29
N LEU A 150 -21.50 -118.26 -56.72
CA LEU A 150 -20.29 -118.91 -57.23
C LEU A 150 -19.63 -119.78 -56.15
N GLU A 151 -19.49 -119.30 -54.92
CA GLU A 151 -18.95 -120.07 -53.79
C GLU A 151 -19.69 -121.40 -53.63
N LYS A 152 -21.03 -121.36 -53.64
CA LYS A 152 -21.88 -122.55 -53.54
C LYS A 152 -21.74 -123.50 -54.72
N SER A 153 -21.64 -122.97 -55.95
CA SER A 153 -21.42 -123.81 -57.14
C SER A 153 -20.07 -124.52 -57.05
N LEU A 154 -19.01 -123.77 -56.70
CA LEU A 154 -17.67 -124.31 -56.55
C LEU A 154 -17.60 -125.37 -55.46
N GLU A 155 -18.27 -125.19 -54.31
CA GLU A 155 -18.36 -126.23 -53.27
C GLU A 155 -18.98 -127.53 -53.81
N GLN A 156 -20.05 -127.44 -54.61
CA GLN A 156 -20.72 -128.62 -55.17
C GLN A 156 -19.89 -129.30 -56.26
N ASP A 157 -19.31 -128.52 -57.16
CA ASP A 157 -18.51 -129.04 -58.26
C ASP A 157 -17.20 -129.66 -57.75
N LEU A 158 -16.56 -129.06 -56.73
CA LEU A 158 -15.40 -129.64 -56.06
C LEU A 158 -15.75 -130.99 -55.41
N LYS A 159 -16.89 -131.08 -54.70
CA LYS A 159 -17.33 -132.32 -54.07
C LYS A 159 -17.62 -133.43 -55.08
N LYS A 160 -18.32 -133.10 -56.18
CA LYS A 160 -18.57 -134.05 -57.29
C LYS A 160 -17.26 -134.51 -57.92
N ALA A 161 -16.33 -133.59 -58.12
CA ALA A 161 -15.02 -133.87 -58.69
C ALA A 161 -14.18 -134.76 -57.77
N GLU A 162 -14.20 -134.54 -56.45
CA GLU A 162 -13.57 -135.42 -55.46
C GLU A 162 -14.18 -136.83 -55.45
N GLU A 163 -15.51 -136.95 -55.48
CA GLU A 163 -16.20 -138.25 -55.55
C GLU A 163 -15.85 -139.01 -56.84
N GLN A 164 -15.84 -138.32 -57.99
CA GLN A 164 -15.46 -138.90 -59.27
C GLN A 164 -13.98 -139.32 -59.30
N CYS A 165 -13.08 -138.50 -58.74
CA CYS A 165 -11.67 -138.81 -58.67
C CYS A 165 -11.38 -140.01 -57.74
N ASN A 166 -12.11 -140.13 -56.62
CA ASN A 166 -12.00 -141.28 -55.71
C ASN A 166 -12.49 -142.57 -56.36
N PHE A 167 -13.58 -142.50 -57.14
CA PHE A 167 -14.08 -143.65 -57.90
C PHE A 167 -13.08 -144.10 -58.96
N GLU A 168 -12.51 -143.17 -59.74
CA GLU A 168 -11.51 -143.50 -60.76
C GLU A 168 -10.18 -143.97 -60.14
N LYS A 169 -9.74 -143.44 -58.99
CA LYS A 169 -8.61 -143.99 -58.23
C LYS A 169 -8.80 -145.46 -57.86
N ALA A 170 -10.00 -145.84 -57.39
CA ALA A 170 -10.29 -147.24 -57.07
C ALA A 170 -10.21 -148.15 -58.30
N LYS A 171 -10.69 -147.68 -59.45
CA LYS A 171 -10.61 -148.39 -60.73
C LYS A 171 -9.17 -148.49 -61.25
N VAL A 172 -8.37 -147.44 -61.06
CA VAL A 172 -6.95 -147.40 -61.39
C VAL A 172 -6.15 -148.39 -60.54
N GLU A 173 -6.49 -148.55 -59.26
CA GLU A 173 -5.82 -149.53 -58.39
C GLU A 173 -6.02 -150.97 -58.90
N ILE A 174 -7.24 -151.30 -59.34
CA ILE A 174 -7.54 -152.60 -59.97
C ILE A 174 -6.79 -152.75 -61.30
N ARG A 175 -6.72 -151.69 -62.11
CA ARG A 175 -5.98 -151.67 -63.37
C ARG A 175 -4.48 -151.87 -63.15
N SER A 176 -3.91 -151.29 -62.11
CA SER A 176 -2.49 -151.44 -61.75
C SER A 176 -2.15 -152.89 -61.36
N GLN A 177 -3.01 -153.54 -60.57
CA GLN A 177 -2.85 -154.98 -60.27
C GLN A 177 -2.98 -155.86 -61.52
N ASN A 178 -3.93 -155.56 -62.40
CA ASN A 178 -4.10 -156.28 -63.66
C ASN A 178 -2.93 -156.03 -64.63
N MET A 179 -2.35 -154.83 -64.63
CA MET A 179 -1.17 -154.50 -65.44
C MET A 179 0.04 -155.38 -65.09
N LYS A 180 0.27 -155.65 -63.80
CA LYS A 180 1.34 -156.55 -63.37
C LYS A 180 1.15 -157.97 -63.92
N LYS A 181 -0.07 -158.51 -63.80
CA LYS A 181 -0.43 -159.83 -64.39
C LYS A 181 -0.26 -159.86 -65.91
N LEU A 182 -0.58 -158.76 -66.60
CA LEU A 182 -0.42 -158.65 -68.06
C LEU A 182 1.07 -158.61 -68.48
N LYS A 183 1.93 -157.92 -67.74
CA LYS A 183 3.39 -157.91 -67.98
C LYS A 183 3.99 -159.30 -67.77
N ASP A 184 3.61 -160.00 -66.71
CA ASP A 184 4.09 -161.37 -66.44
C ASP A 184 3.69 -162.35 -67.57
N LYS A 185 2.43 -162.28 -68.04
CA LYS A 185 1.99 -163.10 -69.20
C LYS A 185 2.70 -162.74 -70.49
N SER A 186 3.05 -161.47 -70.68
CA SER A 186 3.78 -161.02 -71.88
C SER A 186 5.18 -161.63 -71.95
N GLU A 187 5.87 -161.75 -70.82
CA GLU A 187 7.16 -162.44 -70.75
C GLU A 187 7.02 -163.96 -70.99
N GLU A 188 5.96 -164.59 -70.46
CA GLU A 188 5.67 -166.00 -70.76
C GLU A 188 5.46 -166.24 -72.27
N TYR A 189 4.74 -165.35 -72.96
CA TYR A 189 4.51 -165.45 -74.39
C TYR A 189 5.79 -165.26 -75.22
N LYS A 190 6.65 -164.31 -74.85
CA LYS A 190 7.95 -164.12 -75.51
C LYS A 190 8.82 -165.38 -75.43
N TYR A 191 8.84 -166.07 -74.29
CA TYR A 191 9.58 -167.32 -74.13
C TYR A 191 9.07 -168.43 -75.07
N LYS A 192 7.75 -168.64 -75.13
CA LYS A 192 7.13 -169.64 -76.04
C LYS A 192 7.37 -169.30 -77.51
N ILE A 193 7.33 -168.02 -77.88
CA ILE A 193 7.67 -167.54 -79.23
C ILE A 193 9.10 -167.92 -79.61
N HIS A 194 10.07 -167.78 -78.69
CA HIS A 194 11.46 -168.15 -78.97
C HIS A 194 11.61 -169.66 -79.16
N ALA A 195 11.02 -170.46 -78.26
CA ALA A 195 11.06 -171.91 -78.35
C ALA A 195 10.43 -172.44 -79.65
N ALA A 196 9.33 -171.84 -80.12
CA ALA A 196 8.69 -172.21 -81.37
C ALA A 196 9.54 -171.85 -82.61
N LYS A 197 10.20 -170.67 -82.60
CA LYS A 197 11.12 -170.27 -83.67
C LYS A 197 12.35 -171.19 -83.77
N ASP A 198 12.87 -171.64 -82.63
CA ASP A 198 14.01 -172.56 -82.59
C ASP A 198 13.61 -173.95 -83.14
N GLN A 199 12.42 -174.45 -82.79
CA GLN A 199 11.89 -175.70 -83.35
C GLN A 199 11.71 -175.64 -84.88
N LEU A 200 11.15 -174.56 -85.42
CA LEU A 200 10.99 -174.37 -86.88
C LEU A 200 12.34 -174.35 -87.61
N SER A 201 13.33 -173.67 -87.03
CA SER A 201 14.68 -173.62 -87.59
C SER A 201 15.35 -174.99 -87.58
N SER A 202 15.17 -175.76 -86.50
CA SER A 202 15.70 -177.13 -86.37
C SER A 202 15.09 -178.12 -87.37
N ALA A 203 13.84 -177.90 -87.80
CA ALA A 203 13.18 -178.71 -88.82
C ALA A 203 13.70 -178.44 -90.25
N GLY A 204 14.61 -177.47 -90.43
CA GLY A 204 15.14 -177.08 -91.75
C GLY A 204 14.13 -176.37 -92.62
N MET A 205 13.16 -175.68 -91.99
CA MET A 205 12.09 -174.97 -92.67
C MET A 205 12.59 -173.62 -93.22
N GLU A 206 12.36 -173.39 -94.50
CA GLU A 206 12.66 -172.14 -95.21
C GLU A 206 11.38 -171.60 -95.86
N GLU A 207 11.31 -170.29 -96.07
CA GLU A 207 10.15 -169.60 -96.65
C GLU A 207 9.66 -170.14 -98.03
N PRO A 208 10.54 -170.59 -98.95
CA PRO A 208 10.13 -171.20 -100.23
C PRO A 208 9.46 -172.57 -100.07
N LEU A 209 9.58 -173.21 -98.89
CA LEU A 209 9.02 -174.52 -98.60
C LEU A 209 7.62 -174.42 -97.98
N THR A 210 7.09 -173.21 -97.77
CA THR A 210 5.74 -173.02 -97.21
C THR A 210 4.64 -173.44 -98.20
N HIS A 211 3.45 -173.74 -97.67
CA HIS A 211 2.31 -174.13 -98.50
C HIS A 211 1.97 -173.06 -99.54
N ARG A 212 1.91 -171.79 -99.13
CA ARG A 212 1.70 -170.64 -100.01
C ARG A 212 2.76 -170.52 -101.10
N SER A 213 4.04 -170.59 -100.74
CA SER A 213 5.13 -170.47 -101.71
C SER A 213 5.10 -171.57 -102.76
N LEU A 214 4.89 -172.83 -102.36
CA LEU A 214 4.86 -173.96 -103.28
C LEU A 214 3.61 -173.98 -104.19
N VAL A 215 2.46 -173.55 -103.68
CA VAL A 215 1.24 -173.38 -104.51
C VAL A 215 1.45 -172.30 -105.55
N SER A 216 2.02 -171.15 -105.15
CA SER A 216 2.36 -170.08 -106.09
C SER A 216 3.37 -170.54 -107.15
N LEU A 217 4.30 -171.43 -106.79
CA LEU A 217 5.24 -172.08 -107.73
C LEU A 217 4.56 -173.07 -108.69
N SER A 218 3.56 -173.81 -108.22
CA SER A 218 2.72 -174.69 -109.06
C SER A 218 1.88 -173.89 -110.06
N GLU A 219 1.27 -172.80 -109.61
CA GLU A 219 0.45 -171.91 -110.45
C GLU A 219 1.29 -171.27 -111.57
N THR A 220 2.51 -170.83 -111.24
CA THR A 220 3.44 -170.30 -112.25
C THR A 220 3.91 -171.34 -113.27
N LEU A 221 4.07 -172.63 -112.89
CA LEU A 221 4.35 -173.71 -113.84
C LEU A 221 3.18 -173.94 -114.81
N THR A 222 1.94 -173.93 -114.31
CA THR A 222 0.75 -174.11 -115.15
C THR A 222 0.57 -172.96 -116.15
N GLU A 223 0.85 -171.73 -115.74
CA GLU A 223 0.84 -170.55 -116.60
C GLU A 223 1.87 -170.68 -117.74
N LEU A 224 3.08 -171.17 -117.44
CA LEU A 224 4.16 -171.37 -118.42
C LEU A 224 3.84 -172.49 -119.43
N LYS A 225 3.25 -173.61 -119.00
CA LYS A 225 2.83 -174.69 -119.91
C LYS A 225 1.76 -174.21 -120.90
N ALA A 226 0.83 -173.38 -120.45
CA ALA A 226 -0.17 -172.78 -121.33
C ALA A 226 0.47 -171.86 -122.39
N GLN A 227 1.46 -171.05 -122.00
CA GLN A 227 2.20 -170.19 -122.94
C GLN A 227 3.07 -170.99 -123.93
N SER A 228 3.69 -172.09 -123.48
CA SER A 228 4.54 -172.96 -124.31
C SER A 228 3.74 -173.69 -125.40
N MET A 229 2.58 -174.23 -125.04
CA MET A 229 1.64 -174.85 -125.98
C MET A 229 1.20 -173.88 -127.08
N ALA A 230 0.84 -172.65 -126.72
CA ALA A 230 0.42 -171.63 -127.69
C ALA A 230 1.53 -171.24 -128.70
N ALA A 231 2.80 -171.36 -128.32
CA ALA A 231 3.93 -171.08 -129.22
C ALA A 231 4.24 -172.25 -130.17
N LYS A 232 4.17 -173.50 -129.67
CA LYS A 232 4.47 -174.72 -130.45
C LYS A 232 3.44 -174.97 -131.54
N GLU A 233 2.17 -174.65 -131.26
CA GLU A 233 1.07 -174.79 -132.21
C GLU A 233 1.21 -173.82 -133.40
N LYS A 234 1.75 -172.61 -133.20
CA LYS A 234 2.11 -171.68 -134.30
C LYS A 234 3.25 -172.21 -135.19
N LEU A 235 4.27 -172.87 -134.64
CA LEU A 235 5.47 -173.28 -135.40
C LEU A 235 5.22 -174.47 -136.35
N ASN A 236 4.33 -175.41 -135.96
CA ASN A 236 3.98 -176.58 -136.79
C ASN A 236 3.41 -176.21 -138.17
N SER A 237 2.86 -175.00 -138.32
CA SER A 237 2.37 -174.50 -139.61
C SER A 237 3.49 -174.15 -140.63
N TYR A 238 4.75 -174.02 -140.20
CA TYR A 238 5.88 -173.57 -141.03
C TYR A 238 6.90 -174.66 -141.40
N LEU A 239 6.99 -175.77 -140.64
CA LEU A 239 8.12 -176.71 -140.65
C LEU A 239 8.35 -177.49 -141.97
N ASP A 240 7.35 -177.66 -142.82
CA ASP A 240 7.49 -178.35 -144.11
C ASP A 240 8.11 -177.50 -145.22
N LEU A 241 8.30 -176.20 -144.97
CA LEU A 241 8.67 -175.20 -145.98
C LEU A 241 10.09 -174.70 -145.72
N ALA A 242 10.91 -174.67 -146.78
CA ALA A 242 12.22 -174.04 -146.70
C ALA A 242 12.05 -172.50 -146.64
N PRO A 243 12.88 -171.77 -145.90
CA PRO A 243 12.81 -170.30 -145.79
C PRO A 243 13.35 -169.59 -147.04
N ASN A 244 12.97 -170.02 -148.24
CA ASN A 244 13.32 -169.40 -149.52
C ASN A 244 12.08 -169.36 -150.44
N PRO A 245 11.56 -168.18 -150.80
CA PRO A 245 10.26 -168.02 -151.48
C PRO A 245 10.18 -168.71 -152.84
N SER A 246 11.29 -168.74 -153.58
CA SER A 246 11.36 -169.38 -154.90
C SER A 246 11.18 -170.90 -154.82
N LEU A 247 11.73 -171.52 -153.77
CA LEU A 247 11.64 -172.96 -153.51
C LEU A 247 10.26 -173.37 -152.99
N VAL A 248 9.59 -172.49 -152.24
CA VAL A 248 8.22 -172.72 -151.78
C VAL A 248 7.23 -172.78 -152.95
N LYS A 249 7.38 -171.93 -153.97
CA LYS A 249 6.57 -172.00 -155.21
C LYS A 249 6.71 -173.33 -155.95
N VAL A 250 7.91 -173.92 -155.97
CA VAL A 250 8.15 -175.24 -156.59
C VAL A 250 7.42 -176.35 -155.81
N LYS A 251 7.49 -176.34 -154.47
CA LYS A 251 6.76 -177.28 -153.61
C LYS A 251 5.24 -177.16 -153.73
N ILE A 252 4.72 -175.95 -153.92
CA ILE A 252 3.28 -175.72 -154.17
C ILE A 252 2.86 -176.36 -155.51
N GLU A 253 3.66 -176.23 -156.58
CA GLU A 253 3.39 -176.89 -157.87
C GLU A 253 3.57 -178.41 -157.82
N GLU A 254 4.50 -178.91 -157.02
CA GLU A 254 4.70 -180.35 -156.81
C GLU A 254 3.53 -180.97 -156.04
N ALA A 255 3.04 -180.31 -154.99
CA ALA A 255 1.82 -180.69 -154.27
C ALA A 255 0.58 -180.65 -155.18
N LYS A 256 0.47 -179.69 -156.11
CA LYS A 256 -0.58 -179.67 -157.13
C LYS A 256 -0.49 -180.83 -158.13
N ARG A 257 0.72 -181.29 -158.52
CA ARG A 257 0.88 -182.48 -159.38
C ARG A 257 0.60 -183.78 -158.63
N GLU A 258 1.02 -183.90 -157.36
CA GLU A 258 0.77 -185.09 -156.54
C GLU A 258 -0.74 -185.26 -156.26
N LEU A 259 -1.46 -184.14 -156.09
CA LEU A 259 -2.92 -184.11 -156.07
C LEU A 259 -3.51 -184.67 -157.39
N LYS A 260 -2.95 -184.29 -158.55
CA LYS A 260 -3.40 -184.76 -159.87
C LYS A 260 -3.12 -186.25 -160.11
N ALA A 261 -1.98 -186.76 -159.64
CA ALA A 261 -1.61 -188.16 -159.78
C ALA A 261 -2.46 -189.08 -158.89
N THR A 262 -2.73 -188.65 -157.66
CA THR A 262 -3.64 -189.39 -156.76
C THR A 262 -5.08 -189.42 -157.27
N GLU A 263 -5.52 -188.40 -158.03
CA GLU A 263 -6.78 -188.43 -158.78
C GLU A 263 -6.77 -189.43 -159.95
N VAL A 264 -5.68 -189.53 -160.72
CA VAL A 264 -5.59 -190.47 -161.86
C VAL A 264 -5.33 -191.91 -161.39
N GLU A 265 -4.63 -192.17 -160.30
CA GLU A 265 -4.48 -193.56 -159.83
C GLU A 265 -5.80 -194.14 -159.29
N LEU A 266 -6.76 -193.27 -158.98
CA LEU A 266 -8.16 -193.61 -158.72
C LEU A 266 -8.91 -194.17 -159.98
N THR A 267 -8.28 -194.15 -161.18
CA THR A 267 -8.86 -194.44 -162.52
C THR A 267 -9.14 -195.92 -162.84
N THR A 268 -8.09 -196.71 -163.05
CA THR A 268 -8.12 -197.89 -163.95
C THR A 268 -8.39 -199.18 -163.20
N LYS A 269 -8.07 -199.20 -161.91
CA LYS A 269 -8.15 -200.38 -161.04
C LYS A 269 -9.59 -200.83 -160.76
N VAL A 270 -10.58 -200.10 -161.25
CA VAL A 270 -11.97 -200.57 -161.28
C VAL A 270 -12.12 -201.75 -162.26
N ASN A 271 -11.40 -201.75 -163.40
CA ASN A 271 -11.71 -202.65 -164.53
C ASN A 271 -11.23 -204.09 -164.38
N MET A 272 -9.96 -204.31 -164.07
CA MET A 272 -9.32 -205.63 -164.15
C MET A 272 -9.65 -206.45 -162.90
N MET A 273 -10.94 -206.54 -162.60
CA MET A 273 -11.49 -207.08 -161.37
C MET A 273 -11.38 -208.62 -161.33
N GLU A 274 -11.57 -209.18 -160.14
CA GLU A 274 -10.74 -210.27 -159.62
C GLU A 274 -10.97 -211.68 -160.19
N PHE A 275 -9.85 -212.39 -160.35
CA PHE A 275 -9.68 -213.37 -161.43
C PHE A 275 -9.66 -214.85 -161.00
N VAL A 276 -8.61 -215.28 -160.28
CA VAL A 276 -8.11 -216.67 -160.43
C VAL A 276 -8.44 -217.64 -159.29
N VAL A 277 -7.76 -217.49 -158.15
CA VAL A 277 -7.25 -218.63 -157.36
C VAL A 277 -8.19 -218.98 -156.17
N PRO A 278 -8.11 -220.18 -155.56
CA PRO A 278 -9.21 -221.15 -155.76
C PRO A 278 -10.18 -221.48 -154.58
N GLU A 279 -9.83 -221.60 -153.28
CA GLU A 279 -9.16 -222.81 -152.72
C GLU A 279 -9.40 -222.94 -151.20
N PRO A 280 -8.41 -223.14 -150.29
CA PRO A 280 -8.66 -223.87 -149.07
C PRO A 280 -8.77 -222.93 -147.85
N SER A 281 -7.87 -223.08 -146.88
CA SER A 281 -8.03 -222.92 -145.43
C SER A 281 -7.35 -221.68 -144.81
N LYS A 282 -7.27 -220.56 -145.53
CA LYS A 282 -6.15 -219.60 -145.33
C LYS A 282 -6.06 -219.01 -143.90
N ARG A 283 -4.87 -219.11 -143.28
CA ARG A 283 -4.55 -218.58 -141.94
C ARG A 283 -4.55 -217.04 -141.80
N ARG A 284 -3.89 -216.35 -142.74
CA ARG A 284 -2.63 -215.65 -142.35
C ARG A 284 -2.71 -214.22 -141.77
N LEU A 285 -3.37 -213.29 -142.46
CA LEU A 285 -2.72 -212.01 -142.81
C LEU A 285 -2.91 -210.83 -141.81
N LYS A 286 -2.27 -209.69 -142.15
CA LYS A 286 -2.16 -208.41 -141.41
C LYS A 286 -3.51 -207.83 -140.97
N MET B 1 -77.88 -138.40 -72.15
CA MET B 1 -76.87 -138.21 -73.21
C MET B 1 -76.58 -139.57 -73.77
N SER B 2 -76.74 -139.72 -75.07
CA SER B 2 -76.36 -140.94 -75.77
C SER B 2 -74.83 -141.09 -75.76
N GLY B 3 -74.31 -142.23 -76.19
CA GLY B 3 -72.85 -142.40 -76.30
C GLY B 3 -72.27 -141.43 -77.33
N GLY B 4 -72.98 -141.26 -78.45
CA GLY B 4 -72.64 -140.33 -79.51
C GLY B 4 -72.57 -138.87 -79.04
N ASP B 5 -73.55 -138.40 -78.25
CA ASP B 5 -73.52 -137.05 -77.66
C ASP B 5 -72.24 -136.79 -76.86
N ARG B 6 -71.84 -137.78 -76.07
CA ARG B 6 -70.69 -137.68 -75.16
C ARG B 6 -69.38 -137.63 -75.95
N PHE B 7 -69.30 -138.39 -77.04
CA PHE B 7 -68.17 -138.36 -77.97
C PHE B 7 -68.04 -137.02 -78.70
N VAL B 8 -69.15 -136.47 -79.22
CA VAL B 8 -69.15 -135.16 -79.89
C VAL B 8 -68.77 -134.03 -78.91
N GLN B 9 -69.24 -134.09 -77.66
CA GLN B 9 -68.80 -133.13 -76.62
C GLN B 9 -67.30 -133.22 -76.33
N THR B 10 -66.72 -134.42 -76.27
CA THR B 10 -65.28 -134.57 -76.05
C THR B 10 -64.50 -134.01 -77.24
N LEU B 11 -64.95 -134.24 -78.48
CA LEU B 11 -64.33 -133.66 -79.69
C LEU B 11 -64.39 -132.12 -79.70
N GLN B 12 -65.50 -131.53 -79.23
CA GLN B 12 -65.60 -130.07 -79.08
C GLN B 12 -64.60 -129.53 -78.04
N LYS B 13 -64.44 -130.20 -76.89
CA LYS B 13 -63.41 -129.83 -75.89
C LYS B 13 -61.98 -129.99 -76.39
N LEU B 14 -61.76 -130.85 -77.38
CA LEU B 14 -60.45 -131.07 -77.98
C LEU B 14 -60.16 -130.10 -79.15
N ASN B 15 -61.01 -129.08 -79.36
CA ASN B 15 -60.89 -128.10 -80.44
C ASN B 15 -60.79 -128.71 -81.85
N TYR B 16 -61.55 -129.79 -82.12
CA TYR B 16 -61.64 -130.31 -83.49
C TYR B 16 -62.34 -129.30 -84.43
N PRO B 17 -61.73 -128.85 -85.55
CA PRO B 17 -62.22 -127.72 -86.34
C PRO B 17 -63.61 -127.90 -86.97
N LYS B 18 -64.13 -129.12 -87.08
CA LYS B 18 -65.50 -129.42 -87.58
C LYS B 18 -66.47 -129.83 -86.46
N GLY B 19 -66.09 -129.68 -85.19
CA GLY B 19 -66.85 -130.16 -84.03
C GLY B 19 -68.25 -129.55 -83.87
N ALA B 20 -68.48 -128.33 -84.36
CA ALA B 20 -69.78 -127.65 -84.29
C ALA B 20 -70.82 -128.15 -85.32
N GLN B 21 -70.39 -128.89 -86.36
CA GLN B 21 -71.26 -129.42 -87.42
C GLN B 21 -71.68 -130.88 -87.19
N LEU B 22 -71.18 -131.52 -86.12
CA LEU B 22 -71.44 -132.92 -85.83
C LEU B 22 -72.67 -133.03 -84.92
N ASP B 23 -73.59 -133.92 -85.27
CA ASP B 23 -74.75 -134.26 -84.44
C ASP B 23 -74.50 -135.56 -83.66
N GLY B 24 -75.00 -135.65 -82.43
CA GLY B 24 -74.69 -136.77 -81.54
C GLY B 24 -75.25 -138.11 -82.02
N GLU B 25 -76.47 -138.11 -82.57
CA GLU B 25 -77.18 -139.33 -83.02
C GLU B 25 -76.44 -140.08 -84.14
N ASP B 26 -75.69 -139.37 -84.99
CA ASP B 26 -74.92 -139.95 -86.10
C ASP B 26 -73.79 -140.89 -85.62
N PHE B 27 -73.41 -140.80 -84.35
CA PHE B 27 -72.32 -141.59 -83.76
C PHE B 27 -72.81 -142.64 -82.77
N ASP B 28 -74.11 -142.79 -82.54
CA ASP B 28 -74.61 -143.75 -81.55
C ASP B 28 -74.32 -145.22 -81.92
N TRP B 29 -74.25 -145.55 -83.21
CA TRP B 29 -73.89 -146.88 -83.70
C TRP B 29 -72.48 -147.33 -83.26
N LEU B 30 -71.56 -146.40 -83.00
CA LEU B 30 -70.22 -146.72 -82.49
C LEU B 30 -70.27 -147.35 -81.09
N PHE B 31 -71.29 -146.99 -80.30
CA PHE B 31 -71.50 -147.47 -78.93
C PHE B 31 -72.39 -148.71 -78.83
N GLU B 32 -73.04 -149.13 -79.90
CA GLU B 32 -73.78 -150.39 -79.98
C GLU B 32 -72.86 -151.61 -80.11
N ALA B 33 -71.68 -151.44 -80.71
CA ALA B 33 -70.66 -152.46 -80.78
C ALA B 33 -70.08 -152.72 -79.38
N VAL B 34 -70.61 -153.76 -78.71
CA VAL B 34 -70.26 -154.16 -77.33
C VAL B 34 -68.75 -154.23 -77.10
N ASP B 35 -67.99 -154.69 -78.09
CA ASP B 35 -66.55 -154.90 -77.98
C ASP B 35 -65.73 -153.58 -78.05
N LEU B 36 -66.25 -152.53 -78.70
CA LEU B 36 -65.56 -151.23 -78.86
C LEU B 36 -65.95 -150.21 -77.77
N LYS B 37 -67.10 -150.39 -77.13
CA LYS B 37 -67.64 -149.50 -76.09
C LYS B 37 -66.65 -149.16 -74.96
N PRO B 38 -65.85 -150.11 -74.42
CA PRO B 38 -64.90 -149.80 -73.33
C PRO B 38 -63.78 -148.83 -73.75
N PHE B 39 -63.33 -148.90 -75.00
CA PHE B 39 -62.29 -148.03 -75.54
C PHE B 39 -62.82 -146.61 -75.77
N LEU B 40 -64.03 -146.49 -76.31
CA LEU B 40 -64.68 -145.20 -76.52
C LEU B 40 -65.01 -144.50 -75.20
N ASP B 41 -65.50 -145.24 -74.20
CA ASP B 41 -65.72 -144.69 -72.84
C ASP B 41 -64.43 -144.19 -72.18
N TRP B 42 -63.31 -144.91 -72.38
CA TRP B 42 -61.99 -144.47 -71.91
C TRP B 42 -61.55 -143.19 -72.61
N PHE B 43 -61.61 -143.14 -73.95
CA PHE B 43 -61.21 -141.97 -74.72
C PHE B 43 -61.99 -140.72 -74.29
N CYS B 44 -63.31 -140.84 -74.16
CA CYS B 44 -64.18 -139.75 -73.72
C CYS B 44 -63.89 -139.25 -72.28
N SER B 45 -63.22 -140.07 -71.47
CA SER B 45 -62.87 -139.74 -70.08
C SER B 45 -61.43 -139.24 -69.90
N ALA B 46 -60.49 -139.71 -70.74
CA ALA B 46 -59.06 -139.45 -70.59
C ALA B 46 -58.57 -138.19 -71.32
N ALA B 47 -59.21 -137.81 -72.42
CA ALA B 47 -58.79 -136.67 -73.23
C ALA B 47 -59.42 -135.35 -72.70
N SER B 48 -58.59 -134.34 -72.41
CA SER B 48 -59.01 -133.02 -71.91
C SER B 48 -58.32 -131.89 -72.69
N GLU B 49 -58.72 -130.63 -72.48
CA GLU B 49 -58.08 -129.45 -73.10
C GLU B 49 -56.58 -129.34 -72.82
N GLN B 50 -56.10 -129.77 -71.63
CA GLN B 50 -54.68 -129.70 -71.26
C GLN B 50 -53.78 -130.66 -72.07
N ASN B 51 -54.39 -131.58 -72.82
CA ASN B 51 -53.69 -132.55 -73.64
C ASN B 51 -53.49 -132.06 -75.09
N VAL B 52 -54.04 -130.90 -75.45
CA VAL B 52 -54.03 -130.38 -76.83
C VAL B 52 -52.80 -129.51 -77.05
N VAL B 53 -51.99 -129.85 -78.06
CA VAL B 53 -50.90 -128.98 -78.54
C VAL B 53 -51.32 -128.32 -79.86
N PRO B 54 -51.42 -126.98 -79.91
CA PRO B 54 -51.76 -126.28 -81.15
C PRO B 54 -50.66 -126.45 -82.22
N ASP B 55 -51.06 -126.38 -83.49
CA ASP B 55 -50.20 -126.68 -84.65
C ASP B 55 -48.95 -125.77 -84.72
N GLU B 56 -49.07 -124.50 -84.33
CA GLU B 56 -47.95 -123.55 -84.27
C GLU B 56 -46.87 -123.97 -83.27
N LYS B 57 -47.26 -124.44 -82.07
CA LYS B 57 -46.30 -124.93 -81.06
C LYS B 57 -45.67 -126.25 -81.50
N LEU B 58 -46.43 -127.13 -82.15
CA LEU B 58 -45.89 -128.35 -82.74
C LEU B 58 -44.86 -128.05 -83.85
N GLN B 59 -45.15 -127.11 -84.74
CA GLN B 59 -44.20 -126.65 -85.75
C GLN B 59 -42.97 -126.00 -85.13
N ALA B 60 -43.14 -125.06 -84.20
CA ALA B 60 -42.05 -124.37 -83.52
C ALA B 60 -41.14 -125.33 -82.74
N PHE B 61 -41.72 -126.35 -82.09
CA PHE B 61 -40.95 -127.39 -81.42
C PHE B 61 -40.24 -128.32 -82.40
N ASN B 62 -40.85 -128.62 -83.56
CA ASN B 62 -40.19 -129.39 -84.61
C ASN B 62 -39.02 -128.60 -85.23
N THR B 63 -39.15 -127.29 -85.48
CA THR B 63 -38.01 -126.45 -85.90
C THR B 63 -36.94 -126.36 -84.83
N LEU B 64 -37.31 -126.31 -83.55
CA LEU B 64 -36.36 -126.38 -82.45
C LEU B 64 -35.58 -127.71 -82.48
N LYS B 65 -36.28 -128.83 -82.73
CA LYS B 65 -35.70 -130.18 -82.84
C LYS B 65 -34.79 -130.34 -84.06
N GLU B 66 -35.16 -129.72 -85.19
CA GLU B 66 -34.35 -129.68 -86.42
C GLU B 66 -33.14 -128.74 -86.32
N SER B 67 -33.22 -127.67 -85.51
CA SER B 67 -32.12 -126.71 -85.32
C SER B 67 -30.89 -127.29 -84.60
N GLY B 68 -30.95 -128.56 -84.15
CA GLY B 68 -29.86 -129.23 -83.44
C GLY B 68 -29.65 -128.77 -81.99
N LYS B 69 -30.45 -127.80 -81.52
CA LYS B 69 -30.39 -127.31 -80.13
C LYS B 69 -30.86 -128.41 -79.15
N PRO B 70 -30.18 -128.59 -78.00
CA PRO B 70 -30.55 -129.62 -77.04
C PRO B 70 -31.94 -129.34 -76.45
N VAL B 71 -32.78 -130.38 -76.42
CA VAL B 71 -34.12 -130.35 -75.81
C VAL B 71 -34.00 -130.79 -74.36
N LEU B 72 -34.24 -129.87 -73.42
CA LEU B 72 -34.16 -130.15 -71.98
C LEU B 72 -35.23 -131.16 -71.56
N ASP B 73 -34.82 -132.15 -70.75
CA ASP B 73 -35.73 -133.11 -70.14
C ASP B 73 -36.48 -132.51 -68.94
N GLU B 74 -37.57 -133.15 -68.53
CA GLU B 74 -38.56 -132.60 -67.57
C GLU B 74 -37.95 -132.09 -66.25
N LYS B 75 -36.99 -132.83 -65.65
CA LYS B 75 -36.30 -132.38 -64.42
C LYS B 75 -35.40 -131.16 -64.65
N ALA B 76 -34.66 -131.16 -65.75
CA ALA B 76 -33.79 -130.04 -66.11
C ALA B 76 -34.63 -128.80 -66.44
N LEU B 77 -35.77 -128.99 -67.09
CA LEU B 77 -36.75 -127.95 -67.36
C LEU B 77 -37.31 -127.37 -66.07
N ASP B 78 -37.66 -128.18 -65.07
CA ASP B 78 -38.13 -127.69 -63.76
C ASP B 78 -37.05 -126.91 -63.01
N GLU B 79 -35.79 -127.35 -63.04
CA GLU B 79 -34.67 -126.63 -62.40
C GLU B 79 -34.41 -125.29 -63.08
N VAL B 80 -34.32 -125.30 -64.41
CA VAL B 80 -34.12 -124.08 -65.21
C VAL B 80 -35.34 -123.17 -65.04
N LEU B 81 -36.56 -123.65 -65.22
CA LEU B 81 -37.76 -122.81 -65.05
C LEU B 81 -37.94 -122.27 -63.62
N LYS B 82 -37.52 -123.00 -62.58
CA LYS B 82 -37.50 -122.48 -61.20
C LYS B 82 -36.50 -121.35 -61.03
N THR B 83 -35.29 -121.52 -61.56
CA THR B 83 -34.26 -120.45 -61.55
C THR B 83 -34.70 -119.28 -62.40
N PHE B 84 -35.37 -119.54 -63.52
CA PHE B 84 -36.10 -118.59 -64.36
C PHE B 84 -37.47 -118.22 -63.78
N SER B 85 -37.61 -118.23 -62.45
CA SER B 85 -38.58 -117.33 -61.83
C SER B 85 -38.39 -115.97 -62.48
N ILE B 86 -39.49 -115.40 -62.99
CA ILE B 86 -39.55 -114.16 -63.77
C ILE B 86 -38.96 -113.05 -62.91
N SER B 87 -37.64 -112.98 -62.92
CA SER B 87 -36.92 -111.97 -62.24
C SER B 87 -37.15 -110.77 -63.13
N LYS B 88 -37.86 -109.77 -62.56
CA LYS B 88 -38.05 -108.43 -63.14
C LYS B 88 -36.70 -107.70 -63.21
N VAL B 89 -35.62 -108.37 -63.58
CA VAL B 89 -34.29 -107.80 -63.73
C VAL B 89 -34.21 -106.74 -64.83
N PRO B 90 -34.99 -106.78 -65.94
CA PRO B 90 -34.95 -105.65 -66.86
C PRO B 90 -35.28 -104.31 -66.17
N ALA B 91 -36.04 -104.35 -65.06
CA ALA B 91 -36.35 -103.14 -64.31
C ALA B 91 -35.12 -102.49 -63.65
N ILE B 92 -34.04 -103.21 -63.34
CA ILE B 92 -32.92 -102.61 -62.58
C ILE B 92 -32.12 -101.62 -63.44
N GLU B 93 -31.81 -101.98 -64.69
CA GLU B 93 -31.08 -101.08 -65.59
C GLU B 93 -31.97 -99.98 -66.17
N GLU B 94 -33.24 -100.28 -66.43
CA GLU B 94 -34.23 -99.27 -66.81
C GLU B 94 -34.41 -98.23 -65.68
N VAL B 95 -34.42 -98.67 -64.41
CA VAL B 95 -34.41 -97.78 -63.23
C VAL B 95 -33.13 -96.95 -63.16
N ALA B 96 -31.98 -97.42 -63.68
CA ALA B 96 -30.77 -96.62 -63.71
C ALA B 96 -30.88 -95.45 -64.71
N ILE B 97 -31.55 -95.64 -65.85
CA ILE B 97 -31.81 -94.55 -66.80
C ILE B 97 -32.88 -93.61 -66.27
N GLU B 98 -33.99 -94.12 -65.70
CA GLU B 98 -35.02 -93.27 -65.10
C GLU B 98 -34.47 -92.39 -63.97
N LYS B 99 -33.61 -92.94 -63.10
CA LYS B 99 -32.93 -92.16 -62.05
C LYS B 99 -32.03 -91.08 -62.63
N LEU B 100 -31.27 -91.36 -63.70
CA LEU B 100 -30.44 -90.36 -64.36
C LEU B 100 -31.29 -89.28 -65.07
N GLU B 101 -32.45 -89.64 -65.63
CA GLU B 101 -33.40 -88.67 -66.20
C GLU B 101 -34.06 -87.80 -65.12
N GLU B 102 -34.37 -88.37 -63.95
CA GLU B 102 -34.80 -87.61 -62.77
C GLU B 102 -33.70 -86.67 -62.27
N GLU B 103 -32.45 -87.12 -62.26
CA GLU B 103 -31.29 -86.30 -61.89
C GLU B 103 -31.10 -85.13 -62.86
N VAL B 104 -31.17 -85.38 -64.18
CA VAL B 104 -31.14 -84.32 -65.20
C VAL B 104 -32.28 -83.33 -64.98
N LYS B 105 -33.51 -83.81 -64.73
CA LYS B 105 -34.65 -82.92 -64.40
C LYS B 105 -34.42 -82.11 -63.12
N ALA B 106 -33.86 -82.71 -62.08
CA ALA B 106 -33.54 -82.04 -60.82
C ALA B 106 -32.48 -80.96 -61.03
N LEU B 107 -31.39 -81.27 -61.74
CA LEU B 107 -30.33 -80.32 -62.11
C LEU B 107 -30.85 -79.22 -63.03
N GLN B 108 -31.73 -79.51 -63.99
CA GLN B 108 -32.38 -78.48 -64.83
C GLN B 108 -33.22 -77.52 -63.97
N LYS B 109 -33.95 -78.07 -63.00
CA LYS B 109 -34.78 -77.28 -62.07
C LYS B 109 -33.89 -76.41 -61.18
N GLN B 110 -32.78 -76.95 -60.69
CA GLN B 110 -31.80 -76.23 -59.90
C GLN B 110 -31.09 -75.15 -60.73
N LYS B 111 -30.71 -75.43 -61.98
CA LYS B 111 -30.16 -74.47 -62.94
C LYS B 111 -31.12 -73.31 -63.17
N ASN B 112 -32.40 -73.60 -63.44
CA ASN B 112 -33.42 -72.56 -63.62
C ASN B 112 -33.62 -71.72 -62.35
N LEU B 113 -33.58 -72.36 -61.17
CA LEU B 113 -33.63 -71.66 -59.89
C LEU B 113 -32.43 -70.74 -59.69
N HIS B 114 -31.21 -71.21 -59.92
CA HIS B 114 -29.99 -70.40 -59.83
C HIS B 114 -29.98 -69.24 -60.85
N ILE B 115 -30.46 -69.46 -62.09
CA ILE B 115 -30.61 -68.39 -63.08
C ILE B 115 -31.58 -67.30 -62.56
N ARG B 116 -32.74 -67.70 -62.04
CA ARG B 116 -33.73 -66.77 -61.47
C ARG B 116 -33.18 -66.03 -60.25
N ARG B 117 -32.55 -66.74 -59.31
CA ARG B 117 -31.95 -66.15 -58.11
C ARG B 117 -30.79 -65.22 -58.44
N ARG B 118 -29.90 -65.59 -59.37
CA ARG B 118 -28.84 -64.71 -59.87
C ARG B 118 -29.40 -63.46 -60.53
N ASN B 119 -30.43 -63.57 -61.37
CA ASN B 119 -31.07 -62.38 -61.96
C ASN B 119 -31.64 -61.45 -60.87
N LYS B 120 -32.20 -62.03 -59.82
CA LYS B 120 -32.73 -61.29 -58.67
C LYS B 120 -31.63 -60.64 -57.86
N LEU B 121 -30.54 -61.35 -57.62
CA LEU B 121 -29.35 -60.85 -56.96
C LEU B 121 -28.75 -59.70 -57.78
N GLN B 122 -28.65 -59.82 -59.10
CA GLN B 122 -28.20 -58.74 -59.98
C GLN B 122 -29.14 -57.54 -59.97
N MET B 123 -30.46 -57.74 -59.88
CA MET B 123 -31.40 -56.63 -59.68
C MET B 123 -31.20 -55.96 -58.33
N VAL B 124 -31.11 -56.74 -57.25
CA VAL B 124 -30.85 -56.23 -55.90
C VAL B 124 -29.52 -55.49 -55.89
N GLU B 125 -28.45 -56.09 -56.42
CA GLU B 125 -27.10 -55.53 -56.52
C GLU B 125 -27.08 -54.26 -57.37
N SER B 126 -27.77 -54.23 -58.51
CA SER B 126 -27.85 -53.02 -59.36
C SER B 126 -28.60 -51.87 -58.65
N GLY B 127 -29.71 -52.18 -57.98
CA GLY B 127 -30.46 -51.23 -57.16
C GLY B 127 -29.62 -50.73 -56.00
N ASN B 128 -28.98 -51.65 -55.29
CA ASN B 128 -28.06 -51.40 -54.19
C ASN B 128 -26.86 -50.57 -54.66
N ARG B 129 -26.24 -50.88 -55.81
CA ARG B 129 -25.10 -50.12 -56.37
C ARG B 129 -25.51 -48.70 -56.74
N GLN B 130 -26.72 -48.51 -57.27
CA GLN B 130 -27.28 -47.18 -57.52
C GLN B 130 -27.57 -46.44 -56.22
N MET B 131 -28.11 -47.13 -55.20
CA MET B 131 -28.27 -46.59 -53.85
C MET B 131 -26.91 -46.25 -53.22
N CYS B 132 -25.88 -47.07 -53.42
CA CYS B 132 -24.55 -46.91 -52.86
C CYS B 132 -23.80 -45.74 -53.49
N LEU B 133 -23.90 -45.57 -54.82
CA LEU B 133 -23.36 -44.39 -55.51
C LEU B 133 -24.00 -43.11 -54.95
N LYS B 134 -25.32 -43.12 -54.80
CA LYS B 134 -26.05 -42.00 -54.19
C LYS B 134 -25.78 -41.85 -52.70
N SER B 135 -25.50 -42.95 -51.99
CA SER B 135 -25.09 -42.95 -50.60
C SER B 135 -23.67 -42.43 -50.44
N LYS B 136 -22.81 -42.57 -51.45
CA LYS B 136 -21.51 -41.89 -51.51
C LYS B 136 -21.68 -40.39 -51.71
N ASP B 137 -22.58 -39.98 -52.60
CA ASP B 137 -22.95 -38.56 -52.74
C ASP B 137 -23.53 -38.03 -51.42
N LYS B 138 -24.29 -38.88 -50.70
CA LYS B 138 -24.79 -38.59 -49.35
C LYS B 138 -23.67 -38.48 -48.33
N GLU B 139 -22.68 -39.37 -48.36
CA GLU B 139 -21.50 -39.31 -47.51
C GLU B 139 -20.68 -38.03 -47.77
N GLU B 140 -20.61 -37.58 -49.02
CA GLU B 140 -20.02 -36.28 -49.36
C GLU B 140 -20.89 -35.09 -48.92
N GLU B 141 -22.22 -35.19 -49.00
CA GLU B 141 -23.16 -34.17 -48.52
C GLU B 141 -23.10 -34.06 -46.99
N THR B 142 -23.16 -35.18 -46.28
CA THR B 142 -23.05 -35.23 -44.81
C THR B 142 -21.64 -34.89 -44.37
N GLY B 143 -20.61 -35.24 -45.13
CA GLY B 143 -19.23 -34.80 -44.94
C GLY B 143 -19.08 -33.29 -45.09
N ARG B 144 -19.77 -32.67 -46.06
CA ARG B 144 -19.86 -31.20 -46.19
C ARG B 144 -20.62 -30.56 -45.03
N ALA B 145 -21.78 -31.10 -44.65
CA ALA B 145 -22.53 -30.62 -43.49
C ALA B 145 -21.72 -30.73 -42.19
N PHE B 146 -20.92 -31.79 -42.06
CA PHE B 146 -19.99 -31.98 -40.96
C PHE B 146 -18.85 -30.95 -40.98
N GLN B 147 -18.28 -30.64 -42.15
CA GLN B 147 -17.33 -29.53 -42.28
C GLN B 147 -17.95 -28.17 -41.97
N GLU B 148 -19.22 -27.94 -42.32
CA GLU B 148 -19.96 -26.71 -41.99
C GLU B 148 -20.07 -26.54 -40.47
N VAL B 149 -20.39 -27.62 -39.75
CA VAL B 149 -20.47 -27.62 -38.28
C VAL B 149 -19.08 -27.41 -37.66
N LEU B 150 -18.03 -27.99 -38.23
CA LEU B 150 -16.65 -27.71 -37.81
C LEU B 150 -16.25 -26.24 -38.07
N HIS B 151 -16.71 -25.64 -39.17
CA HIS B 151 -16.48 -24.22 -39.46
C HIS B 151 -17.22 -23.31 -38.47
N LEU B 152 -18.49 -23.59 -38.17
CA LEU B 152 -19.28 -22.93 -37.12
C LEU B 152 -18.55 -22.98 -35.77
N LEU B 153 -18.10 -24.16 -35.34
CA LEU B 153 -17.33 -24.32 -34.10
C LEU B 153 -16.02 -23.52 -34.11
N ARG B 154 -15.36 -23.38 -35.27
CA ARG B 154 -14.14 -22.58 -35.41
C ARG B 154 -14.42 -21.07 -35.30
N VAL B 155 -15.59 -20.61 -35.76
CA VAL B 155 -16.08 -19.23 -35.56
C VAL B 155 -16.43 -18.98 -34.10
N THR B 156 -17.17 -19.90 -33.47
CA THR B 156 -17.52 -19.84 -32.04
C THR B 156 -16.25 -19.85 -31.18
N ASN B 157 -15.23 -20.64 -31.53
CA ASN B 157 -13.94 -20.63 -30.83
C ASN B 157 -13.23 -19.27 -30.92
N LYS B 158 -13.24 -18.62 -32.09
CA LYS B 158 -12.69 -17.26 -32.24
C LYS B 158 -13.46 -16.22 -31.43
N LYS B 159 -14.80 -16.31 -31.39
CA LYS B 159 -15.65 -15.43 -30.57
C LYS B 159 -15.35 -15.61 -29.08
N LEU B 160 -15.27 -16.85 -28.60
CA LEU B 160 -14.95 -17.18 -27.21
C LEU B 160 -13.56 -16.65 -26.82
N ASN B 161 -12.54 -16.89 -27.64
CA ASN B 161 -11.20 -16.35 -27.41
C ASN B 161 -11.18 -14.81 -27.41
N HIS B 162 -11.99 -14.16 -28.25
CA HIS B 162 -12.09 -12.70 -28.27
C HIS B 162 -12.73 -12.16 -26.98
N GLU B 163 -13.80 -12.79 -26.50
CA GLU B 163 -14.44 -12.38 -25.24
C GLU B 163 -13.53 -12.62 -24.03
N LEU B 164 -12.82 -13.76 -24.00
CA LEU B 164 -11.79 -14.03 -22.99
C LEU B 164 -10.69 -12.95 -22.98
N GLN B 165 -10.19 -12.55 -24.15
CA GLN B 165 -9.19 -11.48 -24.26
C GLN B 165 -9.77 -10.11 -23.88
N SER B 166 -11.03 -9.85 -24.20
CA SER B 166 -11.68 -8.60 -23.85
C SER B 166 -11.92 -8.48 -22.35
N ILE B 167 -12.24 -9.59 -21.66
CA ILE B 167 -12.32 -9.62 -20.19
C ILE B 167 -10.93 -9.32 -19.59
N VAL B 168 -9.86 -9.94 -20.09
CA VAL B 168 -8.48 -9.67 -19.62
C VAL B 168 -8.10 -8.19 -19.80
N ASN B 169 -8.32 -7.63 -20.99
CA ASN B 169 -8.03 -6.23 -21.27
C ASN B 169 -8.91 -5.27 -20.46
N GLY B 170 -10.20 -5.62 -20.31
CA GLY B 170 -11.17 -4.87 -19.53
C GLY B 170 -10.76 -4.77 -18.06
N VAL B 171 -10.32 -5.88 -17.46
CA VAL B 171 -9.87 -5.90 -16.06
C VAL B 171 -8.51 -5.21 -15.87
N GLN B 172 -7.57 -5.36 -16.79
CA GLN B 172 -6.31 -4.59 -16.74
C GLN B 172 -6.56 -3.08 -16.81
N THR B 173 -7.47 -2.64 -17.69
CA THR B 173 -7.89 -1.24 -17.79
C THR B 173 -8.55 -0.78 -16.50
N LEU B 174 -9.45 -1.60 -15.95
CA LEU B 174 -10.12 -1.32 -14.67
C LEU B 174 -9.11 -1.12 -13.54
N MET B 175 -8.11 -2.01 -13.42
CA MET B 175 -7.09 -1.92 -12.37
C MET B 175 -6.13 -0.74 -12.53
N SER B 176 -5.92 -0.24 -13.75
CA SER B 176 -5.09 0.96 -13.99
C SER B 176 -5.62 2.22 -13.28
N PHE B 177 -6.93 2.27 -13.00
CA PHE B 177 -7.52 3.38 -12.25
C PHE B 177 -7.20 3.35 -10.74
N PHE B 178 -6.86 2.18 -10.20
CA PHE B 178 -6.61 1.97 -8.76
C PHE B 178 -5.13 2.11 -8.38
N SER B 179 -4.19 2.04 -9.33
CA SER B 179 -2.75 2.16 -9.06
C SER B 179 -2.36 3.56 -8.53
N THR B 180 -1.46 3.60 -7.54
CA THR B 180 -0.95 4.86 -6.96
C THR B 180 0.02 5.58 -7.91
N PRO B 181 0.02 6.94 -7.92
CA PRO B 181 0.82 7.71 -8.86
C PRO B 181 2.33 7.62 -8.67
N GLU B 182 2.85 7.15 -7.52
CA GLU B 182 4.32 7.03 -7.33
C GLU B 182 4.97 6.00 -8.25
N THR B 183 4.32 4.87 -8.49
CA THR B 183 4.89 3.78 -9.29
C THR B 183 4.61 3.93 -10.78
N ALA B 184 3.59 4.70 -11.15
CA ALA B 184 3.33 5.03 -12.54
C ALA B 184 4.29 6.14 -13.00
N CYS B 185 4.84 6.01 -14.22
CA CYS B 185 5.59 7.08 -14.87
C CYS B 185 4.81 8.41 -14.94
N GLU B 186 5.51 9.48 -15.36
CA GLU B 186 5.11 10.90 -15.56
C GLU B 186 3.71 11.23 -16.12
N LEU B 187 2.92 10.26 -16.59
CA LEU B 187 1.58 10.55 -17.05
C LEU B 187 0.80 11.29 -15.98
N SER B 188 -0.01 12.26 -16.41
CA SER B 188 -0.90 13.07 -15.58
C SER B 188 -1.98 12.20 -14.94
N SER B 189 -1.59 11.38 -13.98
CA SER B 189 -2.45 10.54 -13.16
C SER B 189 -3.13 11.46 -12.16
N GLN B 190 -4.10 12.22 -12.66
CA GLN B 190 -4.96 12.98 -11.77
C GLN B 190 -5.72 11.99 -10.87
N PRO B 191 -5.65 12.18 -9.54
CA PRO B 191 -6.30 11.29 -8.59
C PRO B 191 -7.80 11.26 -8.85
N ILE B 192 -8.34 10.04 -8.89
CA ILE B 192 -9.76 9.74 -9.16
C ILE B 192 -10.47 9.50 -7.84
N PHE B 193 -9.78 8.86 -6.90
CA PHE B 193 -10.30 8.48 -5.59
C PHE B 193 -9.87 9.47 -4.50
N LEU B 194 -10.68 9.58 -3.44
CA LEU B 194 -10.37 10.43 -2.29
C LEU B 194 -9.12 9.91 -1.56
N SER B 195 -8.96 8.59 -1.49
CA SER B 195 -7.77 7.92 -0.94
C SER B 195 -6.47 8.22 -1.67
N GLN B 196 -6.51 8.72 -2.92
CA GLN B 196 -5.33 9.11 -3.68
C GLN B 196 -4.93 10.59 -3.49
N LEU B 197 -5.77 11.40 -2.84
CA LEU B 197 -5.52 12.83 -2.61
C LEU B 197 -4.72 13.05 -1.32
N LEU B 198 -3.71 13.93 -1.38
CA LEU B 198 -2.93 14.34 -0.22
C LEU B 198 -3.72 15.34 0.63
N LEU B 199 -4.18 14.90 1.81
CA LEU B 199 -4.91 15.75 2.75
C LEU B 199 -4.04 16.78 3.49
N ASP B 200 -2.71 16.76 3.35
CA ASP B 200 -1.80 17.58 4.17
C ASP B 200 -2.03 19.09 4.01
N LYS B 201 -2.34 19.56 2.79
CA LYS B 201 -2.70 20.98 2.55
C LYS B 201 -3.96 21.38 3.30
N TYR B 202 -5.04 20.60 3.13
CA TYR B 202 -6.30 20.81 3.84
C TYR B 202 -6.12 20.76 5.36
N LEU B 203 -5.45 19.76 5.89
CA LEU B 203 -5.20 19.61 7.33
C LEU B 203 -4.30 20.69 7.92
N SER B 204 -3.39 21.26 7.12
CA SER B 204 -2.55 22.40 7.49
C SER B 204 -3.35 23.70 7.54
N LEU B 205 -4.23 23.94 6.56
CA LEU B 205 -5.17 25.07 6.59
C LEU B 205 -6.09 25.00 7.81
N GLU B 206 -6.56 23.78 8.14
CA GLU B 206 -7.39 23.55 9.31
C GLU B 206 -6.62 23.76 10.63
N GLU B 207 -5.32 23.46 10.67
CA GLU B 207 -4.43 23.83 11.78
C GLU B 207 -4.24 25.35 11.91
N GLN B 208 -4.09 26.07 10.80
CA GLN B 208 -4.00 27.53 10.82
C GLN B 208 -5.30 28.17 11.31
N SER B 209 -6.45 27.65 10.87
CA SER B 209 -7.78 28.01 11.38
C SER B 209 -7.88 27.77 12.89
N THR B 210 -7.39 26.63 13.36
CA THR B 210 -7.38 26.28 14.81
C THR B 210 -6.41 27.18 15.60
N ALA B 211 -5.27 27.58 15.03
CA ALA B 211 -4.32 28.50 15.64
C ALA B 211 -4.88 29.93 15.74
N ALA B 212 -5.56 30.41 14.69
CA ALA B 212 -6.26 31.69 14.70
C ALA B 212 -7.35 31.71 15.78
N LEU B 213 -8.13 30.62 15.88
CA LEU B 213 -9.12 30.45 16.95
C LEU B 213 -8.45 30.46 18.34
N THR B 214 -7.33 29.75 18.51
CA THR B 214 -6.59 29.70 19.80
C THR B 214 -6.05 31.07 20.21
N SER B 215 -5.55 31.87 19.27
CA SER B 215 -5.11 33.25 19.50
C SER B 215 -6.26 34.11 19.99
N PHE B 216 -7.40 34.05 19.29
CA PHE B 216 -8.62 34.75 19.66
C PHE B 216 -9.13 34.35 21.05
N THR B 217 -9.05 33.06 21.42
CA THR B 217 -9.47 32.61 22.75
C THR B 217 -8.52 33.09 23.85
N LYS B 218 -7.20 33.11 23.60
CA LYS B 218 -6.20 33.56 24.60
C LYS B 218 -6.33 35.05 24.92
N GLU B 219 -6.37 35.89 23.89
CA GLU B 219 -6.35 37.35 24.03
C GLU B 219 -7.50 37.89 24.85
N HIS B 220 -8.68 37.25 24.81
CA HIS B 220 -9.81 37.82 25.52
C HIS B 220 -10.61 36.92 26.46
N PHE B 221 -10.15 35.71 26.78
CA PHE B 221 -10.68 34.97 27.93
C PHE B 221 -9.74 34.96 29.17
N PHE B 222 -8.41 34.94 29.03
CA PHE B 222 -7.53 34.64 30.19
C PHE B 222 -7.15 35.84 31.06
N GLU B 223 -6.55 36.90 30.52
CA GLU B 223 -5.86 37.90 31.36
C GLU B 223 -6.81 38.71 32.28
N GLY B 224 -8.08 38.85 31.91
CA GLY B 224 -9.05 39.68 32.62
C GLY B 224 -10.19 38.95 33.36
N MET B 225 -10.54 37.71 33.00
CA MET B 225 -11.78 37.10 33.53
C MET B 225 -11.67 36.56 34.95
N SER B 226 -10.53 35.96 35.34
CA SER B 226 -10.46 35.27 36.64
C SER B 226 -10.72 36.19 37.83
N LYS B 227 -10.29 37.45 37.76
CA LYS B 227 -10.42 38.41 38.86
C LYS B 227 -11.87 38.82 39.13
N PHE B 228 -12.74 38.76 38.12
CA PHE B 228 -14.07 39.36 38.24
C PHE B 228 -15.08 38.48 38.95
N VAL B 229 -14.89 37.15 38.99
CA VAL B 229 -15.89 36.23 39.54
C VAL B 229 -15.77 36.07 41.06
N GLU B 230 -14.59 36.19 41.66
CA GLU B 230 -14.40 35.92 43.10
C GLU B 230 -15.18 36.87 44.02
N GLY B 231 -15.34 38.15 43.65
CA GLY B 231 -15.91 39.15 44.55
C GLY B 231 -17.43 39.05 44.78
N SER B 232 -18.14 38.22 44.03
CA SER B 232 -19.62 38.23 44.06
C SER B 232 -20.24 37.45 45.24
N ASP B 233 -19.46 36.71 46.02
CA ASP B 233 -20.00 35.88 47.11
C ASP B 233 -20.44 36.71 48.34
N GLU B 234 -20.03 37.98 48.44
CA GLU B 234 -20.45 38.78 49.58
C GLU B 234 -21.98 38.97 49.58
N ASN B 235 -22.57 38.60 50.73
CA ASN B 235 -23.99 38.78 51.00
C ASN B 235 -24.43 40.18 50.55
N PHE B 236 -25.66 40.25 50.02
CA PHE B 236 -26.37 41.51 49.77
C PHE B 236 -26.65 42.24 51.10
N GLN B 237 -25.62 42.69 51.81
CA GLN B 237 -25.75 43.67 52.87
C GLN B 237 -25.71 45.01 52.16
N LEU B 238 -26.84 45.72 52.19
CA LEU B 238 -26.84 47.17 51.97
C LEU B 238 -25.71 47.69 52.83
N VAL B 239 -24.64 48.23 52.23
CA VAL B 239 -23.41 48.56 52.93
C VAL B 239 -23.77 49.44 54.11
N GLN B 240 -23.95 48.84 55.29
CA GLN B 240 -23.86 49.56 56.52
C GLN B 240 -22.39 49.92 56.52
N LEU B 241 -22.14 51.21 56.36
CA LEU B 241 -20.84 51.76 56.61
C LEU B 241 -20.60 51.52 58.11
N ASN B 242 -20.15 50.33 58.45
CA ASN B 242 -19.53 50.05 59.73
C ASN B 242 -18.06 50.29 59.48
N VAL B 243 -17.48 51.23 60.24
CA VAL B 243 -16.10 51.71 60.07
C VAL B 243 -15.11 50.56 60.04
N ASN B 244 -15.27 49.61 60.97
CA ASN B 244 -14.13 48.84 61.45
C ASN B 244 -13.54 47.87 60.42
N SER B 245 -14.36 47.31 59.54
CA SER B 245 -13.97 46.11 58.80
C SER B 245 -13.42 46.38 57.41
N PHE B 246 -13.45 47.62 56.90
CA PHE B 246 -12.94 47.86 55.55
C PHE B 246 -11.42 47.72 55.54
N GLY B 247 -10.94 46.73 54.78
CA GLY B 247 -9.53 46.40 54.64
C GLY B 247 -8.72 47.43 53.85
N GLU B 248 -7.48 47.05 53.50
CA GLU B 248 -6.36 47.91 53.08
C GLU B 248 -6.54 48.72 51.78
N ASP B 249 -7.57 48.49 50.97
CA ASP B 249 -7.71 49.23 49.70
C ASP B 249 -8.13 50.69 49.96
N GLY B 250 -7.12 51.54 50.13
CA GLY B 250 -7.27 52.92 50.61
C GLY B 250 -8.17 53.80 49.74
N THR B 251 -8.30 53.53 48.44
CA THR B 251 -9.25 54.27 47.58
C THR B 251 -10.71 53.93 47.88
N THR B 252 -11.01 52.67 48.18
CA THR B 252 -12.36 52.23 48.57
C THR B 252 -12.68 52.70 49.98
N GLU B 253 -11.69 52.69 50.88
CA GLU B 253 -11.83 53.21 52.24
C GLU B 253 -12.11 54.72 52.27
N ASP B 254 -11.42 55.51 51.43
CA ASP B 254 -11.69 56.94 51.28
C ASP B 254 -13.10 57.19 50.72
N LYS B 255 -13.52 56.41 49.72
CA LYS B 255 -14.88 56.45 49.17
C LYS B 255 -15.96 56.07 50.20
N CYS B 256 -15.71 55.07 51.03
CA CYS B 256 -16.59 54.68 52.14
C CYS B 256 -16.62 55.76 53.24
N LYS B 257 -15.47 56.33 53.61
CA LYS B 257 -15.39 57.49 54.52
C LYS B 257 -16.12 58.70 53.96
N GLU B 258 -16.05 58.92 52.66
CA GLU B 258 -16.75 59.99 51.96
C GLU B 258 -18.26 59.75 51.98
N MET B 259 -18.70 58.51 51.76
CA MET B 259 -20.10 58.13 51.92
C MET B 259 -20.56 58.24 53.38
N MET B 260 -19.73 57.90 54.36
CA MET B 260 -20.05 58.07 55.78
C MET B 260 -20.22 59.54 56.13
N ARG B 261 -19.28 60.38 55.66
CA ARG B 261 -19.37 61.83 55.80
C ARG B 261 -20.65 62.36 55.15
N LEU B 262 -21.01 61.85 53.98
CA LEU B 262 -22.24 62.19 53.29
C LEU B 262 -23.48 61.80 54.11
N GLN B 263 -23.54 60.58 54.64
CA GLN B 263 -24.63 60.09 55.49
C GLN B 263 -24.73 60.89 56.80
N LEU B 264 -23.60 61.21 57.44
CA LEU B 264 -23.57 61.99 58.68
C LEU B 264 -23.96 63.45 58.45
N ALA B 265 -23.49 64.04 57.35
CA ALA B 265 -23.88 65.37 56.92
C ALA B 265 -25.38 65.42 56.59
N TYR B 266 -25.90 64.40 55.90
CA TYR B 266 -27.33 64.23 55.64
C TYR B 266 -28.10 64.16 56.96
N ILE B 267 -27.71 63.31 57.91
CA ILE B 267 -28.39 63.17 59.21
C ILE B 267 -28.45 64.51 59.95
N CYS B 268 -27.32 65.19 60.11
CA CYS B 268 -27.25 66.49 60.82
C CYS B 268 -28.08 67.57 60.13
N ALA B 269 -27.94 67.71 58.81
CA ALA B 269 -28.63 68.73 58.04
C ALA B 269 -30.15 68.48 58.01
N LYS B 270 -30.57 67.23 57.82
CA LYS B 270 -31.99 66.85 57.77
C LYS B 270 -32.65 66.99 59.15
N HIS B 271 -31.96 66.60 60.23
CA HIS B 271 -32.47 66.77 61.59
C HIS B 271 -32.68 68.24 61.96
N LYS B 272 -31.68 69.11 61.70
CA LYS B 272 -31.81 70.57 61.94
C LYS B 272 -32.90 71.20 61.07
N LEU B 273 -33.01 70.78 59.80
CA LEU B 273 -34.04 71.29 58.89
C LEU B 273 -35.43 70.99 59.43
N ILE B 274 -35.68 69.77 59.89
CA ILE B 274 -37.00 69.36 60.38
C ILE B 274 -37.35 70.09 61.69
N GLN B 275 -36.39 70.27 62.59
CA GLN B 275 -36.60 71.09 63.79
C GLN B 275 -36.94 72.55 63.46
N MET B 276 -36.25 73.17 62.49
CA MET B 276 -36.56 74.55 62.11
C MET B 276 -37.88 74.68 61.35
N LYS B 277 -38.25 73.70 60.54
CA LYS B 277 -39.59 73.65 59.92
C LYS B 277 -40.69 73.58 60.97
N ALA B 278 -40.50 72.79 62.02
CA ALA B 278 -41.45 72.69 63.13
C ALA B 278 -41.60 74.02 63.89
N LYS B 279 -40.49 74.71 64.20
CA LYS B 279 -40.51 76.04 64.84
C LYS B 279 -41.17 77.11 63.97
N SER B 280 -40.90 77.09 62.66
CA SER B 280 -41.53 78.02 61.72
C SER B 280 -43.05 77.81 61.62
N ALA B 281 -43.50 76.55 61.53
CA ALA B 281 -44.93 76.21 61.53
C ALA B 281 -45.62 76.63 62.84
N SER B 282 -44.97 76.39 63.97
CA SER B 282 -45.41 76.79 65.31
C SER B 282 -45.68 78.29 65.46
N LEU B 283 -44.74 79.15 65.03
CA LEU B 283 -44.90 80.61 65.08
C LEU B 283 -46.01 81.11 64.16
N LYS B 284 -46.15 80.50 62.97
CA LYS B 284 -47.18 80.88 61.99
C LYS B 284 -48.60 80.67 62.53
N VAL B 285 -48.84 79.56 63.24
CA VAL B 285 -50.14 79.28 63.89
C VAL B 285 -50.38 80.23 65.08
N GLY B 286 -49.34 80.56 65.85
CA GLY B 286 -49.43 81.53 66.95
C GLY B 286 -49.82 82.94 66.49
N LEU B 287 -49.22 83.42 65.40
CA LEU B 287 -49.52 84.73 64.81
C LEU B 287 -50.99 84.81 64.35
N GLN B 288 -51.45 83.80 63.62
CA GLN B 288 -52.83 83.71 63.12
C GLN B 288 -53.86 83.70 64.27
N TRP B 289 -53.55 83.07 65.40
CA TRP B 289 -54.43 83.05 66.57
C TRP B 289 -54.44 84.39 67.32
N ALA B 290 -53.30 85.09 67.41
CA ALA B 290 -53.20 86.40 68.06
C ALA B 290 -53.96 87.50 67.29
N GLU B 291 -53.83 87.53 65.95
CA GLU B 291 -54.55 88.50 65.11
C GLU B 291 -56.07 88.33 65.18
N ASN B 292 -56.55 87.07 65.15
CA ASN B 292 -57.99 86.78 65.18
C ASN B 292 -58.65 87.08 66.54
N ASN B 293 -57.90 87.18 67.64
CA ASN B 293 -58.46 87.39 68.99
C ASN B 293 -58.25 88.80 69.55
N ALA B 294 -57.61 89.73 68.84
CA ALA B 294 -57.26 91.06 69.37
C ALA B 294 -58.48 91.97 69.68
N SER B 295 -59.51 91.98 68.83
CA SER B 295 -60.73 92.80 69.04
C SER B 295 -61.60 92.29 70.18
N VAL B 296 -61.57 90.97 70.44
CA VAL B 296 -62.44 90.29 71.40
C VAL B 296 -62.04 90.54 72.87
N VAL B 297 -60.82 91.06 73.10
CA VAL B 297 -60.28 91.28 74.45
C VAL B 297 -60.97 92.44 75.18
N GLN B 298 -61.43 93.49 74.47
CA GLN B 298 -62.14 94.62 75.10
C GLN B 298 -63.49 94.20 75.70
N ASP B 299 -64.30 93.45 74.94
CA ASP B 299 -65.63 93.02 75.40
C ASP B 299 -65.56 92.02 76.57
N LYS B 300 -64.52 91.18 76.60
CA LYS B 300 -64.35 90.18 77.66
C LYS B 300 -63.94 90.77 79.02
N ALA B 301 -63.68 92.08 79.11
CA ALA B 301 -63.40 92.76 80.37
C ALA B 301 -64.55 92.70 81.39
N SER B 302 -65.76 92.31 80.96
CA SER B 302 -66.90 92.07 81.86
C SER B 302 -66.89 90.69 82.54
N GLN B 303 -65.93 89.80 82.24
CA GLN B 303 -65.93 88.44 82.81
C GLN B 303 -65.52 88.40 84.29
N LYS B 304 -66.24 87.58 85.07
CA LYS B 304 -65.97 87.33 86.49
C LYS B 304 -64.60 86.68 86.70
N GLU B 305 -63.93 87.12 87.76
CA GLU B 305 -62.53 86.81 88.11
C GLU B 305 -62.22 85.30 88.29
N GLU B 306 -63.14 84.53 88.87
CA GLU B 306 -62.95 83.10 89.18
C GLU B 306 -62.80 82.22 87.92
N ASN B 307 -63.53 82.53 86.84
CA ASN B 307 -63.51 81.73 85.61
C ASN B 307 -62.18 81.87 84.84
N LEU B 308 -61.56 83.05 84.89
CA LEU B 308 -60.26 83.30 84.26
C LEU B 308 -59.14 82.46 84.93
N LYS B 309 -59.16 82.33 86.27
CA LYS B 309 -58.21 81.49 87.01
C LYS B 309 -58.29 80.02 86.57
N VAL B 310 -59.48 79.43 86.43
CA VAL B 310 -59.69 78.03 86.00
C VAL B 310 -59.18 77.78 84.56
N ARG B 311 -59.46 78.71 83.64
CA ARG B 311 -59.02 78.64 82.24
C ARG B 311 -57.49 78.57 82.14
N ILE B 312 -56.79 79.43 82.88
CA ILE B 312 -55.33 79.46 82.94
C ILE B 312 -54.75 78.12 83.44
N THR B 313 -55.35 77.53 84.48
CA THR B 313 -54.90 76.21 85.00
C THR B 313 -55.12 75.09 84.00
N SER B 314 -56.27 75.08 83.31
CA SER B 314 -56.59 74.09 82.27
C SER B 314 -55.60 74.16 81.10
N LEU B 315 -55.28 75.35 80.62
CA LEU B 315 -54.34 75.55 79.51
C LEU B 315 -52.90 75.16 79.88
N LYS B 316 -52.48 75.39 81.13
CA LYS B 316 -51.19 74.91 81.63
C LYS B 316 -51.07 73.38 81.57
N ASN B 317 -52.14 72.64 81.87
CA ASN B 317 -52.13 71.17 81.76
C ASN B 317 -52.07 70.67 80.31
N GLU B 318 -52.81 71.28 79.38
CA GLU B 318 -52.71 70.93 77.95
C GLU B 318 -51.32 71.23 77.36
N THR B 319 -50.72 72.36 77.77
CA THR B 319 -49.37 72.76 77.37
C THR B 319 -48.35 71.65 77.70
N LEU B 320 -48.43 71.07 78.90
CA LEU B 320 -47.53 70.01 79.37
C LEU B 320 -47.68 68.70 78.57
N GLN B 321 -48.92 68.32 78.21
CA GLN B 321 -49.16 67.12 77.40
C GLN B 321 -48.60 67.25 75.98
N ILE B 322 -48.73 68.43 75.36
CA ILE B 322 -48.23 68.68 73.99
C ILE B 322 -46.69 68.70 73.98
N GLU B 323 -46.03 69.29 74.98
CA GLU B 323 -44.56 69.25 75.13
C GLU B 323 -44.03 67.82 75.19
N ASN B 324 -44.65 66.94 76.00
CA ASN B 324 -44.23 65.54 76.10
C ASN B 324 -44.35 64.79 74.76
N HIS B 325 -45.44 64.98 74.01
CA HIS B 325 -45.61 64.32 72.72
C HIS B 325 -44.62 64.87 71.66
N THR B 326 -44.34 66.17 71.69
CA THR B 326 -43.37 66.83 70.81
C THR B 326 -41.94 66.32 71.06
N ASN B 327 -41.56 66.16 72.33
CA ASN B 327 -40.26 65.63 72.72
C ASN B 327 -40.06 64.17 72.28
N SER B 328 -41.09 63.31 72.41
CA SER B 328 -41.01 61.91 71.94
C SER B 328 -40.76 61.81 70.43
N ILE B 329 -41.44 62.64 69.61
CA ILE B 329 -41.22 62.64 68.17
C ILE B 329 -39.81 63.15 67.82
N SER B 330 -39.38 64.26 68.42
CA SER B 330 -38.08 64.88 68.12
C SER B 330 -36.88 64.04 68.58
N ASN B 331 -37.00 63.26 69.66
CA ASN B 331 -35.86 62.53 70.24
C ASN B 331 -35.79 61.04 69.83
N GLU B 332 -36.90 60.40 69.45
CA GLU B 332 -36.90 58.96 69.11
C GLU B 332 -37.26 58.68 67.64
N LYS B 333 -38.50 59.01 67.24
CA LYS B 333 -39.00 58.65 65.90
C LYS B 333 -38.25 59.38 64.78
N LEU B 334 -38.03 60.69 64.94
CA LEU B 334 -37.41 61.51 63.92
C LEU B 334 -35.94 61.10 63.65
N PRO B 335 -35.06 60.92 64.66
CA PRO B 335 -33.70 60.45 64.42
C PRO B 335 -33.62 59.08 63.75
N GLY B 336 -34.54 58.15 64.08
CA GLY B 336 -34.60 56.83 63.47
C GLY B 336 -34.87 56.86 61.97
N LEU B 337 -35.94 57.53 61.55
CA LEU B 337 -36.32 57.64 60.13
C LEU B 337 -35.29 58.39 59.28
N VAL B 338 -34.66 59.44 59.84
CA VAL B 338 -33.58 60.17 59.16
C VAL B 338 -32.37 59.26 58.91
N ARG B 339 -32.04 58.37 59.87
CA ARG B 339 -30.94 57.41 59.76
C ARG B 339 -31.22 56.32 58.71
N ASP B 340 -32.43 55.79 58.63
CA ASP B 340 -32.79 54.77 57.62
C ASP B 340 -32.70 55.33 56.20
N ASN B 341 -33.20 56.56 55.97
CA ASN B 341 -33.03 57.25 54.69
C ASN B 341 -31.56 57.53 54.36
N ALA B 342 -30.73 57.80 55.37
CA ALA B 342 -29.29 57.99 55.18
C ALA B 342 -28.61 56.72 54.65
N GLN B 343 -28.97 55.54 55.16
CA GLN B 343 -28.38 54.25 54.71
C GLN B 343 -28.72 53.93 53.25
N LEU B 344 -29.92 54.27 52.81
CA LEU B 344 -30.42 54.00 51.46
C LEU B 344 -29.79 54.91 50.38
N LEU B 345 -28.97 55.92 50.73
CA LEU B 345 -28.22 56.73 49.76
C LEU B 345 -27.22 55.92 48.91
N ASN B 346 -26.87 54.69 49.32
CA ASN B 346 -25.88 53.84 48.62
C ASN B 346 -26.46 53.11 47.38
N MET B 347 -27.78 53.06 47.22
CA MET B 347 -28.46 52.21 46.23
C MET B 347 -28.09 52.48 44.75
N PRO B 348 -27.94 53.74 44.29
CA PRO B 348 -27.54 54.03 42.91
C PRO B 348 -26.15 53.50 42.54
N ILE B 349 -25.24 53.39 43.52
CA ILE B 349 -23.89 52.86 43.32
C ILE B 349 -23.96 51.34 43.10
N VAL B 350 -24.73 50.63 43.93
CA VAL B 350 -24.94 49.18 43.77
C VAL B 350 -25.62 48.90 42.43
N LYS B 351 -26.59 49.73 42.04
CA LYS B 351 -27.28 49.62 40.75
C LYS B 351 -26.31 49.74 39.58
N GLY B 352 -25.42 50.73 39.61
CA GLY B 352 -24.43 50.91 38.55
C GLY B 352 -23.44 49.75 38.40
N ASP B 353 -23.09 49.05 39.48
CA ASP B 353 -22.17 47.90 39.45
C ASP B 353 -22.80 46.66 38.81
N TYR B 354 -24.07 46.34 39.13
CA TYR B 354 -24.75 45.17 38.57
C TYR B 354 -25.03 45.28 37.08
N ASP B 355 -25.38 46.48 36.60
CA ASP B 355 -25.53 46.75 35.16
C ASP B 355 -24.21 46.52 34.41
N LEU B 356 -23.08 46.92 35.00
CA LEU B 356 -21.75 46.70 34.44
C LEU B 356 -21.40 45.20 34.37
N GLN B 357 -21.67 44.44 35.44
CA GLN B 357 -21.43 42.99 35.48
C GLN B 357 -22.27 42.24 34.43
N MET B 358 -23.56 42.56 34.33
CA MET B 358 -24.49 42.00 33.33
C MET B 358 -24.01 42.25 31.89
N ALA B 359 -23.58 43.48 31.58
CA ALA B 359 -23.06 43.82 30.25
C ALA B 359 -21.80 43.01 29.92
N HIS B 360 -20.89 42.86 30.90
CA HIS B 360 -19.67 42.07 30.76
C HIS B 360 -19.94 40.58 30.50
N GLN B 361 -20.89 39.99 31.23
CA GLN B 361 -21.26 38.58 31.06
C GLN B 361 -21.91 38.31 29.70
N THR B 362 -22.77 39.22 29.22
CA THR B 362 -23.41 39.11 27.90
C THR B 362 -22.37 39.12 26.78
N SER B 363 -21.35 39.99 26.90
CA SER B 363 -20.21 40.03 25.96
C SER B 363 -19.40 38.72 25.98
N CYS B 364 -19.12 38.16 27.15
CA CYS B 364 -18.41 36.89 27.28
C CYS B 364 -19.20 35.71 26.68
N SER B 365 -20.51 35.66 26.93
CA SER B 365 -21.42 34.63 26.39
C SER B 365 -21.47 34.65 24.86
N SER B 366 -21.58 35.84 24.26
CA SER B 366 -21.55 36.03 22.79
C SER B 366 -20.23 35.54 22.18
N ARG B 367 -19.10 35.84 22.85
CA ARG B 367 -17.78 35.37 22.40
C ARG B 367 -17.61 33.86 22.53
N GLN B 368 -18.20 33.23 23.55
CA GLN B 368 -18.22 31.76 23.65
C GLN B 368 -19.03 31.12 22.51
N ASP B 369 -20.19 31.70 22.15
CA ASP B 369 -21.01 31.19 21.04
C ASP B 369 -20.29 31.26 19.69
N LEU B 370 -19.52 32.33 19.46
CA LEU B 370 -18.67 32.49 18.27
C LEU B 370 -17.61 31.38 18.15
N VAL B 371 -16.96 31.04 19.27
CA VAL B 371 -15.97 29.94 19.34
C VAL B 371 -16.65 28.58 19.10
N CYS B 372 -17.82 28.34 19.72
CA CYS B 372 -18.60 27.14 19.49
C CYS B 372 -19.00 26.97 18.02
N ASP B 373 -19.54 28.02 17.39
CA ASP B 373 -19.98 27.99 16.01
C ASP B 373 -18.82 27.64 15.04
N HIS B 374 -17.62 28.19 15.27
CA HIS B 374 -16.44 27.87 14.46
C HIS B 374 -16.01 26.40 14.60
N LEU B 375 -15.98 25.88 15.83
CA LEU B 375 -15.66 24.47 16.08
C LEU B 375 -16.70 23.51 15.47
N MET B 376 -17.97 23.90 15.44
CA MET B 376 -19.02 23.11 14.80
C MET B 376 -18.94 23.11 13.27
N LYS B 377 -18.57 24.24 12.65
CA LYS B 377 -18.30 24.31 11.21
C LYS B 377 -17.14 23.39 10.83
N GLN B 378 -16.03 23.42 11.59
CA GLN B 378 -14.90 22.51 11.41
C GLN B 378 -15.34 21.04 11.54
N LYS B 379 -16.16 20.74 12.57
CA LYS B 379 -16.70 19.38 12.76
C LYS B 379 -17.54 18.91 11.57
N ALA B 380 -18.41 19.77 11.04
CA ALA B 380 -19.24 19.46 9.88
C ALA B 380 -18.40 19.10 8.63
N SER B 381 -17.29 19.81 8.39
CA SER B 381 -16.36 19.51 7.29
C SER B 381 -15.66 18.17 7.45
N PHE B 382 -15.26 17.80 8.66
CA PHE B 382 -14.62 16.51 8.95
C PHE B 382 -15.57 15.33 8.75
N GLU B 383 -16.83 15.45 9.18
CA GLU B 383 -17.81 14.37 9.01
C GLU B 383 -18.17 14.15 7.53
N LEU B 384 -18.14 15.20 6.69
CA LEU B 384 -18.32 15.05 5.23
C LEU B 384 -17.18 14.26 4.59
N LEU B 385 -15.93 14.56 4.97
CA LEU B 385 -14.73 13.84 4.53
C LEU B 385 -14.74 12.37 4.97
N GLN B 386 -15.16 12.12 6.21
CA GLN B 386 -15.23 10.76 6.75
C GLN B 386 -16.27 9.90 6.02
N LEU B 387 -17.45 10.46 5.71
CA LEU B 387 -18.46 9.78 4.88
C LEU B 387 -17.93 9.49 3.47
N GLY B 388 -17.13 10.38 2.90
CA GLY B 388 -16.49 10.18 1.59
C GLY B 388 -15.64 8.90 1.53
N TYR B 389 -14.84 8.64 2.56
CA TYR B 389 -14.04 7.42 2.65
C TYR B 389 -14.89 6.14 2.81
N GLU B 390 -15.96 6.20 3.60
CA GLU B 390 -16.86 5.05 3.78
C GLU B 390 -17.58 4.66 2.47
N LEU B 391 -18.03 5.65 1.69
CA LEU B 391 -18.65 5.43 0.38
C LEU B 391 -17.66 4.85 -0.63
N GLU B 392 -16.42 5.35 -0.64
CA GLU B 392 -15.36 4.83 -1.51
C GLU B 392 -15.07 3.34 -1.22
N LEU B 393 -14.89 2.98 0.06
CA LEU B 393 -14.64 1.61 0.48
C LEU B 393 -15.78 0.65 0.08
N ARG B 394 -17.04 1.13 0.11
CA ARG B 394 -18.20 0.34 -0.32
C ARG B 394 -18.15 0.04 -1.83
N LYS B 395 -17.84 1.04 -2.66
CA LYS B 395 -17.66 0.85 -4.12
C LYS B 395 -16.54 -0.15 -4.43
N HIS B 396 -15.42 -0.08 -3.70
CA HIS B 396 -14.31 -1.04 -3.84
C HIS B 396 -14.72 -2.48 -3.54
N ARG B 397 -15.61 -2.71 -2.56
CA ARG B 397 -16.14 -4.05 -2.22
C ARG B 397 -17.06 -4.61 -3.30
N ASP B 398 -17.85 -3.78 -3.97
CA ASP B 398 -18.69 -4.22 -5.09
C ASP B 398 -17.87 -4.55 -6.34
N VAL B 399 -16.73 -3.86 -6.53
CA VAL B 399 -15.76 -4.22 -7.56
C VAL B 399 -15.14 -5.60 -7.30
N TYR B 400 -14.71 -5.84 -6.07
CA TYR B 400 -14.18 -7.13 -5.64
C TYR B 400 -15.19 -8.29 -5.85
N ARG B 401 -16.48 -8.07 -5.54
CA ARG B 401 -17.50 -9.13 -5.64
C ARG B 401 -17.79 -9.55 -7.09
N GLU B 402 -17.83 -8.60 -8.02
CA GLU B 402 -18.03 -8.92 -9.45
C GLU B 402 -16.82 -9.63 -10.07
N LEU B 403 -15.59 -9.16 -9.80
CA LEU B 403 -14.38 -9.84 -10.28
C LEU B 403 -14.28 -11.27 -9.74
N GLY B 404 -14.67 -11.48 -8.48
CA GLY B 404 -14.72 -12.83 -7.90
C GLY B 404 -15.70 -13.76 -8.59
N SER B 405 -16.88 -13.26 -9.01
CA SER B 405 -17.83 -14.07 -9.77
C SER B 405 -17.26 -14.51 -11.12
N ILE B 406 -16.59 -13.61 -11.84
CA ILE B 406 -16.02 -13.89 -13.15
C ILE B 406 -14.89 -14.94 -13.04
N VAL B 407 -14.02 -14.84 -12.03
CA VAL B 407 -12.99 -15.86 -11.82
C VAL B 407 -13.58 -17.20 -11.42
N GLN B 408 -14.61 -17.21 -10.59
CA GLN B 408 -15.29 -18.45 -10.21
C GLN B 408 -15.89 -19.17 -11.43
N GLU B 409 -16.58 -18.45 -12.32
CA GLU B 409 -17.15 -18.99 -13.56
C GLU B 409 -16.08 -19.50 -14.54
N LEU B 410 -14.98 -18.75 -14.73
CA LEU B 410 -13.86 -19.16 -15.58
C LEU B 410 -13.20 -20.43 -15.02
N LYS B 411 -13.00 -20.50 -13.70
CA LYS B 411 -12.39 -21.64 -13.03
C LYS B 411 -13.26 -22.89 -13.12
N GLU B 412 -14.56 -22.79 -12.83
CA GLU B 412 -15.49 -23.92 -12.99
C GLU B 412 -15.54 -24.43 -14.43
N SER B 413 -15.50 -23.53 -15.41
CA SER B 413 -15.44 -23.90 -16.83
C SER B 413 -14.13 -24.59 -17.20
N GLY B 414 -13.01 -24.12 -16.63
CA GLY B 414 -11.68 -24.69 -16.81
C GLY B 414 -11.58 -26.09 -16.21
N ASP B 415 -12.08 -26.29 -14.99
CA ASP B 415 -12.04 -27.59 -14.31
C ASP B 415 -12.91 -28.62 -15.05
N LYS B 416 -14.13 -28.25 -15.46
CA LYS B 416 -15.01 -29.13 -16.26
C LYS B 416 -14.41 -29.47 -17.63
N LEU B 417 -13.65 -28.57 -18.25
CA LEU B 417 -12.95 -28.85 -19.51
C LEU B 417 -11.86 -29.91 -19.31
N GLU B 418 -11.10 -29.81 -18.22
CA GLU B 418 -9.98 -30.71 -17.91
C GLU B 418 -10.47 -32.12 -17.56
N GLU B 419 -11.59 -32.23 -16.83
CA GLU B 419 -12.30 -33.49 -16.58
C GLU B 419 -12.83 -34.13 -17.88
N ARG B 420 -13.40 -33.35 -18.80
CA ARG B 420 -13.84 -33.88 -20.10
C ARG B 420 -12.67 -34.31 -20.98
N LEU B 421 -11.59 -33.54 -21.03
CA LEU B 421 -10.41 -33.91 -21.82
C LEU B 421 -9.75 -35.19 -21.30
N THR B 422 -9.70 -35.39 -19.98
CA THR B 422 -9.22 -36.64 -19.39
C THR B 422 -10.12 -37.82 -19.75
N MET B 423 -11.45 -37.65 -19.70
CA MET B 423 -12.39 -38.68 -20.16
C MET B 423 -12.21 -39.02 -21.65
N LEU B 424 -12.18 -38.02 -22.53
CA LEU B 424 -12.06 -38.21 -23.98
C LEU B 424 -10.70 -38.83 -24.39
N SER B 425 -9.72 -38.81 -23.49
CA SER B 425 -8.39 -39.39 -23.67
C SER B 425 -8.28 -40.85 -23.19
N ASP B 426 -9.35 -41.43 -22.63
CA ASP B 426 -9.35 -42.83 -22.21
C ASP B 426 -9.11 -43.74 -23.44
N VAL B 427 -8.10 -44.59 -23.33
CA VAL B 427 -7.66 -45.53 -24.37
C VAL B 427 -8.80 -46.46 -24.80
N ASN B 428 -9.72 -46.79 -23.89
CA ASN B 428 -10.87 -47.67 -24.19
C ASN B 428 -11.87 -47.04 -25.16
N LEU B 429 -11.94 -45.71 -25.24
CA LEU B 429 -12.82 -44.96 -26.12
C LEU B 429 -12.21 -44.70 -27.50
N LEU B 430 -10.88 -44.83 -27.63
CA LEU B 430 -10.16 -44.53 -28.87
C LEU B 430 -10.38 -45.60 -29.93
N SER B 431 -10.79 -45.15 -31.13
CA SER B 431 -11.05 -46.03 -32.26
C SER B 431 -9.80 -46.74 -32.79
N ALA B 432 -8.63 -46.11 -32.64
CA ALA B 432 -7.35 -46.61 -33.11
C ALA B 432 -6.68 -47.63 -32.16
N SER B 433 -7.41 -48.15 -31.17
CA SER B 433 -6.89 -49.20 -30.30
C SER B 433 -6.66 -50.47 -31.14
N LYS B 434 -5.39 -50.75 -31.45
CA LYS B 434 -5.00 -52.01 -32.06
C LYS B 434 -5.55 -53.16 -31.19
N PRO B 435 -6.14 -54.20 -31.80
CA PRO B 435 -6.60 -55.35 -31.03
C PRO B 435 -5.43 -55.91 -30.22
N ARG B 436 -5.71 -56.30 -28.97
CA ARG B 436 -4.70 -56.95 -28.13
C ARG B 436 -4.32 -58.27 -28.78
N SER B 437 -3.04 -58.63 -28.77
CA SER B 437 -2.58 -59.93 -29.28
C SER B 437 -3.02 -61.09 -28.35
N ASN B 438 -2.97 -60.85 -27.04
CA ASN B 438 -3.46 -61.78 -26.02
C ASN B 438 -4.97 -61.62 -25.83
N ILE B 439 -5.65 -62.75 -25.68
CA ILE B 439 -7.08 -62.81 -25.33
C ILE B 439 -7.24 -62.27 -23.90
N ASP B 440 -8.20 -61.36 -23.71
CA ASP B 440 -8.50 -60.79 -22.39
C ASP B 440 -9.09 -61.88 -21.48
N SER B 441 -8.76 -61.92 -20.19
CA SER B 441 -9.29 -62.95 -19.29
C SER B 441 -10.82 -62.85 -19.11
N LYS B 442 -11.39 -61.68 -19.41
CA LYS B 442 -12.84 -61.46 -19.44
C LYS B 442 -13.51 -62.04 -20.69
N ASP B 443 -12.76 -62.37 -21.74
CA ASP B 443 -13.30 -62.96 -22.97
C ASP B 443 -13.51 -64.47 -22.82
N LEU B 444 -14.54 -64.82 -22.05
CA LEU B 444 -14.92 -66.20 -21.74
C LEU B 444 -15.19 -67.02 -22.99
N THR B 445 -15.87 -66.46 -24.01
CA THR B 445 -16.17 -67.17 -25.25
C THR B 445 -14.90 -67.54 -26.02
N SER B 446 -13.95 -66.62 -26.17
CA SER B 446 -12.68 -66.92 -26.85
C SER B 446 -11.85 -67.93 -26.06
N HIS B 447 -11.86 -67.85 -24.73
CA HIS B 447 -11.23 -68.86 -23.88
C HIS B 447 -11.87 -70.25 -24.03
N ARG B 448 -13.20 -70.34 -24.03
CA ARG B 448 -13.93 -71.60 -24.23
C ARG B 448 -13.70 -72.17 -25.63
N LEU B 449 -13.70 -71.33 -26.67
CA LEU B 449 -13.40 -71.73 -28.04
C LEU B 449 -11.97 -72.31 -28.14
N TYR B 450 -11.00 -71.66 -27.49
CA TYR B 450 -9.62 -72.18 -27.42
C TYR B 450 -9.55 -73.54 -26.71
N GLN B 451 -10.30 -73.71 -25.61
CA GLN B 451 -10.38 -74.99 -24.89
C GLN B 451 -11.06 -76.09 -25.72
N LEU B 452 -12.08 -75.74 -26.47
CA LEU B 452 -12.78 -76.67 -27.36
C LEU B 452 -11.82 -77.18 -28.45
N LEU B 453 -11.00 -76.28 -29.00
CA LEU B 453 -10.05 -76.52 -30.10
C LEU B 453 -8.75 -77.24 -29.65
N ASP B 454 -8.04 -76.74 -28.65
CA ASP B 454 -6.71 -77.27 -28.21
C ASP B 454 -6.81 -78.27 -27.04
N GLY B 455 -8.00 -78.39 -26.43
CA GLY B 455 -8.18 -79.11 -25.17
C GLY B 455 -7.56 -78.38 -23.97
N ASP B 456 -7.49 -79.07 -22.83
CA ASP B 456 -6.77 -78.58 -21.64
C ASP B 456 -5.25 -78.86 -21.70
N ASN B 457 -4.76 -79.46 -22.80
CA ASN B 457 -3.39 -80.00 -22.86
C ASN B 457 -2.30 -78.94 -22.87
N THR B 458 -2.52 -77.82 -23.56
CA THR B 458 -1.52 -76.77 -23.59
C THR B 458 -1.70 -75.88 -22.37
N GLN B 459 -0.85 -76.06 -21.36
CA GLN B 459 -0.61 -75.08 -20.29
C GLN B 459 0.05 -73.80 -20.85
N LYS B 460 -0.52 -73.22 -21.91
CA LYS B 460 -0.10 -71.91 -22.41
C LYS B 460 -0.54 -70.87 -21.38
N LEU B 461 0.45 -70.27 -20.71
CA LEU B 461 0.24 -69.16 -19.77
C LEU B 461 -0.53 -67.99 -20.41
N PHE B 462 -0.33 -67.76 -21.72
CA PHE B 462 -1.03 -66.74 -22.49
C PHE B 462 -1.64 -67.34 -23.75
N ARG B 463 -2.96 -67.17 -23.91
CA ARG B 463 -3.67 -67.52 -25.13
C ARG B 463 -3.74 -66.29 -26.03
N THR B 464 -3.27 -66.41 -27.26
CA THR B 464 -3.30 -65.34 -28.29
C THR B 464 -4.39 -65.61 -29.31
N TYR B 465 -4.84 -64.55 -29.99
CA TYR B 465 -5.78 -64.68 -31.10
C TYR B 465 -5.17 -65.39 -32.32
N ASP B 466 -3.91 -65.10 -32.66
CA ASP B 466 -3.18 -65.86 -33.71
C ASP B 466 -3.09 -67.35 -33.35
N GLY B 467 -2.90 -67.64 -32.06
CA GLY B 467 -2.92 -69.01 -31.56
C GLY B 467 -4.30 -69.65 -31.69
N LEU B 468 -5.39 -68.90 -31.54
CA LEU B 468 -6.75 -69.39 -31.69
C LEU B 468 -7.07 -69.71 -33.16
N GLU B 469 -6.68 -68.82 -34.07
CA GLU B 469 -6.81 -69.02 -35.51
C GLU B 469 -5.97 -70.22 -35.99
N SER B 470 -4.74 -70.36 -35.50
CA SER B 470 -3.87 -71.51 -35.82
C SER B 470 -4.49 -72.84 -35.40
N VAL B 471 -5.05 -72.94 -34.19
CA VAL B 471 -5.66 -74.20 -33.72
C VAL B 471 -6.98 -74.47 -34.47
N ALA B 472 -7.73 -73.43 -34.85
CA ALA B 472 -8.90 -73.56 -35.72
C ALA B 472 -8.53 -74.08 -37.12
N GLN B 473 -7.48 -73.53 -37.73
CA GLN B 473 -6.93 -74.01 -39.00
C GLN B 473 -6.47 -75.47 -38.91
N LYS B 474 -5.85 -75.84 -37.78
CA LYS B 474 -5.39 -77.20 -37.52
C LYS B 474 -6.55 -78.20 -37.46
N LEU B 475 -7.66 -77.88 -36.78
CA LEU B 475 -8.84 -78.75 -36.78
C LEU B 475 -9.38 -78.97 -38.21
N SER B 476 -9.43 -77.91 -39.00
CA SER B 476 -9.87 -77.97 -40.40
C SER B 476 -8.93 -78.82 -41.27
N GLN B 477 -7.62 -78.66 -41.10
CA GLN B 477 -6.60 -79.47 -41.76
C GLN B 477 -6.62 -80.93 -41.32
N ASP B 478 -6.84 -81.22 -40.03
CA ASP B 478 -6.92 -82.58 -39.51
C ASP B 478 -8.14 -83.31 -40.12
N ILE B 479 -9.28 -82.62 -40.28
CA ILE B 479 -10.48 -83.18 -40.96
C ILE B 479 -10.19 -83.43 -42.45
N ALA B 480 -9.57 -82.47 -43.14
CA ALA B 480 -9.21 -82.62 -44.55
C ALA B 480 -8.22 -83.79 -44.74
N SER B 481 -7.16 -83.85 -43.95
CA SER B 481 -6.18 -84.92 -43.98
C SER B 481 -6.80 -86.29 -43.69
N MET B 482 -7.77 -86.38 -42.78
CA MET B 482 -8.45 -87.66 -42.54
C MET B 482 -9.39 -88.06 -43.67
N ARG B 483 -9.99 -87.10 -44.37
CA ARG B 483 -10.74 -87.39 -45.60
C ARG B 483 -9.82 -87.89 -46.70
N ASP B 484 -8.68 -87.25 -46.92
CA ASP B 484 -7.70 -87.65 -47.93
C ASP B 484 -7.14 -89.06 -47.63
N GLN B 485 -6.81 -89.36 -46.37
CA GLN B 485 -6.37 -90.70 -45.96
C GLN B 485 -7.46 -91.76 -46.14
N LEU B 486 -8.73 -91.41 -45.88
CA LEU B 486 -9.85 -92.30 -46.11
C LEU B 486 -9.99 -92.59 -47.60
N GLU B 487 -9.88 -91.58 -48.46
CA GLU B 487 -9.97 -91.70 -49.92
C GLU B 487 -8.82 -92.56 -50.49
N VAL B 488 -7.59 -92.40 -50.00
CA VAL B 488 -6.46 -93.28 -50.35
C VAL B 488 -6.73 -94.72 -49.92
N SER B 489 -7.28 -94.92 -48.71
CA SER B 489 -7.69 -96.24 -48.22
C SER B 489 -8.81 -96.86 -49.09
N GLU B 490 -9.76 -96.06 -49.57
CA GLU B 490 -10.77 -96.54 -50.53
C GLU B 490 -10.14 -96.97 -51.84
N GLN B 491 -9.18 -96.21 -52.37
CA GLN B 491 -8.47 -96.58 -53.61
C GLN B 491 -7.69 -97.88 -53.44
N GLU B 492 -6.92 -98.03 -52.35
CA GLU B 492 -6.20 -99.27 -52.05
C GLU B 492 -7.13 -100.47 -51.93
N HIS B 493 -8.27 -100.30 -51.25
CA HIS B 493 -9.29 -101.34 -51.12
C HIS B 493 -9.90 -101.70 -52.49
N SER B 494 -10.18 -100.71 -53.33
CA SER B 494 -10.70 -100.91 -54.69
C SER B 494 -9.71 -101.68 -55.58
N LEU B 495 -8.41 -101.40 -55.44
CA LEU B 495 -7.34 -102.04 -56.20
C LEU B 495 -7.14 -103.49 -55.77
N LEU B 496 -7.23 -103.76 -54.46
CA LEU B 496 -7.23 -105.13 -53.91
C LEU B 496 -8.43 -105.93 -54.41
N LEU B 497 -9.63 -105.33 -54.39
CA LEU B 497 -10.84 -105.96 -54.91
C LEU B 497 -10.74 -106.24 -56.41
N SER B 498 -10.24 -105.29 -57.21
CA SER B 498 -10.03 -105.49 -58.64
C SER B 498 -9.05 -106.63 -58.94
N LYS B 499 -7.96 -106.75 -58.16
CA LYS B 499 -7.01 -107.86 -58.31
C LYS B 499 -7.64 -109.20 -57.97
N LEU B 500 -8.37 -109.27 -56.86
CA LEU B 500 -9.09 -110.49 -56.47
C LEU B 500 -10.12 -110.91 -57.52
N ASP B 501 -10.91 -109.97 -58.05
CA ASP B 501 -11.87 -110.23 -59.13
C ASP B 501 -11.15 -110.74 -60.40
N SER B 502 -10.00 -110.12 -60.77
CA SER B 502 -9.24 -110.55 -61.96
C SER B 502 -8.66 -111.96 -61.81
N HIS B 503 -8.00 -112.27 -60.69
CA HIS B 503 -7.44 -113.59 -60.40
C HIS B 503 -8.51 -114.68 -60.36
N LEU B 504 -9.67 -114.36 -59.76
CA LEU B 504 -10.80 -115.28 -59.72
C LEU B 504 -11.33 -115.57 -61.12
N LYS B 505 -11.48 -114.53 -61.96
CA LYS B 505 -11.98 -114.67 -63.33
C LYS B 505 -11.02 -115.48 -64.21
N GLU B 506 -9.73 -115.15 -64.20
CA GLU B 506 -8.71 -115.88 -64.98
C GLU B 506 -8.62 -117.36 -64.59
N LEU B 507 -8.60 -117.66 -63.29
CA LEU B 507 -8.52 -119.04 -62.82
C LEU B 507 -9.82 -119.81 -63.12
N ARG B 508 -10.97 -119.15 -63.02
CA ARG B 508 -12.26 -119.75 -63.36
C ARG B 508 -12.35 -120.05 -64.85
N ASP B 509 -11.97 -119.12 -65.72
CA ASP B 509 -12.02 -119.30 -67.18
C ASP B 509 -11.11 -120.45 -67.63
N PHE B 510 -9.94 -120.63 -66.97
CA PHE B 510 -9.05 -121.75 -67.26
C PHE B 510 -9.62 -123.11 -66.78
N MET B 511 -10.30 -123.13 -65.63
CA MET B 511 -10.87 -124.35 -65.05
C MET B 511 -12.25 -124.71 -65.64
N TYR B 512 -12.96 -123.74 -66.23
CA TYR B 512 -14.28 -123.89 -66.84
C TYR B 512 -14.30 -123.35 -68.29
N PRO B 513 -13.55 -123.95 -69.23
CA PRO B 513 -13.46 -123.43 -70.59
C PRO B 513 -14.79 -123.44 -71.37
N GLU B 514 -15.67 -124.41 -71.15
CA GLU B 514 -17.04 -124.42 -71.69
C GLU B 514 -18.05 -123.71 -70.77
N GLY B 515 -17.58 -123.01 -69.73
CA GLY B 515 -18.37 -122.20 -68.80
C GLY B 515 -19.09 -122.98 -67.69
N ASN B 516 -19.54 -124.22 -67.94
CA ASN B 516 -20.43 -124.95 -67.02
C ASN B 516 -19.85 -126.20 -66.36
N THR B 517 -18.74 -126.75 -66.87
CA THR B 517 -18.18 -128.01 -66.36
C THR B 517 -16.73 -127.82 -65.95
N LEU B 518 -16.41 -128.27 -64.72
CA LEU B 518 -15.06 -128.28 -64.21
C LEU B 518 -14.20 -129.23 -65.07
N MET B 519 -13.20 -128.67 -65.76
CA MET B 519 -12.31 -129.44 -66.60
C MET B 519 -11.17 -130.04 -65.79
N LEU B 520 -11.26 -131.34 -65.51
CA LEU B 520 -10.23 -132.10 -64.82
C LEU B 520 -9.19 -132.71 -65.76
N THR B 521 -9.64 -133.28 -66.89
CA THR B 521 -8.76 -133.91 -67.90
C THR B 521 -8.78 -133.10 -69.18
N THR B 522 -7.63 -133.01 -69.85
CA THR B 522 -7.50 -132.38 -71.16
C THR B 522 -8.43 -133.05 -72.18
N PRO B 523 -9.30 -132.29 -72.87
CA PRO B 523 -10.34 -132.85 -73.74
C PRO B 523 -9.76 -133.71 -74.87
N GLU B 524 -8.63 -133.29 -75.43
CA GLU B 524 -7.89 -134.01 -76.46
C GLU B 524 -7.47 -135.40 -75.96
N LEU B 525 -6.94 -135.47 -74.73
CA LEU B 525 -6.50 -136.71 -74.11
C LEU B 525 -7.69 -137.63 -73.79
N SER B 526 -8.80 -137.07 -73.31
CA SER B 526 -10.03 -137.82 -73.01
C SER B 526 -10.60 -138.51 -74.26
N GLY B 527 -10.56 -137.83 -75.42
CA GLY B 527 -10.95 -138.41 -76.71
C GLY B 527 -10.07 -139.59 -77.12
N GLU B 528 -8.75 -139.44 -77.00
CA GLU B 528 -7.76 -140.49 -77.32
C GLU B 528 -7.92 -141.73 -76.43
N PHE B 529 -8.23 -141.55 -75.13
CA PHE B 529 -8.54 -142.68 -74.23
C PHE B 529 -9.75 -143.49 -74.70
N HIS B 530 -10.81 -142.80 -75.14
CA HIS B 530 -12.02 -143.46 -75.61
C HIS B 530 -11.76 -144.23 -76.92
N GLN B 531 -11.01 -143.62 -77.83
CA GLN B 531 -10.66 -144.21 -79.13
C GLN B 531 -9.74 -145.43 -78.98
N LEU B 532 -8.70 -145.34 -78.15
CA LEU B 532 -7.83 -146.48 -77.85
C LEU B 532 -8.60 -147.61 -77.16
N GLY B 533 -9.47 -147.28 -76.20
CA GLY B 533 -10.35 -148.25 -75.55
C GLY B 533 -11.18 -149.06 -76.55
N SER B 534 -11.81 -148.37 -77.50
CA SER B 534 -12.60 -149.00 -78.56
C SER B 534 -11.77 -149.90 -79.49
N GLN B 535 -10.60 -149.43 -79.94
CA GLN B 535 -9.74 -150.21 -80.83
C GLN B 535 -9.19 -151.48 -80.16
N LEU B 536 -8.92 -151.40 -78.85
CA LEU B 536 -8.43 -152.52 -78.08
C LEU B 536 -9.52 -153.59 -77.83
N GLU B 537 -10.77 -153.16 -77.73
CA GLU B 537 -11.93 -154.05 -77.61
C GLU B 537 -12.16 -154.84 -78.91
N LYS B 538 -11.98 -154.20 -80.07
CA LYS B 538 -11.96 -154.88 -81.39
C LYS B 538 -10.84 -155.90 -81.52
N LEU B 539 -9.60 -155.53 -81.13
CA LEU B 539 -8.45 -156.45 -81.17
C LEU B 539 -8.67 -157.68 -80.27
N ASN B 540 -9.26 -157.48 -79.09
CA ASN B 540 -9.62 -158.57 -78.19
C ASN B 540 -10.65 -159.52 -78.83
N HIS B 541 -11.65 -158.99 -79.53
CA HIS B 541 -12.65 -159.80 -80.24
C HIS B 541 -12.00 -160.70 -81.31
N ILE B 542 -11.13 -160.14 -82.15
CA ILE B 542 -10.38 -160.89 -83.19
C ILE B 542 -9.53 -161.99 -82.54
N THR B 543 -8.86 -161.69 -81.42
CA THR B 543 -8.01 -162.65 -80.71
C THR B 543 -8.82 -163.83 -80.15
N VAL B 544 -9.99 -163.56 -79.58
CA VAL B 544 -10.89 -164.58 -79.03
C VAL B 544 -11.45 -165.46 -80.15
N GLU B 545 -11.82 -164.87 -81.27
CA GLU B 545 -12.37 -165.58 -82.43
C GLU B 545 -11.35 -166.56 -83.03
N ILE B 546 -10.11 -166.11 -83.27
CA ILE B 546 -9.03 -166.96 -83.80
C ILE B 546 -8.70 -168.10 -82.82
N LEU B 547 -8.59 -167.82 -81.50
CA LEU B 547 -8.34 -168.88 -80.51
C LEU B 547 -9.47 -169.91 -80.45
N GLY B 548 -10.72 -169.47 -80.64
CA GLY B 548 -11.88 -170.35 -80.68
C GLY B 548 -11.82 -171.33 -81.85
N ASP B 549 -11.53 -170.84 -83.06
CA ASP B 549 -11.37 -171.66 -84.26
C ASP B 549 -10.22 -172.67 -84.12
N LEU B 550 -9.09 -172.23 -83.57
CA LEU B 550 -7.88 -173.04 -83.39
C LEU B 550 -8.09 -174.18 -82.37
N GLN B 551 -8.77 -173.92 -81.25
CA GLN B 551 -9.14 -174.95 -80.26
C GLN B 551 -10.09 -176.00 -80.83
N LEU B 552 -11.04 -175.61 -81.68
CA LEU B 552 -11.96 -176.52 -82.37
C LEU B 552 -11.22 -177.45 -83.33
N LYS B 553 -10.35 -176.90 -84.19
CA LYS B 553 -9.58 -177.68 -85.18
C LYS B 553 -8.56 -178.64 -84.54
N ARG B 554 -7.89 -178.25 -83.43
CA ARG B 554 -7.01 -179.16 -82.67
C ARG B 554 -7.78 -180.31 -82.03
N LYS B 555 -8.95 -180.06 -81.42
CA LYS B 555 -9.81 -181.13 -80.87
C LYS B 555 -10.30 -182.10 -81.94
N MET B 556 -10.59 -181.64 -83.15
CA MET B 556 -10.93 -182.53 -84.27
C MET B 556 -9.79 -183.48 -84.62
N LEU B 557 -8.56 -182.99 -84.68
CA LEU B 557 -7.38 -183.81 -84.99
C LEU B 557 -7.01 -184.82 -83.88
N GLU B 558 -7.21 -184.46 -82.60
CA GLU B 558 -6.97 -185.39 -81.48
C GLU B 558 -8.02 -186.51 -81.39
N SER B 559 -9.27 -186.24 -81.77
CA SER B 559 -10.37 -187.20 -81.66
C SER B 559 -10.45 -188.18 -82.84
N ASN B 560 -10.05 -187.77 -84.05
CA ASN B 560 -10.21 -188.58 -85.26
C ASN B 560 -8.86 -189.03 -85.86
N LYS B 561 -8.33 -190.19 -85.40
CA LYS B 561 -7.07 -190.77 -85.89
C LYS B 561 -7.03 -191.02 -87.40
N LEU B 562 -8.17 -191.37 -88.03
CA LEU B 562 -8.24 -191.59 -89.48
C LEU B 562 -7.97 -190.32 -90.27
N GLN B 563 -8.47 -189.17 -89.77
CA GLN B 563 -8.20 -187.85 -90.36
C GLN B 563 -6.73 -187.45 -90.23
N GLN B 564 -6.10 -187.81 -89.11
CA GLN B 564 -4.68 -187.57 -88.88
C GLN B 564 -3.80 -188.36 -89.87
N ILE B 565 -4.16 -189.61 -90.18
CA ILE B 565 -3.47 -190.44 -91.19
C ILE B 565 -3.73 -189.92 -92.61
N GLU B 566 -4.96 -189.48 -92.90
CA GLU B 566 -5.28 -188.89 -94.20
C GLU B 566 -4.35 -187.71 -94.53
N LYS B 567 -4.11 -186.85 -93.53
CA LYS B 567 -3.18 -185.71 -93.60
C LYS B 567 -1.71 -186.12 -93.78
N GLN B 568 -1.36 -187.38 -93.54
CA GLN B 568 -0.01 -187.92 -93.76
C GLN B 568 0.11 -188.74 -95.06
N LEU B 569 -0.99 -189.04 -95.77
CA LEU B 569 -0.96 -189.83 -97.01
C LEU B 569 0.01 -189.29 -98.06
N TYR B 570 0.05 -187.96 -98.25
CA TYR B 570 0.96 -187.36 -99.22
C TYR B 570 2.43 -187.50 -98.83
N VAL B 571 2.73 -187.55 -97.52
CA VAL B 571 4.09 -187.79 -97.03
C VAL B 571 4.53 -189.21 -97.42
N TYR B 572 3.66 -190.20 -97.20
CA TYR B 572 3.93 -191.58 -97.61
C TYR B 572 4.03 -191.73 -99.13
N PHE B 573 3.23 -191.01 -99.91
CA PHE B 573 3.31 -191.04 -101.37
C PHE B 573 4.69 -190.65 -101.91
N PHE B 574 5.31 -189.60 -101.37
CA PHE B 574 6.63 -189.14 -101.82
C PHE B 574 7.81 -189.86 -101.16
N GLN B 575 7.68 -190.38 -99.93
CA GLN B 575 8.80 -191.04 -99.21
C GLN B 575 8.78 -192.57 -99.23
N ASN B 576 7.62 -193.22 -99.11
CA ASN B 576 7.55 -194.68 -98.93
C ASN B 576 6.31 -195.31 -99.60
N GLU B 577 6.47 -195.73 -100.86
CA GLU B 577 5.39 -196.32 -101.67
C GLU B 577 4.86 -197.63 -101.07
N GLU B 578 5.73 -198.50 -100.51
CA GLU B 578 5.27 -199.73 -99.86
C GLU B 578 4.37 -199.45 -98.65
N GLN B 579 4.70 -198.41 -97.89
CA GLN B 579 3.93 -198.02 -96.71
C GLN B 579 2.59 -197.39 -97.10
N LEU B 580 2.54 -196.62 -98.19
CA LEU B 580 1.29 -196.14 -98.79
C LEU B 580 0.39 -197.34 -99.20
N LYS B 581 0.94 -198.30 -99.96
CA LYS B 581 0.25 -199.54 -100.36
C LYS B 581 -0.23 -200.35 -99.14
N SER B 582 0.59 -200.44 -98.09
CA SER B 582 0.28 -201.18 -96.86
C SER B 582 -0.82 -200.51 -96.03
N ILE B 583 -0.77 -199.18 -95.84
CA ILE B 583 -1.75 -198.43 -95.05
C ILE B 583 -3.13 -198.45 -95.71
N VAL B 584 -3.17 -198.15 -97.02
CA VAL B 584 -4.44 -198.18 -97.78
C VAL B 584 -4.94 -199.62 -97.94
N GLY B 585 -4.04 -200.57 -98.25
CA GLY B 585 -4.38 -201.98 -98.39
C GLY B 585 -4.88 -202.65 -97.10
N LYS B 586 -4.36 -202.27 -95.93
CA LYS B 586 -4.89 -202.75 -94.63
C LYS B 586 -6.31 -202.25 -94.37
N LEU B 587 -6.61 -201.00 -94.72
CA LEU B 587 -7.96 -200.44 -94.58
C LEU B 587 -8.95 -201.11 -95.56
N GLU B 588 -8.51 -201.41 -96.78
CA GLU B 588 -9.29 -202.17 -97.77
C GLU B 588 -9.47 -203.66 -97.39
N ALA B 589 -8.45 -204.33 -96.86
CA ALA B 589 -8.55 -205.73 -96.42
C ALA B 589 -9.50 -205.90 -95.22
N GLN B 590 -9.51 -204.93 -94.29
CA GLN B 590 -10.45 -204.90 -93.18
C GLN B 590 -11.90 -204.72 -93.62
N THR B 591 -12.14 -204.16 -94.82
CA THR B 591 -13.49 -204.03 -95.38
C THR B 591 -13.91 -205.25 -96.22
N GLY B 592 -12.97 -205.94 -96.88
CA GLY B 592 -13.26 -207.07 -97.77
C GLY B 592 -13.42 -208.46 -97.13
N GLY B 593 -12.95 -208.70 -95.89
CA GLY B 593 -12.94 -210.03 -95.26
C GLY B 593 -14.31 -210.65 -94.94
N GLY B 594 -15.42 -209.97 -95.23
CA GLY B 594 -16.75 -210.41 -94.84
C GLY B 594 -17.46 -211.41 -95.77
N SER B 595 -16.77 -212.21 -96.61
CA SER B 595 -17.47 -213.23 -97.45
C SER B 595 -17.10 -214.69 -97.14
N SER B 596 -16.22 -214.97 -96.18
CA SER B 596 -16.09 -216.34 -95.64
C SER B 596 -16.85 -216.55 -94.32
N ALA B 597 -17.42 -215.50 -93.74
CA ALA B 597 -18.75 -215.57 -93.12
C ALA B 597 -19.71 -214.85 -94.06
N MET C 1 -29.81 -111.54 -32.04
CA MET C 1 -28.52 -110.83 -31.95
C MET C 1 -28.41 -109.71 -32.99
N ALA C 2 -28.70 -109.95 -34.27
CA ALA C 2 -28.74 -108.91 -35.30
C ALA C 2 -29.53 -107.63 -34.90
N GLN C 3 -30.72 -107.77 -34.30
CA GLN C 3 -31.49 -106.61 -33.78
C GLN C 3 -30.74 -105.83 -32.69
N THR C 4 -30.00 -106.52 -31.82
CA THR C 4 -29.21 -105.89 -30.76
C THR C 4 -28.04 -105.09 -31.35
N LEU C 5 -27.36 -105.68 -32.33
CA LEU C 5 -26.27 -105.04 -33.07
C LEU C 5 -26.79 -103.77 -33.79
N GLN C 6 -27.90 -103.90 -34.50
CA GLN C 6 -28.51 -102.80 -35.26
C GLN C 6 -28.94 -101.65 -34.33
N TYR C 7 -29.51 -101.97 -33.16
CA TYR C 7 -29.87 -100.96 -32.16
C TYR C 7 -28.64 -100.25 -31.60
N VAL C 8 -27.60 -100.98 -31.20
CA VAL C 8 -26.38 -100.39 -30.63
C VAL C 8 -25.63 -99.57 -31.68
N SER C 9 -25.46 -100.07 -32.91
CA SER C 9 -24.80 -99.34 -34.00
C SER C 9 -25.57 -98.09 -34.42
N SER C 10 -26.91 -98.09 -34.36
CA SER C 10 -27.71 -96.90 -34.66
C SER C 10 -27.52 -95.77 -33.63
N ARG C 11 -27.35 -96.12 -32.35
CA ARG C 11 -27.18 -95.14 -31.27
C ARG C 11 -25.73 -94.78 -30.96
N LEU C 12 -24.82 -95.69 -31.22
CA LEU C 12 -23.39 -95.57 -30.94
C LEU C 12 -22.63 -95.86 -32.24
N SER C 13 -22.92 -95.08 -33.28
CA SER C 13 -22.35 -95.24 -34.64
C SER C 13 -20.83 -95.14 -34.69
N MET C 14 -20.19 -94.70 -33.62
CA MET C 14 -18.73 -94.62 -33.50
C MET C 14 -18.10 -95.92 -33.03
N LEU C 15 -18.90 -96.82 -32.44
CA LEU C 15 -18.45 -98.13 -32.00
C LEU C 15 -18.41 -99.11 -33.16
N GLN C 16 -17.21 -99.63 -33.42
CA GLN C 16 -17.04 -100.81 -34.26
C GLN C 16 -17.34 -102.04 -33.41
N ILE C 17 -18.54 -102.58 -33.57
CA ILE C 17 -18.96 -103.82 -32.93
C ILE C 17 -19.32 -104.81 -34.02
N ASP C 18 -18.70 -105.98 -33.93
CA ASP C 18 -18.89 -107.07 -34.86
C ASP C 18 -19.99 -108.01 -34.30
N GLU C 19 -20.64 -108.80 -35.16
CA GLU C 19 -21.65 -109.75 -34.68
C GLU C 19 -21.01 -110.86 -33.80
N GLU C 20 -19.75 -111.22 -34.07
CA GLU C 20 -18.94 -112.14 -33.26
C GLU C 20 -18.68 -111.61 -31.84
N ASP C 21 -18.55 -110.29 -31.68
CA ASP C 21 -18.29 -109.67 -30.38
C ASP C 21 -19.50 -109.85 -29.44
N LEU C 22 -20.72 -109.76 -29.97
CA LEU C 22 -21.96 -110.00 -29.22
C LEU C 22 -22.25 -111.49 -29.02
N GLU C 23 -21.95 -112.35 -30.00
CA GLU C 23 -22.14 -113.80 -29.87
C GLU C 23 -21.28 -114.40 -28.76
N ARG C 24 -20.01 -113.97 -28.66
CA ARG C 24 -19.10 -114.42 -27.60
C ARG C 24 -19.35 -113.74 -26.25
N ASN C 25 -19.95 -112.55 -26.23
CA ASN C 25 -20.14 -111.74 -25.02
C ASN C 25 -21.59 -111.28 -24.87
N ALA C 26 -22.48 -112.20 -24.55
CA ALA C 26 -23.92 -111.94 -24.46
C ALA C 26 -24.28 -110.98 -23.31
N GLN C 27 -23.59 -111.04 -22.16
CA GLN C 27 -23.83 -110.11 -21.07
C GLN C 27 -23.28 -108.71 -21.36
N PHE C 28 -22.14 -108.61 -22.06
CA PHE C 28 -21.63 -107.34 -22.58
C PHE C 28 -22.65 -106.63 -23.48
N GLY C 29 -23.33 -107.38 -24.35
CA GLY C 29 -24.43 -106.85 -25.16
C GLY C 29 -25.53 -106.20 -24.33
N LYS C 30 -25.89 -106.77 -23.15
CA LYS C 30 -26.84 -106.14 -22.22
C LYS C 30 -26.33 -104.84 -21.63
N VAL C 31 -25.04 -104.77 -21.28
CA VAL C 31 -24.42 -103.52 -20.78
C VAL C 31 -24.50 -102.41 -21.83
N LEU C 32 -24.25 -102.71 -23.10
CA LEU C 32 -24.37 -101.74 -24.20
C LEU C 32 -25.81 -101.23 -24.39
N ILE C 33 -26.81 -102.12 -24.28
CA ILE C 33 -28.23 -101.73 -24.35
C ILE C 33 -28.61 -100.83 -23.16
N GLU C 34 -28.12 -101.13 -21.96
CA GLU C 34 -28.34 -100.30 -20.76
C GLU C 34 -27.61 -98.94 -20.82
N LEU C 35 -26.46 -98.89 -21.51
CA LEU C 35 -25.72 -97.64 -21.75
C LEU C 35 -26.38 -96.77 -22.83
N CYS C 36 -27.02 -97.35 -23.84
CA CYS C 36 -27.69 -96.61 -24.92
C CYS C 36 -28.70 -95.53 -24.49
N PRO C 37 -29.49 -95.66 -23.41
CA PRO C 37 -30.33 -94.57 -22.90
C PRO C 37 -29.60 -93.58 -21.99
N LEU C 38 -28.47 -93.96 -21.40
CA LEU C 38 -27.62 -93.08 -20.59
C LEU C 38 -26.72 -92.20 -21.47
N LEU C 39 -26.33 -92.70 -22.63
CA LEU C 39 -25.64 -91.99 -23.69
C LEU C 39 -26.67 -91.44 -24.68
N GLY C 40 -26.59 -90.16 -25.01
CA GLY C 40 -27.37 -89.60 -26.11
C GLY C 40 -26.90 -90.14 -27.47
N PRO C 41 -27.68 -89.94 -28.55
CA PRO C 41 -27.32 -90.36 -29.91
C PRO C 41 -25.99 -89.75 -30.41
N ASN C 42 -25.51 -88.72 -29.71
CA ASN C 42 -24.29 -88.00 -30.00
C ASN C 42 -23.06 -88.45 -29.17
N GLY C 43 -23.18 -89.51 -28.36
CA GLY C 43 -22.12 -90.01 -27.47
C GLY C 43 -21.95 -89.25 -26.13
N GLY C 44 -22.54 -88.06 -26.02
CA GLY C 44 -22.58 -87.30 -24.77
C GLY C 44 -23.65 -87.81 -23.82
N SER C 45 -23.45 -87.60 -22.52
CA SER C 45 -24.36 -88.01 -21.45
C SER C 45 -25.77 -87.42 -21.63
N ALA C 46 -26.81 -88.23 -21.39
CA ALA C 46 -28.20 -87.84 -21.61
C ALA C 46 -28.64 -86.61 -20.77
N ASN C 47 -28.10 -86.45 -19.56
CA ASN C 47 -28.37 -85.28 -18.70
C ASN C 47 -27.81 -83.99 -19.31
N LEU C 48 -26.56 -84.03 -19.78
CA LEU C 48 -25.91 -82.89 -20.46
C LEU C 48 -26.65 -82.53 -21.75
N ASN C 49 -27.14 -83.51 -22.51
CA ASN C 49 -27.97 -83.24 -23.69
C ASN C 49 -29.32 -82.58 -23.34
N ARG C 50 -29.97 -82.95 -22.22
CA ARG C 50 -31.19 -82.24 -21.79
C ARG C 50 -30.91 -80.80 -21.38
N GLU C 51 -29.83 -80.58 -20.64
CA GLU C 51 -29.42 -79.23 -20.23
C GLU C 51 -29.07 -78.37 -21.45
N LEU C 52 -28.41 -78.94 -22.45
CA LEU C 52 -28.14 -78.29 -23.75
C LEU C 52 -29.45 -77.89 -24.46
N GLU C 53 -30.45 -78.77 -24.50
CA GLU C 53 -31.74 -78.48 -25.15
C GLU C 53 -32.57 -77.43 -24.39
N GLU C 54 -32.51 -77.41 -23.06
CA GLU C 54 -33.15 -76.35 -22.27
C GLU C 54 -32.47 -74.99 -22.48
N THR C 55 -31.14 -74.96 -22.43
CA THR C 55 -30.37 -73.72 -22.68
C THR C 55 -30.55 -73.22 -24.11
N ARG C 56 -30.65 -74.11 -25.11
CA ARG C 56 -31.01 -73.74 -26.49
C ARG C 56 -32.39 -73.12 -26.57
N ARG C 57 -33.41 -73.70 -25.93
CA ARG C 57 -34.78 -73.15 -25.92
C ARG C 57 -34.83 -71.74 -25.32
N GLU C 58 -34.13 -71.52 -24.22
CA GLU C 58 -34.06 -70.20 -23.59
C GLU C 58 -33.38 -69.17 -24.50
N LEU C 59 -32.24 -69.52 -25.10
CA LEU C 59 -31.59 -68.68 -26.10
C LEU C 59 -32.55 -68.35 -27.26
N LEU C 60 -33.29 -69.33 -27.76
CA LEU C 60 -34.22 -69.15 -28.89
C LEU C 60 -35.35 -68.18 -28.55
N LEU C 61 -35.84 -68.20 -27.30
CA LEU C 61 -36.83 -67.25 -26.80
C LEU C 61 -36.29 -65.83 -26.75
N GLN C 62 -35.08 -65.63 -26.19
CA GLN C 62 -34.44 -64.32 -26.12
C GLN C 62 -34.09 -63.79 -27.51
N ARG C 63 -33.61 -64.67 -28.40
CA ARG C 63 -33.31 -64.33 -29.79
C ARG C 63 -34.57 -63.92 -30.55
N LYS C 64 -35.71 -64.58 -30.33
CA LYS C 64 -37.00 -64.18 -30.93
C LYS C 64 -37.45 -62.79 -30.49
N MET C 65 -37.28 -62.47 -29.20
CA MET C 65 -37.56 -61.13 -28.65
C MET C 65 -36.65 -60.07 -29.27
N TRP C 66 -35.35 -60.34 -29.35
CA TRP C 66 -34.37 -59.46 -30.00
C TRP C 66 -34.70 -59.24 -31.48
N MET C 67 -34.97 -60.32 -32.22
CA MET C 67 -35.24 -60.29 -33.66
C MET C 67 -36.48 -59.45 -34.00
N ARG C 68 -37.53 -59.47 -33.15
CA ARG C 68 -38.72 -58.63 -33.38
C ARG C 68 -38.36 -57.14 -33.38
N SER C 69 -37.52 -56.71 -32.45
CA SER C 69 -37.06 -55.32 -32.37
C SER C 69 -36.05 -55.01 -33.48
N GLU C 70 -35.14 -55.94 -33.76
CA GLU C 70 -34.12 -55.83 -34.81
C GLU C 70 -34.75 -55.64 -36.20
N VAL C 71 -35.77 -56.44 -36.54
CA VAL C 71 -36.50 -56.34 -37.81
C VAL C 71 -37.10 -54.95 -37.99
N ILE C 72 -37.73 -54.40 -36.94
CA ILE C 72 -38.32 -53.06 -36.98
C ILE C 72 -37.23 -51.99 -37.15
N TYR C 73 -36.14 -52.08 -36.38
CA TYR C 73 -35.02 -51.14 -36.48
C TYR C 73 -34.41 -51.14 -37.88
N GLN C 74 -34.16 -52.33 -38.44
CA GLN C 74 -33.56 -52.49 -39.76
C GLN C 74 -34.52 -52.04 -40.86
N LEU C 75 -35.83 -52.26 -40.73
CA LEU C 75 -36.84 -51.70 -41.64
C LEU C 75 -36.87 -50.17 -41.63
N VAL C 76 -36.72 -49.54 -40.45
CA VAL C 76 -36.65 -48.08 -40.33
C VAL C 76 -35.38 -47.55 -41.00
N GLN C 77 -34.24 -48.22 -40.82
CA GLN C 77 -32.98 -47.92 -41.50
C GLN C 77 -33.11 -48.03 -43.03
N GLU C 78 -33.65 -49.14 -43.52
CA GLU C 78 -33.89 -49.41 -44.94
C GLU C 78 -34.86 -48.37 -45.55
N MET C 79 -35.96 -48.05 -44.85
CA MET C 79 -36.90 -47.00 -45.26
C MET C 79 -36.23 -45.62 -45.35
N LEU C 80 -35.42 -45.26 -44.35
CA LEU C 80 -34.70 -43.99 -44.35
C LEU C 80 -33.73 -43.93 -45.52
N LEU C 81 -33.04 -45.03 -45.84
CA LEU C 81 -32.14 -45.12 -46.98
C LEU C 81 -32.88 -44.97 -48.32
N ASP C 82 -34.01 -45.65 -48.49
CA ASP C 82 -34.83 -45.60 -49.70
C ASP C 82 -35.41 -44.20 -49.93
N LEU C 83 -35.97 -43.57 -48.87
CA LEU C 83 -36.45 -42.20 -48.93
C LEU C 83 -35.31 -41.20 -49.21
N GLN C 84 -34.12 -41.45 -48.68
CA GLN C 84 -32.97 -40.58 -48.87
C GLN C 84 -32.42 -40.66 -50.31
N VAL C 85 -32.44 -41.86 -50.91
CA VAL C 85 -32.10 -42.05 -52.33
C VAL C 85 -33.13 -41.39 -53.25
N ARG C 86 -34.43 -41.57 -52.98
CA ARG C 86 -35.49 -40.88 -53.73
C ARG C 86 -35.43 -39.35 -53.55
N LYS C 87 -34.93 -38.84 -52.40
CA LYS C 87 -34.74 -37.39 -52.17
C LYS C 87 -33.64 -36.82 -53.08
N LEU C 88 -32.57 -37.58 -53.29
CA LEU C 88 -31.50 -37.25 -54.24
C LEU C 88 -31.95 -37.32 -55.70
N GLU C 89 -32.91 -38.20 -56.02
CA GLU C 89 -33.57 -38.25 -57.34
C GLU C 89 -34.53 -37.10 -57.61
N GLY C 90 -34.91 -36.33 -56.60
CA GLY C 90 -35.97 -35.33 -56.71
C GLY C 90 -37.37 -35.93 -56.85
N SER C 91 -37.55 -37.22 -56.49
CA SER C 91 -38.81 -37.96 -56.65
C SER C 91 -39.66 -38.04 -55.36
N LEU C 92 -39.24 -37.37 -54.29
CA LEU C 92 -40.05 -37.23 -53.06
C LEU C 92 -41.04 -36.08 -53.16
N THR C 93 -42.26 -36.33 -52.70
CA THR C 93 -43.21 -35.26 -52.36
C THR C 93 -42.74 -34.46 -51.15
N GLU C 94 -43.18 -33.20 -51.05
CA GLU C 94 -42.88 -32.32 -49.90
C GLU C 94 -43.22 -32.98 -48.55
N GLU C 95 -44.32 -33.73 -48.52
CA GLU C 95 -44.79 -34.47 -47.36
C GLU C 95 -43.89 -35.65 -46.99
N GLU C 96 -43.48 -36.47 -47.96
CA GLU C 96 -42.50 -37.53 -47.71
C GLU C 96 -41.18 -36.93 -47.24
N ARG C 97 -40.81 -35.73 -47.72
CA ARG C 97 -39.54 -35.08 -47.35
C ARG C 97 -39.58 -34.64 -45.89
N LYS C 98 -40.69 -34.02 -45.47
CA LYS C 98 -40.95 -33.70 -44.05
C LYS C 98 -40.97 -34.94 -43.17
N PHE C 99 -41.54 -36.04 -43.67
CA PHE C 99 -41.55 -37.32 -42.95
C PHE C 99 -40.15 -37.92 -42.82
N GLN C 100 -39.38 -37.98 -43.90
CA GLN C 100 -38.01 -38.49 -43.91
C GLN C 100 -37.10 -37.67 -42.99
N ASP C 101 -37.13 -36.34 -43.08
CA ASP C 101 -36.32 -35.48 -42.23
C ASP C 101 -36.79 -35.57 -40.76
N GLY C 102 -38.10 -35.59 -40.49
CA GLY C 102 -38.62 -35.76 -39.13
C GLY C 102 -38.29 -37.11 -38.50
N LEU C 103 -38.42 -38.21 -39.24
CA LEU C 103 -38.09 -39.56 -38.78
C LEU C 103 -36.58 -39.72 -38.54
N GLN C 104 -35.75 -39.23 -39.48
CA GLN C 104 -34.31 -39.26 -39.36
C GLN C 104 -33.84 -38.48 -38.12
N GLN C 105 -34.41 -37.30 -37.87
CA GLN C 105 -34.10 -36.47 -36.72
C GLN C 105 -34.51 -37.16 -35.40
N CYS C 106 -35.72 -37.72 -35.33
CA CYS C 106 -36.19 -38.46 -34.14
C CYS C 106 -35.28 -39.65 -33.80
N MET C 107 -34.89 -40.44 -34.81
CA MET C 107 -33.97 -41.57 -34.65
C MET C 107 -32.57 -41.11 -34.22
N LEU C 108 -32.01 -40.08 -34.87
CA LEU C 108 -30.69 -39.55 -34.52
C LEU C 108 -30.65 -38.98 -33.10
N VAL C 109 -31.67 -38.23 -32.69
CA VAL C 109 -31.73 -37.69 -31.33
C VAL C 109 -31.82 -38.82 -30.31
N SER C 110 -32.63 -39.86 -30.55
CA SER C 110 -32.77 -40.98 -29.63
C SER C 110 -31.48 -41.83 -29.55
N GLU C 111 -30.84 -42.12 -30.69
CA GLU C 111 -29.52 -42.78 -30.73
C GLU C 111 -28.46 -41.97 -29.98
N CYS C 112 -28.31 -40.67 -30.26
CA CYS C 112 -27.34 -39.81 -29.58
C CYS C 112 -27.67 -39.64 -28.08
N SER C 113 -28.95 -39.59 -27.70
CA SER C 113 -29.36 -39.52 -26.29
C SER C 113 -28.87 -40.71 -25.49
N ARG C 114 -28.88 -41.90 -26.11
CA ARG C 114 -28.37 -43.15 -25.53
C ARG C 114 -26.85 -43.22 -25.46
N LEU C 115 -26.13 -42.47 -26.31
CA LEU C 115 -24.67 -42.38 -26.23
C LEU C 115 -24.21 -41.50 -25.07
N LEU C 116 -25.02 -40.52 -24.65
CA LEU C 116 -24.75 -39.64 -23.51
C LEU C 116 -25.20 -40.25 -22.18
N THR C 117 -26.36 -40.90 -22.16
CA THR C 117 -26.96 -41.41 -20.93
C THR C 117 -26.20 -42.63 -20.39
N ALA C 118 -25.39 -42.40 -19.36
CA ALA C 118 -25.15 -43.43 -18.36
C ALA C 118 -26.35 -43.43 -17.39
N ASP C 119 -27.52 -43.92 -17.84
CA ASP C 119 -28.81 -43.84 -17.11
C ASP C 119 -28.71 -44.23 -15.62
N SER C 120 -27.81 -45.16 -15.26
CA SER C 120 -27.70 -45.67 -13.89
C SER C 120 -26.68 -44.96 -13.01
N VAL C 121 -25.90 -44.00 -13.52
CA VAL C 121 -24.93 -43.28 -12.70
C VAL C 121 -25.61 -42.02 -12.14
N PRO C 122 -25.58 -41.79 -10.82
CA PRO C 122 -26.15 -40.59 -10.25
C PRO C 122 -25.56 -39.34 -10.93
N PRO C 123 -26.39 -38.31 -11.19
CA PRO C 123 -26.05 -37.20 -12.08
C PRO C 123 -24.88 -36.31 -11.61
N SER C 124 -24.49 -36.38 -10.33
CA SER C 124 -23.47 -35.48 -9.77
C SER C 124 -22.05 -35.77 -10.28
N ASP C 125 -21.74 -37.04 -10.61
CA ASP C 125 -20.35 -37.49 -10.81
C ASP C 125 -20.05 -37.89 -12.26
N SER C 126 -21.05 -37.95 -13.14
CA SER C 126 -20.82 -38.38 -14.52
C SER C 126 -20.44 -37.19 -15.41
N THR C 127 -19.14 -37.10 -15.74
CA THR C 127 -18.70 -36.28 -16.87
C THR C 127 -19.39 -36.74 -18.13
N SER C 128 -20.18 -35.89 -18.76
CA SER C 128 -20.74 -36.19 -20.07
C SER C 128 -19.80 -35.76 -21.19
N ILE C 129 -19.87 -36.46 -22.31
CA ILE C 129 -19.11 -36.17 -23.52
C ILE C 129 -19.53 -34.83 -24.09
N LEU C 130 -18.54 -34.00 -24.42
CA LEU C 130 -18.76 -32.61 -24.86
C LEU C 130 -19.52 -31.76 -23.83
N GLY C 131 -19.71 -32.27 -22.61
CA GLY C 131 -20.52 -31.66 -21.56
C GLY C 131 -22.01 -31.64 -21.90
N LEU C 132 -22.49 -32.51 -22.79
CA LEU C 132 -23.88 -32.52 -23.25
C LEU C 132 -24.78 -33.39 -22.39
N ASP C 133 -25.95 -32.89 -22.04
CA ASP C 133 -26.97 -33.69 -21.35
C ASP C 133 -28.08 -34.11 -22.33
N LYS C 134 -28.93 -35.05 -21.89
CA LYS C 134 -30.09 -35.50 -22.69
C LYS C 134 -31.02 -34.34 -23.08
N GLN C 135 -31.10 -33.33 -22.21
CA GLN C 135 -31.87 -32.11 -22.44
C GLN C 135 -31.34 -31.28 -23.63
N ASP C 136 -30.01 -31.21 -23.80
CA ASP C 136 -29.37 -30.45 -24.89
C ASP C 136 -29.68 -31.05 -26.28
N LEU C 137 -29.91 -32.36 -26.33
CA LEU C 137 -30.32 -33.07 -27.55
C LEU C 137 -31.84 -32.99 -27.80
N LEU C 138 -32.67 -32.95 -26.75
CA LEU C 138 -34.13 -32.83 -26.88
C LEU C 138 -34.53 -31.53 -27.57
N ASP C 139 -33.74 -30.47 -27.44
CA ASP C 139 -33.92 -29.20 -28.15
C ASP C 139 -33.71 -29.29 -29.68
N LEU C 140 -32.98 -30.30 -30.15
CA LEU C 140 -32.74 -30.56 -31.57
C LEU C 140 -33.82 -31.45 -32.21
N LEU C 141 -34.78 -31.90 -31.39
CA LEU C 141 -35.90 -32.71 -31.83
C LEU C 141 -36.90 -31.82 -32.61
N PRO C 142 -37.61 -32.35 -33.62
CA PRO C 142 -38.61 -31.57 -34.34
C PRO C 142 -39.71 -31.05 -33.40
N PRO C 143 -40.49 -30.04 -33.82
CA PRO C 143 -41.64 -29.57 -33.06
C PRO C 143 -42.56 -30.73 -32.68
N ASN C 144 -43.10 -30.74 -31.47
CA ASN C 144 -43.87 -31.88 -30.92
C ASN C 144 -45.04 -32.34 -31.83
N MET C 145 -45.68 -31.39 -32.53
CA MET C 145 -46.71 -31.68 -33.56
C MET C 145 -46.18 -32.54 -34.72
N LEU C 146 -44.95 -32.26 -35.16
CA LEU C 146 -44.27 -32.98 -36.25
C LEU C 146 -43.86 -34.38 -35.78
N VAL C 147 -43.42 -34.53 -34.53
CA VAL C 147 -43.09 -35.82 -33.92
C VAL C 147 -44.31 -36.73 -33.86
N LEU C 148 -45.43 -36.24 -33.34
CA LEU C 148 -46.69 -37.00 -33.29
C LEU C 148 -47.16 -37.42 -34.68
N TRP C 149 -47.09 -36.51 -35.66
CA TRP C 149 -47.45 -36.80 -37.05
C TRP C 149 -46.52 -37.84 -37.69
N VAL C 150 -45.21 -37.76 -37.45
CA VAL C 150 -44.25 -38.78 -37.92
C VAL C 150 -44.60 -40.14 -37.31
N ARG C 151 -44.88 -40.22 -36.00
CA ARG C 151 -45.22 -41.48 -35.34
C ARG C 151 -46.51 -42.12 -35.87
N ASP C 152 -47.53 -41.30 -36.15
CA ASP C 152 -48.81 -41.78 -36.70
C ASP C 152 -48.67 -42.26 -38.15
N ARG C 153 -47.95 -41.51 -38.99
CA ARG C 153 -47.67 -41.89 -40.39
C ARG C 153 -46.74 -43.09 -40.49
N LEU C 154 -45.83 -43.27 -39.53
CA LEU C 154 -44.88 -44.37 -39.48
C LEU C 154 -45.57 -45.73 -39.44
N GLN C 155 -46.62 -45.89 -38.63
CA GLN C 155 -47.29 -47.18 -38.44
C GLN C 155 -47.77 -47.79 -39.77
N LYS C 156 -48.38 -46.97 -40.65
CA LYS C 156 -48.77 -47.40 -42.01
C LYS C 156 -47.56 -47.76 -42.87
N GLN C 157 -46.52 -46.93 -42.88
CA GLN C 157 -45.33 -47.21 -43.68
C GLN C 157 -44.60 -48.46 -43.21
N LEU C 158 -44.60 -48.74 -41.91
CA LEU C 158 -43.96 -49.92 -41.32
C LEU C 158 -44.70 -51.20 -41.73
N GLU C 159 -46.04 -51.20 -41.77
CA GLU C 159 -46.82 -52.34 -42.29
C GLU C 159 -46.60 -52.57 -43.78
N GLU C 160 -46.54 -51.50 -44.58
CA GLU C 160 -46.27 -51.57 -46.01
C GLU C 160 -44.86 -52.13 -46.28
N ALA C 161 -43.88 -51.68 -45.50
CA ALA C 161 -42.49 -52.13 -45.60
C ALA C 161 -42.31 -53.57 -45.10
N LEU C 162 -43.03 -53.99 -44.04
CA LEU C 162 -43.12 -55.39 -43.60
C LEU C 162 -43.70 -56.30 -44.69
N LYS C 163 -44.80 -55.88 -45.35
CA LYS C 163 -45.38 -56.61 -46.49
C LYS C 163 -44.37 -56.73 -47.64
N LYS C 164 -43.70 -55.62 -47.99
CA LYS C 164 -42.69 -55.58 -49.06
C LYS C 164 -41.53 -56.52 -48.74
N LYS C 165 -40.96 -56.48 -47.53
CA LYS C 165 -39.84 -57.34 -47.11
C LYS C 165 -40.21 -58.83 -47.08
N CYS C 166 -41.41 -59.17 -46.58
CA CYS C 166 -41.96 -60.52 -46.68
C CYS C 166 -42.08 -61.00 -48.13
N PHE C 167 -42.55 -60.13 -49.03
CA PHE C 167 -42.70 -60.45 -50.44
C PHE C 167 -41.35 -60.63 -51.12
N THR C 168 -40.32 -59.86 -50.74
CA THR C 168 -38.94 -60.04 -51.22
C THR C 168 -38.39 -61.39 -50.77
N PHE C 169 -38.53 -61.73 -49.48
CA PHE C 169 -38.11 -63.03 -48.91
C PHE C 169 -38.73 -64.19 -49.68
N LEU C 170 -40.07 -64.20 -49.80
CA LEU C 170 -40.79 -65.23 -50.55
C LEU C 170 -40.30 -65.31 -52.00
N SER C 171 -40.12 -64.16 -52.64
CA SER C 171 -39.76 -64.12 -54.05
C SER C 171 -38.31 -64.52 -54.34
N PHE C 172 -37.44 -64.55 -53.33
CA PHE C 172 -36.08 -65.06 -53.47
C PHE C 172 -36.04 -66.58 -53.24
N HIS C 173 -36.78 -67.07 -52.24
CA HIS C 173 -36.95 -68.51 -52.00
C HIS C 173 -37.69 -69.19 -53.17
N GLN C 174 -38.83 -68.64 -53.56
CA GLN C 174 -39.73 -69.10 -54.63
C GLN C 174 -39.93 -68.02 -55.69
N PRO C 175 -38.96 -67.82 -56.61
CA PRO C 175 -39.05 -66.78 -57.64
C PRO C 175 -40.24 -66.92 -58.60
N GLU C 176 -40.86 -68.09 -58.68
CA GLU C 176 -42.07 -68.33 -59.47
C GLU C 176 -43.29 -67.58 -58.91
N THR C 177 -43.25 -67.16 -57.64
CA THR C 177 -44.32 -66.39 -56.99
C THR C 177 -44.41 -64.93 -57.43
N ASP C 178 -43.43 -64.43 -58.20
CA ASP C 178 -43.50 -63.06 -58.74
C ASP C 178 -44.64 -62.88 -59.75
N GLU C 179 -45.02 -63.93 -60.46
CA GLU C 179 -46.14 -63.92 -61.42
C GLU C 179 -47.51 -64.08 -60.74
N GLU C 180 -47.54 -64.32 -59.42
CA GLU C 180 -48.76 -64.54 -58.65
C GLU C 180 -49.32 -63.24 -58.05
N GLY C 181 -50.65 -63.17 -57.90
CA GLY C 181 -51.31 -62.02 -57.28
C GLY C 181 -51.01 -61.88 -55.77
N ASP C 182 -51.09 -60.65 -55.26
CA ASP C 182 -50.78 -60.27 -53.86
C ASP C 182 -51.44 -61.15 -52.79
N VAL C 183 -52.69 -61.59 -53.02
CA VAL C 183 -53.43 -62.44 -52.06
C VAL C 183 -52.79 -63.83 -51.95
N LEU C 184 -52.37 -64.41 -53.07
CA LEU C 184 -51.68 -65.71 -53.10
C LEU C 184 -50.29 -65.60 -52.48
N ARG C 185 -49.56 -64.53 -52.80
CA ARG C 185 -48.25 -64.23 -52.19
C ARG C 185 -48.36 -64.09 -50.67
N ALA C 186 -49.37 -63.38 -50.17
CA ALA C 186 -49.61 -63.25 -48.73
C ALA C 186 -49.89 -64.61 -48.05
N ALA C 187 -50.66 -65.49 -48.70
CA ALA C 187 -50.91 -66.85 -48.19
C ALA C 187 -49.64 -67.71 -48.16
N LYS C 188 -48.76 -67.59 -49.16
CA LYS C 188 -47.47 -68.31 -49.20
C LYS C 188 -46.46 -67.76 -48.20
N VAL C 189 -46.41 -66.44 -47.98
CA VAL C 189 -45.59 -65.82 -46.92
C VAL C 189 -45.93 -66.43 -45.55
N LEU C 190 -47.22 -66.62 -45.25
CA LEU C 190 -47.68 -67.24 -43.99
C LEU C 190 -47.19 -68.69 -43.78
N ARG C 191 -46.67 -69.35 -44.81
CA ARG C 191 -46.05 -70.69 -44.73
C ARG C 191 -44.54 -70.69 -44.98
N LEU C 192 -43.93 -69.55 -45.28
CA LEU C 192 -42.52 -69.47 -45.64
C LEU C 192 -41.61 -70.04 -44.54
N ALA C 193 -41.77 -69.59 -43.29
CA ALA C 193 -40.97 -70.08 -42.16
C ALA C 193 -41.08 -71.59 -41.99
N SER C 194 -42.30 -72.16 -42.01
CA SER C 194 -42.49 -73.61 -41.93
C SER C 194 -41.86 -74.36 -43.10
N THR C 195 -41.86 -73.76 -44.31
CA THR C 195 -41.26 -74.40 -45.50
C THR C 195 -39.74 -74.47 -45.38
N LEU C 196 -39.11 -73.39 -44.88
CA LEU C 196 -37.67 -73.36 -44.60
C LEU C 196 -37.29 -74.34 -43.49
N GLU C 197 -38.14 -74.46 -42.47
CA GLU C 197 -37.91 -75.37 -41.35
C GLU C 197 -38.08 -76.85 -41.75
N ASP C 198 -39.00 -77.15 -42.67
CA ASP C 198 -39.16 -78.46 -43.29
C ASP C 198 -37.98 -78.80 -44.23
N GLU C 199 -37.50 -77.84 -45.03
CA GLU C 199 -36.29 -78.01 -45.87
C GLU C 199 -35.06 -78.31 -45.00
N LYS C 200 -34.88 -77.59 -43.89
CA LYS C 200 -33.79 -77.84 -42.93
C LYS C 200 -33.91 -79.22 -42.25
N ARG C 201 -35.13 -79.65 -41.93
CA ARG C 201 -35.38 -80.99 -41.36
C ARG C 201 -35.13 -82.09 -42.39
N ARG C 202 -35.49 -81.85 -43.65
CA ARG C 202 -35.20 -82.74 -44.78
C ARG C 202 -33.69 -82.88 -44.99
N LEU C 203 -32.92 -81.80 -44.88
CA LEU C 203 -31.45 -81.85 -44.90
C LEU C 203 -30.88 -82.74 -43.79
N GLN C 204 -31.35 -82.57 -42.55
CA GLN C 204 -30.91 -83.42 -41.42
C GLN C 204 -31.24 -84.90 -41.64
N ASN C 205 -32.45 -85.21 -42.11
CA ASN C 205 -32.85 -86.58 -42.39
C ASN C 205 -32.00 -87.21 -43.51
N GLU C 206 -31.72 -86.46 -44.58
CA GLU C 206 -30.86 -86.97 -45.65
C GLU C 206 -29.40 -87.12 -45.20
N GLN C 207 -28.89 -86.28 -44.30
CA GLN C 207 -27.58 -86.48 -43.69
C GLN C 207 -27.53 -87.74 -42.79
N GLU C 208 -28.60 -88.04 -42.04
CA GLU C 208 -28.70 -89.28 -41.28
C GLU C 208 -28.78 -90.51 -42.21
N LYS C 209 -29.60 -90.44 -43.27
CA LYS C 209 -29.70 -91.49 -44.29
C LYS C 209 -28.33 -91.72 -44.97
N HIS C 210 -27.59 -90.66 -45.24
CA HIS C 210 -26.23 -90.74 -45.78
C HIS C 210 -25.30 -91.53 -44.86
N GLN C 211 -25.28 -91.22 -43.56
CA GLN C 211 -24.45 -91.95 -42.60
C GLN C 211 -24.84 -93.43 -42.50
N GLU C 212 -26.14 -93.72 -42.51
CA GLU C 212 -26.64 -95.09 -42.39
C GLU C 212 -26.29 -95.93 -43.64
N MET C 213 -26.46 -95.37 -44.84
CA MET C 213 -26.04 -96.00 -46.09
C MET C 213 -24.52 -96.18 -46.15
N ARG C 214 -23.74 -95.20 -45.69
CA ARG C 214 -22.27 -95.30 -45.66
C ARG C 214 -21.80 -96.41 -44.74
N ALA C 215 -22.41 -96.57 -43.56
CA ALA C 215 -22.11 -97.68 -42.65
C ALA C 215 -22.46 -99.05 -43.26
N LEU C 216 -23.59 -99.15 -43.98
CA LEU C 216 -23.97 -100.36 -44.69
C LEU C 216 -23.03 -100.69 -45.86
N LEU C 217 -22.58 -99.68 -46.60
CA LEU C 217 -21.62 -99.84 -47.70
C LEU C 217 -20.29 -100.37 -47.17
N GLU C 218 -19.79 -99.80 -46.09
CA GLU C 218 -18.51 -100.18 -45.48
C GLU C 218 -18.53 -101.64 -44.98
N LYS C 219 -19.66 -102.07 -44.41
CA LYS C 219 -19.87 -103.47 -44.00
C LYS C 219 -19.85 -104.44 -45.18
N GLN C 220 -20.45 -104.06 -46.30
CA GLN C 220 -20.42 -104.88 -47.51
C GLN C 220 -19.03 -104.91 -48.15
N GLN C 221 -18.31 -103.78 -48.12
CA GLN C 221 -16.92 -103.70 -48.57
C GLN C 221 -15.99 -104.57 -47.72
N GLU C 222 -16.26 -104.76 -46.42
CA GLU C 222 -15.50 -105.70 -45.58
C GLU C 222 -15.79 -107.18 -45.93
N ILE C 223 -17.05 -107.53 -46.22
CA ILE C 223 -17.46 -108.93 -46.47
C ILE C 223 -17.03 -109.40 -47.87
N TYR C 224 -17.16 -108.56 -48.90
CA TYR C 224 -16.97 -108.95 -50.30
C TYR C 224 -15.58 -109.55 -50.62
N PRO C 225 -14.44 -108.98 -50.18
CA PRO C 225 -13.12 -109.56 -50.40
C PRO C 225 -12.96 -110.96 -49.78
N HIS C 226 -13.60 -111.23 -48.64
CA HIS C 226 -13.55 -112.53 -47.98
C HIS C 226 -14.31 -113.60 -48.77
N VAL C 227 -15.46 -113.26 -49.36
CA VAL C 227 -16.19 -114.18 -50.24
C VAL C 227 -15.35 -114.52 -51.49
N LEU C 228 -14.72 -113.52 -52.12
CA LEU C 228 -13.83 -113.73 -53.27
C LEU C 228 -12.63 -114.63 -52.91
N LEU C 229 -12.01 -114.41 -51.75
CA LEU C 229 -10.91 -115.24 -51.25
C LEU C 229 -11.31 -116.71 -51.03
N ARG C 230 -12.53 -116.97 -50.52
CA ARG C 230 -13.05 -118.33 -50.36
C ARG C 230 -13.28 -119.01 -51.71
N CYS C 231 -13.85 -118.30 -52.69
CA CYS C 231 -14.01 -118.81 -54.05
C CYS C 231 -12.66 -119.12 -54.73
N LEU C 232 -11.68 -118.21 -54.59
CA LEU C 232 -10.30 -118.43 -55.07
C LEU C 232 -9.66 -119.65 -54.41
N SER C 233 -9.87 -119.85 -53.10
CA SER C 233 -9.38 -121.03 -52.39
C SER C 233 -9.95 -122.34 -52.96
N LEU C 234 -11.26 -122.38 -53.22
CA LEU C 234 -11.92 -123.56 -53.79
C LEU C 234 -11.41 -123.86 -55.22
N LEU C 235 -11.25 -122.82 -56.05
CA LEU C 235 -10.68 -122.97 -57.39
C LEU C 235 -9.22 -123.44 -57.36
N ARG C 236 -8.41 -122.92 -56.42
CA ARG C 236 -7.02 -123.38 -56.24
C ARG C 236 -6.95 -124.84 -55.81
N GLN C 237 -7.86 -125.29 -54.96
CA GLN C 237 -7.94 -126.68 -54.56
C GLN C 237 -8.29 -127.58 -55.76
N ALA C 238 -9.30 -127.18 -56.55
CA ALA C 238 -9.66 -127.89 -57.78
C ALA C 238 -8.49 -127.96 -58.79
N ALA C 239 -7.76 -126.87 -58.96
CA ALA C 239 -6.61 -126.81 -59.86
C ALA C 239 -5.41 -127.65 -59.36
N SER C 240 -5.02 -127.50 -58.09
CA SER C 240 -3.78 -128.09 -57.58
C SER C 240 -3.96 -129.54 -57.10
N GLU C 241 -5.04 -129.86 -56.37
CA GLU C 241 -5.22 -131.19 -55.79
C GLU C 241 -5.91 -132.14 -56.76
N LEU C 242 -6.93 -131.67 -57.48
CA LEU C 242 -7.67 -132.50 -58.42
C LEU C 242 -6.98 -132.57 -59.78
N ARG C 243 -6.85 -131.45 -60.50
CA ARG C 243 -6.34 -131.47 -61.88
C ARG C 243 -4.85 -131.83 -61.99
N LEU C 244 -3.96 -131.01 -61.41
CA LEU C 244 -2.50 -131.19 -61.53
C LEU C 244 -1.95 -132.45 -60.87
N ARG C 245 -2.69 -133.03 -59.92
CA ARG C 245 -2.19 -134.15 -59.09
C ARG C 245 -3.05 -135.39 -59.26
N ALA C 246 -4.26 -135.40 -58.71
CA ALA C 246 -5.06 -136.62 -58.66
C ALA C 246 -5.48 -137.13 -60.04
N GLN C 247 -5.96 -136.25 -60.92
CA GLN C 247 -6.39 -136.59 -62.28
C GLN C 247 -5.20 -136.91 -63.19
N SER C 248 -4.14 -136.11 -63.13
CA SER C 248 -2.88 -136.37 -63.85
C SER C 248 -2.31 -137.77 -63.56
N ASP C 249 -2.29 -138.20 -62.28
CA ASP C 249 -1.84 -139.55 -61.91
C ASP C 249 -2.78 -140.66 -62.45
N ILE C 250 -4.10 -140.43 -62.44
CA ILE C 250 -5.10 -141.36 -63.00
C ILE C 250 -4.86 -141.55 -64.50
N ASP C 251 -4.65 -140.45 -65.23
CA ASP C 251 -4.48 -140.47 -66.69
C ASP C 251 -3.16 -141.15 -67.09
N ARG C 252 -2.07 -140.92 -66.36
CA ARG C 252 -0.80 -141.65 -66.56
C ARG C 252 -0.98 -143.17 -66.41
N ILE C 253 -1.59 -143.62 -65.32
CA ILE C 253 -1.75 -145.07 -65.07
C ILE C 253 -2.72 -145.70 -66.07
N ASN C 254 -3.76 -144.98 -66.48
CA ASN C 254 -4.68 -145.43 -67.52
C ASN C 254 -3.97 -145.64 -68.86
N ALA C 255 -3.06 -144.75 -69.26
CA ALA C 255 -2.27 -144.89 -70.48
C ALA C 255 -1.36 -146.13 -70.42
N GLU C 256 -0.63 -146.33 -69.31
CA GLU C 256 0.25 -147.49 -69.12
C GLU C 256 -0.52 -148.82 -69.13
N TYR C 257 -1.70 -148.87 -68.51
CA TYR C 257 -2.53 -150.07 -68.49
C TYR C 257 -3.01 -150.46 -69.89
N LEU C 258 -3.47 -149.50 -70.70
CA LEU C 258 -3.94 -149.75 -72.06
C LEU C 258 -2.79 -150.22 -72.98
N GLU C 259 -1.59 -149.64 -72.82
CA GLU C 259 -0.38 -150.08 -73.52
C GLU C 259 -0.01 -151.54 -73.18
N ALA C 260 0.01 -151.90 -71.89
CA ALA C 260 0.33 -153.26 -71.47
C ALA C 260 -0.69 -154.30 -71.98
N LYS C 261 -1.98 -153.94 -72.00
CA LYS C 261 -3.04 -154.81 -72.51
C LYS C 261 -2.94 -155.01 -74.03
N SER C 262 -2.60 -153.96 -74.78
CA SER C 262 -2.38 -154.04 -76.23
C SER C 262 -1.24 -155.00 -76.57
N ASN C 263 -0.09 -154.83 -75.91
CA ASN C 263 1.09 -155.67 -76.11
C ASN C 263 0.82 -157.15 -75.75
N ALA C 264 0.12 -157.41 -74.64
CA ALA C 264 -0.21 -158.77 -74.21
C ALA C 264 -1.13 -159.49 -75.21
N LEU C 265 -2.12 -158.79 -75.78
CA LEU C 265 -3.02 -159.33 -76.80
C LEU C 265 -2.26 -159.70 -78.08
N PHE C 266 -1.37 -158.82 -78.54
CA PHE C 266 -0.56 -159.07 -79.73
C PHE C 266 0.40 -160.26 -79.57
N LEU C 267 1.12 -160.34 -78.44
CA LEU C 267 2.04 -161.46 -78.19
C LEU C 267 1.33 -162.81 -78.10
N LYS C 268 0.12 -162.84 -77.53
CA LYS C 268 -0.70 -164.05 -77.50
C LYS C 268 -1.06 -164.51 -78.91
N LEU C 269 -1.42 -163.57 -79.79
CA LEU C 269 -1.74 -163.86 -81.19
C LEU C 269 -0.52 -164.41 -81.95
N ARG C 270 0.64 -163.76 -81.80
CA ARG C 270 1.90 -164.19 -82.43
C ARG C 270 2.38 -165.57 -81.95
N MET C 271 2.19 -165.86 -80.68
CA MET C 271 2.54 -167.16 -80.09
C MET C 271 1.69 -168.28 -80.71
N GLU C 272 0.38 -168.10 -80.82
CA GLU C 272 -0.50 -169.12 -81.41
C GLU C 272 -0.20 -169.35 -82.90
N GLU C 273 0.13 -168.30 -83.66
CA GLU C 273 0.56 -168.45 -85.07
C GLU C 273 1.80 -169.35 -85.18
N LEU C 274 2.83 -169.08 -84.39
CA LEU C 274 4.08 -169.85 -84.44
C LEU C 274 3.88 -171.31 -84.02
N GLN C 275 2.97 -171.57 -83.07
CA GLN C 275 2.63 -172.92 -82.66
C GLN C 275 1.93 -173.71 -83.79
N VAL C 276 1.08 -173.04 -84.58
CA VAL C 276 0.46 -173.65 -85.76
C VAL C 276 1.50 -173.95 -86.84
N LEU C 277 2.49 -173.06 -87.03
CA LEU C 277 3.56 -173.26 -88.00
C LEU C 277 4.46 -174.46 -87.62
N THR C 278 4.80 -174.66 -86.34
CA THR C 278 5.53 -175.86 -85.89
C THR C 278 4.70 -177.13 -86.06
N ASP C 279 3.39 -177.09 -85.78
CA ASP C 279 2.48 -178.22 -86.03
C ASP C 279 2.34 -178.54 -87.53
N CYS C 280 2.51 -177.54 -88.40
CA CYS C 280 2.40 -177.67 -89.85
C CYS C 280 3.63 -178.32 -90.48
N TYR C 281 4.82 -177.84 -90.15
CA TYR C 281 6.08 -178.16 -90.85
C TYR C 281 7.00 -179.08 -90.04
N THR C 282 6.61 -180.34 -89.89
CA THR C 282 7.47 -181.39 -89.30
C THR C 282 8.63 -181.78 -90.25
N PRO C 283 9.76 -182.32 -89.74
CA PRO C 283 10.95 -182.61 -90.56
C PRO C 283 10.67 -183.49 -91.79
N GLU C 284 9.78 -184.48 -91.62
CA GLU C 284 9.35 -185.40 -92.69
C GLU C 284 8.61 -184.66 -93.81
N LYS C 285 7.72 -183.73 -93.44
CA LYS C 285 6.98 -182.90 -94.40
C LYS C 285 7.89 -181.89 -95.09
N VAL C 286 8.83 -181.29 -94.37
CA VAL C 286 9.82 -180.36 -94.95
C VAL C 286 10.65 -181.06 -96.03
N LEU C 287 11.03 -182.32 -95.82
CA LEU C 287 11.71 -183.15 -96.83
C LEU C 287 10.84 -183.36 -98.09
N VAL C 288 9.56 -183.67 -97.92
CA VAL C 288 8.62 -183.85 -99.03
C VAL C 288 8.39 -182.52 -99.76
N HIS C 289 8.20 -181.42 -99.03
CA HIS C 289 8.07 -180.08 -99.61
C HIS C 289 9.31 -179.69 -100.43
N ARG C 290 10.50 -180.13 -100.01
CA ARG C 290 11.74 -179.93 -100.75
C ARG C 290 11.77 -180.73 -102.05
N GLN C 291 11.37 -182.01 -102.03
CA GLN C 291 11.23 -182.80 -103.25
C GLN C 291 10.22 -182.19 -104.23
N ILE C 292 9.08 -181.73 -103.73
CA ILE C 292 8.05 -181.07 -104.55
C ILE C 292 8.60 -179.78 -105.16
N ARG C 293 9.27 -178.93 -104.37
CA ARG C 293 9.93 -177.71 -104.84
C ARG C 293 10.91 -178.01 -105.98
N ASP C 294 11.81 -178.98 -105.78
CA ASP C 294 12.88 -179.29 -106.75
C ASP C 294 12.28 -179.82 -108.07
N THR C 295 11.21 -180.61 -108.00
CA THR C 295 10.49 -181.12 -109.18
C THR C 295 9.77 -179.98 -109.94
N LEU C 296 9.18 -179.04 -109.21
CA LEU C 296 8.53 -177.85 -109.77
C LEU C 296 9.55 -176.88 -110.40
N GLU C 297 10.66 -176.59 -109.73
CA GLU C 297 11.73 -175.72 -110.26
C GLU C 297 12.36 -176.30 -111.53
N ALA C 298 12.60 -177.62 -111.57
CA ALA C 298 13.08 -178.30 -112.77
C ALA C 298 12.09 -178.17 -113.93
N GLY C 299 10.78 -178.29 -113.66
CA GLY C 299 9.72 -178.06 -114.62
C GLY C 299 9.68 -176.62 -115.15
N VAL C 300 9.76 -175.63 -114.25
CA VAL C 300 9.74 -174.19 -114.61
C VAL C 300 10.94 -173.85 -115.47
N LYS C 301 12.13 -174.39 -115.16
CA LYS C 301 13.35 -174.15 -115.93
C LYS C 301 13.27 -174.77 -117.33
N LYS C 302 12.82 -176.02 -117.44
CA LYS C 302 12.66 -176.71 -118.73
C LYS C 302 11.67 -175.97 -119.65
N GLU C 303 10.52 -175.57 -119.12
CA GLU C 303 9.50 -174.86 -119.91
C GLU C 303 9.92 -173.45 -120.33
N LYS C 304 10.63 -172.69 -119.47
CA LYS C 304 11.22 -171.41 -119.89
C LYS C 304 12.19 -171.56 -121.07
N GLN C 305 12.89 -172.70 -121.17
CA GLN C 305 13.86 -172.97 -122.23
C GLN C 305 13.19 -173.40 -123.55
N GLU C 306 12.16 -174.25 -123.50
CA GLU C 306 11.33 -174.61 -124.67
C GLU C 306 10.57 -173.38 -125.22
N LEU C 307 10.06 -172.51 -124.35
CA LEU C 307 9.40 -171.26 -124.74
C LEU C 307 10.35 -170.31 -125.48
N SER C 308 11.59 -170.17 -125.00
CA SER C 308 12.61 -169.29 -125.60
C SER C 308 13.05 -169.77 -126.99
N THR C 309 13.34 -171.08 -127.14
CA THR C 309 13.73 -171.67 -128.43
C THR C 309 12.62 -171.57 -129.46
N SER C 310 11.37 -171.85 -129.06
CA SER C 310 10.22 -171.73 -129.96
C SER C 310 10.02 -170.28 -130.45
N ARG C 311 10.22 -169.28 -129.58
CA ARG C 311 10.12 -167.85 -129.97
C ARG C 311 11.23 -167.40 -130.93
N GLN C 312 12.47 -167.91 -130.81
CA GLN C 312 13.56 -167.55 -131.74
C GLN C 312 13.34 -168.09 -133.15
N ILE C 313 12.88 -169.35 -133.30
CA ILE C 313 12.61 -169.91 -134.63
C ILE C 313 11.45 -169.16 -135.29
N LEU C 314 10.40 -168.84 -134.52
CA LEU C 314 9.28 -168.05 -135.01
C LEU C 314 9.74 -166.68 -135.55
N SER C 315 10.64 -165.97 -134.84
CA SER C 315 11.11 -164.66 -135.29
C SER C 315 11.90 -164.72 -136.61
N SER C 316 12.55 -165.85 -136.93
CA SER C 316 13.27 -166.03 -138.19
C SER C 316 12.34 -166.17 -139.40
N TYR C 317 11.18 -166.78 -139.22
CA TYR C 317 10.14 -166.86 -140.26
C TYR C 317 9.36 -165.55 -140.37
N GLU C 318 9.09 -164.87 -139.25
CA GLU C 318 8.39 -163.57 -139.23
C GLU C 318 9.20 -162.48 -139.96
N PHE C 319 10.52 -162.62 -140.09
CA PHE C 319 11.37 -161.69 -140.86
C PHE C 319 11.19 -161.78 -142.39
N LEU C 320 10.64 -162.89 -142.94
CA LEU C 320 10.44 -163.09 -144.39
C LEU C 320 9.24 -162.32 -144.97
N GLY C 321 8.45 -161.64 -144.14
CA GLY C 321 7.41 -160.69 -144.55
C GLY C 321 6.05 -161.30 -144.92
N PRO C 322 5.03 -160.45 -145.18
CA PRO C 322 3.62 -160.87 -145.28
C PRO C 322 3.32 -161.79 -146.48
N GLU C 323 4.02 -161.61 -147.60
CA GLU C 323 3.83 -162.43 -148.80
C GLU C 323 4.22 -163.91 -148.58
N PHE C 324 5.24 -164.15 -147.74
CA PHE C 324 5.66 -165.50 -147.39
C PHE C 324 4.61 -166.20 -146.52
N GLU C 325 3.98 -165.46 -145.59
CA GLU C 325 2.91 -165.96 -144.73
C GLU C 325 1.65 -166.36 -145.51
N GLY C 326 1.34 -165.63 -146.60
CA GLY C 326 0.30 -166.01 -147.56
C GLY C 326 0.62 -167.31 -148.34
N LEU C 327 1.88 -167.51 -148.75
CA LEU C 327 2.34 -168.75 -149.40
C LEU C 327 2.31 -169.96 -148.46
N VAL C 328 2.64 -169.76 -147.18
CA VAL C 328 2.56 -170.80 -146.14
C VAL C 328 1.10 -171.24 -145.95
N GLN C 329 0.16 -170.30 -145.81
CA GLN C 329 -1.26 -170.62 -145.72
C GLN C 329 -1.78 -171.40 -146.94
N GLU C 330 -1.32 -171.06 -148.15
CA GLU C 330 -1.73 -171.77 -149.38
C GLU C 330 -1.20 -173.21 -149.44
N TYR C 331 0.06 -173.44 -149.03
CA TYR C 331 0.66 -174.77 -148.95
C TYR C 331 -0.01 -175.65 -147.89
N THR C 332 -0.28 -175.10 -146.69
CA THR C 332 -0.94 -175.84 -145.61
C THR C 332 -2.34 -176.32 -146.05
N ARG C 333 -3.11 -175.45 -146.74
CA ARG C 333 -4.42 -175.81 -147.32
C ARG C 333 -4.35 -176.93 -148.37
N LEU C 334 -3.27 -176.96 -149.17
CA LEU C 334 -3.05 -178.00 -150.17
C LEU C 334 -2.65 -179.35 -149.54
N LYS C 335 -1.79 -179.33 -148.51
CA LYS C 335 -1.32 -180.55 -147.81
C LYS C 335 -2.44 -181.24 -147.04
N ASP C 336 -3.37 -180.47 -146.47
CA ASP C 336 -4.56 -181.00 -145.82
C ASP C 336 -5.48 -181.75 -146.82
N LYS C 337 -5.70 -181.21 -148.03
CA LYS C 337 -6.51 -181.88 -149.07
C LYS C 337 -5.90 -183.21 -149.57
N ILE C 338 -4.57 -183.29 -149.69
CA ILE C 338 -3.90 -184.53 -150.13
C ILE C 338 -4.06 -185.63 -149.06
N LYS C 339 -4.02 -185.24 -147.78
CA LYS C 339 -4.18 -186.15 -146.64
C LYS C 339 -5.60 -186.74 -146.59
N ASP C 340 -6.62 -185.91 -146.83
CA ASP C 340 -8.02 -186.34 -146.89
C ASP C 340 -8.26 -187.34 -148.03
N ASN C 341 -7.72 -187.08 -149.23
CA ASN C 341 -7.89 -187.99 -150.38
C ASN C 341 -7.20 -189.35 -150.18
N ARG C 342 -6.01 -189.38 -149.55
CA ARG C 342 -5.32 -190.66 -149.25
C ARG C 342 -6.07 -191.51 -148.23
N TRP C 343 -6.72 -190.87 -147.26
CA TRP C 343 -7.48 -191.59 -146.23
C TRP C 343 -8.70 -192.31 -146.84
N MET C 344 -9.43 -191.66 -147.76
CA MET C 344 -10.57 -192.27 -148.45
C MET C 344 -10.23 -193.58 -149.20
N LEU C 345 -9.08 -193.64 -149.88
CA LEU C 345 -8.64 -194.84 -150.61
C LEU C 345 -8.38 -196.04 -149.69
N GLN C 346 -7.96 -195.79 -148.46
CA GLN C 346 -7.56 -196.82 -147.50
C GLN C 346 -8.75 -197.61 -146.95
N GLU C 347 -9.94 -197.01 -146.89
CA GLU C 347 -11.12 -197.65 -146.31
C GLU C 347 -11.80 -198.64 -147.27
N LEU C 348 -11.75 -198.41 -148.59
CA LEU C 348 -12.35 -199.31 -149.58
C LEU C 348 -11.68 -200.69 -149.64
N SER C 349 -10.34 -200.75 -149.59
CA SER C 349 -9.61 -202.01 -149.79
C SER C 349 -9.76 -203.01 -148.64
N LYS C 350 -10.32 -202.61 -147.49
CA LYS C 350 -10.58 -203.51 -146.37
C LYS C 350 -11.78 -204.46 -146.60
N SER C 351 -12.61 -204.23 -147.62
CA SER C 351 -13.91 -204.90 -147.76
C SER C 351 -13.95 -206.19 -148.60
N LEU C 352 -12.88 -206.55 -149.29
CA LEU C 352 -12.80 -207.86 -149.95
C LEU C 352 -12.42 -208.94 -148.91
N PRO C 353 -13.01 -210.16 -148.95
CA PRO C 353 -12.47 -211.27 -148.14
C PRO C 353 -10.99 -211.56 -148.41
N MET D 1 -55.99 -150.22 -98.44
CA MET D 1 -54.78 -150.30 -97.61
C MET D 1 -54.74 -149.23 -96.52
N GLU D 2 -55.15 -147.98 -96.77
CA GLU D 2 -55.07 -146.87 -95.79
C GLU D 2 -55.73 -147.11 -94.42
N ARG D 3 -56.90 -147.75 -94.36
CA ARG D 3 -57.57 -148.00 -93.05
C ARG D 3 -56.76 -148.87 -92.09
N ARG D 4 -55.88 -149.74 -92.60
CA ARG D 4 -55.02 -150.59 -91.76
C ARG D 4 -53.91 -149.78 -91.10
N SER D 5 -53.25 -148.86 -91.81
CA SER D 5 -52.15 -148.07 -91.23
C SER D 5 -52.66 -147.14 -90.12
N LEU D 6 -53.82 -146.53 -90.32
CA LEU D 6 -54.49 -145.67 -89.35
C LEU D 6 -54.89 -146.43 -88.08
N ALA D 7 -55.32 -147.69 -88.21
CA ALA D 7 -55.60 -148.58 -87.07
C ALA D 7 -54.36 -148.84 -86.23
N GLN D 8 -53.21 -149.00 -86.89
CA GLN D 8 -51.91 -149.21 -86.26
C GLN D 8 -51.42 -147.95 -85.53
N GLU D 9 -51.47 -146.78 -86.18
CA GLU D 9 -51.09 -145.50 -85.55
C GLU D 9 -51.97 -145.18 -84.34
N LEU D 10 -53.29 -145.41 -84.42
CA LEU D 10 -54.20 -145.19 -83.31
C LEU D 10 -53.89 -146.11 -82.12
N LYS D 11 -53.60 -147.39 -82.38
CA LYS D 11 -53.20 -148.34 -81.34
C LYS D 11 -51.88 -147.92 -80.67
N LYS D 12 -50.93 -147.42 -81.47
CA LYS D 12 -49.64 -146.92 -80.98
C LYS D 12 -49.81 -145.67 -80.13
N TRP D 13 -50.56 -144.69 -80.61
CA TRP D 13 -50.92 -143.47 -79.87
C TRP D 13 -51.62 -143.77 -78.53
N ALA D 14 -52.59 -144.69 -78.53
CA ALA D 14 -53.31 -145.04 -77.32
C ALA D 14 -52.40 -145.69 -76.26
N VAL D 15 -51.47 -146.56 -76.66
CA VAL D 15 -50.60 -147.32 -75.75
C VAL D 15 -49.34 -146.53 -75.35
N GLU D 16 -48.63 -145.94 -76.31
CA GLU D 16 -47.34 -145.24 -76.07
C GLU D 16 -47.53 -143.80 -75.58
N GLU D 17 -48.40 -143.02 -76.21
CA GLU D 17 -48.55 -141.59 -75.90
C GLU D 17 -49.56 -141.36 -74.74
N MET D 18 -50.75 -141.96 -74.81
CA MET D 18 -51.80 -141.78 -73.79
C MET D 18 -51.74 -142.77 -72.61
N GLY D 19 -50.88 -143.80 -72.68
CA GLY D 19 -50.63 -144.73 -71.57
C GLY D 19 -51.71 -145.79 -71.31
N LEU D 20 -52.49 -146.19 -72.33
CA LEU D 20 -53.48 -147.28 -72.19
C LEU D 20 -52.77 -148.65 -72.01
N PRO D 21 -53.05 -149.43 -70.96
CA PRO D 21 -52.45 -150.75 -70.79
C PRO D 21 -52.84 -151.70 -71.94
N ALA D 22 -51.85 -152.34 -72.57
CA ALA D 22 -52.01 -153.11 -73.82
C ALA D 22 -53.08 -154.21 -73.80
N GLN D 23 -53.39 -154.81 -72.64
CA GLN D 23 -54.46 -155.82 -72.49
C GLN D 23 -55.88 -155.26 -72.69
N LYS D 24 -56.08 -153.95 -72.48
CA LYS D 24 -57.37 -153.28 -72.69
C LYS D 24 -57.48 -152.65 -74.09
N ALA D 25 -56.41 -152.69 -74.89
CA ALA D 25 -56.43 -152.16 -76.25
C ALA D 25 -57.16 -153.16 -77.18
N PRO D 26 -58.21 -152.73 -77.90
CA PRO D 26 -58.91 -153.59 -78.85
C PRO D 26 -57.98 -154.08 -79.98
N SER D 27 -58.38 -155.19 -80.64
CA SER D 27 -57.60 -155.73 -81.76
C SER D 27 -57.58 -154.76 -82.94
N GLU D 28 -56.56 -154.87 -83.79
CA GLU D 28 -56.40 -153.99 -84.96
C GLU D 28 -57.54 -154.14 -85.98
N GLU D 29 -58.16 -155.32 -86.05
CA GLU D 29 -59.36 -155.59 -86.86
C GLU D 29 -60.60 -154.90 -86.30
N MET D 30 -60.74 -154.85 -84.97
CA MET D 30 -61.82 -154.11 -84.33
C MET D 30 -61.67 -152.60 -84.54
N LEU D 31 -60.45 -152.07 -84.38
CA LEU D 31 -60.16 -150.65 -84.57
C LEU D 31 -60.47 -150.18 -86.01
N GLN D 32 -60.37 -151.03 -87.02
CA GLN D 32 -60.69 -150.66 -88.41
C GLN D 32 -62.15 -150.19 -88.60
N ARG D 33 -63.09 -150.65 -87.77
CA ARG D 33 -64.50 -150.22 -87.82
C ARG D 33 -64.69 -148.75 -87.43
N LEU D 34 -63.74 -148.19 -86.67
CA LEU D 34 -63.77 -146.78 -86.27
C LEU D 34 -63.45 -145.82 -87.43
N PHE D 35 -62.97 -146.30 -88.59
CA PHE D 35 -62.59 -145.45 -89.74
C PHE D 35 -63.60 -145.49 -90.89
N ILE D 36 -64.86 -145.78 -90.57
CA ILE D 36 -65.95 -145.77 -91.53
C ILE D 36 -66.47 -144.33 -91.70
N GLY D 37 -66.69 -143.91 -92.94
CA GLY D 37 -67.21 -142.58 -93.26
C GLY D 37 -66.29 -141.45 -92.78
N GLN D 38 -66.89 -140.43 -92.16
CA GLN D 38 -66.21 -139.21 -91.70
C GLN D 38 -65.31 -139.43 -90.46
N CYS D 39 -65.43 -140.57 -89.76
CA CYS D 39 -64.64 -140.84 -88.56
C CYS D 39 -63.13 -140.97 -88.84
N GLY D 40 -62.72 -141.27 -90.08
CA GLY D 40 -61.30 -141.36 -90.45
C GLY D 40 -60.52 -140.07 -90.22
N ASP D 41 -61.09 -138.92 -90.60
CA ASP D 41 -60.45 -137.61 -90.45
C ASP D 41 -60.37 -137.17 -88.99
N ILE D 42 -61.40 -137.53 -88.20
CA ILE D 42 -61.47 -137.25 -86.76
C ILE D 42 -60.31 -137.92 -86.01
N TRP D 43 -60.10 -139.22 -86.24
CA TRP D 43 -59.02 -139.96 -85.58
C TRP D 43 -57.62 -139.53 -86.04
N LYS D 44 -57.43 -139.09 -87.29
CA LYS D 44 -56.17 -138.47 -87.74
C LYS D 44 -55.81 -137.20 -86.95
N PHE D 45 -56.79 -136.34 -86.69
CA PHE D 45 -56.58 -135.12 -85.89
C PHE D 45 -56.17 -135.46 -84.45
N ILE D 46 -56.87 -136.43 -83.84
CA ILE D 46 -56.61 -136.91 -82.48
C ILE D 46 -55.15 -137.37 -82.32
N ILE D 47 -54.68 -138.21 -83.25
CA ILE D 47 -53.31 -138.78 -83.20
C ILE D 47 -52.24 -137.68 -83.31
N ARG D 48 -52.50 -136.61 -84.08
CA ARG D 48 -51.53 -135.54 -84.35
C ARG D 48 -51.48 -134.45 -83.28
N HIS D 49 -52.59 -134.12 -82.66
CA HIS D 49 -52.70 -132.93 -81.78
C HIS D 49 -52.88 -133.25 -80.30
N ILE D 50 -53.26 -134.47 -79.96
CA ILE D 50 -53.56 -134.85 -78.58
C ILE D 50 -52.39 -135.66 -78.04
N HIS D 51 -51.71 -135.09 -77.04
CA HIS D 51 -50.52 -135.65 -76.42
C HIS D 51 -50.73 -135.88 -74.92
N SER D 52 -49.84 -136.64 -74.30
CA SER D 52 -49.83 -136.78 -72.84
C SER D 52 -49.51 -135.44 -72.17
N HIS D 53 -50.08 -135.16 -70.99
CA HIS D 53 -49.79 -133.93 -70.23
C HIS D 53 -48.27 -133.74 -69.96
N ARG D 54 -47.53 -134.84 -69.89
CA ARG D 54 -46.07 -134.86 -69.70
C ARG D 54 -45.33 -134.38 -70.96
N THR D 55 -45.78 -134.84 -72.12
CA THR D 55 -45.23 -134.44 -73.43
C THR D 55 -45.55 -132.97 -73.71
N VAL D 56 -46.77 -132.52 -73.42
CA VAL D 56 -47.20 -131.12 -73.56
C VAL D 56 -46.28 -130.19 -72.75
N ARG D 57 -46.04 -130.50 -71.47
CA ARG D 57 -45.12 -129.71 -70.62
C ARG D 57 -43.70 -129.63 -71.17
N LYS D 58 -43.17 -130.76 -71.67
CA LYS D 58 -41.81 -130.78 -72.26
C LYS D 58 -41.73 -129.89 -73.50
N ILE D 59 -42.75 -129.92 -74.36
CA ILE D 59 -42.82 -129.10 -75.57
C ILE D 59 -42.92 -127.61 -75.20
N GLU D 60 -43.92 -127.26 -74.38
CA GLU D 60 -44.16 -125.86 -74.00
C GLU D 60 -43.01 -125.24 -73.22
N GLY D 61 -42.45 -125.96 -72.24
CA GLY D 61 -41.39 -125.39 -71.42
C GLY D 61 -40.07 -125.24 -72.18
N ASN D 62 -39.75 -126.09 -73.16
CA ASN D 62 -38.57 -125.88 -74.02
C ASN D 62 -38.77 -124.69 -74.96
N LEU D 63 -39.97 -124.52 -75.51
CA LEU D 63 -40.28 -123.35 -76.33
C LEU D 63 -40.18 -122.05 -75.51
N LEU D 64 -40.78 -122.04 -74.32
CA LEU D 64 -40.72 -120.89 -73.40
C LEU D 64 -39.26 -120.56 -73.05
N TRP D 65 -38.47 -121.60 -72.75
CA TRP D 65 -37.05 -121.48 -72.43
C TRP D 65 -36.24 -120.81 -73.53
N TYR D 66 -36.35 -121.30 -74.77
CA TYR D 66 -35.60 -120.72 -75.88
C TYR D 66 -36.13 -119.35 -76.32
N GLN D 67 -37.43 -119.06 -76.13
CA GLN D 67 -37.96 -117.71 -76.30
C GLN D 67 -37.33 -116.74 -75.31
N GLN D 68 -37.22 -117.12 -74.03
CA GLN D 68 -36.58 -116.32 -73.00
C GLN D 68 -35.10 -116.08 -73.29
N LEU D 69 -34.41 -117.11 -73.81
CA LEU D 69 -33.00 -117.03 -74.21
C LEU D 69 -32.79 -116.06 -75.39
N GLN D 70 -33.66 -116.11 -76.41
CA GLN D 70 -33.63 -115.13 -77.50
C GLN D 70 -33.99 -113.72 -77.03
N HIS D 71 -34.92 -113.61 -76.08
CA HIS D 71 -35.28 -112.32 -75.50
C HIS D 71 -34.11 -111.69 -74.73
N THR D 72 -33.23 -112.52 -74.16
CA THR D 72 -31.99 -112.06 -73.51
C THR D 72 -30.92 -111.62 -74.52
N GLU D 73 -30.81 -112.27 -75.69
CA GLU D 73 -29.93 -111.78 -76.76
C GLU D 73 -30.43 -110.46 -77.37
N ALA D 74 -31.73 -110.34 -77.65
CA ALA D 74 -32.31 -109.08 -78.12
C ALA D 74 -32.19 -107.96 -77.06
N GLN D 75 -32.24 -108.32 -75.77
CA GLN D 75 -31.96 -107.40 -74.66
C GLN D 75 -30.53 -106.86 -74.73
N ARG D 76 -29.51 -107.61 -75.15
CA ARG D 76 -28.14 -107.06 -75.29
C ARG D 76 -28.03 -105.90 -76.27
N THR D 77 -28.70 -105.98 -77.41
CA THR D 77 -28.74 -104.85 -78.35
C THR D 77 -29.48 -103.64 -77.77
N ALA D 78 -30.54 -103.86 -76.98
CA ALA D 78 -31.20 -102.80 -76.24
C ALA D 78 -30.32 -102.25 -75.10
N GLU D 79 -29.51 -103.10 -74.45
CA GLU D 79 -28.51 -102.71 -73.44
C GLU D 79 -27.44 -101.80 -74.06
N GLU D 80 -26.98 -102.04 -75.29
CA GLU D 80 -26.02 -101.14 -75.97
C GLU D 80 -26.63 -99.75 -76.22
N GLU D 81 -27.87 -99.65 -76.72
CA GLU D 81 -28.58 -98.38 -76.85
C GLU D 81 -28.80 -97.71 -75.48
N GLN D 82 -29.17 -98.47 -74.45
CA GLN D 82 -29.29 -97.99 -73.08
C GLN D 82 -27.96 -97.50 -72.52
N GLN D 83 -26.84 -98.16 -72.82
CA GLN D 83 -25.49 -97.75 -72.42
C GLN D 83 -25.08 -96.43 -73.12
N GLN D 84 -25.45 -96.27 -74.39
CA GLN D 84 -25.23 -95.04 -75.14
C GLN D 84 -26.06 -93.89 -74.57
N ARG D 85 -27.34 -94.13 -74.25
CA ARG D 85 -28.21 -93.16 -73.58
C ARG D 85 -27.71 -92.82 -72.17
N ARG D 86 -27.24 -93.81 -71.41
CA ARG D 86 -26.61 -93.60 -70.10
C ARG D 86 -25.35 -92.75 -70.19
N LYS D 87 -24.47 -92.99 -71.18
CA LYS D 87 -23.30 -92.13 -71.45
C LYS D 87 -23.72 -90.71 -71.82
N GLN D 88 -24.77 -90.56 -72.64
CA GLN D 88 -25.31 -89.25 -73.01
C GLN D 88 -25.82 -88.49 -71.77
N LEU D 89 -26.64 -89.15 -70.93
CA LEU D 89 -27.17 -88.58 -69.69
C LEU D 89 -26.06 -88.24 -68.69
N CYS D 90 -25.07 -89.12 -68.48
CA CYS D 90 -23.93 -88.82 -67.61
C CYS D 90 -23.10 -87.62 -68.14
N LYS D 91 -22.97 -87.48 -69.46
CA LYS D 91 -22.29 -86.32 -70.07
C LYS D 91 -23.10 -85.04 -69.84
N GLU D 92 -24.41 -85.10 -69.98
CA GLU D 92 -25.34 -83.99 -69.74
C GLU D 92 -25.37 -83.58 -68.25
N ILE D 93 -25.33 -84.55 -67.33
CA ILE D 93 -25.19 -84.32 -65.88
C ILE D 93 -23.87 -83.60 -65.57
N LEU D 94 -22.75 -84.02 -66.16
CA LEU D 94 -21.45 -83.37 -65.97
C LEU D 94 -21.44 -81.93 -66.51
N GLU D 95 -22.00 -81.68 -67.70
CA GLU D 95 -22.16 -80.33 -68.26
C GLU D 95 -23.04 -79.45 -67.36
N LEU D 96 -24.18 -79.97 -66.89
CA LEU D 96 -25.09 -79.26 -65.98
C LEU D 96 -24.44 -78.96 -64.62
N ARG D 97 -23.70 -79.90 -64.04
CA ARG D 97 -22.95 -79.70 -62.78
C ARG D 97 -21.88 -78.61 -62.95
N ALA D 98 -21.17 -78.59 -64.09
CA ALA D 98 -20.18 -77.55 -64.39
C ALA D 98 -20.83 -76.16 -64.56
N GLU D 99 -21.96 -76.06 -65.27
CA GLU D 99 -22.72 -74.82 -65.39
C GLU D 99 -23.28 -74.34 -64.04
N LEU D 100 -23.77 -75.26 -63.21
CA LEU D 100 -24.24 -74.97 -61.85
C LEU D 100 -23.11 -74.40 -60.99
N HIS D 101 -21.92 -75.01 -61.03
CA HIS D 101 -20.75 -74.50 -60.31
C HIS D 101 -20.39 -73.08 -60.75
N HIS D 102 -20.41 -72.79 -62.05
CA HIS D 102 -20.12 -71.43 -62.55
C HIS D 102 -21.21 -70.41 -62.17
N LEU D 103 -22.49 -70.81 -62.18
CA LEU D 103 -23.58 -69.98 -61.66
C LEU D 103 -23.44 -69.70 -60.15
N GLN D 104 -22.96 -70.68 -59.38
CA GLN D 104 -22.76 -70.55 -57.94
C GLN D 104 -21.60 -69.60 -57.60
N GLU D 105 -20.52 -69.60 -58.38
CA GLU D 105 -19.47 -68.57 -58.27
C GLU D 105 -20.00 -67.15 -58.54
N GLN D 106 -20.85 -66.97 -59.56
CA GLN D 106 -21.46 -65.66 -59.85
C GLN D 106 -22.32 -65.17 -58.68
N ILE D 107 -23.09 -66.08 -58.06
CA ILE D 107 -23.91 -65.78 -56.90
C ILE D 107 -23.05 -65.39 -55.70
N GLN D 108 -22.00 -66.15 -55.36
CA GLN D 108 -21.09 -65.84 -54.26
C GLN D 108 -20.33 -64.52 -54.46
N THR D 109 -20.07 -64.12 -55.71
CA THR D 109 -19.40 -62.86 -56.02
C THR D 109 -20.35 -61.69 -55.75
N ALA D 110 -21.60 -61.79 -56.20
CA ALA D 110 -22.61 -60.77 -55.97
C ALA D 110 -23.03 -60.68 -54.49
N GLU D 111 -23.05 -61.78 -53.74
CA GLU D 111 -23.25 -61.78 -52.28
C GLU D 111 -22.15 -60.99 -51.54
N ARG D 112 -20.87 -61.15 -51.94
CA ARG D 112 -19.76 -60.37 -51.38
C ARG D 112 -19.89 -58.87 -51.65
N GLU D 113 -20.43 -58.49 -52.81
CA GLU D 113 -20.63 -57.08 -53.16
C GLU D 113 -21.75 -56.45 -52.31
N ILE D 114 -22.84 -57.18 -52.03
CA ILE D 114 -23.92 -56.73 -51.15
C ILE D 114 -23.42 -56.49 -49.72
N VAL D 115 -22.64 -57.42 -49.14
CA VAL D 115 -22.08 -57.26 -47.78
C VAL D 115 -21.13 -56.06 -47.71
N GLY D 116 -20.39 -55.76 -48.78
CA GLY D 116 -19.52 -54.58 -48.85
C GLY D 116 -20.26 -53.25 -48.82
N GLN D 117 -21.52 -53.22 -49.26
CA GLN D 117 -22.34 -52.02 -49.28
C GLN D 117 -22.93 -51.67 -47.91
N ASP D 118 -23.32 -52.67 -47.12
CA ASP D 118 -23.81 -52.46 -45.75
C ASP D 118 -22.80 -51.69 -44.89
N LEU D 119 -21.50 -51.92 -45.12
CA LEU D 119 -20.39 -51.24 -44.43
C LEU D 119 -20.30 -49.73 -44.72
N ASN D 120 -20.71 -49.30 -45.92
CA ASN D 120 -20.66 -47.88 -46.31
C ASN D 120 -21.83 -47.10 -45.67
N CYS D 121 -23.01 -47.73 -45.54
CA CYS D 121 -24.15 -47.11 -44.86
C CYS D 121 -23.89 -46.78 -43.39
N GLU D 122 -23.19 -47.65 -42.66
CA GLU D 122 -22.85 -47.38 -41.25
C GLU D 122 -21.91 -46.16 -41.09
N ARG D 123 -20.96 -45.95 -42.02
CA ARG D 123 -20.07 -44.77 -41.99
C ARG D 123 -20.84 -43.46 -42.17
N ALA D 124 -21.80 -43.44 -43.10
CA ALA D 124 -22.65 -42.28 -43.31
C ALA D 124 -23.49 -41.96 -42.06
N GLN D 125 -23.97 -42.98 -41.35
CA GLN D 125 -24.68 -42.78 -40.08
C GLN D 125 -23.79 -42.28 -38.95
N ASP D 126 -22.55 -42.75 -38.84
CA ASP D 126 -21.59 -42.25 -37.84
C ASP D 126 -21.33 -40.75 -38.03
N LEU D 127 -21.16 -40.30 -39.28
CA LEU D 127 -21.05 -38.88 -39.64
C LEU D 127 -22.29 -38.08 -39.21
N CYS D 128 -23.50 -38.60 -39.44
CA CYS D 128 -24.73 -37.93 -38.99
C CYS D 128 -24.80 -37.78 -37.47
N ARG D 129 -24.46 -38.83 -36.70
CA ARG D 129 -24.44 -38.78 -35.23
C ARG D 129 -23.43 -37.76 -34.71
N ARG D 130 -22.20 -37.79 -35.24
CA ARG D 130 -21.15 -36.81 -34.90
C ARG D 130 -21.58 -35.39 -35.22
N SER D 131 -22.20 -35.17 -36.38
CA SER D 131 -22.65 -33.85 -36.80
C SER D 131 -23.79 -33.31 -35.90
N LEU D 132 -24.67 -34.18 -35.40
CA LEU D 132 -25.73 -33.81 -34.45
C LEU D 132 -25.15 -33.44 -33.07
N LEU D 133 -24.24 -34.27 -32.55
CA LEU D 133 -23.55 -34.01 -31.27
C LEU D 133 -22.75 -32.71 -31.31
N LEU D 134 -22.03 -32.46 -32.41
CA LEU D 134 -21.28 -31.22 -32.59
C LEU D 134 -22.19 -29.99 -32.76
N ARG D 135 -23.40 -30.14 -33.31
CA ARG D 135 -24.40 -29.04 -33.34
C ARG D 135 -24.91 -28.71 -31.95
N ALA D 136 -25.24 -29.72 -31.15
CA ALA D 136 -25.63 -29.53 -29.74
C ALA D 136 -24.50 -28.84 -28.96
N PHE D 137 -23.25 -29.29 -29.17
CA PHE D 137 -22.07 -28.69 -28.59
C PHE D 137 -21.87 -27.23 -29.01
N ASN D 138 -22.05 -26.90 -30.29
CA ASN D 138 -21.95 -25.51 -30.74
C ASN D 138 -22.98 -24.61 -30.07
N LYS D 139 -24.24 -25.08 -29.94
CA LYS D 139 -25.31 -24.33 -29.27
C LYS D 139 -24.96 -24.04 -27.80
N LYS D 140 -24.49 -25.06 -27.07
CA LYS D 140 -24.07 -24.92 -25.66
C LYS D 140 -22.90 -23.95 -25.49
N ARG D 141 -21.94 -23.95 -26.42
CA ARG D 141 -20.81 -23.00 -26.41
C ARG D 141 -21.20 -21.58 -26.84
N GLU D 142 -22.23 -21.41 -27.66
CA GLU D 142 -22.79 -20.08 -27.94
C GLU D 142 -23.43 -19.47 -26.70
N GLU D 143 -24.17 -20.26 -25.90
CA GLU D 143 -24.77 -19.82 -24.63
C GLU D 143 -23.69 -19.40 -23.61
N GLU D 144 -22.62 -20.16 -23.47
CA GLU D 144 -21.47 -19.78 -22.62
C GLU D 144 -20.77 -18.50 -23.12
N CYS D 145 -20.63 -18.33 -24.44
CA CYS D 145 -20.04 -17.13 -25.02
C CYS D 145 -20.93 -15.89 -24.78
N GLU D 146 -22.25 -16.05 -24.78
CA GLU D 146 -23.21 -14.98 -24.50
C GLU D 146 -23.16 -14.55 -23.02
N ALA D 147 -22.95 -15.51 -22.10
CA ALA D 147 -22.72 -15.22 -20.69
C ALA D 147 -21.43 -14.40 -20.46
N LEU D 148 -20.31 -14.78 -21.09
CA LEU D 148 -19.06 -14.02 -21.00
C LEU D 148 -19.19 -12.61 -21.60
N CYS D 149 -19.93 -12.45 -22.70
CA CYS D 149 -20.22 -11.16 -23.30
C CYS D 149 -20.99 -10.23 -22.33
N GLN D 150 -21.95 -10.77 -21.57
CA GLN D 150 -22.64 -9.99 -20.54
C GLN D 150 -21.70 -9.55 -19.40
N SER D 151 -20.79 -10.42 -18.96
CA SER D 151 -19.78 -10.08 -17.95
C SER D 151 -18.82 -8.99 -18.43
N ASN D 152 -18.40 -9.05 -19.70
CA ASN D 152 -17.53 -8.04 -20.31
C ASN D 152 -18.22 -6.66 -20.42
N LYS D 153 -19.51 -6.60 -20.78
CA LYS D 153 -20.31 -5.36 -20.78
C LYS D 153 -20.36 -4.68 -19.41
N LYS D 154 -20.46 -5.46 -18.33
CA LYS D 154 -20.43 -4.93 -16.94
C LYS D 154 -19.08 -4.29 -16.61
N ILE D 155 -17.97 -4.92 -17.00
CA ILE D 155 -16.61 -4.37 -16.81
C ILE D 155 -16.44 -3.09 -17.63
N GLN D 156 -16.84 -3.08 -18.90
CA GLN D 156 -16.73 -1.91 -19.79
C GLN D 156 -17.49 -0.70 -19.25
N TYR D 157 -18.72 -0.91 -18.78
CA TYR D 157 -19.53 0.14 -18.15
C TYR D 157 -18.83 0.76 -16.92
N ARG D 158 -18.18 -0.06 -16.09
CA ARG D 158 -17.41 0.44 -14.93
C ARG D 158 -16.17 1.23 -15.33
N CYS D 159 -15.45 0.79 -16.36
CA CYS D 159 -14.31 1.54 -16.92
C CYS D 159 -14.75 2.91 -17.46
N GLU D 160 -15.88 2.97 -18.16
CA GLU D 160 -16.44 4.23 -18.67
C GLU D 160 -16.78 5.20 -17.53
N GLN D 161 -17.44 4.70 -16.47
CA GLN D 161 -17.74 5.51 -15.28
C GLN D 161 -16.48 6.09 -14.62
N LEU D 162 -15.44 5.29 -14.40
CA LEU D 162 -14.19 5.77 -13.79
C LEU D 162 -13.44 6.75 -14.70
N GLN D 163 -13.49 6.53 -16.01
CA GLN D 163 -12.87 7.43 -16.98
C GLN D 163 -13.59 8.79 -17.05
N GLU D 164 -14.91 8.81 -16.85
CA GLU D 164 -15.69 10.04 -16.74
C GLU D 164 -15.30 10.84 -15.48
N ILE D 165 -15.14 10.18 -14.33
CA ILE D 165 -14.65 10.82 -13.09
C ILE D 165 -13.25 11.39 -13.30
N ARG D 166 -12.35 10.67 -13.98
CA ARG D 166 -11.00 11.17 -14.30
C ARG D 166 -11.03 12.42 -15.18
N ARG D 167 -11.87 12.46 -16.22
CA ARG D 167 -12.04 13.66 -17.07
C ARG D 167 -12.65 14.83 -16.31
N ALA D 168 -13.58 14.56 -15.40
CA ALA D 168 -14.16 15.58 -14.54
C ALA D 168 -13.10 16.16 -13.58
N SER D 169 -12.19 15.34 -13.06
CA SER D 169 -11.10 15.76 -12.14
C SER D 169 -10.15 16.76 -12.80
N GLN D 170 -9.90 16.60 -14.12
CA GLN D 170 -8.99 17.46 -14.91
C GLN D 170 -9.49 18.89 -15.12
N ARG D 171 -10.77 19.17 -14.88
CA ARG D 171 -11.29 20.54 -15.02
C ARG D 171 -10.84 21.37 -13.82
N GLU D 172 -10.07 22.42 -14.07
CA GLU D 172 -9.61 23.33 -13.02
C GLU D 172 -10.79 24.20 -12.55
N VAL D 173 -11.08 24.19 -11.25
CA VAL D 173 -12.15 25.01 -10.65
C VAL D 173 -11.54 26.33 -10.19
N MET D 174 -11.85 27.44 -10.87
CA MET D 174 -11.42 28.76 -10.43
C MET D 174 -12.30 29.26 -9.29
N PHE D 175 -11.69 29.53 -8.14
CA PHE D 175 -12.36 30.14 -7.00
C PHE D 175 -11.90 31.63 -6.91
N SER D 176 -12.82 32.58 -6.70
CA SER D 176 -12.54 34.03 -6.73
C SER D 176 -11.75 34.53 -5.51
N ALA D 177 -10.82 35.48 -5.68
CA ALA D 177 -9.95 36.01 -4.62
C ALA D 177 -10.78 36.79 -3.57
N VAL D 178 -10.51 36.54 -2.28
CA VAL D 178 -11.23 37.18 -1.17
C VAL D 178 -10.49 38.45 -0.75
N ASP D 179 -10.60 39.53 -1.52
CA ASP D 179 -10.21 40.85 -1.02
C ASP D 179 -11.39 41.44 -0.20
N PRO D 180 -11.16 41.94 1.03
CA PRO D 180 -12.24 42.27 1.96
C PRO D 180 -12.99 43.57 1.63
N ASP D 181 -12.29 44.58 1.09
CA ASP D 181 -12.87 45.90 0.79
C ASP D 181 -13.61 45.93 -0.55
N LEU D 182 -13.38 44.96 -1.43
CA LEU D 182 -14.07 44.96 -2.71
C LEU D 182 -15.53 44.59 -2.47
N SER D 183 -16.38 45.58 -2.72
CA SER D 183 -17.84 45.48 -2.74
C SER D 183 -18.40 44.33 -3.60
N SER D 184 -19.72 44.14 -3.47
CA SER D 184 -20.72 43.25 -4.10
C SER D 184 -20.52 42.55 -5.47
N SER D 185 -19.43 42.70 -6.20
CA SER D 185 -19.43 42.33 -7.63
C SER D 185 -19.81 40.87 -7.91
N THR D 186 -20.43 40.70 -9.08
CA THR D 186 -21.21 39.58 -9.63
C THR D 186 -20.45 38.28 -9.94
N PHE D 187 -19.35 37.97 -9.24
CA PHE D 187 -18.65 36.71 -9.52
C PHE D 187 -19.52 35.50 -9.14
N LEU D 188 -19.81 34.66 -10.15
CA LEU D 188 -20.53 33.40 -10.01
C LEU D 188 -19.74 32.42 -9.15
N GLU D 189 -20.36 31.93 -8.07
CA GLU D 189 -19.76 30.92 -7.21
C GLU D 189 -19.69 29.56 -7.91
N PRO D 190 -18.56 28.82 -7.84
CA PRO D 190 -18.47 27.47 -8.38
C PRO D 190 -19.54 26.55 -7.76
N GLU D 191 -20.15 25.71 -8.59
CA GLU D 191 -21.24 24.82 -8.14
C GLU D 191 -20.81 23.89 -7.00
N VAL D 192 -19.59 23.38 -7.07
CA VAL D 192 -18.97 22.55 -6.02
C VAL D 192 -18.87 23.32 -4.71
N LEU D 193 -18.46 24.60 -4.75
CA LEU D 193 -18.33 25.41 -3.54
C LEU D 193 -19.70 25.65 -2.89
N ARG D 194 -20.72 25.94 -3.71
CA ARG D 194 -22.11 26.11 -3.26
C ARG D 194 -22.65 24.83 -2.62
N ASP D 195 -22.50 23.70 -3.30
CA ASP D 195 -23.07 22.42 -2.88
C ASP D 195 -22.36 21.90 -1.62
N VAL D 196 -21.03 21.99 -1.55
CA VAL D 196 -20.25 21.65 -0.33
C VAL D 196 -20.62 22.58 0.82
N ARG D 197 -20.75 23.89 0.56
CA ARG D 197 -21.18 24.86 1.58
C ARG D 197 -22.57 24.55 2.12
N GLU D 198 -23.54 24.23 1.27
CA GLU D 198 -24.90 23.90 1.72
C GLU D 198 -24.94 22.58 2.52
N VAL D 199 -24.19 21.55 2.10
CA VAL D 199 -24.07 20.30 2.88
C VAL D 199 -23.41 20.54 4.24
N CYS D 200 -22.31 21.29 4.29
CA CYS D 200 -21.65 21.67 5.53
C CYS D 200 -22.56 22.54 6.42
N LYS D 201 -23.34 23.46 5.83
CA LYS D 201 -24.28 24.33 6.55
C LYS D 201 -25.47 23.56 7.11
N LEU D 202 -26.00 22.58 6.38
CA LEU D 202 -27.06 21.70 6.87
C LEU D 202 -26.56 20.89 8.07
N ARG D 203 -25.32 20.36 7.98
CA ARG D 203 -24.70 19.62 9.08
C ARG D 203 -24.39 20.51 10.27
N PHE D 204 -23.92 21.73 10.03
CA PHE D 204 -23.72 22.75 11.05
C PHE D 204 -25.03 23.08 11.78
N LYS D 205 -26.14 23.32 11.06
CA LYS D 205 -27.46 23.56 11.68
C LYS D 205 -27.90 22.39 12.55
N PHE D 206 -27.67 21.16 12.09
CA PHE D 206 -27.94 19.96 12.87
C PHE D 206 -27.09 19.91 14.16
N LEU D 207 -25.77 20.12 14.05
CA LEU D 207 -24.88 20.16 15.21
C LEU D 207 -25.26 21.28 16.18
N ARG D 208 -25.57 22.47 15.68
CA ARG D 208 -26.03 23.60 16.49
C ARG D 208 -27.33 23.29 17.22
N SER D 209 -28.29 22.65 16.56
CA SER D 209 -29.54 22.22 17.21
C SER D 209 -29.30 21.24 18.36
N LEU D 210 -28.32 20.33 18.22
CA LEU D 210 -27.89 19.43 19.28
C LEU D 210 -27.22 20.19 20.44
N HIS D 211 -26.46 21.24 20.14
CA HIS D 211 -25.79 22.07 21.14
C HIS D 211 -26.74 22.96 21.93
N ASP D 212 -27.67 23.62 21.24
CA ASP D 212 -28.68 24.48 21.88
C ASP D 212 -29.57 23.64 22.81
N ASP D 213 -29.96 22.44 22.39
CA ASP D 213 -30.73 21.49 23.21
C ASP D 213 -29.92 20.92 24.39
N SER D 214 -28.59 20.92 24.36
CA SER D 214 -27.79 20.48 25.51
C SER D 214 -27.63 21.58 26.55
N ILE D 215 -27.70 22.85 26.15
CA ILE D 215 -27.58 24.01 27.04
C ILE D 215 -28.93 24.35 27.65
N SER D 216 -29.97 24.43 26.82
CA SER D 216 -31.36 24.53 27.28
C SER D 216 -31.76 23.18 27.86
N SER D 217 -31.83 23.04 29.18
CA SER D 217 -32.24 21.80 29.85
C SER D 217 -33.67 21.32 29.53
N SER D 218 -34.39 22.01 28.64
CA SER D 218 -35.69 21.59 28.12
C SER D 218 -35.50 20.47 27.09
N VAL D 219 -35.30 19.25 27.61
CA VAL D 219 -35.40 18.03 26.83
C VAL D 219 -36.86 17.89 26.39
N HIS D 220 -37.24 18.52 25.28
CA HIS D 220 -38.53 18.27 24.65
C HIS D 220 -38.43 16.98 23.82
N PRO D 221 -39.13 15.90 24.19
CA PRO D 221 -38.96 14.57 23.57
C PRO D 221 -39.31 14.53 22.08
N GLY D 222 -40.21 15.38 21.59
CA GLY D 222 -40.59 15.42 20.17
C GLY D 222 -39.48 15.86 19.19
N LYS D 223 -38.26 16.16 19.67
CA LYS D 223 -37.12 16.59 18.84
C LYS D 223 -36.27 15.43 18.27
N GLU D 224 -36.41 14.19 18.73
CA GLU D 224 -35.60 13.07 18.21
C GLU D 224 -35.96 12.66 16.78
N ASP D 225 -37.25 12.54 16.45
CA ASP D 225 -37.69 12.15 15.09
C ASP D 225 -37.21 13.17 14.03
N LEU D 226 -37.30 14.47 14.36
CA LEU D 226 -36.84 15.55 13.50
C LEU D 226 -35.31 15.50 13.29
N ARG D 227 -34.55 15.05 14.29
CA ARG D 227 -33.09 14.87 14.19
C ARG D 227 -32.73 13.71 13.27
N SER D 228 -33.42 12.59 13.36
CA SER D 228 -33.19 11.44 12.48
C SER D 228 -33.45 11.79 11.02
N LEU D 229 -34.56 12.48 10.75
CA LEU D 229 -34.90 13.01 9.42
C LEU D 229 -33.82 13.98 8.90
N SER D 230 -33.34 14.90 9.75
CA SER D 230 -32.27 15.83 9.39
C SER D 230 -30.95 15.10 9.06
N HIS D 231 -30.63 14.02 9.80
CA HIS D 231 -29.44 13.21 9.52
C HIS D 231 -29.56 12.42 8.21
N GLN D 232 -30.71 11.80 7.94
CA GLN D 232 -30.96 11.11 6.67
C GLN D 232 -30.92 12.08 5.48
N GLN D 233 -31.52 13.26 5.63
CA GLN D 233 -31.49 14.30 4.61
C GLN D 233 -30.05 14.77 4.35
N TRP D 234 -29.22 14.89 5.40
CA TRP D 234 -27.79 15.19 5.25
C TRP D 234 -27.04 14.07 4.55
N MET D 235 -27.21 12.81 4.95
CA MET D 235 -26.55 11.65 4.32
C MET D 235 -26.86 11.60 2.83
N SER D 236 -28.13 11.74 2.45
CA SER D 236 -28.56 11.73 1.04
C SER D 236 -27.94 12.89 0.25
N MET D 237 -27.93 14.11 0.81
CA MET D 237 -27.29 15.23 0.14
C MET D 237 -25.78 15.09 0.05
N ALA D 238 -25.12 14.60 1.10
CA ALA D 238 -23.68 14.38 1.11
C ALA D 238 -23.28 13.30 0.10
N GLU D 239 -24.01 12.19 0.04
CA GLU D 239 -23.81 11.14 -0.96
C GLU D 239 -24.06 11.65 -2.38
N LYS D 240 -25.10 12.49 -2.57
CA LYS D 240 -25.33 13.15 -3.85
C LYS D 240 -24.13 14.01 -4.25
N VAL D 241 -23.58 14.82 -3.34
CA VAL D 241 -22.39 15.64 -3.59
C VAL D 241 -21.17 14.80 -3.97
N TRP D 242 -20.93 13.68 -3.27
CA TRP D 242 -19.85 12.74 -3.58
C TRP D 242 -20.02 12.00 -4.92
N ASN D 243 -21.26 11.90 -5.42
CA ASN D 243 -21.56 11.29 -6.72
C ASN D 243 -21.58 12.33 -7.86
N THR D 244 -21.93 13.60 -7.60
CA THR D 244 -21.95 14.66 -8.63
C THR D 244 -20.60 15.32 -8.86
N HIS D 245 -19.79 15.50 -7.82
CA HIS D 245 -18.53 16.25 -7.90
C HIS D 245 -17.33 15.36 -7.67
N THR D 246 -16.19 15.71 -8.30
CA THR D 246 -14.97 14.91 -8.12
C THR D 246 -14.35 15.13 -6.73
N PRO D 247 -13.68 14.12 -6.16
CA PRO D 247 -13.04 14.25 -4.86
C PRO D 247 -12.06 15.42 -4.75
N ASN D 248 -11.31 15.71 -5.82
CA ASN D 248 -10.38 16.84 -5.90
C ASN D 248 -11.13 18.18 -5.75
N HIS D 249 -12.24 18.34 -6.47
CA HIS D 249 -13.04 19.56 -6.40
C HIS D 249 -13.70 19.73 -5.03
N ILE D 250 -14.21 18.65 -4.43
CA ILE D 250 -14.78 18.66 -3.08
C ILE D 250 -13.72 19.08 -2.06
N LEU D 251 -12.50 18.52 -2.14
CA LEU D 251 -11.39 18.90 -1.26
C LEU D 251 -11.00 20.37 -1.43
N ALA D 252 -10.87 20.86 -2.67
CA ALA D 252 -10.54 22.25 -2.95
C ALA D 252 -11.64 23.23 -2.46
N ALA D 253 -12.92 22.84 -2.56
CA ALA D 253 -14.03 23.59 -1.98
C ALA D 253 -13.95 23.66 -0.45
N LEU D 254 -13.60 22.55 0.21
CA LEU D 254 -13.35 22.51 1.65
C LEU D 254 -12.16 23.39 2.06
N GLU D 255 -11.04 23.35 1.33
CA GLU D 255 -9.89 24.24 1.56
C GLU D 255 -10.29 25.72 1.49
N ARG D 256 -11.10 26.08 0.48
CA ARG D 256 -11.63 27.45 0.32
C ARG D 256 -12.53 27.86 1.49
N LEU D 257 -13.42 26.97 1.93
CA LEU D 257 -14.29 27.20 3.09
C LEU D 257 -13.48 27.40 4.38
N THR D 258 -12.43 26.61 4.60
CA THR D 258 -11.52 26.77 5.74
C THR D 258 -10.77 28.10 5.69
N LEU D 259 -10.32 28.53 4.50
CA LEU D 259 -9.66 29.83 4.31
C LEU D 259 -10.60 31.00 4.65
N ASN D 260 -11.85 30.93 4.18
CA ASN D 260 -12.88 31.93 4.47
C ASN D 260 -13.14 32.01 5.99
N SER D 261 -13.28 30.87 6.66
CA SER D 261 -13.48 30.80 8.11
C SER D 261 -12.30 31.41 8.89
N THR D 262 -11.07 31.26 8.38
CA THR D 262 -9.86 31.82 8.99
C THR D 262 -9.81 33.34 8.83
N GLN D 263 -10.26 33.88 7.70
CA GLN D 263 -10.34 35.33 7.47
C GLN D 263 -11.44 35.99 8.32
N GLU D 264 -12.59 35.34 8.51
CA GLU D 264 -13.65 35.84 9.42
C GLU D 264 -13.13 36.02 10.85
N LEU D 265 -12.36 35.05 11.37
CA LEU D 265 -11.73 35.14 12.69
C LEU D 265 -10.73 36.31 12.79
N LYS D 266 -9.89 36.53 11.76
CA LYS D 266 -8.93 37.64 11.75
C LYS D 266 -9.62 39.01 11.70
N LYS D 267 -10.71 39.15 10.94
CA LYS D 267 -11.51 40.39 10.90
C LYS D 267 -12.11 40.71 12.28
N LEU D 268 -12.59 39.69 12.99
CA LEU D 268 -13.11 39.83 14.36
C LEU D 268 -12.01 40.27 15.36
N GLN D 269 -10.77 39.80 15.23
CA GLN D 269 -9.63 40.26 16.04
C GLN D 269 -9.31 41.76 15.81
N PHE D 270 -9.25 42.23 14.56
CA PHE D 270 -8.93 43.64 14.26
C PHE D 270 -10.02 44.62 14.68
N SER D 271 -11.30 44.26 14.52
CA SER D 271 -12.41 45.14 14.86
C SER D 271 -12.52 45.43 16.36
N GLN D 272 -12.18 44.48 17.24
CA GLN D 272 -12.25 44.68 18.70
C GLN D 272 -11.00 45.40 19.28
N ALA D 273 -9.84 45.30 18.62
CA ALA D 273 -8.62 45.99 19.08
C ALA D 273 -8.69 47.52 18.90
N ALA D 274 -9.36 48.00 17.86
CA ALA D 274 -9.52 49.44 17.60
C ALA D 274 -10.39 50.17 18.63
N ASP D 275 -11.27 49.46 19.36
CA ASP D 275 -12.14 50.05 20.38
C ASP D 275 -11.43 50.33 21.72
N LEU D 276 -10.38 49.57 22.08
CA LEU D 276 -9.67 49.71 23.36
C LEU D 276 -8.72 50.93 23.45
N SER D 277 -8.20 51.42 22.33
CA SER D 277 -7.25 52.56 22.30
C SER D 277 -7.95 53.92 22.44
N LYS D 278 -9.24 54.02 22.18
CA LYS D 278 -9.95 55.28 22.44
C LYS D 278 -10.14 55.39 23.94
N GLY D 279 -9.57 56.43 24.54
CA GLY D 279 -9.89 56.83 25.92
C GLY D 279 -11.39 57.13 26.08
N PRO D 280 -11.86 57.45 27.31
CA PRO D 280 -13.28 57.45 27.67
C PRO D 280 -14.16 58.50 26.97
N SER D 281 -13.63 59.28 26.01
CA SER D 281 -14.44 60.29 25.36
C SER D 281 -15.54 59.61 24.53
N CYS D 282 -16.79 59.82 24.96
CA CYS D 282 -18.00 59.14 24.50
C CYS D 282 -18.42 59.52 23.08
N GLN D 283 -17.52 59.64 22.09
CA GLN D 283 -17.97 59.98 20.74
C GLN D 283 -18.75 58.80 20.13
N LEU D 284 -20.06 58.79 20.43
CA LEU D 284 -21.17 58.02 19.86
C LEU D 284 -21.32 58.35 18.36
N LYS D 285 -20.30 58.09 17.55
CA LYS D 285 -20.47 58.23 16.11
C LYS D 285 -21.23 57.04 15.51
N GLU D 286 -21.47 57.21 14.22
CA GLU D 286 -22.41 56.55 13.31
C GLU D 286 -22.26 55.03 13.12
N PHE D 287 -22.42 54.20 14.16
CA PHE D 287 -22.68 52.78 13.89
C PHE D 287 -24.03 52.65 13.15
N SER D 288 -23.97 52.38 11.84
CA SER D 288 -25.07 52.59 10.90
C SER D 288 -26.11 51.47 10.86
N GLU D 289 -25.80 50.30 10.28
CA GLU D 289 -26.84 49.60 9.49
C GLU D 289 -27.90 48.76 10.22
N PRO D 290 -27.54 47.83 11.12
CA PRO D 290 -28.35 46.62 11.32
C PRO D 290 -29.66 46.94 12.07
N ILE D 291 -30.41 45.95 12.55
CA ILE D 291 -31.32 45.09 11.79
C ILE D 291 -32.77 45.51 12.12
N THR D 292 -33.08 45.61 13.41
CA THR D 292 -34.20 44.79 13.87
C THR D 292 -35.55 45.46 13.91
N GLN D 293 -35.62 46.71 14.37
CA GLN D 293 -36.65 47.04 15.35
C GLN D 293 -38.07 46.67 14.91
N SER D 294 -38.47 45.49 15.41
CA SER D 294 -39.80 44.93 15.34
C SER D 294 -40.69 45.82 16.21
N ARG D 295 -41.31 46.80 15.55
CA ARG D 295 -42.03 47.92 16.15
C ARG D 295 -43.28 47.57 16.96
N SER D 296 -43.62 46.30 17.17
CA SER D 296 -44.93 45.99 17.71
C SER D 296 -45.18 46.57 19.10
N CYS D 297 -44.18 46.50 19.98
CA CYS D 297 -44.51 46.20 21.37
C CYS D 297 -45.18 47.33 22.16
N ASN D 298 -45.77 46.88 23.28
CA ASN D 298 -46.58 47.58 24.27
C ASN D 298 -45.83 48.62 25.14
N GLU D 299 -46.59 49.23 26.05
CA GLU D 299 -46.33 50.37 26.95
C GLU D 299 -45.00 50.46 27.72
N SER D 300 -44.31 49.34 27.99
CA SER D 300 -43.50 49.23 29.21
C SER D 300 -42.31 50.19 29.30
N THR D 301 -42.04 50.61 30.54
CA THR D 301 -41.23 51.73 31.03
C THR D 301 -39.72 51.68 30.79
N HIS D 302 -39.21 50.84 29.89
CA HIS D 302 -37.78 50.48 29.97
C HIS D 302 -36.86 51.69 29.85
N LEU D 303 -36.12 51.91 30.94
CA LEU D 303 -35.17 52.99 31.13
C LEU D 303 -34.16 52.94 29.99
N ASP D 304 -34.15 53.96 29.13
CA ASP D 304 -33.15 54.12 28.08
C ASP D 304 -31.77 54.19 28.76
N PRO D 305 -31.01 53.07 28.79
CA PRO D 305 -30.01 52.85 29.83
C PRO D 305 -28.62 53.29 29.41
N GLN D 306 -28.46 53.75 28.17
CA GLN D 306 -27.19 54.35 27.73
C GLN D 306 -26.98 55.74 28.34
N GLU D 307 -27.66 56.06 29.44
CA GLU D 307 -27.12 57.04 30.37
C GLU D 307 -25.73 56.59 30.76
N THR D 308 -24.73 57.40 30.41
CA THR D 308 -23.36 57.22 30.85
C THR D 308 -23.39 57.00 32.35
N LEU D 309 -23.10 55.76 32.79
CA LEU D 309 -23.14 55.34 34.19
C LEU D 309 -22.51 56.45 35.02
N PRO D 310 -23.28 57.13 35.89
CA PRO D 310 -22.75 58.25 36.63
C PRO D 310 -21.56 57.74 37.44
N SER D 311 -20.39 58.33 37.20
CA SER D 311 -19.18 57.94 37.92
C SER D 311 -19.46 57.98 39.44
N PHE D 312 -18.76 57.17 40.23
CA PHE D 312 -18.85 57.26 41.69
C PHE D 312 -18.70 58.71 42.19
N HIS D 313 -17.82 59.49 41.56
CA HIS D 313 -17.64 60.88 41.90
C HIS D 313 -18.86 61.74 41.55
N SER D 314 -19.55 61.47 40.45
CA SER D 314 -20.79 62.17 40.13
C SER D 314 -21.94 61.75 41.04
N LEU D 315 -22.02 60.48 41.47
CA LEU D 315 -23.01 60.02 42.46
C LEU D 315 -22.78 60.63 43.86
N ILE D 316 -21.52 60.70 44.32
CA ILE D 316 -21.17 61.41 45.56
C ILE D 316 -21.42 62.92 45.43
N GLN D 317 -21.07 63.51 44.28
CA GLN D 317 -21.39 64.92 44.03
C GLN D 317 -22.89 65.17 44.01
N GLU D 318 -23.69 64.26 43.46
CA GLU D 318 -25.15 64.35 43.48
C GLU D 318 -25.70 64.19 44.92
N GLY D 319 -25.12 63.30 45.71
CA GLY D 319 -25.38 63.19 47.14
C GLY D 319 -25.06 64.47 47.92
N TRP D 320 -23.90 65.08 47.67
CA TRP D 320 -23.49 66.35 48.28
C TRP D 320 -24.36 67.50 47.79
N ALA D 321 -24.72 67.53 46.50
CA ALA D 321 -25.63 68.52 45.94
C ALA D 321 -27.01 68.43 46.63
N ASN D 322 -27.52 67.22 46.88
CA ASN D 322 -28.74 67.01 47.66
C ASN D 322 -28.59 67.47 49.12
N SER D 323 -27.45 67.20 49.78
CA SER D 323 -27.13 67.71 51.14
C SER D 323 -27.03 69.25 51.19
N VAL D 324 -26.45 69.88 50.17
CA VAL D 324 -26.40 71.34 50.01
C VAL D 324 -27.80 71.90 49.81
N LYS D 325 -28.64 71.23 49.01
CA LYS D 325 -30.04 71.62 48.82
C LYS D 325 -30.78 71.63 50.16
N VAL D 326 -30.59 70.61 51.00
CA VAL D 326 -31.12 70.53 52.38
C VAL D 326 -30.60 71.68 53.25
N SER D 327 -29.31 72.00 53.17
CA SER D 327 -28.68 73.09 53.93
C SER D 327 -29.13 74.49 53.48
N SER D 328 -29.46 74.64 52.21
CA SER D 328 -30.03 75.89 51.65
C SER D 328 -31.48 76.11 52.09
N GLU D 329 -32.29 75.04 52.10
CA GLU D 329 -33.64 75.09 52.69
C GLU D 329 -33.61 75.47 54.17
N LEU D 330 -32.62 74.97 54.94
CA LEU D 330 -32.47 75.29 56.36
C LEU D 330 -32.30 76.80 56.59
N ARG D 331 -31.46 77.47 55.80
CA ARG D 331 -31.24 78.92 55.90
C ARG D 331 -32.50 79.72 55.57
N ARG D 332 -33.25 79.29 54.55
CA ARG D 332 -34.52 79.94 54.15
C ARG D 332 -35.59 79.80 55.23
N VAL D 333 -35.71 78.62 55.84
CA VAL D 333 -36.67 78.37 56.93
C VAL D 333 -36.25 79.10 58.20
N GLN D 334 -34.95 79.24 58.46
CA GLN D 334 -34.40 80.05 59.56
C GLN D 334 -34.81 81.52 59.47
N SER D 335 -34.63 82.17 58.32
CA SER D 335 -35.00 83.58 58.15
C SER D 335 -36.51 83.80 58.26
N GLN D 336 -37.33 82.87 57.75
CA GLN D 336 -38.78 82.92 57.90
C GLN D 336 -39.23 82.79 59.36
N ALA D 337 -38.59 81.92 60.15
CA ALA D 337 -38.90 81.78 61.58
C ALA D 337 -38.55 83.04 62.38
N GLN D 338 -37.51 83.78 62.01
CA GLN D 338 -37.10 85.00 62.70
C GLN D 338 -38.11 86.15 62.47
N ALA D 339 -38.51 86.39 61.21
CA ALA D 339 -39.50 87.42 60.87
C ALA D 339 -40.88 87.18 61.51
N LEU D 340 -41.34 85.91 61.55
CA LEU D 340 -42.59 85.55 62.23
C LEU D 340 -42.53 85.77 63.75
N SER D 341 -41.35 85.60 64.36
CA SER D 341 -41.16 85.82 65.80
C SER D 341 -41.21 87.30 66.18
N GLU D 342 -40.69 88.20 65.33
CA GLU D 342 -40.73 89.66 65.56
C GLU D 342 -42.15 90.20 65.42
N HIS D 343 -42.88 89.78 64.37
CA HIS D 343 -44.25 90.24 64.14
C HIS D 343 -45.22 89.79 65.24
N LEU D 344 -45.00 88.60 65.82
CA LEU D 344 -45.75 88.12 66.98
C LEU D 344 -45.51 88.99 68.22
N ALA D 345 -44.27 89.43 68.45
CA ALA D 345 -43.91 90.26 69.59
C ALA D 345 -44.56 91.65 69.53
N GLU D 346 -44.60 92.29 68.36
CA GLU D 346 -45.31 93.57 68.15
C GLU D 346 -46.81 93.44 68.47
N ARG D 347 -47.47 92.38 67.98
CA ARG D 347 -48.90 92.15 68.24
C ARG D 347 -49.22 91.87 69.71
N ILE D 348 -48.36 91.15 70.43
CA ILE D 348 -48.51 90.94 71.87
C ILE D 348 -48.41 92.29 72.62
N GLN D 349 -47.46 93.17 72.24
CA GLN D 349 -47.29 94.49 72.86
C GLN D 349 -48.50 95.42 72.66
N GLU D 350 -49.12 95.39 71.49
CA GLU D 350 -50.27 96.23 71.17
C GLU D 350 -51.52 95.85 71.99
N ILE D 351 -51.76 94.55 72.17
CA ILE D 351 -52.85 94.00 73.02
C ILE D 351 -52.60 94.36 74.49
N HIS D 352 -51.34 94.32 74.92
CA HIS D 352 -50.89 94.70 76.25
C HIS D 352 -51.13 96.18 76.62
N LYS D 353 -50.98 97.12 75.67
CA LYS D 353 -51.21 98.57 75.91
C LYS D 353 -52.68 98.92 76.14
N LYS D 354 -53.61 98.23 75.48
CA LYS D 354 -55.06 98.45 75.61
C LYS D 354 -55.67 97.94 76.92
N LEU D 355 -54.89 97.20 77.73
CA LEU D 355 -55.30 96.61 79.02
C LEU D 355 -54.70 97.36 80.24
N SER D 356 -54.25 98.61 80.08
CA SER D 356 -53.42 99.34 81.08
C SER D 356 -54.16 100.07 82.22
N ASP D 357 -55.47 99.89 82.41
CA ASP D 357 -56.26 100.67 83.41
C ASP D 357 -55.98 100.28 84.89
N GLY D 358 -54.94 99.46 85.14
CA GLY D 358 -54.32 99.21 86.47
C GLY D 358 -55.03 98.20 87.39
N SER D 359 -56.20 97.70 87.00
CA SER D 359 -57.06 96.85 87.84
C SER D 359 -56.66 95.35 87.86
N GLU D 360 -57.09 94.62 88.90
CA GLU D 360 -56.82 93.18 89.10
C GLU D 360 -57.33 92.27 87.97
N VAL D 361 -58.48 92.60 87.38
CA VAL D 361 -59.12 91.81 86.31
C VAL D 361 -58.33 91.89 84.99
N SER D 362 -57.72 93.05 84.70
CA SER D 362 -56.87 93.24 83.52
C SER D 362 -55.66 92.28 83.54
N VAL D 363 -55.05 92.07 84.71
CA VAL D 363 -53.87 91.22 84.89
C VAL D 363 -54.19 89.74 84.63
N LEU D 364 -55.33 89.24 85.12
CA LEU D 364 -55.78 87.86 84.89
C LEU D 364 -56.14 87.60 83.42
N THR D 365 -56.77 88.57 82.77
CA THR D 365 -57.14 88.46 81.35
C THR D 365 -55.90 88.36 80.47
N ARG D 366 -54.85 89.12 80.80
CA ARG D 366 -53.54 89.09 80.15
C ARG D 366 -52.82 87.74 80.33
N ALA D 367 -52.85 87.18 81.54
CA ALA D 367 -52.29 85.85 81.82
C ALA D 367 -53.04 84.71 81.10
N ALA D 368 -54.36 84.84 80.92
CA ALA D 368 -55.16 83.90 80.14
C ALA D 368 -54.81 83.96 78.64
N PHE D 369 -54.64 85.17 78.10
CA PHE D 369 -54.19 85.38 76.72
C PHE D 369 -52.82 84.75 76.46
N ASP D 370 -51.84 84.99 77.34
CA ASP D 370 -50.50 84.40 77.23
C ASP D 370 -50.51 82.87 77.32
N ALA D 371 -51.38 82.29 78.16
CA ALA D 371 -51.52 80.85 78.31
C ALA D 371 -52.17 80.19 77.08
N GLU D 372 -53.25 80.77 76.53
CA GLU D 372 -53.88 80.27 75.30
C GLU D 372 -52.90 80.35 74.10
N LEU D 373 -52.16 81.46 73.97
CA LEU D 373 -51.15 81.64 72.92
C LEU D 373 -50.05 80.57 72.98
N ARG D 374 -49.54 80.25 74.17
CA ARG D 374 -48.51 79.22 74.37
C ARG D 374 -48.97 77.83 73.92
N CYS D 375 -50.21 77.46 74.26
CA CYS D 375 -50.80 76.17 73.93
C CYS D 375 -50.91 75.97 72.40
N VAL D 376 -51.33 77.01 71.68
CA VAL D 376 -51.48 77.01 70.21
C VAL D 376 -50.12 76.86 69.50
N ILE D 377 -49.10 77.60 69.94
CA ILE D 377 -47.73 77.55 69.39
C ILE D 377 -47.14 76.14 69.49
N LEU D 378 -47.31 75.45 70.63
CA LEU D 378 -46.81 74.08 70.83
C LEU D 378 -47.56 73.06 69.96
N ARG D 379 -48.89 73.20 69.83
CA ARG D 379 -49.71 72.29 68.99
C ARG D 379 -49.28 72.35 67.54
N GLY D 380 -49.00 73.56 67.03
CA GLY D 380 -48.43 73.77 65.69
C GLY D 380 -47.06 73.11 65.48
N CYS D 381 -46.21 73.04 66.52
CA CYS D 381 -44.90 72.38 66.45
C CYS D 381 -45.02 70.85 66.30
N ARG D 382 -45.86 70.21 67.13
CA ARG D 382 -46.11 68.77 67.12
C ARG D 382 -46.63 68.28 65.76
N ASP D 383 -47.63 68.97 65.22
CA ASP D 383 -48.30 68.55 63.98
C ASP D 383 -47.35 68.63 62.78
N ALA D 384 -46.49 69.66 62.75
CA ALA D 384 -45.44 69.80 61.74
C ALA D 384 -44.39 68.66 61.80
N LEU D 385 -43.94 68.25 62.99
CA LEU D 385 -43.02 67.12 63.16
C LEU D 385 -43.61 65.79 62.67
N MET D 386 -44.88 65.52 62.97
CA MET D 386 -45.58 64.31 62.50
C MET D 386 -45.72 64.24 60.98
N GLN D 387 -45.88 65.39 60.31
CA GLN D 387 -45.95 65.45 58.85
C GLN D 387 -44.59 65.15 58.21
N GLU D 388 -43.50 65.68 58.75
CA GLU D 388 -42.14 65.38 58.28
C GLU D 388 -41.75 63.92 58.53
N CYS D 389 -42.14 63.32 59.67
CA CYS D 389 -41.95 61.88 59.90
C CYS D 389 -42.65 61.02 58.84
N ARG D 390 -43.89 61.37 58.42
CA ARG D 390 -44.60 60.63 57.36
C ARG D 390 -43.89 60.71 56.01
N MET D 391 -43.45 61.90 55.62
CA MET D 391 -42.69 62.12 54.38
C MET D 391 -41.41 61.28 54.33
N LEU D 392 -40.64 61.22 55.43
CA LEU D 392 -39.44 60.38 55.51
C LEU D 392 -39.76 58.89 55.36
N GLN D 393 -40.89 58.44 55.88
CA GLN D 393 -41.31 57.03 55.86
C GLN D 393 -41.68 56.56 54.44
N GLU D 394 -42.37 57.41 53.66
CA GLU D 394 -42.66 57.15 52.25
C GLU D 394 -41.38 57.10 51.39
N GLU D 395 -40.42 58.00 51.63
CA GLU D 395 -39.14 57.99 50.91
C GLU D 395 -38.34 56.69 51.16
N ALA D 396 -38.34 56.20 52.40
CA ALA D 396 -37.67 54.95 52.76
C ALA D 396 -38.36 53.73 52.13
N ALA D 397 -39.70 53.73 52.03
CA ALA D 397 -40.45 52.64 51.41
C ALA D 397 -40.15 52.50 49.90
N GLY D 398 -40.05 53.62 49.17
CA GLY D 398 -39.71 53.64 47.75
C GLY D 398 -38.34 53.01 47.46
N LYS D 399 -37.30 53.42 48.21
CA LYS D 399 -35.94 52.84 48.07
C LYS D 399 -35.91 51.35 48.41
N LYS D 400 -36.72 50.87 49.37
CA LYS D 400 -36.80 49.43 49.69
C LYS D 400 -37.34 48.58 48.52
N GLN D 401 -38.10 49.16 47.60
CA GLN D 401 -38.61 48.46 46.43
C GLN D 401 -37.55 48.35 45.32
N GLU D 402 -36.74 49.39 45.11
CA GLU D 402 -35.58 49.36 44.21
C GLU D 402 -34.52 48.35 44.69
N MET D 403 -34.41 48.13 46.01
CA MET D 403 -33.60 47.06 46.60
C MET D 403 -33.97 45.64 46.12
N LYS D 404 -35.26 45.37 45.90
CA LYS D 404 -35.72 44.04 45.43
C LYS D 404 -35.33 43.80 43.97
N LEU D 405 -35.35 44.84 43.14
CA LEU D 405 -34.90 44.76 41.73
C LEU D 405 -33.41 44.43 41.66
N LEU D 406 -32.60 45.05 42.52
CA LEU D 406 -31.18 44.75 42.67
C LEU D 406 -30.90 43.28 43.05
N GLN D 407 -31.66 42.71 43.99
CA GLN D 407 -31.55 41.28 44.32
C GLN D 407 -31.82 40.37 43.11
N GLN D 408 -32.77 40.75 42.25
CA GLN D 408 -33.08 39.97 41.05
C GLN D 408 -31.98 40.07 39.99
N GLN D 409 -31.32 41.23 39.85
CA GLN D 409 -30.13 41.36 39.01
C GLN D 409 -28.96 40.50 39.52
N GLN D 410 -28.72 40.43 40.84
CA GLN D 410 -27.71 39.56 41.42
C GLN D 410 -27.95 38.08 41.03
N GLN D 411 -29.21 37.66 41.04
CA GLN D 411 -29.59 36.29 40.68
C GLN D 411 -29.35 35.99 39.19
N ASN D 412 -29.66 36.94 38.30
CA ASN D 412 -29.34 36.84 36.87
C ASN D 412 -27.83 36.76 36.61
N ILE D 413 -27.02 37.50 37.38
CA ILE D 413 -25.55 37.46 37.30
C ILE D 413 -25.03 36.06 37.68
N GLN D 414 -25.59 35.42 38.72
CA GLN D 414 -25.22 34.05 39.09
C GLN D 414 -25.62 33.01 38.04
N GLU D 415 -26.83 33.09 37.48
CA GLU D 415 -27.29 32.18 36.42
C GLU D 415 -26.44 32.31 35.15
N ALA D 416 -26.04 33.53 34.78
CA ALA D 416 -25.16 33.79 33.65
C ALA D 416 -23.76 33.21 33.86
N CYS D 417 -23.20 33.26 35.08
CA CYS D 417 -21.95 32.56 35.42
C CYS D 417 -22.05 31.04 35.20
N LEU D 418 -23.14 30.41 35.64
CA LEU D 418 -23.37 28.97 35.42
C LEU D 418 -23.51 28.62 33.92
N LEU D 419 -24.13 29.51 33.13
CA LEU D 419 -24.24 29.35 31.68
C LEU D 419 -22.86 29.43 31.00
N LEU D 420 -22.03 30.40 31.41
CA LEU D 420 -20.64 30.56 30.95
C LEU D 420 -19.81 29.29 31.20
N ASP D 421 -19.96 28.67 32.36
CA ASP D 421 -19.29 27.40 32.70
C ASP D 421 -19.75 26.21 31.85
N LYS D 422 -21.06 26.11 31.60
CA LYS D 422 -21.61 25.06 30.72
C LYS D 422 -21.10 25.20 29.29
N LYS D 423 -21.11 26.41 28.74
CA LYS D 423 -20.57 26.70 27.40
C LYS D 423 -19.07 26.39 27.33
N GLN D 424 -18.31 26.73 28.37
CA GLN D 424 -16.87 26.42 28.44
C GLN D 424 -16.59 24.91 28.40
N LYS D 425 -17.37 24.10 29.13
CA LYS D 425 -17.27 22.64 29.07
C LYS D 425 -17.57 22.12 27.66
N HIS D 426 -18.54 22.71 26.96
CA HIS D 426 -18.90 22.28 25.63
C HIS D 426 -17.83 22.61 24.58
N ILE D 427 -17.18 23.78 24.69
CA ILE D 427 -16.01 24.16 23.88
C ILE D 427 -14.89 23.11 24.06
N GLN D 428 -14.60 22.67 25.29
CA GLN D 428 -13.59 21.62 25.54
C GLN D 428 -13.95 20.29 24.87
N ILE D 429 -15.22 19.88 24.92
CA ILE D 429 -15.72 18.66 24.26
C ILE D 429 -15.54 18.76 22.74
N LEU D 430 -15.91 19.90 22.14
CA LEU D 430 -15.79 20.12 20.69
C LEU D 430 -14.33 20.11 20.22
N ILE D 431 -13.42 20.78 20.93
CA ILE D 431 -11.98 20.77 20.61
C ILE D 431 -11.44 19.33 20.62
N LYS D 432 -11.79 18.54 21.64
CA LYS D 432 -11.37 17.13 21.74
C LYS D 432 -11.99 16.27 20.64
N GLY D 433 -13.26 16.50 20.31
CA GLY D 433 -13.98 15.81 19.23
C GLY D 433 -13.38 16.08 17.85
N ASN D 434 -12.99 17.32 17.56
CA ASN D 434 -12.40 17.70 16.28
C ASN D 434 -10.98 17.10 16.11
N SER D 435 -10.18 17.07 17.18
CA SER D 435 -8.88 16.39 17.19
C SER D 435 -9.00 14.88 16.91
N SER D 436 -10.00 14.23 17.51
CA SER D 436 -10.30 12.82 17.23
C SER D 436 -10.73 12.59 15.77
N SER D 437 -11.61 13.45 15.24
CA SER D 437 -12.11 13.35 13.87
C SER D 437 -10.99 13.49 12.84
N LYS D 438 -10.07 14.47 13.04
CA LYS D 438 -8.86 14.62 12.22
C LYS D 438 -8.00 13.35 12.19
N SER D 439 -7.86 12.68 13.33
CA SER D 439 -7.12 11.42 13.45
C SER D 439 -7.82 10.27 12.72
N GLN D 440 -9.15 10.24 12.75
CA GLN D 440 -9.97 9.20 12.13
C GLN D 440 -9.99 9.31 10.60
N ILE D 441 -10.03 10.53 10.05
CA ILE D 441 -9.89 10.78 8.61
C ILE D 441 -8.55 10.24 8.08
N ARG D 442 -7.43 10.49 8.80
CA ARG D 442 -6.12 9.92 8.45
C ARG D 442 -6.12 8.39 8.43
N ARG D 443 -6.75 7.73 9.41
CA ARG D 443 -6.84 6.25 9.41
C ARG D 443 -7.68 5.72 8.25
N SER D 444 -8.80 6.36 7.94
CA SER D 444 -9.71 5.94 6.87
C SER D 444 -9.03 6.02 5.49
N SER D 445 -8.18 7.04 5.26
CA SER D 445 -7.36 7.14 4.05
C SER D 445 -6.41 5.95 3.89
N VAL D 446 -5.72 5.57 4.97
CA VAL D 446 -4.77 4.44 4.95
C VAL D 446 -5.51 3.10 4.79
N GLU D 447 -6.68 2.94 5.40
CA GLU D 447 -7.50 1.73 5.26
C GLU D 447 -7.97 1.51 3.83
N ALA D 448 -8.44 2.56 3.14
CA ALA D 448 -8.86 2.48 1.75
C ALA D 448 -7.71 2.11 0.80
N GLN D 449 -6.53 2.74 0.95
CA GLN D 449 -5.34 2.39 0.16
C GLN D 449 -4.89 0.95 0.39
N LYS D 450 -4.90 0.49 1.65
CA LYS D 450 -4.51 -0.87 2.00
C LYS D 450 -5.47 -1.91 1.42
N TYR D 451 -6.79 -1.64 1.42
CA TYR D 451 -7.76 -2.51 0.77
C TYR D 451 -7.51 -2.64 -0.74
N VAL D 452 -7.18 -1.55 -1.43
CA VAL D 452 -6.86 -1.57 -2.86
C VAL D 452 -5.62 -2.42 -3.15
N GLN D 453 -4.53 -2.24 -2.36
CA GLN D 453 -3.29 -3.00 -2.49
C GLN D 453 -3.45 -4.49 -2.19
N ASP D 454 -4.14 -4.85 -1.10
CA ASP D 454 -4.21 -6.24 -0.65
C ASP D 454 -5.32 -7.06 -1.35
N LYS D 455 -6.41 -6.43 -1.80
CA LYS D 455 -7.61 -7.15 -2.31
C LYS D 455 -7.93 -6.96 -3.79
N LEU D 456 -7.67 -5.78 -4.37
CA LEU D 456 -8.10 -5.48 -5.75
C LEU D 456 -6.99 -5.72 -6.77
N LEU D 457 -5.79 -5.21 -6.52
CA LEU D 457 -4.63 -5.30 -7.41
C LEU D 457 -4.20 -6.74 -7.81
N PRO D 458 -4.41 -7.81 -7.02
CA PRO D 458 -4.05 -9.18 -7.42
C PRO D 458 -4.93 -9.82 -8.51
N TRP D 459 -6.19 -9.40 -8.67
CA TRP D 459 -7.17 -10.05 -9.57
C TRP D 459 -6.77 -10.23 -11.04
N PRO D 460 -6.07 -9.29 -11.71
CA PRO D 460 -5.70 -9.44 -13.12
C PRO D 460 -4.86 -10.68 -13.40
N GLN D 461 -3.98 -11.08 -12.49
CA GLN D 461 -3.14 -12.27 -12.72
C GLN D 461 -3.96 -13.57 -12.69
N GLU D 462 -4.92 -13.70 -11.78
CA GLU D 462 -5.82 -14.86 -11.71
C GLU D 462 -6.70 -14.96 -12.97
N ILE D 463 -7.26 -13.83 -13.44
CA ILE D 463 -8.08 -13.82 -14.66
C ILE D 463 -7.25 -14.18 -15.90
N ILE D 464 -5.99 -13.72 -15.99
CA ILE D 464 -5.10 -14.10 -17.09
C ILE D 464 -4.82 -15.61 -17.09
N GLN D 465 -4.57 -16.20 -15.91
CA GLN D 465 -4.30 -17.64 -15.79
C GLN D 465 -5.50 -18.49 -16.18
N GLU D 466 -6.70 -18.20 -15.66
CA GLU D 466 -7.90 -18.98 -15.99
C GLU D 466 -8.35 -18.77 -17.45
N SER D 467 -8.17 -17.55 -17.99
CA SER D 467 -8.42 -17.26 -19.41
C SER D 467 -7.50 -18.07 -20.34
N GLN D 468 -6.22 -18.24 -19.98
CA GLN D 468 -5.29 -19.08 -20.73
C GLN D 468 -5.65 -20.57 -20.72
N ARG D 469 -6.21 -21.10 -19.61
CA ARG D 469 -6.69 -22.50 -19.56
C ARG D 469 -7.82 -22.74 -20.58
N LEU D 470 -8.74 -21.78 -20.71
CA LEU D 470 -9.89 -21.85 -21.61
C LEU D 470 -9.59 -21.50 -23.08
N GLN D 471 -8.39 -21.01 -23.37
CA GLN D 471 -7.98 -20.66 -24.73
C GLN D 471 -8.00 -21.90 -25.65
N ASP D 472 -8.68 -21.76 -26.79
CA ASP D 472 -8.92 -22.83 -27.76
C ASP D 472 -9.62 -24.09 -27.18
N SER D 473 -10.39 -23.94 -26.10
CA SER D 473 -11.13 -25.03 -25.44
C SER D 473 -12.00 -25.84 -26.41
N ILE D 474 -12.79 -25.15 -27.25
CA ILE D 474 -13.67 -25.79 -28.25
C ILE D 474 -12.85 -26.64 -29.22
N GLN D 475 -11.74 -26.10 -29.71
CA GLN D 475 -10.93 -26.77 -30.72
C GLN D 475 -10.14 -27.97 -30.14
N LYS D 476 -9.75 -27.90 -28.86
CA LYS D 476 -9.19 -29.02 -28.09
C LYS D 476 -10.23 -30.14 -27.95
N GLU D 477 -11.43 -29.87 -27.44
CA GLU D 477 -12.48 -30.89 -27.27
C GLU D 477 -12.87 -31.55 -28.59
N VAL D 478 -13.07 -30.78 -29.67
CA VAL D 478 -13.42 -31.30 -30.99
C VAL D 478 -12.35 -32.25 -31.54
N LYS D 479 -11.07 -31.94 -31.31
CA LYS D 479 -9.95 -32.78 -31.76
C LYS D 479 -9.94 -34.11 -31.01
N HIS D 480 -10.15 -34.10 -29.70
CA HIS D 480 -10.28 -35.33 -28.91
C HIS D 480 -11.53 -36.14 -29.30
N PHE D 481 -12.69 -35.48 -29.44
CA PHE D 481 -13.93 -36.13 -29.87
C PHE D 481 -13.81 -36.82 -31.23
N SER D 482 -13.05 -36.23 -32.18
CA SER D 482 -12.84 -36.84 -33.50
C SER D 482 -12.17 -38.21 -33.44
N ALA D 483 -11.36 -38.50 -32.41
CA ALA D 483 -10.63 -39.76 -32.25
C ALA D 483 -11.45 -40.89 -31.57
N ILE D 484 -12.61 -40.55 -31.01
CA ILE D 484 -13.44 -41.50 -30.25
C ILE D 484 -14.27 -42.39 -31.17
N CYS D 485 -14.48 -43.62 -30.73
CA CYS D 485 -15.39 -44.59 -31.30
C CYS D 485 -16.77 -44.46 -30.62
N LEU D 486 -17.77 -43.90 -31.31
CA LEU D 486 -19.12 -43.73 -30.72
C LEU D 486 -19.73 -45.03 -30.18
N PRO D 487 -19.61 -46.20 -30.84
CA PRO D 487 -20.11 -47.47 -30.31
C PRO D 487 -19.53 -47.87 -28.94
N ALA D 488 -18.34 -47.38 -28.57
CA ALA D 488 -17.73 -47.68 -27.27
C ALA D 488 -18.44 -47.00 -26.09
N LEU D 489 -19.26 -45.98 -26.38
CA LEU D 489 -20.03 -45.21 -25.39
C LEU D 489 -21.35 -45.88 -25.02
N LEU D 490 -21.83 -46.76 -25.89
CA LEU D 490 -23.12 -47.39 -25.80
C LEU D 490 -23.03 -48.53 -24.78
N LYS D 491 -23.55 -48.30 -23.58
CA LYS D 491 -23.47 -49.27 -22.46
C LYS D 491 -24.77 -50.07 -22.34
N VAL D 492 -24.65 -51.35 -22.05
CA VAL D 492 -25.76 -52.29 -21.88
C VAL D 492 -25.59 -53.04 -20.56
N SER D 493 -26.69 -53.36 -19.88
CA SER D 493 -26.68 -54.08 -18.60
C SER D 493 -27.18 -55.52 -18.79
N THR D 494 -26.32 -56.51 -18.53
CA THR D 494 -26.66 -57.93 -18.60
C THR D 494 -27.36 -58.43 -17.33
N ASP D 495 -26.81 -58.09 -16.16
CA ASP D 495 -27.30 -58.55 -14.84
C ASP D 495 -28.00 -57.45 -14.03
N GLY D 496 -28.50 -56.40 -14.70
CA GLY D 496 -29.17 -55.26 -14.05
C GLY D 496 -28.20 -54.27 -13.37
N PHE D 497 -27.04 -54.71 -12.89
CA PHE D 497 -26.10 -53.87 -12.14
C PHE D 497 -24.85 -53.44 -12.94
N ASN D 498 -24.30 -54.30 -13.78
CA ASN D 498 -23.05 -54.02 -14.49
C ASN D 498 -23.31 -53.52 -15.91
N LEU D 499 -23.10 -52.22 -16.12
CA LEU D 499 -23.06 -51.60 -17.45
C LEU D 499 -21.73 -51.91 -18.12
N LEU D 500 -21.78 -52.70 -19.19
CA LEU D 500 -20.66 -53.00 -20.05
C LEU D 500 -20.84 -52.29 -21.39
N PRO D 501 -19.76 -51.78 -22.02
CA PRO D 501 -19.84 -51.30 -23.39
C PRO D 501 -20.37 -52.42 -24.30
N SER D 502 -21.33 -52.10 -25.17
CA SER D 502 -21.92 -53.04 -26.12
C SER D 502 -20.85 -53.76 -26.97
N ARG D 503 -19.75 -53.06 -27.28
CA ARG D 503 -18.58 -53.60 -27.99
C ARG D 503 -17.86 -54.73 -27.24
N GLU D 504 -18.00 -54.83 -25.92
CA GLU D 504 -17.42 -55.91 -25.12
C GLU D 504 -18.29 -57.17 -25.06
N LEU D 505 -19.57 -57.08 -25.44
CA LEU D 505 -20.43 -58.27 -25.56
C LEU D 505 -19.85 -59.21 -26.62
N SER D 506 -19.78 -60.49 -26.30
CA SER D 506 -19.16 -61.47 -27.17
C SER D 506 -19.89 -61.58 -28.52
N ILE D 507 -21.23 -61.47 -28.53
CA ILE D 507 -22.04 -61.38 -29.76
C ILE D 507 -21.61 -60.26 -30.70
N ASN D 508 -21.23 -59.10 -30.16
CA ASN D 508 -20.80 -57.95 -30.95
C ASN D 508 -19.32 -58.00 -31.31
N ARG D 509 -18.43 -58.46 -30.42
CA ARG D 509 -17.02 -58.68 -30.74
C ARG D 509 -16.82 -59.58 -31.96
N MET D 510 -17.70 -60.57 -32.07
CA MET D 510 -17.65 -61.62 -33.08
C MET D 510 -18.38 -61.30 -34.38
N SER D 511 -19.30 -60.32 -34.41
CA SER D 511 -20.17 -60.08 -35.57
C SER D 511 -20.20 -58.64 -36.07
N ASN D 512 -19.80 -57.69 -35.22
CA ASN D 512 -19.86 -56.26 -35.52
C ASN D 512 -18.65 -55.85 -36.38
N THR D 513 -18.94 -55.35 -37.57
CA THR D 513 -18.00 -54.89 -38.60
C THR D 513 -17.09 -53.74 -38.13
N HIS D 514 -17.51 -53.01 -37.09
CA HIS D 514 -16.75 -51.92 -36.50
C HIS D 514 -15.93 -52.31 -35.27
N ALA D 515 -16.03 -53.55 -34.79
CA ALA D 515 -15.18 -54.01 -33.71
C ALA D 515 -13.73 -54.18 -34.20
N PRO D 516 -12.71 -53.81 -33.41
CA PRO D 516 -11.30 -53.98 -33.81
C PRO D 516 -10.90 -55.46 -33.96
N TYR D 517 -11.68 -56.37 -33.38
CA TYR D 517 -11.47 -57.81 -33.44
C TYR D 517 -12.17 -58.47 -34.64
N TYR D 518 -12.94 -57.71 -35.44
CA TYR D 518 -13.70 -58.26 -36.57
C TYR D 518 -12.81 -59.00 -37.57
N GLY D 519 -11.64 -58.44 -37.90
CA GLY D 519 -10.68 -59.07 -38.82
C GLY D 519 -10.17 -60.43 -38.33
N ILE D 520 -10.00 -60.58 -37.02
CA ILE D 520 -9.54 -61.83 -36.38
C ILE D 520 -10.65 -62.88 -36.42
N PHE D 521 -11.87 -62.52 -36.00
CA PHE D 521 -12.99 -63.46 -36.01
C PHE D 521 -13.40 -63.86 -37.42
N LYS D 522 -13.24 -62.97 -38.41
CA LYS D 522 -13.41 -63.31 -39.82
C LYS D 522 -12.44 -64.42 -40.27
N GLY D 523 -11.15 -64.32 -39.90
CA GLY D 523 -10.16 -65.37 -40.17
C GLY D 523 -10.49 -66.70 -39.50
N ILE D 524 -10.99 -66.66 -38.25
CA ILE D 524 -11.46 -67.85 -37.54
C ILE D 524 -12.66 -68.48 -38.25
N TYR D 525 -13.66 -67.69 -38.67
CA TYR D 525 -14.82 -68.23 -39.39
C TYR D 525 -14.47 -68.85 -40.73
N GLU D 526 -13.58 -68.24 -41.50
CA GLU D 526 -13.06 -68.82 -42.74
C GLU D 526 -12.31 -70.14 -42.46
N SER D 527 -11.51 -70.20 -41.39
CA SER D 527 -10.76 -71.40 -40.99
C SER D 527 -11.68 -72.57 -40.59
N VAL D 528 -12.74 -72.29 -39.83
CA VAL D 528 -13.74 -73.28 -39.36
C VAL D 528 -14.85 -73.51 -40.41
N ARG D 529 -14.81 -72.80 -41.55
CA ARG D 529 -15.85 -72.80 -42.60
C ARG D 529 -17.26 -72.50 -42.05
N LEU D 530 -17.36 -71.54 -41.14
CA LEU D 530 -18.66 -71.03 -40.69
C LEU D 530 -19.06 -69.81 -41.54
N PRO D 531 -20.22 -69.81 -42.20
CA PRO D 531 -20.66 -68.66 -42.99
C PRO D 531 -20.88 -67.40 -42.16
N LEU D 532 -20.54 -66.22 -42.70
CA LEU D 532 -20.64 -64.93 -41.99
C LEU D 532 -22.08 -64.49 -41.67
N TYR D 533 -23.08 -65.05 -42.36
CA TYR D 533 -24.49 -64.75 -42.09
C TYR D 533 -25.03 -65.47 -40.85
N LYS D 534 -24.31 -66.50 -40.34
CA LYS D 534 -24.74 -67.27 -39.17
C LYS D 534 -24.64 -66.46 -37.88
N ALA D 535 -25.53 -66.81 -36.97
CA ALA D 535 -25.52 -66.39 -35.58
C ALA D 535 -24.17 -66.61 -34.87
N PRO D 536 -23.58 -65.62 -34.17
CA PRO D 536 -22.32 -65.80 -33.44
C PRO D 536 -22.38 -66.84 -32.30
N GLU D 537 -23.54 -67.07 -31.66
CA GLU D 537 -23.74 -68.19 -30.72
C GLU D 537 -23.63 -69.60 -31.35
N SER D 538 -23.68 -69.73 -32.68
CA SER D 538 -23.56 -71.05 -33.32
C SER D 538 -22.11 -71.54 -33.46
N VAL D 539 -21.12 -70.71 -33.12
CA VAL D 539 -19.69 -70.97 -33.35
C VAL D 539 -19.17 -72.15 -32.52
N LEU D 540 -19.41 -72.16 -31.20
CA LEU D 540 -18.93 -73.26 -30.36
C LEU D 540 -19.64 -74.57 -30.67
N SER D 541 -20.93 -74.53 -30.98
CA SER D 541 -21.68 -75.74 -31.35
C SER D 541 -21.20 -76.32 -32.68
N HIS D 542 -20.90 -75.47 -33.67
CA HIS D 542 -20.30 -75.89 -34.94
C HIS D 542 -18.91 -76.52 -34.76
N VAL D 543 -18.03 -75.91 -33.96
CA VAL D 543 -16.71 -76.50 -33.67
C VAL D 543 -16.82 -77.83 -32.92
N ALA D 544 -17.77 -77.97 -31.98
CA ALA D 544 -18.03 -79.23 -31.29
C ALA D 544 -18.49 -80.34 -32.26
N ASP D 545 -19.33 -80.00 -33.24
CA ASP D 545 -19.75 -80.95 -34.27
C ASP D 545 -18.62 -81.29 -35.26
N MET D 546 -17.73 -80.34 -35.59
CA MET D 546 -16.50 -80.64 -36.34
C MET D 546 -15.59 -81.62 -35.59
N LYS D 547 -15.41 -81.46 -34.27
CA LYS D 547 -14.68 -82.45 -33.45
C LYS D 547 -15.34 -83.82 -33.43
N LYS D 548 -16.68 -83.88 -33.33
CA LYS D 548 -17.44 -85.13 -33.48
C LYS D 548 -17.15 -85.77 -34.84
N GLN D 549 -17.12 -84.98 -35.92
CA GLN D 549 -16.84 -85.46 -37.28
C GLN D 549 -15.40 -85.99 -37.42
N LEU D 550 -14.40 -85.32 -36.82
CA LEU D 550 -13.02 -85.79 -36.78
C LEU D 550 -12.90 -87.15 -36.06
N PHE D 551 -13.59 -87.31 -34.93
CA PHE D 551 -13.59 -88.57 -34.19
C PHE D 551 -14.23 -89.72 -35.01
N PHE D 552 -15.33 -89.43 -35.70
CA PHE D 552 -15.98 -90.38 -36.59
C PHE D 552 -15.05 -90.83 -37.73
N LEU D 553 -14.41 -89.89 -38.44
CA LEU D 553 -13.45 -90.19 -39.50
C LEU D 553 -12.25 -91.01 -39.00
N ARG D 554 -11.76 -90.73 -37.77
CA ARG D 554 -10.72 -91.54 -37.11
C ARG D 554 -11.15 -92.98 -36.87
N SER D 555 -12.36 -93.18 -36.34
CA SER D 555 -12.93 -94.52 -36.17
C SER D 555 -13.03 -95.21 -37.52
N GLN D 556 -13.63 -94.56 -38.51
CA GLN D 556 -13.82 -95.11 -39.85
C GLN D 556 -12.49 -95.55 -40.50
N LEU D 557 -11.45 -94.70 -40.47
CA LEU D 557 -10.13 -95.03 -40.98
C LEU D 557 -9.51 -96.23 -40.25
N SER D 558 -9.65 -96.29 -38.92
CA SER D 558 -9.19 -97.43 -38.13
C SER D 558 -9.88 -98.72 -38.54
N SER D 559 -11.20 -98.70 -38.73
CA SER D 559 -11.98 -99.85 -39.19
C SER D 559 -11.49 -100.37 -40.53
N ARG D 560 -11.35 -99.44 -41.47
CA ARG D 560 -11.01 -99.73 -42.86
C ARG D 560 -9.58 -100.25 -42.99
N SER D 561 -8.65 -99.68 -42.23
CA SER D 561 -7.26 -100.19 -42.15
C SER D 561 -7.20 -101.60 -41.55
N GLU D 562 -8.02 -101.90 -40.54
CA GLU D 562 -8.10 -103.23 -39.95
C GLU D 562 -8.72 -104.25 -40.93
N ALA D 563 -9.77 -103.87 -41.66
CA ALA D 563 -10.39 -104.66 -42.72
C ALA D 563 -9.42 -104.98 -43.86
N ILE D 564 -8.66 -103.98 -44.36
CA ILE D 564 -7.61 -104.19 -45.37
C ILE D 564 -6.53 -105.14 -44.83
N SER D 565 -6.11 -104.96 -43.57
CA SER D 565 -5.09 -105.81 -42.94
C SER D 565 -5.55 -107.25 -42.71
N LYS D 566 -6.83 -107.48 -42.35
CA LYS D 566 -7.44 -108.82 -42.28
C LYS D 566 -7.41 -109.48 -43.67
N THR D 567 -7.79 -108.73 -44.71
CA THR D 567 -7.83 -109.20 -46.10
C THR D 567 -6.44 -109.54 -46.64
N GLN D 568 -5.42 -108.71 -46.38
CA GLN D 568 -4.03 -108.99 -46.76
C GLN D 568 -3.46 -110.22 -46.03
N ARG D 569 -3.77 -110.40 -44.73
CA ARG D 569 -3.37 -111.61 -43.98
C ARG D 569 -4.04 -112.87 -44.53
N ALA D 570 -5.30 -112.78 -44.95
CA ALA D 570 -5.99 -113.90 -45.59
C ALA D 570 -5.39 -114.23 -46.97
N LEU D 571 -5.03 -113.22 -47.76
CA LEU D 571 -4.33 -113.39 -49.04
C LEU D 571 -2.96 -114.06 -48.85
N GLN D 572 -2.18 -113.68 -47.83
CA GLN D 572 -0.88 -114.30 -47.50
C GLN D 572 -0.99 -115.75 -47.02
N LYS D 573 -2.08 -116.14 -46.37
CA LYS D 573 -2.29 -117.54 -45.96
C LYS D 573 -2.67 -118.44 -47.13
N ASN D 574 -3.40 -117.91 -48.11
CA ASN D 574 -3.88 -118.68 -49.26
C ASN D 574 -2.85 -118.77 -50.41
N THR D 575 -1.74 -118.03 -50.38
CA THR D 575 -0.84 -117.78 -51.54
C THR D 575 0.17 -118.85 -51.88
N ASN D 576 0.20 -120.02 -51.25
CA ASN D 576 1.07 -121.11 -51.71
C ASN D 576 0.22 -122.18 -52.44
N PRO D 577 0.17 -122.19 -53.79
CA PRO D 577 0.92 -121.37 -54.78
C PRO D 577 0.27 -120.03 -55.17
N ASP D 578 1.08 -119.11 -55.70
CA ASP D 578 0.61 -117.84 -56.23
C ASP D 578 -0.26 -118.06 -57.47
N THR D 579 -1.25 -117.20 -57.74
CA THR D 579 -2.24 -117.44 -58.81
C THR D 579 -1.58 -117.48 -60.19
N ASP D 580 -0.63 -116.60 -60.46
CA ASP D 580 0.15 -116.61 -61.71
C ASP D 580 1.00 -117.87 -61.84
N ALA D 581 1.61 -118.31 -60.74
CA ALA D 581 2.38 -119.54 -60.71
C ALA D 581 1.50 -120.79 -60.94
N LEU D 582 0.27 -120.77 -60.41
CA LEU D 582 -0.71 -121.84 -60.59
C LEU D 582 -1.22 -121.88 -62.03
N LEU D 583 -1.57 -120.72 -62.62
CA LEU D 583 -1.95 -120.61 -64.03
C LEU D 583 -0.84 -121.08 -64.97
N LYS D 584 0.42 -120.73 -64.67
CA LYS D 584 1.57 -121.21 -65.43
C LYS D 584 1.75 -122.72 -65.30
N SER D 585 1.64 -123.26 -64.10
CA SER D 585 1.70 -124.71 -63.86
C SER D 585 0.60 -125.47 -64.60
N LEU D 586 -0.61 -124.90 -64.62
CA LEU D 586 -1.74 -125.44 -65.37
C LEU D 586 -1.51 -125.40 -66.89
N SER D 587 -0.95 -124.31 -67.41
CA SER D 587 -0.62 -124.17 -68.84
C SER D 587 0.52 -125.10 -69.28
N ASP D 588 1.55 -125.24 -68.45
CA ASP D 588 2.69 -126.14 -68.69
C ASP D 588 2.22 -127.60 -68.68
N HIS D 589 1.37 -127.97 -67.73
CA HIS D 589 0.78 -129.31 -67.67
C HIS D 589 -0.08 -129.61 -68.90
N TYR D 590 -0.91 -128.67 -69.34
CA TYR D 590 -1.73 -128.81 -70.55
C TYR D 590 -0.86 -129.03 -71.81
N SER D 591 0.26 -128.30 -71.91
CA SER D 591 1.20 -128.45 -73.04
C SER D 591 1.92 -129.81 -73.02
N LEU D 592 2.34 -130.27 -71.84
CA LEU D 592 2.97 -131.58 -71.65
C LEU D 592 2.06 -132.74 -72.09
N GLU D 593 0.77 -132.66 -71.77
CA GLU D 593 -0.19 -133.69 -72.19
C GLU D 593 -0.38 -133.71 -73.71
N LEU D 594 -0.42 -132.55 -74.36
CA LEU D 594 -0.52 -132.42 -75.81
C LEU D 594 0.73 -132.90 -76.56
N ASP D 595 1.92 -132.60 -76.06
CA ASP D 595 3.19 -132.90 -76.74
C ASP D 595 3.67 -134.34 -76.51
N GLU D 596 3.36 -134.94 -75.35
CA GLU D 596 3.90 -136.25 -74.98
C GLU D 596 2.82 -137.33 -74.93
N MET D 597 1.72 -137.08 -74.20
CA MET D 597 0.70 -138.10 -73.92
C MET D 597 -0.23 -138.36 -75.12
N VAL D 598 -0.75 -137.31 -75.76
CA VAL D 598 -1.61 -137.42 -76.96
C VAL D 598 -0.90 -138.19 -78.10
N PRO D 599 0.31 -137.82 -78.56
CA PRO D 599 1.00 -138.57 -79.62
C PRO D 599 1.46 -139.97 -79.20
N LYS D 600 1.61 -140.26 -77.89
CA LYS D 600 1.80 -141.63 -77.40
C LYS D 600 0.52 -142.46 -77.59
N MET D 601 -0.64 -141.92 -77.23
CA MET D 601 -1.93 -142.58 -77.45
C MET D 601 -2.20 -142.84 -78.94
N GLN D 602 -1.95 -141.87 -79.81
CA GLN D 602 -2.12 -142.03 -81.26
C GLN D 602 -1.23 -143.13 -81.86
N ARG D 603 0.03 -143.24 -81.38
CA ARG D 603 0.91 -144.35 -81.77
C ARG D 603 0.36 -145.71 -81.33
N LEU D 604 -0.21 -145.80 -80.12
CA LEU D 604 -0.84 -147.03 -79.62
C LEU D 604 -2.10 -147.40 -80.41
N ILE D 605 -2.89 -146.41 -80.85
CA ILE D 605 -4.05 -146.61 -81.73
C ILE D 605 -3.59 -147.21 -83.06
N GLN D 606 -2.59 -146.60 -83.72
CA GLN D 606 -2.04 -147.12 -84.98
C GLN D 606 -1.43 -148.52 -84.84
N GLN D 607 -0.76 -148.81 -83.72
CA GLN D 607 -0.26 -150.16 -83.44
C GLN D 607 -1.40 -151.17 -83.29
N CYS D 608 -2.48 -150.81 -82.57
CA CYS D 608 -3.65 -151.68 -82.47
C CYS D 608 -4.27 -151.97 -83.84
N GLU D 609 -4.37 -150.97 -84.72
CA GLU D 609 -4.88 -151.16 -86.09
C GLU D 609 -4.00 -152.12 -86.91
N LYS D 610 -2.68 -151.98 -86.84
CA LYS D 610 -1.75 -152.95 -87.47
C LYS D 610 -1.89 -154.36 -86.91
N HIS D 611 -2.10 -154.49 -85.60
CA HIS D 611 -2.31 -155.80 -84.97
C HIS D 611 -3.65 -156.43 -85.39
N GLN D 612 -4.67 -155.63 -85.67
CA GLN D 612 -5.94 -156.11 -86.23
C GLN D 612 -5.75 -156.63 -87.67
N GLU D 613 -4.94 -155.96 -88.50
CA GLU D 613 -4.58 -156.46 -89.84
C GLU D 613 -3.79 -157.77 -89.78
N TYR D 614 -2.82 -157.84 -88.87
CA TYR D 614 -2.04 -159.06 -88.62
C TYR D 614 -2.93 -160.25 -88.18
N GLY D 615 -4.09 -159.98 -87.56
CA GLY D 615 -5.13 -161.00 -87.30
C GLY D 615 -5.54 -161.80 -88.53
N LYS D 616 -5.61 -161.17 -89.71
CA LYS D 616 -5.98 -161.83 -90.96
C LYS D 616 -4.90 -162.77 -91.47
N GLU D 617 -3.63 -162.41 -91.29
CA GLU D 617 -2.50 -163.28 -91.66
C GLU D 617 -2.47 -164.54 -90.80
N VAL D 618 -2.70 -164.39 -89.48
CA VAL D 618 -2.78 -165.55 -88.58
C VAL D 618 -3.93 -166.47 -88.97
N GLN D 619 -5.10 -165.92 -89.31
CA GLN D 619 -6.24 -166.73 -89.76
C GLN D 619 -5.95 -167.47 -91.07
N ALA D 620 -5.19 -166.88 -91.98
CA ALA D 620 -4.74 -167.55 -93.18
C ALA D 620 -3.73 -168.67 -92.90
N THR D 621 -2.81 -168.48 -91.95
CA THR D 621 -1.88 -169.53 -91.51
C THR D 621 -2.63 -170.73 -90.91
N VAL D 622 -3.71 -170.48 -90.15
CA VAL D 622 -4.59 -171.52 -89.61
C VAL D 622 -5.33 -172.26 -90.73
N MET D 623 -5.75 -171.55 -91.79
CA MET D 623 -6.34 -172.15 -92.98
C MET D 623 -5.35 -173.04 -93.74
N ASP D 624 -4.13 -172.57 -93.98
CA ASP D 624 -3.10 -173.35 -94.70
C ASP D 624 -2.73 -174.63 -93.93
N TRP D 625 -2.66 -174.56 -92.60
CA TRP D 625 -2.46 -175.74 -91.75
C TRP D 625 -3.64 -176.73 -91.83
N TRP D 626 -4.86 -176.22 -91.97
CA TRP D 626 -6.07 -177.02 -92.07
C TRP D 626 -6.33 -177.58 -93.48
N GLU D 627 -5.93 -176.92 -94.57
CA GLU D 627 -6.15 -177.43 -95.93
C GLU D 627 -4.92 -178.18 -96.50
N GLN D 628 -3.71 -177.77 -96.10
CA GLN D 628 -2.43 -178.28 -96.62
C GLN D 628 -2.40 -178.33 -98.16
N PRO D 629 -2.45 -177.21 -98.88
CA PRO D 629 -2.71 -177.20 -100.33
C PRO D 629 -1.56 -177.79 -101.21
N VAL D 630 -0.35 -177.98 -100.67
CA VAL D 630 0.82 -178.48 -101.43
C VAL D 630 0.63 -179.88 -102.01
N GLN D 631 -0.21 -180.71 -101.40
CA GLN D 631 -0.46 -182.09 -101.86
C GLN D 631 -1.07 -182.14 -103.28
N LEU D 632 -1.62 -181.04 -103.80
CA LEU D 632 -2.23 -180.97 -105.14
C LEU D 632 -1.29 -180.38 -106.22
N CYS D 633 -0.06 -180.01 -105.87
CA CYS D 633 0.85 -179.31 -106.79
C CYS D 633 1.48 -180.21 -107.88
N LEU D 634 1.48 -181.54 -107.73
CA LEU D 634 2.04 -182.51 -108.70
C LEU D 634 0.98 -183.55 -109.13
N PRO D 635 0.03 -183.19 -110.01
CA PRO D 635 -1.08 -184.08 -110.37
C PRO D 635 -0.69 -185.26 -111.28
N SER D 636 0.42 -185.17 -112.02
CA SER D 636 0.88 -186.18 -112.99
C SER D 636 1.91 -187.18 -112.44
N GLU D 637 2.30 -187.04 -111.17
CA GLU D 637 3.16 -188.01 -110.49
C GLU D 637 2.35 -189.27 -110.18
N GLU D 638 2.87 -190.44 -110.57
CA GLU D 638 2.28 -191.74 -110.27
C GLU D 638 3.23 -192.55 -109.38
N ARG D 639 2.68 -193.12 -108.31
CA ARG D 639 3.36 -194.08 -107.44
C ARG D 639 2.49 -195.33 -107.32
N GLY D 640 3.05 -196.48 -107.66
CA GLY D 640 2.28 -197.73 -107.73
C GLY D 640 1.23 -197.75 -108.85
N GLY D 641 1.44 -196.99 -109.93
CA GLY D 641 0.52 -196.86 -111.08
C GLY D 641 -0.73 -196.02 -110.82
N LEU D 642 -0.76 -195.26 -109.72
CA LEU D 642 -1.86 -194.38 -109.34
C LEU D 642 -1.32 -193.01 -108.92
N THR D 643 -2.09 -191.97 -109.21
CA THR D 643 -1.82 -190.60 -108.76
C THR D 643 -2.20 -190.41 -107.29
N LEU D 644 -1.67 -189.38 -106.61
CA LEU D 644 -2.02 -189.08 -105.21
C LEU D 644 -3.54 -188.91 -105.01
N ARG D 645 -4.20 -188.27 -105.98
CA ARG D 645 -5.66 -188.06 -105.94
C ARG D 645 -6.42 -189.38 -105.96
N GLN D 646 -6.02 -190.32 -106.81
CA GLN D 646 -6.60 -191.67 -106.85
C GLN D 646 -6.32 -192.45 -105.56
N TRP D 647 -5.14 -192.27 -104.95
CA TRP D 647 -4.85 -192.83 -103.63
C TRP D 647 -5.72 -192.23 -102.51
N ARG D 648 -5.91 -190.90 -102.49
CA ARG D 648 -6.85 -190.25 -101.55
C ARG D 648 -8.28 -190.69 -101.81
N GLU D 649 -8.71 -190.84 -103.06
CA GLU D 649 -10.04 -191.38 -103.38
C GLU D 649 -10.21 -192.82 -102.88
N ARG D 650 -9.25 -193.72 -103.14
CA ARG D 650 -9.25 -195.09 -102.56
C ARG D 650 -9.35 -195.05 -101.02
N TRP D 651 -8.59 -194.17 -100.39
CA TRP D 651 -8.67 -193.97 -98.94
C TRP D 651 -10.05 -193.48 -98.50
N THR D 652 -10.60 -192.46 -99.17
CA THR D 652 -11.90 -191.87 -98.81
C THR D 652 -13.02 -192.89 -98.95
N VAL D 653 -12.99 -193.71 -100.03
CA VAL D 653 -13.93 -194.82 -100.26
C VAL D 653 -13.78 -195.91 -99.21
N ALA D 654 -12.54 -196.29 -98.85
CA ALA D 654 -12.30 -197.29 -97.82
C ALA D 654 -12.73 -196.79 -96.41
N VAL D 655 -12.48 -195.52 -96.07
CA VAL D 655 -12.92 -194.89 -94.81
C VAL D 655 -14.45 -194.84 -94.73
N THR D 656 -15.14 -194.45 -95.81
CA THR D 656 -16.61 -194.41 -95.84
C THR D 656 -17.22 -195.81 -95.79
N ALA D 657 -16.62 -196.81 -96.43
CA ALA D 657 -17.06 -198.20 -96.34
C ALA D 657 -16.91 -198.75 -94.90
N LEU D 658 -15.80 -198.42 -94.24
CA LEU D 658 -15.53 -198.84 -92.87
C LEU D 658 -16.45 -198.14 -91.86
N GLN D 659 -16.75 -196.85 -92.05
CA GLN D 659 -17.74 -196.11 -91.27
C GLN D 659 -19.18 -196.66 -91.45
N ARG D 660 -19.56 -197.07 -92.67
CA ARG D 660 -20.85 -197.75 -92.91
C ARG D 660 -20.93 -199.11 -92.22
N ALA D 661 -19.88 -199.93 -92.34
CA ALA D 661 -19.84 -201.27 -91.75
C ALA D 661 -19.80 -201.23 -90.22
N THR D 662 -19.10 -200.27 -89.63
CA THR D 662 -19.03 -200.12 -88.17
C THR D 662 -20.33 -199.59 -87.55
N GLY D 663 -21.40 -199.42 -88.35
CA GLY D 663 -22.68 -198.88 -87.89
C GLY D 663 -22.53 -197.54 -87.17
N SER D 664 -21.38 -196.89 -87.37
CA SER D 664 -20.98 -195.80 -86.51
C SER D 664 -21.82 -194.62 -86.96
N ARG D 665 -22.82 -194.29 -86.14
CA ARG D 665 -23.47 -192.98 -86.14
C ARG D 665 -22.37 -191.95 -85.89
N SER D 666 -21.72 -191.49 -86.95
CA SER D 666 -21.25 -190.11 -86.96
C SER D 666 -22.43 -189.21 -87.29
N MET E 1 85.30 109.91 93.10
CA MET E 1 84.10 110.22 93.92
C MET E 1 83.02 109.21 93.58
N MET E 2 81.86 109.22 94.25
CA MET E 2 80.64 108.64 93.66
C MET E 2 80.21 109.46 92.44
N ALA E 3 79.39 108.88 91.58
CA ALA E 3 78.72 109.56 90.47
C ALA E 3 77.21 109.28 90.54
N ALA E 4 76.40 110.17 89.98
CA ALA E 4 74.97 109.92 89.81
C ALA E 4 74.74 109.01 88.59
N ASN E 5 73.82 108.04 88.72
CA ASN E 5 73.37 107.22 87.59
C ASN E 5 72.54 108.10 86.63
N PRO E 6 72.88 108.22 85.33
CA PRO E 6 72.04 108.93 84.36
C PRO E 6 70.65 108.29 84.16
N TRP E 7 70.49 107.03 84.56
CA TRP E 7 69.24 106.27 84.58
C TRP E 7 68.66 106.13 86.00
N SER E 8 68.93 107.09 86.89
CA SER E 8 68.19 107.22 88.15
C SER E 8 66.75 107.71 87.86
N PRO E 9 65.72 107.25 88.60
CA PRO E 9 64.36 107.76 88.43
C PRO E 9 64.24 109.25 88.83
N VAL E 10 63.11 109.86 88.50
CA VAL E 10 62.71 111.19 88.97
C VAL E 10 62.95 111.30 90.48
N GLN E 11 63.73 112.30 90.89
CA GLN E 11 64.06 112.54 92.30
C GLN E 11 62.86 113.24 92.98
N PRO E 12 62.51 112.85 94.22
CA PRO E 12 61.45 113.50 94.98
C PRO E 12 61.76 114.99 95.24
N SER E 13 60.71 115.81 95.26
CA SER E 13 60.84 117.25 95.48
C SER E 13 61.07 117.60 96.95
N ALA E 14 61.51 118.82 97.23
CA ALA E 14 61.55 119.30 98.61
C ALA E 14 60.13 119.39 99.19
N ALA E 15 59.13 119.68 98.35
CA ALA E 15 57.72 119.63 98.69
C ALA E 15 57.23 118.23 99.08
N SER E 16 57.55 117.17 98.34
CA SER E 16 57.07 115.82 98.68
C SER E 16 57.64 115.38 100.04
N LEU E 17 58.96 115.58 100.25
CA LEU E 17 59.66 115.33 101.51
C LEU E 17 59.29 116.31 102.66
N LEU E 18 58.30 117.16 102.44
CA LEU E 18 57.63 117.99 103.44
C LEU E 18 56.14 117.61 103.61
N LEU E 19 55.44 117.30 102.51
CA LEU E 19 54.05 116.85 102.46
C LEU E 19 53.87 115.44 103.01
N GLU E 20 54.65 114.46 102.53
CA GLU E 20 54.70 113.07 103.02
C GLU E 20 54.91 113.05 104.54
N LYS E 21 55.85 113.88 105.01
CA LYS E 21 56.20 114.06 106.42
C LYS E 21 55.03 114.62 107.24
N CYS E 22 54.37 115.68 106.75
CA CYS E 22 53.23 116.28 107.44
C CYS E 22 51.96 115.41 107.42
N LEU E 23 51.79 114.56 106.40
CA LEU E 23 50.76 113.51 106.37
C LEU E 23 51.07 112.39 107.39
N ALA E 24 52.32 111.89 107.41
CA ALA E 24 52.76 110.87 108.35
C ALA E 24 52.71 111.32 109.82
N ALA E 25 52.91 112.63 110.07
CA ALA E 25 52.75 113.25 111.38
C ALA E 25 51.28 113.63 111.72
N GLY E 26 50.34 113.46 110.79
CA GLY E 26 48.91 113.76 111.00
C GLY E 26 48.55 115.25 111.11
N VAL E 27 49.50 116.16 110.85
CA VAL E 27 49.25 117.62 110.84
C VAL E 27 48.64 118.10 109.52
N LEU E 28 48.65 117.23 108.49
CA LEU E 28 47.81 117.30 107.30
C LEU E 28 47.06 115.97 107.13
N SER E 29 45.99 115.99 106.35
CA SER E 29 45.31 114.79 105.82
C SER E 29 45.14 114.93 104.31
N GLN E 30 45.01 113.81 103.60
CA GLN E 30 44.93 113.83 102.13
C GLN E 30 43.77 114.69 101.63
N ASN E 31 42.60 114.60 102.29
CA ASN E 31 41.40 115.41 102.02
C ASN E 31 41.66 116.95 102.03
N ALA E 32 42.68 117.42 102.76
CA ALA E 32 43.08 118.83 102.82
C ALA E 32 44.15 119.22 101.78
N LEU E 33 44.73 118.24 101.07
CA LEU E 33 45.54 118.42 99.86
C LEU E 33 44.69 118.25 98.60
N ASP E 34 43.70 117.36 98.62
CA ASP E 34 42.72 117.16 97.54
C ASP E 34 41.92 118.46 97.33
N GLN E 35 41.37 119.03 98.42
CA GLN E 35 40.76 120.37 98.43
C GLN E 35 41.79 121.52 98.26
N ALA E 36 43.01 121.22 97.85
CA ALA E 36 44.08 122.18 97.51
C ALA E 36 44.83 121.80 96.21
N GLN E 37 44.27 120.94 95.34
CA GLN E 37 44.86 120.63 94.03
C GLN E 37 44.86 121.86 93.09
N LEU E 38 45.86 121.95 92.21
CA LEU E 38 46.10 123.10 91.32
C LEU E 38 46.66 122.64 89.96
N GLU E 39 45.76 122.32 89.03
CA GLU E 39 46.09 121.81 87.70
C GLU E 39 46.47 122.92 86.71
N ALA E 40 47.58 123.60 87.00
CA ALA E 40 48.23 124.53 86.08
C ALA E 40 49.32 123.78 85.26
N PRO E 41 49.05 123.39 83.98
CA PRO E 41 49.98 122.61 83.18
C PRO E 41 51.28 123.38 82.92
N CYS E 42 52.42 122.73 83.17
CA CYS E 42 53.73 123.38 83.20
C CYS E 42 54.42 123.33 81.83
N PHE E 43 55.24 124.35 81.55
CA PHE E 43 56.10 124.40 80.35
C PHE E 43 55.30 124.31 79.02
N SER E 44 54.11 124.92 78.98
CA SER E 44 53.14 124.74 77.89
C SER E 44 53.59 125.29 76.53
N HIS E 45 54.55 126.22 76.47
CA HIS E 45 55.16 126.67 75.21
C HIS E 45 56.31 125.75 74.77
N ALA E 46 57.01 125.07 75.69
CA ALA E 46 57.89 123.96 75.31
C ALA E 46 57.11 122.81 74.64
N GLU E 47 55.89 122.52 75.09
CA GLU E 47 54.95 121.63 74.39
C GLU E 47 54.45 122.20 73.05
N GLU E 48 54.15 123.50 72.96
CA GLU E 48 53.74 124.15 71.71
C GLU E 48 54.79 123.96 70.61
N LEU E 49 56.09 124.11 70.94
CA LEU E 49 57.19 123.79 70.03
C LEU E 49 57.29 122.29 69.73
N GLN E 50 57.21 121.42 70.74
CA GLN E 50 57.30 119.96 70.54
C GLN E 50 56.24 119.45 69.57
N ARG E 51 55.01 119.96 69.66
CA ARG E 51 53.88 119.61 68.80
C ARG E 51 54.11 120.03 67.35
N ILE E 52 54.80 121.14 67.10
CA ILE E 52 55.24 121.53 65.74
C ILE E 52 56.31 120.57 65.21
N THR E 53 57.32 120.22 66.03
CA THR E 53 58.33 119.20 65.70
C THR E 53 57.73 117.83 65.38
N GLU E 54 56.62 117.47 66.01
CA GLU E 54 55.92 116.19 65.77
C GLU E 54 54.95 116.27 64.58
N ILE E 55 54.36 117.43 64.28
CA ILE E 55 53.65 117.68 63.00
C ILE E 55 54.62 117.63 61.81
N LYS E 56 55.83 118.18 61.93
CA LYS E 56 56.90 118.08 60.91
C LYS E 56 57.18 116.64 60.49
N ALA E 57 57.16 115.69 61.43
CA ALA E 57 57.40 114.28 61.11
C ALA E 57 56.32 113.72 60.17
N GLU E 58 55.05 114.06 60.40
CA GLU E 58 53.94 113.61 59.55
C GLU E 58 53.93 114.32 58.17
N ILE E 59 54.26 115.62 58.12
CA ILE E 59 54.44 116.37 56.87
C ILE E 59 55.52 115.70 55.99
N ASN E 60 56.72 115.53 56.56
CA ASN E 60 57.89 115.12 55.80
C ASN E 60 57.77 113.65 55.35
N GLN E 61 57.22 112.78 56.21
CA GLN E 61 56.98 111.37 55.86
C GLN E 61 55.92 111.21 54.76
N LYS E 62 54.87 112.04 54.75
CA LYS E 62 53.87 112.07 53.67
C LYS E 62 54.45 112.62 52.36
N SER E 63 55.36 113.60 52.45
CA SER E 63 56.08 114.12 51.28
C SER E 63 56.91 113.01 50.59
N LEU E 64 57.69 112.24 51.35
CA LEU E 64 58.47 111.10 50.84
C LEU E 64 57.58 110.03 50.17
N GLU E 65 56.40 109.71 50.73
CA GLU E 65 55.49 108.75 50.08
C GLU E 65 54.92 109.31 48.77
N LEU E 66 54.61 110.61 48.71
CA LEU E 66 54.12 111.30 47.52
C LEU E 66 55.19 111.33 46.42
N GLU E 67 56.46 111.57 46.77
CA GLU E 67 57.60 111.52 45.84
C GLU E 67 57.86 110.10 45.29
N LEU E 68 57.84 109.08 46.14
CA LEU E 68 58.00 107.68 45.72
C LEU E 68 56.87 107.23 44.79
N LEU E 69 55.62 107.64 45.06
CA LEU E 69 54.47 107.31 44.22
C LEU E 69 54.46 108.09 42.89
N ARG E 70 54.98 109.34 42.86
CA ARG E 70 55.22 110.06 41.60
C ARG E 70 56.22 109.34 40.70
N LEU E 71 57.32 108.84 41.27
CA LEU E 71 58.34 108.10 40.52
C LEU E 71 57.77 106.79 39.95
N GLU E 72 57.08 105.99 40.77
CA GLU E 72 56.40 104.76 40.31
C GLU E 72 55.37 105.07 39.21
N LYS E 73 54.58 106.15 39.36
CA LYS E 73 53.57 106.56 38.38
C LYS E 73 54.18 106.84 37.02
N GLU E 74 55.28 107.58 36.95
CA GLU E 74 55.91 107.86 35.66
C GLU E 74 56.58 106.60 35.07
N THR E 75 57.30 105.80 35.87
CA THR E 75 58.04 104.66 35.33
C THR E 75 57.16 103.45 35.02
N ALA E 76 55.87 103.50 35.40
CA ALA E 76 54.94 102.37 35.41
C ALA E 76 54.92 101.54 34.11
N ASP E 77 54.97 102.16 32.92
CA ASP E 77 54.92 101.38 31.67
C ASP E 77 56.14 100.46 31.48
N ILE E 78 57.29 100.82 32.04
CA ILE E 78 58.56 100.06 31.97
C ILE E 78 58.97 99.39 33.30
N THR E 79 58.25 99.62 34.42
CA THR E 79 58.51 98.96 35.71
C THR E 79 57.35 98.16 36.30
N HIS E 80 56.09 98.60 36.10
CA HIS E 80 54.96 98.04 36.84
C HIS E 80 54.47 96.71 36.21
N PRO E 81 54.36 95.61 36.99
CA PRO E 81 54.00 94.29 36.46
C PRO E 81 52.68 94.20 35.66
N LEU E 82 51.74 95.14 35.83
CA LEU E 82 50.53 95.20 35.00
C LEU E 82 50.85 95.46 33.52
N TYR E 83 51.61 96.53 33.23
CA TYR E 83 51.91 96.93 31.85
C TYR E 83 53.03 96.08 31.24
N LEU E 84 53.99 95.64 32.06
CA LEU E 84 54.95 94.60 31.68
C LEU E 84 54.24 93.27 31.37
N GLY E 85 53.19 92.92 32.10
CA GLY E 85 52.33 91.76 31.84
C GLY E 85 51.54 91.87 30.53
N GLN E 86 51.04 93.06 30.18
CA GLN E 86 50.37 93.32 28.89
C GLN E 86 51.36 93.23 27.72
N LYS E 87 52.56 93.81 27.85
CA LYS E 87 53.66 93.69 26.88
C LYS E 87 54.09 92.22 26.69
N HIS E 88 54.16 91.45 27.78
CA HIS E 88 54.41 90.01 27.74
C HIS E 88 53.31 89.25 26.98
N GLN E 89 52.02 89.53 27.25
CA GLN E 89 50.90 88.86 26.58
C GLN E 89 50.89 89.10 25.07
N ALA E 90 51.21 90.32 24.61
CA ALA E 90 51.31 90.63 23.19
C ALA E 90 52.43 89.83 22.49
N LEU E 91 53.62 89.77 23.10
CA LEU E 91 54.74 88.94 22.61
C LEU E 91 54.40 87.44 22.64
N GLN E 92 53.83 86.94 23.73
CA GLN E 92 53.48 85.53 23.89
C GLN E 92 52.39 85.06 22.90
N ALA E 93 51.44 85.94 22.57
CA ALA E 93 50.46 85.70 21.52
C ALA E 93 51.13 85.62 20.13
N MET E 94 52.02 86.57 19.80
CA MET E 94 52.77 86.54 18.54
C MET E 94 53.69 85.31 18.44
N ASN E 95 54.31 84.88 19.54
CA ASN E 95 55.12 83.68 19.59
C ASN E 95 54.28 82.41 19.38
N SER E 96 53.08 82.35 19.96
CA SER E 96 52.10 81.27 19.80
C SER E 96 51.40 81.27 18.41
N HIS E 97 51.63 82.31 17.62
CA HIS E 97 51.37 82.34 16.19
C HIS E 97 52.60 81.88 15.38
N LEU E 98 53.78 82.50 15.59
CA LEU E 98 54.98 82.22 14.80
C LEU E 98 55.51 80.79 14.98
N GLU E 99 55.45 80.20 16.17
CA GLU E 99 55.80 78.79 16.39
C GLU E 99 54.92 77.86 15.54
N ALA E 100 53.65 78.23 15.36
CA ALA E 100 52.71 77.51 14.50
C ALA E 100 52.93 77.79 13.00
N VAL E 101 53.34 79.00 12.59
CA VAL E 101 53.80 79.28 11.21
C VAL E 101 55.05 78.46 10.86
N LEU E 102 56.00 78.34 11.79
CA LEU E 102 57.26 77.64 11.57
C LEU E 102 57.11 76.11 11.55
N ARG E 103 56.06 75.58 12.22
CA ARG E 103 55.56 74.21 12.04
C ARG E 103 54.86 74.07 10.68
N GLU E 104 53.81 74.84 10.45
CA GLU E 104 52.92 74.69 9.30
C GLU E 104 53.49 75.26 7.99
N LYS E 105 54.75 75.71 7.98
CA LYS E 105 55.49 76.11 6.78
C LYS E 105 55.39 75.09 5.64
N ARG E 106 55.26 73.80 5.99
CA ARG E 106 55.06 72.72 5.02
C ARG E 106 53.71 72.83 4.30
N SER E 107 52.65 73.16 5.02
CA SER E 107 51.30 73.41 4.47
C SER E 107 51.24 74.76 3.74
N LEU E 108 51.79 75.81 4.36
CA LEU E 108 51.89 77.16 3.79
C LEU E 108 52.62 77.16 2.43
N ARG E 109 53.78 76.49 2.33
CA ARG E 109 54.48 76.29 1.05
C ARG E 109 53.64 75.47 0.07
N GLN E 110 53.01 74.37 0.51
CA GLN E 110 52.15 73.56 -0.37
C GLN E 110 50.86 74.26 -0.81
N ARG E 111 50.43 75.36 -0.18
CA ARG E 111 49.36 76.23 -0.71
C ARG E 111 49.91 77.33 -1.64
N LEU E 112 51.02 77.98 -1.29
CA LEU E 112 51.70 78.95 -2.17
C LEU E 112 52.20 78.32 -3.48
N ALA E 113 52.57 77.04 -3.48
CA ALA E 113 53.04 76.29 -4.65
C ALA E 113 51.91 75.86 -5.63
N GLN E 114 50.66 76.27 -5.39
CA GLN E 114 49.52 75.98 -6.28
C GLN E 114 49.18 77.24 -7.10
N PRO E 115 49.48 77.27 -8.42
CA PRO E 115 49.24 78.45 -9.24
C PRO E 115 47.74 78.72 -9.40
N VAL E 116 47.38 80.01 -9.51
CA VAL E 116 46.01 80.54 -9.50
C VAL E 116 45.04 79.68 -10.32
N CYS E 117 44.10 79.03 -9.63
CA CYS E 117 43.35 77.90 -10.14
C CYS E 117 42.24 78.34 -11.11
N GLN E 118 42.44 78.06 -12.41
CA GLN E 118 41.46 78.36 -13.45
C GLN E 118 40.22 77.45 -13.41
N GLU E 119 40.20 76.39 -12.58
CA GLU E 119 39.00 75.61 -12.27
C GLU E 119 38.21 76.16 -11.05
N ASN E 120 38.74 77.14 -10.32
CA ASN E 120 38.04 77.86 -9.25
C ASN E 120 37.35 79.14 -9.77
N LEU E 121 36.65 79.87 -8.88
CA LEU E 121 36.01 81.15 -9.16
C LEU E 121 36.78 82.30 -8.46
N PRO E 122 37.25 83.34 -9.17
CA PRO E 122 38.00 84.45 -8.57
C PRO E 122 37.07 85.37 -7.77
N ILE E 123 36.97 85.12 -6.47
CA ILE E 123 36.06 85.78 -5.52
C ILE E 123 36.76 85.86 -4.15
N GLU E 124 36.69 87.02 -3.50
CA GLU E 124 37.17 87.28 -2.13
C GLU E 124 36.50 86.34 -1.10
N ALA E 125 37.28 85.83 -0.13
CA ALA E 125 36.81 84.76 0.77
C ALA E 125 35.58 85.13 1.61
N SER E 126 35.41 86.41 1.93
CA SER E 126 34.24 86.96 2.64
C SER E 126 32.90 86.62 1.96
N TYR E 127 32.89 86.45 0.62
CA TYR E 127 31.69 86.21 -0.17
C TYR E 127 31.45 84.71 -0.50
N HIS E 128 32.37 83.82 -0.13
CA HIS E 128 32.30 82.39 -0.49
C HIS E 128 31.05 81.69 0.04
N ARG E 129 30.65 81.95 1.30
CA ARG E 129 29.42 81.36 1.88
C ARG E 129 28.19 81.75 1.08
N PHE E 130 27.96 83.06 0.89
CA PHE E 130 26.77 83.56 0.19
C PHE E 130 26.71 83.05 -1.26
N THR E 131 27.86 82.95 -1.94
CA THR E 131 27.98 82.40 -3.29
C THR E 131 27.58 80.93 -3.35
N ALA E 132 28.06 80.11 -2.41
CA ALA E 132 27.77 78.68 -2.38
C ALA E 132 26.33 78.37 -1.95
N GLU E 133 25.81 79.04 -0.91
CA GLU E 133 24.46 78.81 -0.38
C GLU E 133 23.34 79.33 -1.30
N LEU E 134 23.61 80.29 -2.18
CA LEU E 134 22.59 80.82 -3.08
C LEU E 134 22.02 79.76 -4.04
N LEU E 135 22.79 78.72 -4.40
CA LEU E 135 22.27 77.61 -5.22
C LEU E 135 21.20 76.79 -4.45
N PRO E 136 21.49 76.21 -3.26
CA PRO E 136 20.46 75.62 -2.40
C PRO E 136 19.27 76.55 -2.08
N LEU E 137 19.53 77.83 -1.79
CA LEU E 137 18.47 78.80 -1.46
C LEU E 137 17.56 79.09 -2.67
N ALA E 138 18.14 79.26 -3.86
CA ALA E 138 17.38 79.45 -5.10
C ALA E 138 16.52 78.21 -5.45
N VAL E 139 17.08 77.00 -5.30
CA VAL E 139 16.33 75.75 -5.53
C VAL E 139 15.15 75.63 -4.56
N ASN E 140 15.39 75.83 -3.26
CA ASN E 140 14.36 75.79 -2.23
C ASN E 140 13.26 76.86 -2.47
N PHE E 141 13.65 78.07 -2.90
CA PHE E 141 12.68 79.13 -3.25
C PHE E 141 11.86 78.80 -4.50
N ILE E 142 12.46 78.20 -5.54
CA ILE E 142 11.75 77.76 -6.75
C ILE E 142 10.78 76.61 -6.42
N GLU E 143 11.11 75.74 -5.46
CA GLU E 143 10.25 74.62 -5.04
C GLU E 143 9.11 75.08 -4.11
N LYS E 144 9.40 75.96 -3.14
CA LYS E 144 8.40 76.62 -2.28
C LYS E 144 7.47 77.60 -3.02
N LEU E 145 7.78 77.93 -4.28
CA LEU E 145 7.04 78.90 -5.11
C LEU E 145 5.51 78.71 -5.09
N GLU E 146 5.02 77.49 -5.27
CA GLU E 146 3.58 77.22 -5.22
C GLU E 146 2.98 77.23 -3.79
N ILE E 147 3.81 77.28 -2.74
CA ILE E 147 3.38 77.55 -1.35
C ILE E 147 3.33 79.06 -1.12
N TYR E 148 4.40 79.79 -1.44
CA TYR E 148 4.48 81.25 -1.29
C TYR E 148 3.34 82.00 -1.97
N ILE E 149 2.92 81.55 -3.16
CA ILE E 149 1.78 82.12 -3.89
C ILE E 149 0.47 81.97 -3.11
N LYS E 150 0.31 80.88 -2.34
CA LYS E 150 -0.84 80.70 -1.44
C LYS E 150 -0.73 81.62 -0.21
N THR E 151 0.48 81.80 0.35
CA THR E 151 0.73 82.77 1.43
C THR E 151 0.35 84.20 1.01
N ILE E 152 0.74 84.62 -0.20
CA ILE E 152 0.42 85.96 -0.70
C ILE E 152 -1.09 86.12 -0.93
N GLN E 153 -1.77 85.04 -1.34
CA GLN E 153 -3.23 84.97 -1.42
C GLN E 153 -3.93 84.88 -0.04
N THR E 154 -3.22 84.63 1.07
CA THR E 154 -3.73 84.74 2.45
C THR E 154 -3.30 85.99 3.20
N ILE E 155 -2.39 86.82 2.68
CA ILE E 155 -2.10 88.18 3.22
C ILE E 155 -3.40 89.00 3.46
N PRO E 156 -4.42 88.97 2.58
CA PRO E 156 -5.72 89.60 2.84
C PRO E 156 -6.45 89.14 4.12
N LYS E 157 -6.10 87.99 4.73
CA LYS E 157 -6.68 87.57 6.02
C LYS E 157 -6.18 88.40 7.21
N ILE E 158 -4.96 88.95 7.16
CA ILE E 158 -4.18 89.31 8.35
C ILE E 158 -4.93 90.17 9.39
N PRO E 159 -5.70 91.22 9.00
CA PRO E 159 -6.49 92.00 9.97
C PRO E 159 -7.59 91.19 10.68
N ASP E 160 -8.29 90.31 9.95
CA ASP E 160 -9.34 89.45 10.52
C ASP E 160 -8.76 88.28 11.31
N CYS E 161 -7.60 87.74 10.91
CA CYS E 161 -6.81 86.79 11.71
C CYS E 161 -6.43 87.41 13.06
N ALA E 162 -5.86 88.61 13.08
CA ALA E 162 -5.51 89.32 14.31
C ALA E 162 -6.75 89.61 15.18
N SER E 163 -7.82 90.11 14.55
CA SER E 163 -9.10 90.43 15.21
C SER E 163 -9.74 89.20 15.88
N ASN E 164 -9.75 88.04 15.20
CA ASN E 164 -10.29 86.81 15.73
C ASN E 164 -9.37 86.18 16.80
N MET E 165 -8.05 86.27 16.65
CA MET E 165 -7.09 85.78 17.64
C MET E 165 -7.15 86.55 18.96
N ASP E 166 -7.22 87.89 18.94
CA ASP E 166 -7.44 88.67 20.17
C ASP E 166 -8.81 88.36 20.80
N ASN E 167 -9.84 88.20 19.96
CA ASN E 167 -11.15 87.71 20.38
C ASN E 167 -11.12 86.31 21.02
N ALA E 168 -10.13 85.46 20.71
CA ALA E 168 -9.93 84.18 21.38
C ALA E 168 -9.22 84.39 22.73
N LEU E 169 -8.11 85.14 22.76
CA LEU E 169 -7.33 85.36 23.98
C LEU E 169 -8.12 86.09 25.08
N MET E 170 -8.92 87.10 24.75
CA MET E 170 -9.83 87.75 25.71
C MET E 170 -10.86 86.79 26.35
N ARG E 171 -11.18 85.66 25.71
CA ARG E 171 -12.05 84.62 26.28
C ARG E 171 -11.27 83.60 27.12
N MET E 172 -9.96 83.53 26.96
CA MET E 172 -9.04 82.74 27.79
C MET E 172 -8.70 83.51 29.09
N GLU E 173 -8.41 84.80 28.95
CA GLU E 173 -8.34 85.81 30.03
C GLU E 173 -9.65 85.81 30.86
N SER E 174 -10.83 85.73 30.22
CA SER E 174 -12.12 85.60 30.92
C SER E 174 -12.30 84.28 31.68
N LEU E 175 -11.61 83.20 31.29
CA LEU E 175 -11.68 81.90 31.98
C LEU E 175 -10.71 81.80 33.15
N GLU E 176 -9.62 82.57 33.15
CA GLU E 176 -8.82 82.85 34.34
C GLU E 176 -9.65 83.62 35.39
N ALA E 177 -10.28 84.72 34.97
CA ALA E 177 -11.04 85.60 35.86
C ALA E 177 -12.20 84.88 36.57
N GLU E 178 -12.94 84.01 35.88
CA GLU E 178 -13.98 83.20 36.53
C GLU E 178 -13.43 82.18 37.54
N MET E 179 -12.19 81.69 37.39
CA MET E 179 -11.59 80.72 38.33
C MET E 179 -11.15 81.36 39.63
N GLU E 180 -10.51 82.53 39.59
CA GLU E 180 -10.00 83.18 40.80
C GLU E 180 -11.15 83.79 41.63
N GLU E 181 -12.17 84.38 40.99
CA GLU E 181 -13.35 84.86 41.72
C GLU E 181 -14.14 83.71 42.37
N VAL E 182 -14.35 82.58 41.67
CA VAL E 182 -15.04 81.40 42.25
C VAL E 182 -14.20 80.75 43.36
N THR E 183 -12.86 80.81 43.28
CA THR E 183 -11.97 80.39 44.38
C THR E 183 -12.20 81.28 45.61
N GLU E 184 -12.25 82.60 45.44
CA GLU E 184 -12.52 83.52 46.54
C GLU E 184 -13.96 83.42 47.07
N GLN E 185 -14.97 83.09 46.25
CA GLN E 185 -16.32 82.76 46.74
C GLN E 185 -16.29 81.53 47.69
N ILE E 186 -15.62 80.46 47.28
CA ILE E 186 -15.50 79.21 48.06
C ILE E 186 -14.79 79.48 49.40
N LEU E 187 -13.68 80.23 49.38
CA LEU E 187 -12.90 80.54 50.58
C LEU E 187 -13.59 81.58 51.48
N THR E 188 -14.31 82.54 50.91
CA THR E 188 -15.16 83.47 51.66
C THR E 188 -16.24 82.71 52.42
N TRP E 189 -16.98 81.81 51.77
CA TRP E 189 -18.04 81.04 52.43
C TRP E 189 -17.49 80.07 53.50
N ARG E 190 -16.35 79.41 53.23
CA ARG E 190 -15.64 78.55 54.19
C ARG E 190 -15.42 79.23 55.54
N GLU E 191 -14.99 80.49 55.53
CA GLU E 191 -14.67 81.23 56.76
C GLU E 191 -15.86 82.01 57.32
N GLN E 192 -16.84 82.44 56.49
CA GLN E 192 -18.15 82.93 56.95
C GLN E 192 -18.79 81.93 57.92
N GLN E 193 -18.95 80.67 57.49
CA GLN E 193 -19.60 79.60 58.26
C GLN E 193 -18.97 79.43 59.65
N LYS E 194 -17.64 79.50 59.75
CA LYS E 194 -16.90 79.33 61.01
C LYS E 194 -17.20 80.44 62.02
N THR E 195 -17.46 81.68 61.57
CA THR E 195 -17.84 82.76 62.50
C THR E 195 -19.23 82.53 63.11
N ALA E 196 -20.19 82.03 62.31
CA ALA E 196 -21.52 81.64 62.79
C ALA E 196 -21.47 80.45 63.76
N PHE E 197 -20.67 79.42 63.45
CA PHE E 197 -20.46 78.27 64.35
C PHE E 197 -19.78 78.67 65.66
N GLN E 198 -18.77 79.56 65.61
CA GLN E 198 -18.11 80.06 66.83
C GLN E 198 -19.09 80.84 67.71
N MET E 199 -19.78 81.84 67.16
CA MET E 199 -20.66 82.74 67.93
C MET E 199 -21.81 82.00 68.62
N ASN E 200 -22.30 80.90 68.04
CA ASN E 200 -23.29 80.05 68.68
C ASN E 200 -22.76 79.35 69.95
N SER E 201 -21.46 79.04 70.03
CA SER E 201 -20.86 78.45 71.24
C SER E 201 -20.76 79.47 72.39
N ASP E 202 -20.36 80.72 72.09
CA ASP E 202 -20.34 81.82 73.05
C ASP E 202 -21.75 82.17 73.56
N ALA E 203 -22.72 82.25 72.64
CA ALA E 203 -24.11 82.56 72.94
C ALA E 203 -24.74 81.52 73.89
N ASN E 204 -24.63 80.23 73.57
CA ASN E 204 -25.20 79.17 74.41
C ASN E 204 -24.47 79.03 75.75
N SER E 205 -23.15 79.25 75.79
CA SER E 205 -22.38 79.29 77.05
C SER E 205 -22.91 80.38 78.00
N SER E 206 -23.34 81.53 77.49
CA SER E 206 -23.89 82.62 78.30
C SER E 206 -25.21 82.24 79.00
N CYS E 207 -26.05 81.42 78.38
CA CYS E 207 -27.38 81.03 78.86
C CYS E 207 -27.34 80.23 80.18
N ILE E 208 -26.25 79.49 80.42
CA ILE E 208 -26.02 78.68 81.64
C ILE E 208 -26.11 79.55 82.91
N THR E 209 -25.72 80.82 82.82
CA THR E 209 -25.74 81.81 83.92
C THR E 209 -27.12 82.04 84.54
N ALA E 210 -28.21 81.75 83.82
CA ALA E 210 -29.56 82.18 84.19
C ALA E 210 -30.17 81.36 85.34
N GLN E 211 -30.11 80.04 85.30
CA GLN E 211 -30.96 79.15 86.12
C GLN E 211 -30.45 78.98 87.56
N THR E 212 -30.60 80.04 88.36
CA THR E 212 -29.91 80.20 89.65
C THR E 212 -30.85 80.69 90.77
N SER E 213 -31.96 79.98 90.99
CA SER E 213 -33.07 80.38 91.88
C SER E 213 -33.08 79.70 93.27
N TYR E 214 -33.12 78.36 93.32
CA TYR E 214 -33.27 77.56 94.54
C TYR E 214 -31.94 76.86 94.88
N LEU E 215 -31.55 76.67 96.15
CA LEU E 215 -32.05 77.23 97.42
C LEU E 215 -30.84 77.44 98.38
N SER E 216 -31.04 77.84 99.64
CA SER E 216 -29.93 78.33 100.48
C SER E 216 -30.08 78.10 102.00
N ILE E 217 -30.59 76.94 102.41
CA ILE E 217 -31.00 76.66 103.80
C ILE E 217 -30.47 75.32 104.37
N GLU E 218 -30.73 74.18 103.72
CA GLU E 218 -30.93 72.90 104.46
C GLU E 218 -29.72 71.94 104.60
N ASN E 219 -29.96 70.78 105.22
CA ASN E 219 -29.30 70.42 106.49
C ASN E 219 -28.29 69.24 106.41
N LEU E 220 -27.73 68.94 105.23
CA LEU E 220 -27.08 67.64 104.98
C LEU E 220 -25.77 67.37 105.76
N HIS E 221 -25.17 68.37 106.42
CA HIS E 221 -24.24 68.15 107.53
C HIS E 221 -24.28 69.35 108.51
N PRO E 222 -24.26 69.14 109.83
CA PRO E 222 -24.11 70.21 110.84
C PRO E 222 -22.65 70.67 111.04
N MET F 13 52.00 147.56 143.58
CA MET F 13 51.78 146.39 144.45
C MET F 13 50.88 145.40 143.74
N GLN F 14 49.55 145.51 143.79
CA GLN F 14 48.64 144.80 142.86
C GLN F 14 48.64 145.47 141.46
N SER F 15 49.84 145.79 140.98
CA SER F 15 50.14 146.41 139.68
C SER F 15 50.64 145.29 138.78
N GLY F 16 49.72 144.45 138.34
CA GLY F 16 50.01 143.15 137.74
C GLY F 16 50.61 143.22 136.34
N SER F 17 51.38 142.19 136.00
CA SER F 17 51.82 141.91 134.63
C SER F 17 50.70 141.26 133.82
N ARG F 18 50.45 141.74 132.59
CA ARG F 18 49.82 140.91 131.54
C ARG F 18 50.64 139.62 131.38
N PRO F 19 50.03 138.42 131.25
CA PRO F 19 50.76 137.17 131.08
C PRO F 19 51.81 137.30 129.97
N HIS F 20 53.02 136.81 130.23
CA HIS F 20 54.15 136.97 129.33
C HIS F 20 54.09 135.87 128.25
N LEU F 21 53.59 136.25 127.07
CA LEU F 21 53.14 135.33 126.02
C LEU F 21 54.29 134.46 125.47
N ALA F 22 54.28 133.18 125.82
CA ALA F 22 55.28 132.22 125.38
C ALA F 22 55.34 132.11 123.84
N TRP F 23 54.19 132.23 123.16
CA TRP F 23 54.11 132.20 121.70
C TRP F 23 54.89 133.33 121.02
N GLN F 24 55.10 134.49 121.67
CA GLN F 24 55.96 135.57 121.13
C GLN F 24 57.46 135.24 121.20
N ARG F 25 57.86 134.13 121.83
CA ARG F 25 59.19 133.49 121.64
C ARG F 25 59.20 132.52 120.46
N GLU F 26 58.07 131.87 120.22
CA GLU F 26 57.97 130.67 119.37
C GLU F 26 57.64 131.06 117.93
N HIS F 27 56.63 131.89 117.70
CA HIS F 27 56.41 132.55 116.42
C HIS F 27 57.57 133.48 116.03
N MET F 28 58.32 134.01 117.01
CA MET F 28 59.57 134.77 116.76
C MET F 28 60.69 133.85 116.26
N TRP F 29 60.88 132.66 116.86
CA TRP F 29 61.84 131.69 116.36
C TRP F 29 61.46 131.14 114.96
N LEU F 30 60.17 130.88 114.72
CA LEU F 30 59.66 130.54 113.39
C LEU F 30 59.89 131.68 112.39
N ALA F 31 59.68 132.95 112.77
CA ALA F 31 59.98 134.10 111.90
C ALA F 31 61.46 134.15 111.50
N LEU F 32 62.38 133.84 112.43
CA LEU F 32 63.82 133.74 112.12
C LEU F 32 64.11 132.59 111.14
N GLN F 33 63.57 131.39 111.38
CA GLN F 33 63.72 130.27 110.43
C GLN F 33 63.11 130.60 109.06
N GLY F 34 61.95 131.25 108.99
CA GLY F 34 61.31 131.67 107.74
C GLY F 34 62.17 132.64 106.93
N LEU F 35 62.72 133.65 107.61
CA LEU F 35 63.73 134.60 107.08
C LEU F 35 65.09 133.95 106.75
N GLY F 36 65.23 132.63 106.92
CA GLY F 36 66.44 131.86 106.61
C GLY F 36 67.57 132.11 107.61
N PHE F 37 67.30 131.88 108.90
CA PHE F 37 68.30 131.92 109.98
C PHE F 37 68.98 130.56 110.18
N GLU F 38 70.31 130.57 110.21
CA GLU F 38 71.13 129.41 110.56
C GLU F 38 71.99 129.71 111.80
N SER F 39 71.76 128.97 112.88
CA SER F 39 72.53 129.09 114.13
C SER F 39 73.99 128.66 114.00
N GLY F 40 74.35 127.93 112.93
CA GLY F 40 75.75 127.67 112.55
C GLY F 40 76.37 128.86 111.82
N ALA F 41 75.86 129.18 110.63
CA ALA F 41 76.44 130.20 109.75
C ALA F 41 76.46 131.60 110.38
N GLU F 42 75.37 132.05 111.01
CA GLU F 42 75.32 133.40 111.59
C GLU F 42 76.10 133.52 112.91
N ALA F 43 76.36 132.41 113.61
CA ALA F 43 77.34 132.37 114.70
C ALA F 43 78.79 132.49 114.17
N ALA F 44 79.10 131.80 113.07
CA ALA F 44 80.39 131.93 112.38
C ALA F 44 80.60 133.36 111.84
N ASN F 45 79.56 134.02 111.31
CA ASN F 45 79.59 135.43 110.92
C ASN F 45 79.88 136.38 112.09
N ALA F 46 79.58 135.99 113.33
CA ALA F 46 79.96 136.69 114.56
C ALA F 46 81.33 136.25 115.12
N GLY F 47 82.04 135.33 114.47
CA GLY F 47 83.31 134.76 114.92
C GLY F 47 83.18 133.82 116.12
N LYS F 48 82.04 133.13 116.28
CA LYS F 48 81.73 132.30 117.46
C LYS F 48 81.22 130.91 117.12
N THR F 49 81.49 129.96 118.01
CA THR F 49 81.04 128.57 117.90
C THR F 49 79.67 128.36 118.52
N LEU F 50 78.83 127.53 117.89
CA LEU F 50 77.53 127.08 118.43
C LEU F 50 77.65 126.45 119.83
N VAL F 51 78.80 125.84 120.15
CA VAL F 51 79.17 125.30 121.48
C VAL F 51 79.18 126.38 122.59
N HIS F 52 79.15 127.66 122.24
CA HIS F 52 79.23 128.79 123.18
C HIS F 52 78.06 129.78 123.05
N VAL F 53 77.15 129.59 122.09
CA VAL F 53 76.01 130.49 121.85
C VAL F 53 74.72 129.67 121.71
N THR F 54 73.83 129.76 122.69
CA THR F 54 72.53 129.07 122.65
C THR F 54 71.52 129.84 121.83
N PHE F 55 70.84 129.13 120.93
CA PHE F 55 69.74 129.60 120.09
C PHE F 55 68.46 128.79 120.34
N GLY F 56 67.44 128.93 119.48
CA GLY F 56 66.12 128.34 119.68
C GLY F 56 65.23 129.18 120.61
N VAL F 57 63.96 128.82 120.69
CA VAL F 57 62.90 129.51 121.46
C VAL F 57 63.36 130.11 122.80
N ASN F 58 64.00 129.30 123.65
CA ASN F 58 64.34 129.66 125.03
C ASN F 58 65.59 130.55 125.16
N MET F 59 66.25 130.92 124.04
CA MET F 59 67.55 131.62 124.05
C MET F 59 67.56 132.98 124.78
N PHE F 60 66.39 133.62 124.88
CA PHE F 60 66.20 134.90 125.57
C PHE F 60 65.35 134.80 126.85
N ASP F 61 65.06 133.59 127.36
CA ASP F 61 64.49 133.42 128.71
C ASP F 61 65.49 133.87 129.81
N LYS F 62 66.77 134.02 129.44
CA LYS F 62 67.88 134.53 130.26
C LYS F 62 68.64 135.62 129.47
N PRO F 63 69.39 136.53 130.11
CA PRO F 63 70.23 137.49 129.41
C PRO F 63 71.30 136.81 128.53
N ASN F 64 71.27 137.04 127.22
CA ASN F 64 72.09 136.34 126.24
C ASN F 64 72.63 137.34 125.20
N LYS F 65 73.83 137.88 125.45
CA LYS F 65 74.44 138.88 124.56
C LYS F 65 74.83 138.31 123.19
N ASP F 66 75.28 137.07 123.12
CA ASP F 66 75.81 136.53 121.87
C ASP F 66 74.71 136.16 120.88
N ALA F 67 73.58 135.59 121.36
CA ALA F 67 72.39 135.46 120.51
C ALA F 67 71.81 136.84 120.12
N PHE F 68 71.86 137.85 121.02
CA PHE F 68 71.47 139.22 120.69
C PHE F 68 72.33 139.79 119.55
N TYR F 69 73.66 139.69 119.63
CA TYR F 69 74.57 140.14 118.58
C TYR F 69 74.22 139.50 117.24
N VAL F 70 74.14 138.17 117.22
CA VAL F 70 73.89 137.37 116.01
C VAL F 70 72.51 137.66 115.41
N VAL F 71 71.44 137.54 116.19
CA VAL F 71 70.05 137.67 115.69
C VAL F 71 69.74 139.10 115.24
N PHE F 72 70.32 140.13 115.87
CA PHE F 72 70.06 141.51 115.47
C PHE F 72 70.85 141.88 114.21
N HIS F 73 72.13 141.49 114.11
CA HIS F 73 72.90 141.65 112.87
C HIS F 73 72.23 140.91 111.69
N PHE F 74 71.73 139.70 111.94
CA PHE F 74 70.91 138.94 110.99
C PHE F 74 69.65 139.71 110.53
N LEU F 75 68.81 140.17 111.46
CA LEU F 75 67.56 140.86 111.09
C LEU F 75 67.82 142.18 110.36
N PHE F 76 68.81 142.97 110.77
CA PHE F 76 69.23 144.15 109.98
C PHE F 76 69.80 143.74 108.61
N GLY F 77 70.55 142.63 108.53
CA GLY F 77 71.16 142.09 107.31
C GLY F 77 70.17 141.50 106.30
N LYS F 78 69.03 140.95 106.74
CA LYS F 78 67.93 140.52 105.85
C LYS F 78 66.99 141.69 105.50
N LEU F 79 66.85 142.68 106.39
CA LEU F 79 66.10 143.92 106.14
C LEU F 79 66.75 144.79 105.06
N ASP F 80 67.98 145.23 105.31
CA ASP F 80 68.79 146.09 104.44
C ASP F 80 70.26 145.66 104.56
N ASN F 81 70.69 144.82 103.61
CA ASN F 81 72.00 144.19 103.63
C ASN F 81 73.15 145.20 103.48
N VAL F 82 72.92 146.33 102.79
CA VAL F 82 73.93 147.37 102.57
C VAL F 82 74.08 148.23 103.82
N ARG F 83 72.97 148.74 104.36
CA ARG F 83 72.97 149.58 105.56
C ARG F 83 73.40 148.80 106.80
N CYS F 84 73.16 147.49 106.87
CA CYS F 84 73.75 146.64 107.91
C CYS F 84 75.29 146.61 107.82
N LYS F 85 75.82 146.36 106.62
CA LYS F 85 77.27 146.35 106.34
C LYS F 85 77.96 147.71 106.52
N GLU F 86 77.22 148.82 106.52
CA GLU F 86 77.72 150.14 106.91
C GLU F 86 77.57 150.44 108.41
N VAL F 87 76.36 150.34 108.97
CA VAL F 87 76.06 150.78 110.34
C VAL F 87 76.85 150.00 111.38
N PHE F 88 77.13 148.71 111.13
CA PHE F 88 77.92 147.87 112.04
C PHE F 88 79.39 147.69 111.60
N ARG F 89 79.82 148.32 110.49
CA ARG F 89 81.15 148.20 109.85
C ARG F 89 82.34 148.30 110.81
N TYR F 90 82.24 149.17 111.80
CA TYR F 90 83.34 149.45 112.74
C TYR F 90 83.21 148.69 114.07
N CYS F 91 82.03 148.15 114.40
CA CYS F 91 81.78 147.40 115.64
C CYS F 91 81.58 145.88 115.46
N TRP F 92 81.40 145.37 114.24
CA TRP F 92 81.17 143.94 113.99
C TRP F 92 82.47 143.12 113.79
N PRO F 93 82.61 141.92 114.39
CA PRO F 93 81.82 141.40 115.50
C PRO F 93 82.14 142.13 116.83
N PRO F 94 81.18 142.27 117.76
CA PRO F 94 81.37 142.97 119.04
C PRO F 94 82.13 142.08 120.06
N LEU F 95 83.42 141.88 119.81
CA LEU F 95 84.32 141.05 120.62
C LEU F 95 84.78 141.72 121.92
N ASP F 96 84.70 143.05 122.01
CA ASP F 96 85.24 143.84 123.12
C ASP F 96 84.23 144.85 123.72
N LYS F 97 84.64 145.49 124.81
CA LYS F 97 83.80 146.36 125.66
C LYS F 97 83.47 147.73 125.04
N LYS F 98 84.24 148.20 124.06
CA LYS F 98 83.92 149.39 123.25
C LYS F 98 82.96 148.99 122.12
N ARG F 99 83.27 147.94 121.36
CA ARG F 99 82.40 147.47 120.26
C ARG F 99 81.03 147.00 120.75
N ASP F 100 80.93 146.39 121.93
CA ASP F 100 79.67 146.11 122.62
C ASP F 100 78.82 147.38 122.84
N ALA F 101 79.44 148.49 123.25
CA ALA F 101 78.73 149.76 123.45
C ALA F 101 78.27 150.39 122.12
N GLU F 102 79.12 150.35 121.10
CA GLU F 102 78.82 150.90 119.77
C GLU F 102 77.76 150.08 119.03
N PHE F 103 77.84 148.75 119.08
CA PHE F 103 76.82 147.86 118.52
C PHE F 103 75.46 148.08 119.20
N ARG F 104 75.41 148.10 120.53
CA ARG F 104 74.17 148.38 121.28
C ARG F 104 73.59 149.77 120.98
N LYS F 105 74.43 150.79 120.79
CA LYS F 105 74.00 152.12 120.34
C LYS F 105 73.36 152.05 118.95
N ALA F 106 74.06 151.48 117.98
CA ALA F 106 73.61 151.35 116.60
C ALA F 106 72.30 150.55 116.47
N CYS F 107 72.18 149.40 117.15
CA CYS F 107 70.93 148.64 117.20
C CYS F 107 69.78 149.46 117.80
N CYS F 108 70.03 150.18 118.91
CA CYS F 108 69.01 150.99 119.56
C CYS F 108 68.56 152.17 118.69
N GLU F 109 69.45 152.79 117.92
CA GLU F 109 69.14 153.95 117.09
C GLU F 109 68.41 153.56 115.79
N TRP F 110 68.77 152.44 115.16
CA TRP F 110 68.00 151.88 114.05
C TRP F 110 66.62 151.41 114.54
N LEU F 111 66.54 150.67 115.65
CA LEU F 111 65.25 150.23 116.18
C LEU F 111 64.39 151.38 116.73
N LYS F 112 64.96 152.47 117.25
CA LYS F 112 64.16 153.66 117.57
C LYS F 112 63.58 154.28 116.30
N LYS F 113 64.34 154.37 115.20
CA LYS F 113 63.75 154.80 113.91
C LYS F 113 62.57 153.91 113.50
N ILE F 114 62.69 152.58 113.58
CA ILE F 114 61.56 151.66 113.32
C ILE F 114 60.41 151.93 114.30
N SER F 115 60.70 152.20 115.58
CA SER F 115 59.71 152.57 116.61
C SER F 115 59.06 153.94 116.43
N ASP F 116 59.63 154.82 115.60
CA ASP F 116 59.08 156.13 115.22
C ASP F 116 58.32 156.04 113.87
N GLU F 117 58.82 155.20 112.95
CA GLU F 117 58.32 154.89 111.60
C GLU F 117 57.04 154.03 111.63
N VAL F 118 57.02 153.00 112.47
CA VAL F 118 55.86 152.12 112.73
C VAL F 118 55.03 152.63 113.92
N GLY F 119 55.60 153.53 114.73
CA GLY F 119 54.91 154.24 115.81
C GLY F 119 54.18 153.31 116.77
N ALA F 120 52.85 153.48 116.86
CA ALA F 120 51.98 152.73 117.78
C ALA F 120 51.93 151.21 117.53
N GLY F 121 52.39 150.72 116.37
CA GLY F 121 52.52 149.28 116.09
C GLY F 121 53.76 148.62 116.69
N PHE F 122 54.65 149.37 117.35
CA PHE F 122 55.98 148.92 117.75
C PHE F 122 56.27 149.07 119.26
N PRO F 123 56.93 148.09 119.91
CA PRO F 123 57.29 148.19 121.33
C PRO F 123 58.36 149.27 121.55
N GLN F 124 58.02 150.28 122.36
CA GLN F 124 58.85 151.47 122.57
C GLN F 124 60.31 151.13 122.92
N VAL F 125 61.23 151.52 122.05
CA VAL F 125 62.65 151.17 122.14
C VAL F 125 63.39 152.06 123.14
N VAL F 126 63.98 151.43 124.16
CA VAL F 126 64.73 152.10 125.23
C VAL F 126 66.09 151.41 125.42
N ALA F 127 67.18 152.19 125.40
CA ALA F 127 68.55 151.68 125.35
C ALA F 127 68.95 150.72 126.49
N SER F 128 68.27 150.80 127.64
CA SER F 128 68.48 149.90 128.78
C SER F 128 68.17 148.43 128.48
N ILE F 129 67.25 148.15 127.54
CA ILE F 129 66.87 146.80 127.10
C ILE F 129 68.08 146.01 126.58
N PHE F 130 69.01 146.69 125.91
CA PHE F 130 70.18 146.06 125.29
C PHE F 130 71.37 145.88 126.25
N LEU F 131 71.33 146.46 127.46
CA LEU F 131 72.42 146.31 128.44
C LEU F 131 72.52 144.86 128.96
N SER F 132 71.37 144.24 129.18
CA SER F 132 71.18 142.86 129.65
C SER F 132 70.11 142.17 128.80
N PRO F 133 70.40 141.88 127.52
CA PRO F 133 69.38 141.52 126.52
C PRO F 133 68.77 140.15 126.80
N GLY F 134 67.53 140.15 127.30
CA GLY F 134 66.76 138.96 127.63
C GLY F 134 65.50 139.29 128.44
N GLY F 135 64.74 138.25 128.76
CA GLY F 135 63.42 138.35 129.40
C GLY F 135 62.32 138.82 128.43
N PRO F 136 61.03 138.67 128.79
CA PRO F 136 59.93 138.87 127.83
C PRO F 136 59.80 140.27 127.22
N LYS F 137 60.33 141.34 127.83
CA LYS F 137 60.38 142.67 127.18
C LYS F 137 61.41 142.77 126.05
N PHE F 138 62.47 141.96 126.07
CA PHE F 138 63.38 141.83 124.94
C PHE F 138 62.76 140.95 123.84
N VAL F 139 62.13 139.84 124.23
CA VAL F 139 61.40 138.93 123.32
C VAL F 139 60.31 139.68 122.54
N HIS F 140 59.46 140.45 123.22
CA HIS F 140 58.36 141.19 122.61
C HIS F 140 58.84 142.22 121.57
N LEU F 141 59.93 142.95 121.88
CA LEU F 141 60.60 143.84 120.91
C LEU F 141 61.14 143.06 119.70
N LEU F 142 61.77 141.90 119.93
CA LEU F 142 62.29 141.04 118.86
C LEU F 142 61.18 140.42 118.00
N TYR F 143 60.02 140.09 118.57
CA TYR F 143 58.84 139.62 117.84
C TYR F 143 58.31 140.68 116.87
N HIS F 144 58.08 141.92 117.34
CA HIS F 144 57.61 143.00 116.45
C HIS F 144 58.69 143.41 115.43
N PHE F 145 59.98 143.33 115.78
CA PHE F 145 61.08 143.52 114.83
C PHE F 145 61.05 142.45 113.73
N ALA F 146 60.87 141.17 114.07
CA ALA F 146 60.75 140.09 113.10
C ALA F 146 59.50 140.25 112.20
N ARG F 147 58.33 140.60 112.78
CA ARG F 147 57.11 140.92 112.03
C ARG F 147 57.33 142.08 111.04
N TYR F 148 58.03 143.14 111.47
CA TYR F 148 58.40 144.26 110.60
C TYR F 148 59.32 143.82 109.46
N VAL F 149 60.35 142.99 109.70
CA VAL F 149 61.24 142.50 108.63
C VAL F 149 60.48 141.60 107.64
N MET F 150 59.56 140.75 108.11
CA MET F 150 58.69 139.94 107.23
C MET F 150 57.75 140.80 106.38
N LEU F 151 57.15 141.86 106.93
CA LEU F 151 56.34 142.82 106.16
C LEU F 151 57.20 143.59 105.15
N GLN F 152 58.42 144.00 105.53
CA GLN F 152 59.41 144.60 104.62
C GLN F 152 59.97 143.62 103.57
N HIS F 153 59.60 142.33 103.62
CA HIS F 153 59.79 141.35 102.55
C HIS F 153 58.49 141.16 101.73
N ILE F 154 57.30 141.11 102.35
CA ILE F 154 56.03 141.09 101.59
C ILE F 154 55.90 142.33 100.70
N LYS F 155 56.33 143.51 101.16
CA LYS F 155 56.42 144.77 100.41
C LYS F 155 57.54 144.81 99.32
N ARG F 156 58.22 143.69 99.07
CA ARG F 156 59.43 143.55 98.22
C ARG F 156 59.36 142.33 97.29
N ASP F 157 58.67 141.29 97.74
CA ASP F 157 58.66 139.96 97.17
C ASP F 157 57.26 139.49 96.73
N ALA F 158 56.20 140.24 97.07
CA ALA F 158 54.91 140.14 96.39
C ALA F 158 54.94 140.88 95.03
N ASP F 159 54.07 140.47 94.11
CA ASP F 159 53.90 141.07 92.79
C ASP F 159 53.41 142.53 92.85
N ALA F 160 53.62 143.30 91.77
CA ALA F 160 53.13 144.68 91.67
C ALA F 160 51.60 144.81 91.84
N GLY F 161 50.83 143.76 91.50
CA GLY F 161 49.40 143.68 91.76
C GLY F 161 49.01 143.20 93.17
N ASN F 162 49.94 142.55 93.90
CA ASN F 162 49.69 141.89 95.19
C ASN F 162 50.28 142.66 96.40
N VAL F 163 50.91 143.82 96.19
CA VAL F 163 51.53 144.65 97.25
C VAL F 163 50.57 144.96 98.42
N PHE F 164 49.26 145.06 98.15
CA PHE F 164 48.22 145.34 99.14
C PHE F 164 48.15 144.31 100.29
N ILE F 165 48.71 143.11 100.11
CA ILE F 165 48.79 142.06 101.14
C ILE F 165 49.62 142.54 102.34
N SER F 166 50.59 143.45 102.14
CA SER F 166 51.32 144.09 103.24
C SER F 166 50.38 144.94 104.10
N GLU F 167 49.59 145.83 103.49
CA GLU F 167 48.60 146.66 104.20
C GLU F 167 47.51 145.82 104.87
N ALA F 168 47.08 144.72 104.23
CA ALA F 168 46.16 143.77 104.86
C ALA F 168 46.77 143.15 106.13
N LEU F 169 48.02 142.69 106.10
CA LEU F 169 48.72 142.12 107.26
C LEU F 169 49.24 143.17 108.27
N GLN F 170 49.15 144.46 107.92
CA GLN F 170 49.27 145.60 108.82
C GLN F 170 47.92 145.95 109.50
N SER F 171 46.78 145.61 108.88
CA SER F 171 45.46 145.67 109.51
C SER F 171 45.32 144.58 110.58
N LYS F 172 45.47 144.97 111.86
CA LYS F 172 45.16 144.11 113.02
C LYS F 172 43.65 144.00 113.19
N ILE F 173 43.06 143.02 112.51
CA ILE F 173 41.66 142.59 112.69
C ILE F 173 41.42 142.28 114.18
N GLN F 174 40.27 142.71 114.69
CA GLN F 174 39.83 142.48 116.08
C GLN F 174 38.67 141.47 116.19
N ASP F 175 38.08 141.09 115.07
CA ASP F 175 37.08 140.01 115.00
C ASP F 175 37.77 138.65 114.81
N PRO F 176 37.58 137.68 115.72
CA PRO F 176 38.16 136.35 115.58
C PRO F 176 37.58 135.55 114.40
N GLN F 177 36.37 135.84 113.89
CA GLN F 177 35.83 135.14 112.72
C GLN F 177 36.54 135.54 111.42
N LYS F 178 36.71 136.83 111.14
CA LYS F 178 37.43 137.27 109.93
C LYS F 178 38.93 136.96 110.01
N ALA F 179 39.52 136.97 111.22
CA ALA F 179 40.87 136.47 111.44
C ALA F 179 40.99 134.97 111.06
N LEU F 180 40.04 134.13 111.49
CA LEU F 180 40.01 132.71 111.11
C LEU F 180 39.82 132.50 109.60
N ALA F 181 38.97 133.28 108.94
CA ALA F 181 38.76 133.21 107.50
C ALA F 181 40.02 133.62 106.71
N ARG F 182 40.64 134.76 107.06
CA ARG F 182 41.95 135.21 106.55
C ARG F 182 43.03 134.13 106.74
N ASN F 183 43.05 133.49 107.91
CA ASN F 183 44.04 132.49 108.28
C ASN F 183 43.89 131.17 107.50
N LYS F 184 42.68 130.63 107.34
CA LYS F 184 42.43 129.47 106.47
C LYS F 184 42.87 129.74 105.03
N LEU F 185 42.50 130.90 104.50
CA LEU F 185 42.88 131.35 103.16
C LEU F 185 44.40 131.44 103.00
N ALA F 186 45.13 131.96 104.00
CA ALA F 186 46.59 131.94 104.01
C ALA F 186 47.19 130.52 104.02
N ARG F 187 46.63 129.62 104.84
CA ARG F 187 47.07 128.22 104.97
C ARG F 187 46.83 127.42 103.69
N GLN F 188 45.70 127.62 103.02
CA GLN F 188 45.39 126.94 101.76
C GLN F 188 46.19 127.52 100.59
N LYS F 189 46.42 128.84 100.53
CA LYS F 189 47.34 129.45 99.55
C LYS F 189 48.77 128.91 99.70
N TYR F 190 49.24 128.66 100.93
CA TYR F 190 50.52 127.99 101.18
C TYR F 190 50.55 126.56 100.59
N LEU F 191 49.54 125.73 100.91
CA LEU F 191 49.46 124.36 100.40
C LEU F 191 49.40 124.31 98.86
N LYS F 192 48.60 125.17 98.22
CA LYS F 192 48.50 125.23 96.74
C LYS F 192 49.83 125.54 96.05
N VAL F 193 50.68 126.38 96.64
CA VAL F 193 52.03 126.67 96.11
C VAL F 193 53.01 125.53 96.42
N LEU F 194 52.93 124.92 97.60
CA LEU F 194 53.72 123.74 97.97
C LEU F 194 53.41 122.53 97.08
N GLN F 195 52.15 122.32 96.70
CA GLN F 195 51.76 121.25 95.78
C GLN F 195 52.24 121.52 94.35
N LYS F 196 52.20 122.77 93.85
CA LYS F 196 52.76 123.08 92.52
C LYS F 196 54.31 123.06 92.50
N GLU F 197 54.98 123.24 93.64
CA GLU F 197 56.44 123.03 93.72
C GLU F 197 56.83 121.60 93.33
N ASN F 198 56.09 120.59 93.82
CA ASN F 198 56.29 119.21 93.36
C ASN F 198 56.03 119.10 91.85
N LEU F 199 54.88 119.58 91.36
CA LEU F 199 54.51 119.46 89.95
C LEU F 199 55.58 120.07 89.02
N VAL F 200 56.13 121.24 89.35
CA VAL F 200 57.21 121.87 88.57
C VAL F 200 58.52 121.07 88.64
N ILE F 201 58.95 120.63 89.83
CA ILE F 201 60.22 119.90 90.00
C ILE F 201 60.16 118.49 89.40
N GLU F 202 59.02 117.82 89.50
CA GLU F 202 58.77 116.47 88.98
C GLU F 202 58.53 116.50 87.46
N GLU F 203 57.69 117.40 86.94
CA GLU F 203 57.39 117.46 85.51
C GLU F 203 58.58 117.96 84.69
N TYR F 204 59.39 118.86 85.23
CA TYR F 204 60.66 119.26 84.60
C TYR F 204 61.60 118.05 84.45
N GLN F 205 61.64 117.15 85.43
CA GLN F 205 62.38 115.89 85.32
C GLN F 205 61.73 114.92 84.33
N ARG F 206 60.39 114.72 84.36
CA ARG F 206 59.68 113.86 83.38
C ARG F 206 59.92 114.30 81.94
N LYS F 207 59.66 115.57 81.61
CA LYS F 207 59.82 116.12 80.25
C LYS F 207 61.30 116.15 79.83
N ALA F 208 62.23 116.44 80.74
CA ALA F 208 63.66 116.38 80.42
C ALA F 208 64.16 114.94 80.19
N GLN F 209 63.82 113.95 81.03
CA GLN F 209 64.30 112.58 80.86
C GLN F 209 63.81 111.93 79.56
N LEU F 210 62.61 112.27 79.10
CA LEU F 210 62.09 111.89 77.78
C LEU F 210 62.98 112.44 76.65
N LEU F 211 63.30 113.74 76.66
CA LEU F 211 64.16 114.37 75.65
C LEU F 211 65.61 113.89 75.74
N ILE F 212 66.12 113.62 76.95
CA ILE F 212 67.44 113.03 77.19
C ILE F 212 67.55 111.64 76.57
N LYS F 213 66.46 110.86 76.51
CA LYS F 213 66.43 109.63 75.68
C LYS F 213 66.32 109.97 74.19
N GLN F 214 65.26 110.66 73.74
CA GLN F 214 64.98 110.86 72.30
C GLN F 214 66.18 111.43 71.52
N ILE F 215 66.90 112.40 72.08
CA ILE F 215 68.07 113.00 71.43
C ILE F 215 69.31 112.08 71.46
N ARG F 216 69.43 111.17 72.44
CA ARG F 216 70.48 110.12 72.42
C ARG F 216 70.16 109.03 71.40
N ASP F 217 68.90 108.62 71.28
CA ASP F 217 68.45 107.65 70.28
C ASP F 217 68.71 108.18 68.86
N MET F 218 68.25 109.40 68.57
CA MET F 218 68.48 110.03 67.26
C MET F 218 69.97 110.29 66.97
N ARG F 219 70.78 110.60 67.99
CA ARG F 219 72.25 110.74 67.83
C ARG F 219 72.94 109.44 67.39
N SER F 220 72.35 108.25 67.62
CA SER F 220 72.88 106.99 67.09
C SER F 220 72.27 106.61 65.73
N GLU F 221 70.97 106.83 65.51
CA GLU F 221 70.33 106.56 64.21
C GLU F 221 70.94 107.40 63.08
N HIS F 222 71.21 108.69 63.34
CA HIS F 222 71.97 109.56 62.44
C HIS F 222 73.30 108.91 62.01
N VAL F 223 74.04 108.30 62.94
CA VAL F 223 75.36 107.70 62.65
C VAL F 223 75.23 106.41 61.84
N ALA F 224 74.16 105.62 62.03
CA ALA F 224 73.87 104.47 61.17
C ALA F 224 73.60 104.92 59.73
N LEU F 225 72.67 105.86 59.55
CA LEU F 225 72.33 106.43 58.24
C LEU F 225 73.56 107.05 57.54
N GLN F 226 74.38 107.82 58.27
CA GLN F 226 75.59 108.44 57.72
C GLN F 226 76.72 107.46 57.37
N ASN F 227 76.57 106.16 57.68
CA ASN F 227 77.44 105.08 57.20
C ASN F 227 76.80 104.28 56.05
N GLN F 228 75.48 104.06 56.07
CA GLN F 228 74.75 103.43 54.95
C GLN F 228 74.83 104.29 53.68
N GLN F 229 74.69 105.61 53.81
CA GLN F 229 74.90 106.61 52.76
C GLN F 229 76.25 106.41 52.05
N LYS F 230 77.33 106.22 52.83
CA LYS F 230 78.71 106.03 52.35
C LYS F 230 78.97 104.62 51.81
N LEU F 231 77.92 103.82 51.58
CA LEU F 231 77.96 102.64 50.72
C LEU F 231 77.44 102.96 49.32
N ALA F 232 76.33 103.70 49.20
CA ALA F 232 75.73 104.10 47.93
C ALA F 232 76.60 105.10 47.13
N GLU F 233 77.32 106.01 47.81
CA GLU F 233 78.29 106.97 47.24
C GLU F 233 79.42 106.32 46.37
N LYS F 234 79.60 105.01 46.50
CA LYS F 234 80.57 104.20 45.73
C LYS F 234 79.98 103.68 44.42
N VAL F 235 78.66 103.55 44.34
CA VAL F 235 77.95 102.85 43.26
C VAL F 235 77.40 103.83 42.24
N ASP F 236 76.62 104.83 42.66
CA ASP F 236 75.92 105.68 41.68
C ASP F 236 76.86 106.71 41.04
N ARG F 237 77.15 106.48 39.76
CA ARG F 237 77.81 107.41 38.83
C ARG F 237 77.10 107.40 37.48
N LYS F 238 75.81 107.06 37.45
CA LYS F 238 74.95 106.91 36.27
C LYS F 238 73.60 107.63 36.43
N ILE F 239 73.62 108.86 36.96
CA ILE F 239 72.41 109.67 37.19
C ILE F 239 71.95 110.31 35.87
N SER F 240 72.86 110.95 35.13
CA SER F 240 72.52 111.64 33.87
C SER F 240 72.01 110.70 32.77
N ASP F 241 72.37 109.41 32.86
CA ASP F 241 71.95 108.33 31.97
C ASP F 241 70.46 107.99 32.13
N LYS F 242 69.89 108.24 33.32
CA LYS F 242 68.65 107.61 33.79
C LYS F 242 67.46 107.97 32.90
N ASP F 243 67.18 109.25 32.75
CA ASP F 243 65.97 109.75 32.07
C ASP F 243 66.05 109.61 30.54
N GLU F 244 67.27 109.65 29.96
CA GLU F 244 67.51 109.22 28.58
C GLU F 244 67.12 107.74 28.42
N ASN F 245 67.62 106.87 29.29
CA ASN F 245 67.44 105.43 29.12
C ASN F 245 66.02 104.96 29.48
N ILE F 246 65.30 105.65 30.38
CA ILE F 246 63.83 105.55 30.54
C ILE F 246 63.14 105.80 29.19
N GLN F 247 63.44 106.93 28.54
CA GLN F 247 62.76 107.33 27.30
C GLN F 247 63.15 106.45 26.11
N LYS F 248 64.39 105.97 26.07
CA LYS F 248 64.91 104.96 25.13
C LYS F 248 64.17 103.61 25.27
N THR F 249 64.02 103.10 26.50
CA THR F 249 63.29 101.84 26.76
C THR F 249 61.80 101.98 26.40
N ARG F 250 61.17 103.13 26.69
CA ARG F 250 59.82 103.48 26.19
C ARG F 250 59.75 103.50 24.66
N CYS F 251 60.70 104.15 23.99
CA CYS F 251 60.76 104.21 22.53
C CYS F 251 60.90 102.81 21.93
N MET F 252 61.79 101.96 22.43
CA MET F 252 61.93 100.57 21.96
C MET F 252 60.66 99.75 22.20
N TRP F 253 60.01 99.90 23.37
CA TRP F 253 58.72 99.27 23.61
C TRP F 253 57.64 99.72 22.64
N ASN F 254 57.55 101.02 22.35
CA ASN F 254 56.59 101.55 21.38
C ASN F 254 56.92 101.10 19.95
N THR F 255 58.20 101.05 19.54
CA THR F 255 58.63 100.52 18.24
C THR F 255 58.18 99.07 18.02
N ILE F 256 58.26 98.23 19.07
CA ILE F 256 57.81 96.81 19.03
C ILE F 256 56.29 96.69 19.11
N MET F 257 55.66 97.30 20.12
CA MET F 257 54.21 97.20 20.35
C MET F 257 53.41 97.83 19.20
N GLN F 258 53.93 98.90 18.58
CA GLN F 258 53.36 99.43 17.35
C GLN F 258 53.53 98.42 16.20
N MET F 259 54.65 97.70 16.07
CA MET F 259 54.77 96.67 15.02
C MET F 259 53.69 95.59 15.16
N LEU F 260 53.44 95.12 16.39
CA LEU F 260 52.38 94.13 16.64
C LEU F 260 50.98 94.66 16.29
N LYS F 261 50.78 95.98 16.20
CA LYS F 261 49.54 96.62 15.75
C LYS F 261 49.55 97.12 14.29
N GLU F 262 50.73 97.34 13.70
CA GLU F 262 50.94 97.49 12.25
C GLU F 262 50.51 96.18 11.55
N MET F 263 51.05 95.05 12.03
CA MET F 263 50.84 93.70 11.49
C MET F 263 49.49 93.06 11.90
N GLU F 264 48.63 93.77 12.63
CA GLU F 264 47.41 93.23 13.27
C GLU F 264 46.45 92.52 12.30
N LYS F 265 46.47 92.89 11.01
CA LYS F 265 45.68 92.21 9.97
C LYS F 265 46.45 91.04 9.39
N GLU F 266 47.70 91.26 9.00
CA GLU F 266 48.62 90.25 8.47
C GLU F 266 48.72 89.02 9.39
N VAL F 267 48.66 89.21 10.72
CA VAL F 267 48.66 88.11 11.69
C VAL F 267 47.52 87.13 11.45
N ASP F 268 46.25 87.50 11.66
CA ASP F 268 45.14 86.54 11.48
C ASP F 268 44.91 86.15 9.99
N VAL F 269 45.52 86.88 9.05
CA VAL F 269 45.58 86.55 7.61
C VAL F 269 46.57 85.42 7.30
N VAL F 270 47.75 85.39 7.95
CA VAL F 270 48.65 84.23 7.91
C VAL F 270 48.07 83.10 8.77
N ASP F 271 47.60 83.43 9.96
CA ASP F 271 47.01 82.49 10.92
C ASP F 271 45.81 81.75 10.26
N ALA F 272 45.04 82.40 9.38
CA ALA F 272 43.96 81.77 8.61
C ALA F 272 44.37 80.52 7.79
N VAL F 273 45.66 80.34 7.48
CA VAL F 273 46.16 79.12 6.83
C VAL F 273 46.83 78.17 7.83
N VAL F 274 47.33 78.68 8.96
CA VAL F 274 47.86 77.88 10.08
C VAL F 274 46.75 77.11 10.82
N ARG F 275 45.53 77.68 10.90
CA ARG F 275 44.35 77.05 11.53
C ARG F 275 43.04 77.22 10.73
N GLY F 276 43.16 77.52 9.43
CA GLY F 276 42.40 76.82 8.39
C GLY F 276 40.96 77.22 8.00
N ASN F 277 40.47 78.45 8.19
CA ASN F 277 39.21 78.86 7.52
C ASN F 277 39.46 79.06 6.00
N ILE F 278 39.54 77.96 5.25
CA ILE F 278 39.74 77.97 3.79
C ILE F 278 38.91 76.87 3.13
N ASP F 279 38.53 77.09 1.87
CA ASP F 279 37.83 76.14 0.98
C ASP F 279 36.53 75.56 1.58
N GLN F 280 36.05 76.16 2.69
CA GLN F 280 34.96 75.69 3.54
C GLN F 280 33.63 75.60 2.81
N TYR F 281 33.40 76.53 1.88
CA TYR F 281 32.19 76.69 1.10
C TYR F 281 32.56 76.37 -0.36
N CYS F 282 31.81 75.47 -0.98
CA CYS F 282 32.06 75.00 -2.34
C CYS F 282 30.75 75.05 -3.13
N LEU F 283 30.81 75.58 -4.34
CA LEU F 283 29.65 75.72 -5.21
C LEU F 283 29.31 74.35 -5.82
N ASP F 284 28.53 73.54 -5.10
CA ASP F 284 28.30 72.12 -5.36
C ASP F 284 26.92 71.82 -5.96
N GLY F 285 26.87 71.62 -7.28
CA GLY F 285 25.66 71.24 -8.01
C GLY F 285 25.27 69.76 -7.86
N THR F 286 26.09 68.91 -7.22
CA THR F 286 25.87 67.45 -7.21
C THR F 286 24.55 67.03 -6.56
N ASN F 287 24.06 67.82 -5.60
CA ASN F 287 22.85 67.53 -4.84
C ASN F 287 21.67 68.45 -5.22
N ALA F 288 21.84 69.36 -6.19
CA ALA F 288 20.85 70.37 -6.56
C ALA F 288 19.82 69.83 -7.56
N THR F 289 19.06 68.80 -7.16
CA THR F 289 18.08 68.09 -8.00
C THR F 289 16.73 68.82 -8.10
N LEU F 290 16.79 70.07 -8.54
CA LEU F 290 15.66 71.00 -8.68
C LEU F 290 14.41 70.40 -9.35
N ASN F 291 13.30 70.42 -8.62
CA ASN F 291 11.95 70.06 -9.06
C ASN F 291 11.13 71.32 -9.44
N ILE F 292 11.06 71.65 -10.74
CA ILE F 292 10.34 72.82 -11.24
C ILE F 292 8.81 72.64 -11.08
N PRO F 293 8.08 73.53 -10.38
CA PRO F 293 6.63 73.38 -10.16
C PRO F 293 5.77 73.55 -11.42
N ASN F 294 4.55 73.01 -11.37
CA ASN F 294 3.59 72.98 -12.49
C ASN F 294 3.20 74.38 -12.97
N LEU F 295 3.05 75.33 -12.05
CA LEU F 295 2.76 76.73 -12.38
C LEU F 295 3.94 77.42 -13.08
N LEU F 296 5.18 77.03 -12.77
CA LEU F 296 6.39 77.52 -13.43
C LEU F 296 6.62 76.83 -14.78
N ILE F 297 6.23 75.56 -14.95
CA ILE F 297 6.16 74.91 -16.28
C ILE F 297 5.13 75.61 -17.17
N SER F 298 3.91 75.84 -16.66
CA SER F 298 2.82 76.59 -17.32
C SER F 298 3.21 78.04 -17.68
N ARG F 299 4.24 78.56 -17.00
CA ARG F 299 4.99 79.75 -17.37
C ARG F 299 5.88 79.43 -18.57
N ILE F 300 6.97 78.69 -18.36
CA ILE F 300 8.08 78.47 -19.30
C ILE F 300 7.65 77.98 -20.68
N GLU F 301 6.74 76.99 -20.77
CA GLU F 301 6.28 76.40 -22.05
C GLU F 301 5.86 77.45 -23.10
N SER F 302 5.32 78.58 -22.63
CA SER F 302 4.84 79.68 -23.46
C SER F 302 5.52 81.03 -23.12
N GLU F 303 6.60 81.03 -22.34
CA GLU F 303 7.63 82.09 -22.43
C GLU F 303 8.65 81.79 -23.52
N MET F 304 9.05 80.52 -23.66
CA MET F 304 10.18 79.97 -24.41
C MET F 304 10.52 80.65 -25.76
N HIS F 305 9.53 80.94 -26.61
CA HIS F 305 9.76 81.62 -27.90
C HIS F 305 9.83 83.17 -27.80
N ARG F 306 10.12 83.67 -26.60
CA ARG F 306 10.82 84.94 -26.29
C ARG F 306 11.95 84.70 -25.27
N LEU F 307 11.67 83.98 -24.18
CA LEU F 307 12.70 83.59 -23.21
C LEU F 307 13.46 82.35 -23.69
N GLN F 308 14.50 82.58 -24.50
CA GLN F 308 15.57 81.61 -24.66
C GLN F 308 16.20 81.31 -23.29
N MET F 309 16.27 80.04 -22.94
CA MET F 309 16.90 79.49 -21.75
C MET F 309 17.54 78.15 -22.15
N ASP F 310 18.70 77.85 -21.56
CA ASP F 310 19.39 76.58 -21.74
C ASP F 310 18.88 75.53 -20.74
N ASN F 311 19.52 74.36 -20.62
CA ASN F 311 19.01 73.27 -19.78
C ASN F 311 19.51 73.41 -18.33
N VAL F 312 18.82 72.77 -17.37
CA VAL F 312 19.26 72.76 -15.96
C VAL F 312 20.41 71.78 -15.72
N TYR F 313 20.45 70.68 -16.47
CA TYR F 313 21.37 69.56 -16.27
C TYR F 313 22.14 69.27 -17.57
N GLU F 314 23.39 69.70 -17.65
CA GLU F 314 24.17 69.77 -18.90
C GLU F 314 25.51 69.07 -18.73
N ALA F 315 25.82 68.12 -19.63
CA ALA F 315 26.97 67.20 -19.52
C ALA F 315 27.10 66.50 -18.14
N GLY F 316 25.98 66.31 -17.42
CA GLY F 316 25.95 65.73 -16.06
C GLY F 316 26.28 66.72 -14.93
N LYS F 317 26.30 68.02 -15.20
CA LYS F 317 26.53 69.10 -14.23
C LYS F 317 25.35 70.09 -14.20
N VAL F 318 25.11 70.78 -13.09
CA VAL F 318 24.00 71.75 -12.96
C VAL F 318 24.39 73.11 -13.52
N ASN F 319 23.62 73.67 -14.45
CA ASN F 319 23.87 75.01 -14.98
C ASN F 319 23.26 76.08 -14.05
N LEU F 320 24.10 76.75 -13.29
CA LEU F 320 23.69 77.79 -12.34
C LEU F 320 23.02 78.99 -13.04
N ILE F 321 23.43 79.33 -14.27
CA ILE F 321 22.81 80.41 -15.03
C ILE F 321 21.34 80.07 -15.32
N THR F 322 21.04 78.84 -15.71
CA THR F 322 19.66 78.37 -15.90
C THR F 322 18.87 78.39 -14.59
N VAL F 323 19.46 78.00 -13.46
CA VAL F 323 18.78 78.06 -12.14
C VAL F 323 18.45 79.51 -11.75
N VAL F 324 19.34 80.47 -12.00
CA VAL F 324 19.08 81.90 -11.75
C VAL F 324 18.05 82.45 -12.75
N GLN F 325 18.06 82.02 -14.01
CA GLN F 325 17.01 82.37 -14.99
C GLN F 325 15.62 81.83 -14.55
N LEU F 326 15.55 80.61 -13.99
CA LEU F 326 14.31 80.06 -13.42
C LEU F 326 13.83 80.88 -12.21
N LEU F 327 14.73 81.20 -11.27
CA LEU F 327 14.42 82.06 -10.12
C LEU F 327 13.90 83.43 -10.59
N ASN F 328 14.47 83.99 -11.65
CA ASN F 328 14.08 85.27 -12.22
C ASN F 328 12.68 85.29 -12.87
N GLU F 329 12.04 84.16 -13.14
CA GLU F 329 10.60 84.12 -13.51
C GLU F 329 9.72 83.53 -12.40
N ALA F 330 10.28 82.78 -11.44
CA ALA F 330 9.63 82.41 -10.18
C ALA F 330 9.31 83.66 -9.33
N LEU F 331 10.29 84.54 -9.12
CA LEU F 331 10.11 85.83 -8.45
C LEU F 331 9.05 86.69 -9.15
N LYS F 332 8.98 86.66 -10.49
CA LYS F 332 7.92 87.32 -11.28
C LYS F 332 6.55 86.61 -11.25
N LEU F 333 6.35 85.59 -10.42
CA LEU F 333 5.02 85.26 -9.88
C LEU F 333 4.79 86.07 -8.60
N VAL F 334 5.70 86.00 -7.62
CA VAL F 334 5.61 86.65 -6.31
C VAL F 334 5.30 88.16 -6.40
N SER F 335 6.00 88.93 -7.23
CA SER F 335 5.70 90.36 -7.43
C SER F 335 4.33 90.60 -8.06
N GLY F 336 3.94 89.75 -9.01
CA GLY F 336 2.62 89.76 -9.65
C GLY F 336 1.49 89.50 -8.64
N GLU F 337 1.63 88.50 -7.79
CA GLU F 337 0.64 88.19 -6.74
C GLU F 337 0.60 89.29 -5.67
N ARG F 338 1.74 89.88 -5.26
CA ARG F 338 1.73 91.06 -4.39
C ARG F 338 0.95 92.22 -5.02
N SER F 339 1.09 92.45 -6.33
CA SER F 339 0.33 93.49 -7.05
C SER F 339 -1.19 93.25 -7.13
N LEU F 340 -1.68 92.11 -6.64
CA LEU F 340 -3.10 91.74 -6.56
C LEU F 340 -3.61 91.59 -5.12
N TYR F 341 -2.77 91.13 -4.18
CA TYR F 341 -3.17 90.72 -2.82
C TYR F 341 -2.39 91.40 -1.68
N ASP F 342 -1.22 91.99 -1.96
CA ASP F 342 -0.39 92.72 -0.99
C ASP F 342 0.03 94.08 -1.56
N CYS F 343 -0.96 94.87 -1.96
CA CYS F 343 -0.78 96.17 -2.63
C CYS F 343 -0.30 97.29 -1.68
N LYS F 344 0.49 96.93 -0.65
CA LYS F 344 1.10 97.82 0.35
C LYS F 344 2.41 97.29 0.93
N GLY F 345 2.54 95.97 1.12
CA GLY F 345 3.50 95.39 2.05
C GLY F 345 2.92 95.35 3.47
N VAL F 346 2.13 94.31 3.78
CA VAL F 346 1.53 94.15 5.11
C VAL F 346 2.60 93.84 6.18
N ARG F 347 2.50 94.53 7.31
CA ARG F 347 3.35 94.38 8.50
C ARG F 347 2.65 93.56 9.58
N LEU F 348 3.34 92.56 10.12
CA LEU F 348 2.99 91.89 11.37
C LEU F 348 3.52 92.73 12.54
N ASP F 349 2.68 93.07 13.52
CA ASP F 349 3.13 93.89 14.65
C ASP F 349 3.81 93.03 15.73
N LEU F 350 5.14 93.09 15.74
CA LEU F 350 6.00 92.38 16.68
C LEU F 350 5.81 92.81 18.15
N GLN F 351 5.38 94.05 18.41
CA GLN F 351 5.18 94.57 19.77
C GLN F 351 3.84 94.12 20.35
N TYR F 352 2.78 94.05 19.52
CA TYR F 352 1.53 93.37 19.88
C TYR F 352 1.76 91.87 20.12
N LEU F 353 2.47 91.18 19.22
CA LEU F 353 2.76 89.75 19.35
C LEU F 353 3.54 89.45 20.64
N HIS F 354 4.64 90.17 20.90
CA HIS F 354 5.41 90.03 22.13
C HIS F 354 4.61 90.47 23.37
N GLY F 355 3.75 91.49 23.24
CA GLY F 355 2.87 91.97 24.31
C GLY F 355 1.84 90.93 24.76
N LYS F 356 1.13 90.28 23.82
CA LYS F 356 0.23 89.16 24.15
C LYS F 356 1.00 87.92 24.59
N ALA F 357 2.16 87.60 24.02
CA ALA F 357 2.99 86.48 24.48
C ALA F 357 3.41 86.65 25.96
N LYS F 358 3.86 87.86 26.32
CA LYS F 358 4.14 88.24 27.71
C LYS F 358 2.89 88.11 28.59
N PHE F 359 1.75 88.67 28.17
CA PHE F 359 0.55 88.69 28.99
C PHE F 359 -0.05 87.28 29.20
N GLU F 360 -0.07 86.44 28.17
CA GLU F 360 -0.42 85.01 28.28
C GLU F 360 0.56 84.27 29.20
N SER F 361 1.87 84.59 29.17
CA SER F 361 2.83 84.03 30.12
C SER F 361 2.51 84.45 31.57
N GLU F 362 2.00 85.66 31.75
CA GLU F 362 1.52 86.17 33.03
C GLU F 362 0.16 85.56 33.43
N VAL F 363 -0.77 85.25 32.51
CA VAL F 363 -2.00 84.47 32.76
C VAL F 363 -1.62 83.06 33.22
N LEU F 364 -0.75 82.39 32.44
CA LEU F 364 -0.23 81.06 32.72
C LEU F 364 0.50 80.98 34.06
N THR F 365 1.15 82.07 34.47
CA THR F 365 1.80 82.21 35.79
C THR F 365 0.79 82.47 36.91
N ARG F 366 -0.21 83.32 36.71
CA ARG F 366 -1.31 83.57 37.67
C ARG F 366 -2.11 82.30 37.95
N LEU F 367 -2.53 81.58 36.91
CA LEU F 367 -3.15 80.26 37.02
C LEU F 367 -2.29 79.27 37.82
N ARG F 368 -0.98 79.23 37.58
CA ARG F 368 -0.04 78.38 38.34
C ARG F 368 0.09 78.81 39.80
N ASN F 369 0.08 80.10 40.09
CA ASN F 369 0.14 80.63 41.45
C ASN F 369 -1.14 80.30 42.24
N MET F 370 -2.33 80.62 41.71
CA MET F 370 -3.63 80.20 42.28
C MET F 370 -3.65 78.70 42.52
N ARG F 371 -3.35 77.90 41.49
CA ARG F 371 -3.42 76.44 41.55
C ARG F 371 -2.41 75.84 42.52
N HIS F 372 -1.24 76.45 42.72
CA HIS F 372 -0.27 75.98 43.71
C HIS F 372 -0.59 76.45 45.13
N LYS F 373 -1.14 77.66 45.31
CA LYS F 373 -1.62 78.20 46.60
C LYS F 373 -2.75 77.33 47.18
N ILE F 374 -3.71 76.96 46.33
CA ILE F 374 -4.74 75.96 46.63
C ILE F 374 -4.12 74.63 47.13
N LYS F 375 -2.96 74.24 46.57
CA LYS F 375 -2.26 72.98 46.86
C LYS F 375 -1.10 73.10 47.88
N ARG F 376 -1.02 74.19 48.66
CA ARG F 376 -0.07 74.35 49.79
C ARG F 376 -0.69 75.00 51.02
N GLU F 377 -1.51 76.04 50.82
CA GLU F 377 -2.16 76.76 51.91
C GLU F 377 -3.57 76.22 52.15
N ASP F 378 -4.47 76.31 51.15
CA ASP F 378 -5.90 76.07 51.36
C ASP F 378 -6.21 74.60 51.67
N LEU F 379 -5.86 73.67 50.76
CA LEU F 379 -6.16 72.25 50.95
C LEU F 379 -5.44 71.66 52.17
N VAL F 380 -4.26 72.15 52.53
CA VAL F 380 -3.50 71.68 53.71
C VAL F 380 -4.14 72.19 55.01
N SER F 381 -4.68 73.42 55.01
CA SER F 381 -5.53 73.92 56.09
C SER F 381 -6.79 73.05 56.24
N ILE F 382 -7.50 72.81 55.14
CA ILE F 382 -8.76 72.06 55.11
C ILE F 382 -8.57 70.60 55.57
N GLU F 383 -7.66 69.86 54.92
CA GLU F 383 -7.44 68.43 55.20
C GLU F 383 -6.91 68.19 56.61
N LYS F 384 -6.10 69.10 57.17
CA LYS F 384 -5.71 69.05 58.58
C LYS F 384 -6.93 69.23 59.50
N ILE F 385 -7.73 70.28 59.31
CA ILE F 385 -8.86 70.60 60.21
C ILE F 385 -9.89 69.47 60.18
N ILE F 386 -10.16 68.90 59.00
CA ILE F 386 -10.96 67.68 58.81
C ILE F 386 -10.40 66.52 59.65
N ALA F 387 -9.13 66.16 59.47
CA ALA F 387 -8.54 65.02 60.16
C ALA F 387 -8.41 65.23 61.68
N ASP F 388 -8.20 66.47 62.15
CA ASP F 388 -8.18 66.82 63.58
C ASP F 388 -9.60 66.84 64.19
N ARG F 389 -10.66 67.13 63.42
CA ARG F 389 -12.06 66.91 63.84
C ARG F 389 -12.34 65.41 64.01
N GLU F 390 -12.03 64.61 62.98
CA GLU F 390 -12.31 63.16 62.96
C GLU F 390 -11.56 62.40 64.07
N ARG F 391 -10.29 62.77 64.34
CA ARG F 391 -9.47 62.15 65.40
C ARG F 391 -9.78 62.64 66.82
N GLU F 392 -10.59 63.69 67.01
CA GLU F 392 -11.16 64.03 68.32
C GLU F 392 -12.55 63.37 68.50
N TRP F 393 -13.31 63.24 67.43
CA TRP F 393 -14.58 62.48 67.37
C TRP F 393 -14.39 61.00 67.72
N GLU F 394 -13.30 60.39 67.27
CA GLU F 394 -12.82 59.07 67.71
C GLU F 394 -12.70 58.96 69.24
N ARG F 395 -11.99 59.91 69.87
CA ARG F 395 -11.72 59.96 71.31
C ARG F 395 -12.97 60.24 72.13
N LYS F 396 -13.85 61.10 71.61
CA LYS F 396 -15.15 61.42 72.21
C LYS F 396 -15.98 60.15 72.43
N TRP F 397 -16.02 59.27 71.44
CA TRP F 397 -16.92 58.11 71.45
C TRP F 397 -16.27 56.81 71.95
N GLU F 398 -14.96 56.59 71.80
CA GLU F 398 -14.26 55.49 72.51
C GLU F 398 -14.50 55.56 74.02
N LYS F 399 -14.39 56.77 74.57
CA LYS F 399 -14.58 57.15 75.97
C LYS F 399 -16.01 56.95 76.50
N ILE F 400 -16.96 56.59 75.62
CA ILE F 400 -18.37 56.29 75.91
C ILE F 400 -18.75 54.83 75.54
N LEU F 401 -17.90 54.14 74.78
CA LEU F 401 -18.09 52.75 74.32
C LEU F 401 -17.17 51.73 75.02
N GLY F 402 -16.06 52.18 75.62
CA GLY F 402 -15.01 51.29 76.16
C GLY F 402 -14.24 50.53 75.08
N LYS F 403 -14.41 50.91 73.81
CA LYS F 403 -13.90 50.28 72.59
C LYS F 403 -13.76 51.38 71.54
N CYS F 404 -12.68 51.38 70.74
CA CYS F 404 -12.52 52.32 69.62
C CYS F 404 -13.73 52.21 68.66
N PRO F 405 -14.42 53.32 68.29
CA PRO F 405 -15.57 53.28 67.39
C PRO F 405 -15.23 52.58 66.07
N MET G 1 41.38 131.93 69.90
CA MET G 1 42.72 132.13 70.53
C MET G 1 42.52 132.50 72.00
N THR G 2 43.45 133.22 72.65
CA THR G 2 43.43 133.72 74.06
C THR G 2 42.21 133.34 74.91
N GLY G 3 41.07 134.02 74.72
CA GLY G 3 39.86 133.89 75.52
C GLY G 3 39.27 132.47 75.61
N GLY G 4 39.70 131.52 74.78
CA GLY G 4 39.38 130.09 74.96
C GLY G 4 39.80 129.52 76.32
N LYS G 5 40.91 130.01 76.91
CA LYS G 5 41.31 129.64 78.28
C LYS G 5 40.46 130.33 79.36
N GLU G 6 39.94 131.53 79.08
CA GLU G 6 39.04 132.25 80.00
C GLU G 6 37.61 131.67 79.97
N LEU G 7 37.14 131.24 78.79
CA LEU G 7 35.91 130.46 78.61
C LEU G 7 35.98 129.12 79.35
N GLY G 8 37.06 128.35 79.16
CA GLY G 8 37.25 127.06 79.85
C GLY G 8 37.30 127.20 81.38
N ALA G 9 38.02 128.20 81.89
CA ALA G 9 38.07 128.47 83.33
C ALA G 9 36.73 128.99 83.89
N ALA G 10 35.90 129.68 83.10
CA ALA G 10 34.55 130.02 83.54
C ALA G 10 33.68 128.77 83.76
N VAL G 11 33.85 127.72 82.96
CA VAL G 11 33.15 126.43 83.15
C VAL G 11 33.63 125.72 84.41
N GLU G 12 34.95 125.69 84.68
CA GLU G 12 35.53 125.17 85.94
C GLU G 12 34.88 125.81 87.17
N LEU G 13 34.84 127.14 87.21
CA LEU G 13 34.26 127.88 88.33
C LEU G 13 32.73 127.69 88.45
N TYR G 14 32.02 127.52 87.33
CA TYR G 14 30.58 127.29 87.27
C TYR G 14 30.17 125.88 87.71
N GLU G 15 30.90 124.84 87.30
CA GLU G 15 30.68 123.47 87.79
C GLU G 15 31.02 123.37 89.28
N ARG G 16 32.08 124.03 89.74
CA ARG G 16 32.41 124.13 91.18
C ARG G 16 31.35 124.89 91.98
N LEU G 17 30.73 125.93 91.41
CA LEU G 17 29.57 126.61 92.02
C LEU G 17 28.35 125.67 92.17
N GLN G 18 28.12 124.77 91.21
CA GLN G 18 27.08 123.74 91.31
C GLN G 18 27.43 122.67 92.35
N MET G 19 28.66 122.13 92.35
CA MET G 19 29.14 121.18 93.36
C MET G 19 29.03 121.74 94.79
N LEU G 20 29.41 123.00 94.98
CA LEU G 20 29.30 123.71 96.26
C LEU G 20 27.88 124.25 96.53
N SER G 21 26.89 123.86 95.73
CA SER G 21 25.45 124.13 95.93
C SER G 21 25.15 125.64 96.07
N CYS G 22 25.52 126.42 95.05
CA CYS G 22 25.19 127.84 94.98
C CYS G 22 23.68 128.03 94.68
N PRO G 23 22.88 128.62 95.60
CA PRO G 23 21.45 128.82 95.39
C PRO G 23 21.17 129.85 94.29
N CYS G 24 22.14 130.73 94.02
CA CYS G 24 22.12 131.66 92.90
C CYS G 24 22.34 130.97 91.53
N LEU G 25 22.34 129.63 91.46
CA LEU G 25 22.23 128.84 90.23
C LEU G 25 20.98 127.94 90.19
N GLU G 26 20.05 128.03 91.16
CA GLU G 26 18.82 127.21 91.17
C GLU G 26 17.94 127.47 89.93
N GLY G 27 17.93 126.51 89.00
CA GLY G 27 17.24 126.62 87.70
C GLY G 27 18.05 127.33 86.59
N VAL G 28 19.24 127.85 86.90
CA VAL G 28 20.10 128.62 85.96
C VAL G 28 20.98 127.65 85.14
N TYR G 29 20.34 126.68 84.49
CA TYR G 29 21.00 125.60 83.76
C TYR G 29 21.55 126.06 82.40
N LEU G 30 22.70 126.74 82.44
CA LEU G 30 23.50 127.07 81.27
C LEU G 30 24.36 125.86 80.84
N THR G 31 24.49 125.66 79.52
CA THR G 31 25.37 124.65 78.91
C THR G 31 26.30 125.24 77.83
N ASP G 32 26.22 126.55 77.62
CA ASP G 32 27.06 127.31 76.68
C ASP G 32 28.20 128.01 77.45
N PRO G 33 29.49 127.73 77.14
CA PRO G 33 30.63 128.40 77.75
C PRO G 33 30.61 129.93 77.63
N GLN G 34 30.05 130.52 76.56
CA GLN G 34 29.97 131.98 76.42
C GLN G 34 28.99 132.58 77.44
N SER G 35 27.79 132.02 77.56
CA SER G 35 26.80 132.42 78.57
C SER G 35 27.31 132.22 80.01
N ILE G 36 28.05 131.13 80.25
CA ILE G 36 28.69 130.83 81.55
C ILE G 36 29.79 131.86 81.87
N TYR G 37 30.65 132.16 80.90
CA TYR G 37 31.65 133.23 80.98
C TYR G 37 31.00 134.58 81.24
N GLU G 38 29.92 134.94 80.55
CA GLU G 38 29.25 136.22 80.77
C GLU G 38 28.56 136.31 82.15
N LEU G 39 27.97 135.22 82.65
CA LEU G 39 27.42 135.17 84.01
C LEU G 39 28.48 135.43 85.10
N LEU G 40 29.72 134.96 84.89
CA LEU G 40 30.82 135.15 85.84
C LEU G 40 31.66 136.42 85.59
N CYS G 41 31.64 136.99 84.38
CA CYS G 41 32.54 138.07 83.97
C CYS G 41 31.86 139.41 83.59
N THR G 42 30.54 139.48 83.43
CA THR G 42 29.84 140.75 83.08
C THR G 42 29.28 141.49 84.29
N PRO G 43 29.10 142.82 84.23
CA PRO G 43 28.48 143.60 85.30
C PRO G 43 26.97 143.29 85.46
N SER G 44 26.62 142.43 86.41
CA SER G 44 25.24 142.06 86.71
C SER G 44 24.97 141.93 88.22
N SER G 45 23.72 142.15 88.62
CA SER G 45 23.25 141.82 89.98
C SER G 45 23.38 140.33 90.26
N HIS G 46 23.04 139.47 89.29
CA HIS G 46 23.15 138.02 89.38
C HIS G 46 24.54 137.56 89.83
N ARG G 47 25.59 138.17 89.26
CA ARG G 47 27.00 137.96 89.60
C ARG G 47 27.38 138.59 90.94
N LEU G 48 26.91 139.80 91.24
CA LEU G 48 27.19 140.49 92.51
C LEU G 48 26.58 139.75 93.72
N ASP G 49 25.37 139.22 93.58
CA ASP G 49 24.71 138.44 94.63
C ASP G 49 25.30 137.00 94.73
N ILE G 50 25.91 136.44 93.67
CA ILE G 50 26.84 135.28 93.74
C ILE G 50 28.09 135.63 94.56
N LEU G 51 28.76 136.76 94.29
CA LEU G 51 29.92 137.19 95.08
C LEU G 51 29.57 137.40 96.56
N GLN G 52 28.39 137.94 96.86
CA GLN G 52 27.84 138.03 98.20
C GLN G 52 27.60 136.64 98.85
N TRP G 53 27.12 135.65 98.10
CA TRP G 53 26.99 134.28 98.61
C TRP G 53 28.34 133.64 98.91
N LEU G 54 29.34 133.81 98.02
CA LEU G 54 30.72 133.37 98.25
C LEU G 54 31.32 134.04 99.50
N CYS G 55 31.12 135.34 99.66
CA CYS G 55 31.52 136.08 100.87
C CYS G 55 30.80 135.57 102.13
N SER G 56 29.52 135.21 102.03
CA SER G 56 28.72 134.67 103.14
C SER G 56 29.13 133.24 103.51
N ARG G 57 29.51 132.41 102.53
CA ARG G 57 30.09 131.07 102.74
C ARG G 57 31.42 131.13 103.51
N ILE G 58 32.29 132.07 103.16
CA ILE G 58 33.62 132.24 103.79
C ILE G 58 33.51 132.96 105.15
N TYR G 59 32.61 133.94 105.26
CA TYR G 59 32.51 134.82 106.43
C TYR G 59 31.03 135.20 106.72
N PRO G 60 30.25 134.29 107.35
CA PRO G 60 28.81 134.46 107.59
C PRO G 60 28.35 135.79 108.23
N PRO G 61 29.09 136.46 109.14
CA PRO G 61 28.67 137.75 109.69
C PRO G 61 28.46 138.86 108.65
N VAL G 62 28.98 138.73 107.42
CA VAL G 62 28.70 139.68 106.34
C VAL G 62 27.28 139.53 105.76
N GLN G 63 26.62 138.38 105.97
CA GLN G 63 25.32 138.09 105.38
C GLN G 63 24.21 138.97 106.00
N GLU G 64 24.25 139.22 107.31
CA GLU G 64 23.38 140.21 107.98
C GLU G 64 23.64 141.63 107.45
N GLN G 65 24.92 141.98 107.27
CA GLN G 65 25.34 143.31 106.82
C GLN G 65 24.90 143.59 105.37
N LEU G 66 25.11 142.64 104.44
CA LEU G 66 24.73 142.80 103.04
C LEU G 66 23.23 142.62 102.77
N SER G 67 22.51 141.86 103.60
CA SER G 67 21.03 141.81 103.54
C SER G 67 20.36 143.04 104.16
N SER G 68 21.06 143.81 105.01
CA SER G 68 20.61 145.14 105.44
C SER G 68 20.72 146.22 104.34
N LEU G 69 21.44 145.93 103.24
CA LEU G 69 21.66 146.84 102.12
C LEU G 69 20.79 146.48 100.91
N LYS G 70 19.93 147.42 100.51
CA LYS G 70 18.98 147.29 99.41
C LYS G 70 19.60 147.27 98.01
N GLU G 71 18.74 146.97 97.04
CA GLU G 71 18.95 147.15 95.59
C GLU G 71 19.54 148.54 95.27
N SER G 72 18.95 149.59 95.86
CA SER G 72 19.39 150.99 95.76
C SER G 72 20.62 151.34 96.61
N GLN G 73 21.23 150.34 97.26
CA GLN G 73 22.47 150.42 98.03
C GLN G 73 23.53 149.44 97.50
N THR G 74 23.36 148.93 96.27
CA THR G 74 24.29 147.98 95.61
C THR G 74 25.72 148.50 95.52
N ASP G 75 25.94 149.78 95.19
CA ASP G 75 27.31 150.36 95.20
C ASP G 75 27.88 150.54 96.63
N THR G 76 27.06 150.33 97.68
CA THR G 76 27.54 150.14 99.07
C THR G 76 27.88 148.66 99.34
N LYS G 77 27.05 147.70 98.86
CA LYS G 77 27.41 146.26 98.89
C LYS G 77 28.78 146.03 98.24
N VAL G 78 29.01 146.62 97.07
CA VAL G 78 30.29 146.58 96.32
C VAL G 78 31.48 146.98 97.19
N LYS G 79 31.35 148.07 97.98
CA LYS G 79 32.44 148.56 98.84
C LYS G 79 32.67 147.70 100.08
N GLU G 80 31.62 147.18 100.71
CA GLU G 80 31.78 146.25 101.83
C GLU G 80 32.30 144.87 101.40
N ILE G 81 31.95 144.41 100.19
CA ILE G 81 32.56 143.21 99.58
C ILE G 81 34.03 143.47 99.25
N ALA G 82 34.40 144.59 98.61
CA ALA G 82 35.81 144.92 98.35
C ALA G 82 36.64 145.06 99.64
N LYS G 83 36.08 145.72 100.66
CA LYS G 83 36.66 145.85 102.00
C LYS G 83 36.81 144.52 102.74
N LEU G 84 35.86 143.59 102.58
CA LEU G 84 35.99 142.21 103.05
C LEU G 84 37.09 141.46 102.29
N CYS G 85 37.12 141.53 100.97
CA CYS G 85 38.13 140.87 100.13
C CYS G 85 39.54 141.44 100.33
N PHE G 86 39.69 142.71 100.69
CA PHE G 86 40.94 143.29 101.17
C PHE G 86 41.36 142.73 102.53
N ASP G 87 40.47 142.72 103.53
CA ASP G 87 40.75 142.06 104.80
C ASP G 87 41.11 140.57 104.61
N LEU G 88 40.51 139.88 103.64
CA LEU G 88 40.78 138.48 103.30
C LEU G 88 41.98 138.26 102.37
N MET G 89 42.74 139.31 101.98
CA MET G 89 43.93 139.17 101.11
C MET G 89 43.62 138.60 99.72
N LEU G 90 42.60 139.15 99.06
CA LEU G 90 42.13 138.82 97.71
C LEU G 90 42.23 139.99 96.71
N CYS G 91 42.02 141.24 97.15
CA CYS G 91 42.09 142.44 96.30
C CYS G 91 42.37 143.71 97.12
N HIS G 92 42.50 144.88 96.47
CA HIS G 92 42.53 146.17 97.17
C HIS G 92 41.12 146.59 97.64
N PHE G 93 41.01 147.42 98.68
CA PHE G 93 39.68 147.88 99.15
C PHE G 93 38.98 148.82 98.15
N ASP G 94 39.75 149.49 97.27
CA ASP G 94 39.23 150.28 96.14
C ASP G 94 39.10 149.45 94.83
N ASP G 95 39.28 148.13 94.86
CA ASP G 95 39.17 147.24 93.67
C ASP G 95 37.69 146.98 93.29
N LEU G 96 36.87 148.04 93.35
CA LEU G 96 35.41 148.00 93.26
C LEU G 96 34.95 147.43 91.92
N ASP G 97 35.72 147.63 90.87
CA ASP G 97 35.39 147.25 89.50
C ASP G 97 35.70 145.77 89.19
N LEU G 98 36.56 145.12 89.98
CA LEU G 98 36.61 143.65 90.07
C LEU G 98 35.31 143.11 90.70
N ILE G 99 34.81 143.77 91.76
CA ILE G 99 33.58 143.36 92.43
C ILE G 99 32.34 143.61 91.55
N ARG G 100 32.27 144.73 90.81
CA ARG G 100 31.20 145.00 89.85
C ARG G 100 31.23 144.07 88.64
N GLY G 101 32.41 143.84 88.05
CA GLY G 101 32.58 143.01 86.85
C GLY G 101 33.10 143.76 85.60
N HIS G 102 33.85 144.85 85.78
CA HIS G 102 34.49 145.60 84.68
C HIS G 102 36.00 145.29 84.51
N ALA G 103 36.58 144.49 85.40
CA ALA G 103 37.97 144.03 85.28
C ALA G 103 38.16 142.99 84.17
N SER G 104 39.40 142.76 83.71
CA SER G 104 39.70 141.74 82.69
C SER G 104 39.30 140.33 83.17
N PRO G 105 38.79 139.43 82.29
CA PRO G 105 38.13 138.21 82.72
C PRO G 105 39.05 137.29 83.52
N PHE G 106 40.30 137.09 83.10
CA PHE G 106 41.30 136.35 83.86
C PHE G 106 41.48 136.84 85.32
N LYS G 107 41.34 138.16 85.59
CA LYS G 107 41.36 138.68 86.97
C LYS G 107 40.10 138.28 87.74
N GLN G 108 38.94 138.34 87.10
CA GLN G 108 37.66 137.93 87.69
C GLN G 108 37.64 136.42 88.00
N ILE G 109 38.09 135.61 87.05
CA ILE G 109 38.27 134.16 87.14
C ILE G 109 39.23 133.81 88.28
N SER G 110 40.43 134.40 88.31
CA SER G 110 41.41 134.19 89.38
C SER G 110 40.89 134.59 90.77
N PHE G 111 40.08 135.65 90.85
CA PHE G 111 39.43 136.09 92.08
C PHE G 111 38.31 135.14 92.54
N ILE G 112 37.45 134.68 91.64
CA ILE G 112 36.36 133.74 91.93
C ILE G 112 36.92 132.36 92.32
N GLY G 113 38.00 131.90 91.68
CA GLY G 113 38.70 130.67 92.08
C GLY G 113 39.28 130.74 93.50
N GLN G 114 39.88 131.88 93.86
CA GLN G 114 40.37 132.12 95.22
C GLN G 114 39.26 132.32 96.27
N LEU G 115 38.00 132.52 95.86
CA LEU G 115 36.84 132.42 96.74
C LEU G 115 36.37 130.96 96.86
N LEU G 116 36.19 130.25 95.74
CA LEU G 116 35.69 128.87 95.71
C LEU G 116 36.64 127.87 96.38
N ASP G 117 37.95 128.09 96.34
CA ASP G 117 38.93 127.27 97.05
C ASP G 117 38.66 127.23 98.57
N VAL G 118 38.39 128.39 99.18
CA VAL G 118 38.23 128.54 100.64
C VAL G 118 36.90 127.97 101.14
N ILE G 119 35.96 127.74 100.23
CA ILE G 119 34.65 127.13 100.51
C ILE G 119 34.80 125.61 100.41
N GLN G 120 35.41 125.04 101.46
CA GLN G 120 35.67 123.61 101.57
C GLN G 120 34.42 122.75 101.29
N TYR G 121 34.65 121.64 100.60
CA TYR G 121 33.60 120.80 100.03
C TYR G 121 32.85 119.99 101.11
N PRO G 122 31.57 119.64 100.89
CA PRO G 122 30.65 119.16 101.92
C PRO G 122 30.82 117.67 102.28
N ASP G 123 31.97 117.08 102.00
CA ASP G 123 32.29 115.65 101.87
C ASP G 123 31.67 114.73 102.94
N THR G 124 31.61 115.20 104.19
CA THR G 124 30.95 114.50 105.32
C THR G 124 29.82 115.35 105.90
N ILE G 125 28.66 115.34 105.23
CA ILE G 125 27.48 116.18 105.53
C ILE G 125 26.98 115.97 106.97
N SER G 126 27.52 116.75 107.89
CA SER G 126 27.28 116.65 109.34
C SER G 126 26.01 117.43 109.72
N SER G 127 24.86 116.90 109.30
CA SER G 127 23.53 117.53 109.20
C SER G 127 23.13 118.55 110.28
N ASN G 128 23.52 118.33 111.54
CA ASN G 128 23.03 119.13 112.66
C ASN G 128 23.85 120.42 112.87
N VAL G 129 25.12 120.44 112.45
CA VAL G 129 26.11 121.49 112.80
C VAL G 129 26.00 122.73 111.89
N ILE G 130 24.81 122.98 111.35
CA ILE G 130 24.53 124.06 110.39
C ILE G 130 24.16 125.37 111.10
N LEU G 131 23.41 125.30 112.22
CA LEU G 131 22.83 126.49 112.86
C LEU G 131 22.79 126.47 114.40
N GLU G 132 23.45 125.51 115.06
CA GLU G 132 23.67 125.60 116.51
C GLU G 132 24.55 126.80 116.87
N SER G 133 24.29 127.41 118.03
CA SER G 133 24.68 128.80 118.35
C SER G 133 26.13 129.16 118.02
N LEU G 134 26.33 129.93 116.93
CA LEU G 134 27.65 130.33 116.42
C LEU G 134 28.50 131.03 117.49
N SER G 135 27.87 131.84 118.36
CA SER G 135 28.50 132.54 119.49
C SER G 135 29.14 131.62 120.55
N HIS G 136 28.82 130.32 120.54
CA HIS G 136 29.47 129.28 121.35
C HIS G 136 30.07 128.15 120.47
N SER G 137 30.38 128.48 119.21
CA SER G 137 31.11 127.63 118.25
C SER G 137 32.41 128.31 117.81
N THR G 138 32.36 129.59 117.45
CA THR G 138 33.47 130.33 116.83
C THR G 138 34.77 130.32 117.63
N GLU G 139 34.73 130.61 118.93
CA GLU G 139 35.94 130.61 119.78
C GLU G 139 36.60 129.22 119.86
N LYS G 140 35.81 128.13 119.90
CA LYS G 140 36.33 126.75 119.84
C LYS G 140 37.07 126.53 118.52
N ASN G 141 36.46 126.95 117.41
CA ASN G 141 36.99 126.73 116.07
C ASN G 141 38.28 127.54 115.82
N VAL G 142 38.35 128.75 116.41
CA VAL G 142 39.57 129.58 116.43
C VAL G 142 40.68 128.90 117.23
N VAL G 143 40.40 128.41 118.45
CA VAL G 143 41.40 127.71 119.28
C VAL G 143 41.89 126.41 118.64
N THR G 144 40.98 125.61 118.06
CA THR G 144 41.35 124.38 117.34
C THR G 144 42.21 124.68 116.11
N CYS G 145 41.89 125.74 115.35
CA CYS G 145 42.70 126.14 114.20
C CYS G 145 44.06 126.72 114.62
N ILE G 146 44.13 127.51 115.70
CA ILE G 146 45.41 127.97 116.29
C ILE G 146 46.29 126.79 116.67
N ARG G 147 45.71 125.74 117.28
CA ARG G 147 46.38 124.50 117.63
C ARG G 147 46.87 123.73 116.39
N GLU G 148 46.00 123.52 115.39
CA GLU G 148 46.41 122.93 114.10
C GLU G 148 47.58 123.69 113.46
N ASN G 149 47.53 125.02 113.48
CA ASN G 149 48.56 125.88 112.92
C ASN G 149 49.86 125.82 113.73
N GLU G 150 49.81 125.76 115.06
CA GLU G 150 51.00 125.57 115.89
C GLU G 150 51.66 124.22 115.62
N GLU G 151 50.88 123.15 115.54
CA GLU G 151 51.37 121.80 115.23
C GLU G 151 51.96 121.73 113.81
N LEU G 152 51.20 122.18 112.81
CA LEU G 152 51.62 122.20 111.41
C LEU G 152 52.86 123.08 111.19
N LEU G 153 52.91 124.30 111.75
CA LEU G 153 54.09 125.15 111.63
C LEU G 153 55.30 124.54 112.37
N LYS G 154 55.13 124.01 113.58
CA LYS G 154 56.24 123.40 114.33
C LYS G 154 56.78 122.13 113.64
N GLU G 155 55.96 121.39 112.90
CA GLU G 155 56.36 120.16 112.20
C GLU G 155 56.73 120.34 110.72
N LEU G 156 56.29 121.41 110.06
CA LEU G 156 56.90 121.90 108.81
C LEU G 156 58.35 122.34 109.07
N PHE G 157 58.53 123.20 110.08
CA PHE G 157 59.82 123.82 110.42
C PHE G 157 60.83 122.86 111.09
N SER G 158 60.42 121.64 111.43
CA SER G 158 61.33 120.56 111.89
C SER G 158 61.97 119.78 110.72
N SER G 159 61.53 120.01 109.47
CA SER G 159 62.05 119.31 108.29
C SER G 159 63.37 119.92 107.77
N PRO G 160 64.39 119.11 107.43
CA PRO G 160 65.60 119.62 106.78
C PRO G 160 65.32 120.18 105.37
N HIS G 161 64.23 119.75 104.73
CA HIS G 161 63.81 120.22 103.41
C HIS G 161 63.22 121.65 103.43
N PHE G 162 62.96 122.20 104.62
CA PHE G 162 62.20 123.44 104.82
C PHE G 162 62.90 124.74 104.36
N GLN G 163 64.16 124.71 103.90
CA GLN G 163 64.75 125.86 103.17
C GLN G 163 64.81 125.65 101.66
N ALA G 164 64.78 124.39 101.20
CA ALA G 164 64.80 124.05 99.78
C ALA G 164 63.44 124.34 99.12
N THR G 165 62.32 124.00 99.78
CA THR G 165 60.97 124.39 99.32
C THR G 165 60.83 125.90 99.16
N LEU G 166 61.48 126.65 100.04
CA LEU G 166 61.44 128.11 100.04
C LEU G 166 62.46 128.77 99.10
N SER G 167 63.32 127.98 98.43
CA SER G 167 64.35 128.44 97.49
C SER G 167 64.65 127.39 96.39
N PRO G 168 63.64 126.88 95.65
CA PRO G 168 63.79 125.68 94.84
C PRO G 168 64.69 125.88 93.60
N GLU G 169 65.50 124.86 93.30
CA GLU G 169 66.28 124.70 92.08
C GLU G 169 66.30 123.22 91.66
N CYS G 170 66.39 122.95 90.36
CA CYS G 170 66.41 121.59 89.81
C CYS G 170 67.28 121.53 88.54
N ASN G 171 67.99 120.42 88.34
CA ASN G 171 68.75 120.12 87.13
C ASN G 171 68.65 118.62 86.80
N PRO G 172 67.75 118.21 85.88
CA PRO G 172 67.79 116.86 85.31
C PRO G 172 68.95 116.66 84.32
N TRP G 173 69.52 117.75 83.80
CA TRP G 173 70.39 117.75 82.62
C TRP G 173 71.80 117.17 82.88
N PRO G 174 72.20 116.09 82.19
CA PRO G 174 73.55 115.52 82.26
C PRO G 174 74.55 116.30 81.38
N ALA G 175 75.83 115.92 81.47
CA ALA G 175 76.94 116.64 80.82
C ALA G 175 76.79 116.77 79.29
N ASP G 176 76.28 115.74 78.62
CA ASP G 176 76.08 115.65 77.17
C ASP G 176 74.94 116.52 76.61
N PHE G 177 74.31 117.32 77.47
CA PHE G 177 73.33 118.37 77.12
C PHE G 177 73.78 119.78 77.53
N LYS G 178 74.79 119.92 78.40
CA LYS G 178 75.19 121.25 78.92
C LYS G 178 75.84 122.20 77.90
N PRO G 179 76.51 121.76 76.82
CA PRO G 179 76.92 122.65 75.74
C PRO G 179 75.75 123.42 75.11
N LEU G 180 74.59 122.77 74.93
CA LEU G 180 73.37 123.40 74.40
C LEU G 180 72.80 124.41 75.39
N LEU G 181 72.69 124.01 76.66
CA LEU G 181 72.08 124.80 77.72
C LEU G 181 72.92 126.00 78.18
N ASN G 182 74.20 126.04 77.79
CA ASN G 182 75.08 127.20 77.97
C ASN G 182 75.04 128.17 76.77
N ALA G 183 74.51 127.78 75.61
CA ALA G 183 74.51 128.56 74.37
C ALA G 183 73.38 129.62 74.32
N GLU G 184 73.18 130.34 75.43
CA GLU G 184 71.97 131.14 75.66
C GLU G 184 71.83 132.31 74.66
N GLU G 185 72.88 133.11 74.42
CA GLU G 185 72.76 134.31 73.60
C GLU G 185 72.63 134.03 72.10
N SER G 186 72.95 132.82 71.63
CA SER G 186 72.71 132.41 70.24
C SER G 186 71.34 131.75 70.07
N LEU G 187 71.04 130.70 70.84
CA LEU G 187 69.84 129.89 70.64
C LEU G 187 68.55 130.58 71.13
N GLN G 188 68.61 131.44 72.16
CA GLN G 188 67.39 132.10 72.63
C GLN G 188 66.86 133.15 71.64
N LYS G 189 67.68 133.63 70.69
CA LYS G 189 67.22 134.46 69.58
C LYS G 189 66.15 133.73 68.76
N ARG G 190 66.44 132.51 68.27
CA ARG G 190 65.44 131.62 67.63
C ARG G 190 64.18 131.44 68.47
N ALA G 191 64.34 131.10 69.74
CA ALA G 191 63.22 130.87 70.67
C ALA G 191 62.31 132.12 70.87
N THR G 192 62.83 133.32 70.63
CA THR G 192 62.06 134.58 70.62
C THR G 192 61.55 135.03 69.24
N GLN G 193 62.10 134.49 68.15
CA GLN G 193 61.73 134.84 66.76
C GLN G 193 60.59 133.99 66.18
N SER G 194 60.31 132.81 66.75
CA SER G 194 59.11 132.01 66.44
C SER G 194 57.81 132.79 66.73
N SER G 195 56.84 132.73 65.81
CA SER G 195 55.53 133.42 65.90
C SER G 195 54.36 132.53 66.35
N LYS G 196 54.66 131.28 66.74
CA LYS G 196 53.96 130.42 67.71
C LYS G 196 52.50 130.13 67.35
N GLY G 197 51.58 131.01 67.73
CA GLY G 197 50.18 130.94 67.31
C GLY G 197 49.96 131.05 65.79
N LYS G 198 50.96 131.55 65.05
CA LYS G 198 51.01 131.49 63.59
C LYS G 198 51.63 130.17 63.11
N ASP G 199 52.83 129.85 63.60
CA ASP G 199 53.65 128.69 63.21
C ASP G 199 52.87 127.36 63.37
N MET G 200 52.16 127.20 64.48
CA MET G 200 51.26 126.07 64.76
C MET G 200 50.16 125.93 63.69
N SER G 201 49.56 127.05 63.27
CA SER G 201 48.49 127.06 62.28
C SER G 201 49.01 126.66 60.91
N ASN G 202 50.09 127.31 60.44
CA ASN G 202 50.67 127.02 59.12
C ASN G 202 51.22 125.57 59.03
N SER G 203 51.63 124.97 60.15
CA SER G 203 52.05 123.57 60.20
C SER G 203 50.89 122.60 59.93
N VAL G 204 49.73 122.82 60.55
CA VAL G 204 48.52 122.00 60.29
C VAL G 204 47.97 122.25 58.88
N GLU G 205 48.05 123.49 58.41
CA GLU G 205 47.61 123.93 57.08
C GLU G 205 48.38 123.21 55.96
N ALA G 206 49.72 123.18 56.02
CA ALA G 206 50.56 122.42 55.08
C ALA G 206 50.36 120.90 55.19
N LEU G 207 50.17 120.37 56.41
CA LEU G 207 49.87 118.94 56.60
C LEU G 207 48.56 118.53 55.92
N LEU G 208 47.54 119.38 55.93
CA LEU G 208 46.26 119.13 55.26
C LEU G 208 46.42 119.17 53.72
N GLU G 209 47.14 120.14 53.16
CA GLU G 209 47.39 120.23 51.72
C GLU G 209 48.16 119.01 51.18
N ILE G 210 49.25 118.63 51.86
CA ILE G 210 50.08 117.47 51.49
C ILE G 210 49.30 116.17 51.68
N SER G 211 48.46 116.06 52.72
CA SER G 211 47.55 114.91 52.89
C SER G 211 46.50 114.80 51.78
N SER G 212 45.96 115.93 51.31
CA SER G 212 44.99 115.97 50.20
C SER G 212 45.66 115.58 48.89
N SER G 213 46.87 116.09 48.63
CA SER G 213 47.67 115.79 47.45
C SER G 213 48.07 114.31 47.37
N LEU G 214 48.50 113.75 48.50
CA LEU G 214 48.84 112.32 48.64
C LEU G 214 47.61 111.42 48.47
N LYS G 215 46.45 111.83 49.01
CA LYS G 215 45.17 111.15 48.81
C LYS G 215 44.78 111.11 47.33
N ALA G 216 44.77 112.27 46.66
CA ALA G 216 44.41 112.38 45.24
C ALA G 216 45.33 111.54 44.34
N LEU G 217 46.65 111.55 44.60
CA LEU G 217 47.61 110.73 43.86
C LEU G 217 47.37 109.23 44.04
N LYS G 218 46.93 108.78 45.24
CA LYS G 218 46.55 107.38 45.50
C LYS G 218 45.19 106.98 44.91
N GLU G 219 44.25 107.91 44.80
CA GLU G 219 42.97 107.71 44.10
C GLU G 219 43.10 107.73 42.57
N GLU G 220 44.21 108.27 42.04
CA GLU G 220 44.60 108.15 40.64
C GLU G 220 45.40 106.84 40.39
N CYS G 221 46.40 106.55 41.22
CA CYS G 221 47.34 105.43 41.05
C CYS G 221 46.79 104.07 41.54
N VAL G 222 45.48 103.81 41.41
CA VAL G 222 44.82 102.62 41.99
C VAL G 222 45.37 101.31 41.41
N ASP G 223 45.59 101.25 40.09
CA ASP G 223 46.20 100.10 39.42
C ASP G 223 47.61 99.81 39.94
N LEU G 224 48.38 100.85 40.29
CA LEU G 224 49.74 100.75 40.85
C LEU G 224 49.74 100.39 42.33
N CYS G 225 48.60 100.57 43.01
CA CYS G 225 48.37 100.06 44.36
C CYS G 225 47.91 98.59 44.38
N SER G 226 47.77 97.93 43.23
CA SER G 226 47.42 96.50 43.17
C SER G 226 48.63 95.62 43.52
N SER G 227 48.46 94.65 44.43
CA SER G 227 49.58 93.89 45.00
C SER G 227 50.04 92.74 44.10
N VAL G 228 50.56 93.07 42.90
CA VAL G 228 51.14 92.12 41.94
C VAL G 228 52.57 91.72 42.38
N THR G 229 52.65 90.92 43.45
CA THR G 229 53.90 90.53 44.12
C THR G 229 54.88 89.73 43.27
N ASP G 230 54.44 89.17 42.14
CA ASP G 230 55.23 88.27 41.29
C ASP G 230 56.04 89.00 40.20
N GLY G 231 56.43 90.26 40.46
CA GLY G 231 57.06 91.16 39.49
C GLY G 231 58.30 90.58 38.79
N ASP G 232 59.23 89.98 39.54
CA ASP G 232 60.41 89.31 38.98
C ASP G 232 60.05 88.17 38.02
N LYS G 233 58.94 87.44 38.26
CA LYS G 233 58.47 86.40 37.34
C LYS G 233 57.87 87.00 36.07
N VAL G 234 57.17 88.13 36.17
CA VAL G 234 56.67 88.88 35.00
C VAL G 234 57.84 89.41 34.17
N ILE G 235 58.86 90.00 34.80
CA ILE G 235 60.07 90.50 34.13
C ILE G 235 60.85 89.34 33.48
N GLN G 236 61.00 88.21 34.17
CA GLN G 236 61.65 87.01 33.62
C GLN G 236 60.87 86.42 32.44
N SER G 237 59.54 86.35 32.52
CA SER G 237 58.69 85.89 31.42
C SER G 237 58.70 86.85 30.23
N LEU G 238 58.72 88.16 30.48
CA LEU G 238 58.84 89.21 29.45
C LEU G 238 60.18 89.13 28.71
N ARG G 239 61.28 88.96 29.44
CA ARG G 239 62.63 88.75 28.90
C ARG G 239 62.73 87.46 28.09
N LEU G 240 62.12 86.37 28.56
CA LEU G 240 62.02 85.12 27.80
C LEU G 240 61.21 85.32 26.51
N ALA G 241 60.03 85.96 26.60
CA ALA G 241 59.17 86.19 25.44
C ALA G 241 59.81 87.10 24.36
N LEU G 242 60.60 88.11 24.75
CA LEU G 242 61.44 88.89 23.83
C LEU G 242 62.52 88.02 23.16
N THR G 243 63.20 87.17 23.94
CA THR G 243 64.28 86.28 23.47
C THR G 243 63.73 85.24 22.48
N ASP G 244 62.56 84.66 22.77
CA ASP G 244 61.87 83.72 21.89
C ASP G 244 61.28 84.42 20.67
N PHE G 245 60.75 85.64 20.81
CA PHE G 245 60.27 86.43 19.67
C PHE G 245 61.39 86.72 18.67
N HIS G 246 62.58 87.12 19.14
CA HIS G 246 63.76 87.32 18.28
C HIS G 246 64.19 86.02 17.55
N GLN G 247 64.21 84.88 18.25
CA GLN G 247 64.49 83.57 17.64
C GLN G 247 63.47 83.19 16.57
N LEU G 248 62.17 83.34 16.86
CA LEU G 248 61.06 83.01 15.94
C LEU G 248 61.05 83.96 14.73
N THR G 249 61.34 85.24 14.93
CA THR G 249 61.55 86.25 13.87
C THR G 249 62.72 85.89 12.95
N ILE G 250 63.88 85.50 13.51
CA ILE G 250 65.05 85.06 12.73
C ILE G 250 64.74 83.77 11.96
N ALA G 251 64.08 82.80 12.60
CA ALA G 251 63.65 81.56 11.97
C ALA G 251 62.66 81.82 10.82
N PHE G 252 61.72 82.75 10.97
CA PHE G 252 60.80 83.15 9.91
C PHE G 252 61.54 83.74 8.72
N ASN G 253 62.47 84.69 8.93
CA ASN G 253 63.25 85.27 7.83
C ASN G 253 64.09 84.24 7.07
N GLN G 254 64.69 83.28 7.78
CA GLN G 254 65.41 82.16 7.14
C GLN G 254 64.47 81.27 6.31
N ILE G 255 63.30 80.91 6.85
CA ILE G 255 62.32 80.04 6.19
C ILE G 255 61.62 80.75 5.03
N TYR G 256 61.32 82.05 5.13
CA TYR G 256 60.80 82.85 4.04
C TYR G 256 61.74 82.81 2.82
N ALA G 257 63.02 83.13 3.02
CA ALA G 257 64.02 83.16 1.94
C ALA G 257 64.35 81.78 1.32
N ASN G 258 64.08 80.67 2.03
CA ASN G 258 64.39 79.31 1.56
C ASN G 258 63.14 78.51 1.12
N GLU G 259 61.94 78.88 1.58
CA GLU G 259 60.72 78.09 1.40
C GLU G 259 59.47 78.87 0.94
N PHE G 260 59.41 80.19 1.07
CA PHE G 260 58.22 80.96 0.65
C PHE G 260 58.49 81.92 -0.52
N GLN G 261 59.61 82.63 -0.52
CA GLN G 261 59.87 83.75 -1.42
C GLN G 261 59.91 83.35 -2.91
N GLU G 262 60.33 82.11 -3.21
CA GLU G 262 60.23 81.47 -4.53
C GLU G 262 58.79 81.44 -5.08
N HIS G 263 57.80 81.34 -4.21
CA HIS G 263 56.38 81.26 -4.57
C HIS G 263 55.63 82.58 -4.35
N CYS G 264 56.08 83.44 -3.42
CA CYS G 264 55.46 84.74 -3.16
C CYS G 264 55.51 85.71 -4.37
N GLY G 265 56.33 85.44 -5.38
CA GLY G 265 56.40 86.21 -6.64
C GLY G 265 55.22 86.00 -7.62
N HIS G 266 54.14 85.32 -7.23
CA HIS G 266 52.96 85.13 -8.09
C HIS G 266 52.07 86.39 -8.16
N PRO G 267 51.52 86.74 -9.33
CA PRO G 267 50.52 87.79 -9.46
C PRO G 267 49.16 87.33 -8.89
N ALA G 268 48.47 88.25 -8.20
CA ALA G 268 47.18 87.99 -7.57
C ALA G 268 46.03 87.79 -8.58
N PRO G 269 44.95 87.05 -8.21
CA PRO G 269 43.78 86.86 -9.06
C PRO G 269 42.95 88.15 -9.19
N HIS G 270 42.76 88.62 -10.44
CA HIS G 270 41.82 89.71 -10.75
C HIS G 270 40.41 89.41 -10.22
N MET G 271 39.90 90.29 -9.36
CA MET G 271 38.60 90.13 -8.71
C MET G 271 37.40 90.46 -9.59
N SER G 272 36.23 89.99 -9.16
CA SER G 272 34.94 90.26 -9.77
C SER G 272 34.03 91.04 -8.81
N PRO G 273 33.25 92.04 -9.30
CA PRO G 273 32.25 92.76 -8.51
C PRO G 273 31.04 91.91 -8.09
N MET G 274 31.05 90.61 -8.40
CA MET G 274 29.97 89.67 -8.10
C MET G 274 29.81 89.35 -6.61
N GLY G 275 30.85 89.49 -5.77
CA GLY G 275 30.80 89.16 -4.33
C GLY G 275 29.64 89.85 -3.58
N PRO G 276 29.57 91.20 -3.59
CA PRO G 276 28.45 91.95 -3.02
C PRO G 276 27.08 91.59 -3.63
N PHE G 277 27.02 91.21 -4.91
CA PHE G 277 25.77 90.75 -5.53
C PHE G 277 25.33 89.37 -5.01
N PHE G 278 26.25 88.42 -4.83
CA PHE G 278 25.94 87.15 -4.18
C PHE G 278 25.46 87.36 -2.74
N GLN G 279 26.08 88.27 -1.99
CA GLN G 279 25.64 88.64 -0.65
C GLN G 279 24.23 89.25 -0.63
N PHE G 280 23.97 90.29 -1.44
CA PHE G 280 22.67 90.97 -1.46
C PHE G 280 21.55 90.01 -1.90
N VAL G 281 21.78 89.23 -2.97
CA VAL G 281 20.78 88.29 -3.49
C VAL G 281 20.53 87.15 -2.49
N HIS G 282 21.56 86.62 -1.82
CA HIS G 282 21.38 85.65 -0.73
C HIS G 282 20.56 86.24 0.42
N GLN G 283 20.98 87.39 0.95
CA GLN G 283 20.39 87.98 2.14
C GLN G 283 18.93 88.41 1.92
N SER G 284 18.62 89.18 0.87
CA SER G 284 17.23 89.59 0.60
C SER G 284 16.33 88.42 0.18
N LEU G 285 16.86 87.38 -0.49
CA LEU G 285 16.09 86.16 -0.75
C LEU G 285 15.82 85.37 0.54
N SER G 286 16.76 85.38 1.49
CA SER G 286 16.60 84.78 2.82
C SER G 286 15.61 85.54 3.70
N THR G 287 15.60 86.88 3.67
CA THR G 287 14.58 87.69 4.35
C THR G 287 13.20 87.47 3.72
N CYS G 288 13.07 87.47 2.38
CA CYS G 288 11.82 87.16 1.68
C CYS G 288 11.31 85.73 1.99
N PHE G 289 12.23 84.76 2.07
CA PHE G 289 11.93 83.39 2.51
C PHE G 289 11.35 83.38 3.93
N LYS G 290 12.03 84.02 4.91
CA LYS G 290 11.55 84.09 6.29
C LYS G 290 10.26 84.91 6.45
N GLU G 291 10.09 85.99 5.70
CA GLU G 291 8.88 86.84 5.71
C GLU G 291 7.65 86.00 5.35
N LEU G 292 7.70 85.29 4.24
CA LEU G 292 6.59 84.47 3.75
C LEU G 292 6.39 83.20 4.60
N GLU G 293 7.46 82.65 5.20
CA GLU G 293 7.35 81.61 6.24
C GLU G 293 6.61 82.13 7.49
N SER G 294 6.87 83.38 7.88
CA SER G 294 6.29 84.01 9.08
C SER G 294 4.85 84.48 8.88
N ILE G 295 4.50 84.94 7.68
CA ILE G 295 3.11 85.26 7.31
C ILE G 295 2.27 83.98 7.25
N ALA G 296 2.83 82.89 6.71
CA ALA G 296 2.17 81.58 6.75
C ALA G 296 1.94 81.12 8.19
N GLN G 297 3.00 81.13 9.02
CA GLN G 297 2.94 80.82 10.45
C GLN G 297 1.92 81.68 11.19
N PHE G 298 1.88 83.00 10.93
CA PHE G 298 0.90 83.90 11.55
C PHE G 298 -0.54 83.48 11.23
N THR G 299 -0.85 83.17 9.95
CA THR G 299 -2.19 82.71 9.60
C THR G 299 -2.54 81.37 10.26
N GLU G 300 -1.64 80.38 10.20
CA GLU G 300 -1.82 79.05 10.81
C GLU G 300 -2.02 79.13 12.32
N THR G 301 -1.10 79.79 13.05
CA THR G 301 -1.18 80.02 14.50
C THR G 301 -2.45 80.78 14.89
N SER G 302 -2.84 81.83 14.14
CA SER G 302 -4.04 82.61 14.46
C SER G 302 -5.33 81.80 14.36
N GLU G 303 -5.40 80.87 13.40
CA GLU G 303 -6.57 80.00 13.21
C GLU G 303 -6.54 78.81 14.18
N ASN G 304 -5.36 78.25 14.49
CA ASN G 304 -5.17 77.25 15.55
C ASN G 304 -5.67 77.76 16.91
N ILE G 305 -5.27 78.96 17.33
CA ILE G 305 -5.70 79.57 18.61
C ILE G 305 -7.23 79.80 18.62
N VAL G 306 -7.81 80.18 17.49
CA VAL G 306 -9.25 80.39 17.31
C VAL G 306 -10.05 79.07 17.27
N ASP G 307 -9.40 77.92 17.04
CA ASP G 307 -9.97 76.56 17.22
C ASP G 307 -9.77 76.02 18.65
N VAL G 308 -8.58 76.16 19.25
CA VAL G 308 -8.27 75.67 20.61
C VAL G 308 -9.20 76.31 21.66
N VAL G 309 -9.34 77.64 21.64
CA VAL G 309 -10.24 78.34 22.58
C VAL G 309 -11.71 77.95 22.34
N ARG G 310 -12.09 77.60 21.11
CA ARG G 310 -13.44 77.13 20.77
C ARG G 310 -13.71 75.75 21.38
N GLU G 311 -12.77 74.81 21.27
CA GLU G 311 -12.89 73.51 21.93
C GLU G 311 -12.93 73.65 23.46
N ARG G 312 -12.14 74.55 24.07
CA ARG G 312 -12.23 74.81 25.52
C ARG G 312 -13.60 75.36 25.96
N HIS G 313 -14.32 76.04 25.06
CA HIS G 313 -15.69 76.51 25.30
C HIS G 313 -16.78 75.47 25.04
N GLN G 314 -16.59 74.56 24.08
CA GLN G 314 -17.66 73.71 23.52
C GLN G 314 -17.51 72.21 23.82
N SER G 315 -16.30 71.72 24.04
CA SER G 315 -16.06 70.33 24.48
C SER G 315 -16.60 70.10 25.89
N LYS G 316 -17.11 68.89 26.15
CA LYS G 316 -17.80 68.54 27.41
C LYS G 316 -17.06 67.44 28.16
N SER G 325 -20.28 68.16 30.90
CA SER G 325 -20.54 69.58 30.60
C SER G 325 -19.26 70.33 30.22
N THR G 326 -19.35 71.52 29.63
CA THR G 326 -18.17 72.33 29.27
C THR G 326 -17.60 73.01 30.52
N LEU G 327 -16.36 73.53 30.41
CA LEU G 327 -15.78 74.34 31.49
C LEU G 327 -16.67 75.55 31.80
N CYS G 328 -17.13 76.25 30.76
CA CYS G 328 -17.95 77.45 30.87
C CYS G 328 -19.33 77.17 31.51
N GLU G 329 -19.84 75.95 31.39
CA GLU G 329 -21.05 75.45 32.06
C GLU G 329 -20.77 75.07 33.53
N LYS G 330 -19.81 74.16 33.77
CA LYS G 330 -19.57 73.60 35.11
C LYS G 330 -19.04 74.64 36.11
N MET G 331 -18.29 75.64 35.63
CA MET G 331 -17.84 76.75 36.48
C MET G 331 -19.00 77.63 36.95
N LYS G 332 -20.06 77.78 36.15
CA LYS G 332 -21.27 78.53 36.53
C LYS G 332 -22.23 77.72 37.40
N GLU G 333 -22.31 76.41 37.16
CA GLU G 333 -22.98 75.47 38.08
C GLU G 333 -22.34 75.52 39.49
N LEU G 334 -21.01 75.46 39.57
CA LEU G 334 -20.25 75.55 40.82
C LEU G 334 -20.44 76.91 41.52
N ARG G 335 -20.26 78.01 40.77
CA ARG G 335 -20.50 79.39 41.21
C ARG G 335 -21.87 79.56 41.85
N GLN G 336 -22.94 79.17 41.14
CA GLN G 336 -24.31 79.39 41.58
C GLN G 336 -24.66 78.60 42.84
N SER G 337 -23.92 77.52 43.15
CA SER G 337 -24.00 76.85 44.44
C SER G 337 -23.57 77.77 45.59
N TYR G 338 -22.45 78.50 45.46
CA TYR G 338 -21.96 79.39 46.52
C TYR G 338 -22.64 80.76 46.55
N GLU G 339 -23.15 81.23 45.41
CA GLU G 339 -24.07 82.38 45.36
C GLU G 339 -25.40 82.04 46.06
N ALA G 340 -25.87 80.78 46.00
CA ALA G 340 -27.03 80.32 46.76
C ALA G 340 -26.73 80.08 48.25
N THR H 150 25.25 145.90 129.89
CA THR H 150 26.29 145.63 128.88
C THR H 150 26.89 144.23 129.00
N PRO H 151 26.78 143.36 127.98
CA PRO H 151 27.66 142.19 127.84
C PRO H 151 29.11 142.64 127.56
N VAL H 152 30.08 141.76 127.82
CA VAL H 152 31.46 141.95 127.38
C VAL H 152 31.98 140.62 126.84
N ASN H 153 32.26 140.57 125.54
CA ASN H 153 32.71 139.35 124.86
C ASN H 153 34.22 139.19 125.06
N LEU H 154 34.62 138.64 126.22
CA LEU H 154 36.01 138.59 126.69
C LEU H 154 36.91 137.54 125.99
N VAL H 155 36.76 137.37 124.68
CA VAL H 155 37.69 136.60 123.83
C VAL H 155 39.07 137.29 123.88
N PRO H 156 40.16 136.63 124.31
CA PRO H 156 41.42 137.33 124.53
C PRO H 156 42.09 137.83 123.24
N GLU H 157 42.47 139.11 123.22
CA GLU H 157 43.36 139.71 122.21
C GLU H 157 44.65 138.88 122.02
N ASP H 158 45.15 138.29 123.12
CA ASP H 158 46.32 137.42 123.19
C ASP H 158 46.21 136.16 122.29
N MET H 159 45.00 135.82 121.82
CA MET H 159 44.74 134.80 120.79
C MET H 159 44.55 135.38 119.39
N VAL H 160 43.92 136.55 119.27
CA VAL H 160 43.67 137.20 117.95
C VAL H 160 44.99 137.67 117.33
N GLU H 161 45.92 138.20 118.13
CA GLU H 161 47.28 138.52 117.66
C GLU H 161 48.13 137.25 117.41
N MET H 162 47.79 136.13 118.07
CA MET H 162 48.47 134.84 117.89
C MET H 162 48.11 134.20 116.53
N ILE H 163 46.82 134.11 116.18
CA ILE H 163 46.40 133.60 114.86
C ILE H 163 46.90 134.50 113.73
N GLU H 164 46.87 135.83 113.90
CA GLU H 164 47.43 136.76 112.91
C GLU H 164 48.95 136.79 112.85
N SER H 165 49.64 136.17 113.81
CA SER H 165 51.06 135.84 113.70
C SER H 165 51.30 134.54 112.93
N GLN H 166 50.36 133.59 112.93
CA GLN H 166 50.40 132.38 112.11
C GLN H 166 50.06 132.70 110.64
N THR H 167 49.05 133.55 110.41
CA THR H 167 48.71 134.06 109.07
C THR H 167 49.93 134.72 108.40
N LEU H 168 50.64 135.59 109.12
CA LEU H 168 51.84 136.23 108.61
C LEU H 168 52.95 135.23 108.27
N LEU H 169 53.17 134.21 109.10
CA LEU H 169 54.13 133.14 108.81
C LEU H 169 53.75 132.41 107.52
N LEU H 170 52.50 131.97 107.39
CA LEU H 170 52.00 131.27 106.20
C LEU H 170 52.14 132.12 104.94
N THR H 171 51.59 133.34 104.92
CA THR H 171 51.61 134.21 103.72
C THR H 171 53.02 134.66 103.34
N TYR H 172 53.91 134.90 104.31
CA TYR H 172 55.33 135.16 104.04
C TYR H 172 55.99 133.96 103.32
N LEU H 173 55.74 132.74 103.79
CA LEU H 173 56.29 131.53 103.19
C LEU H 173 55.74 131.31 101.76
N THR H 174 54.44 131.48 101.55
CA THR H 174 53.81 131.37 100.23
C THR H 174 54.47 132.32 99.22
N ILE H 175 54.68 133.58 99.60
CA ILE H 175 55.29 134.60 98.72
C ILE H 175 56.78 134.31 98.47
N LYS H 176 57.53 133.88 99.50
CA LYS H 176 58.92 133.41 99.37
C LYS H 176 59.03 132.23 98.41
N MET H 177 58.07 131.29 98.44
CA MET H 177 57.99 130.18 97.48
C MET H 177 57.63 130.67 96.08
N GLN H 178 56.55 131.44 95.90
CA GLN H 178 56.08 131.93 94.59
C GLN H 178 57.22 132.57 93.77
N LYS H 179 57.94 133.53 94.35
CA LYS H 179 58.97 134.31 93.65
C LYS H 179 60.19 133.46 93.26
N ASN H 180 60.55 132.46 94.07
CA ASN H 180 61.67 131.55 93.79
C ASN H 180 61.28 130.37 92.88
N LEU H 181 60.03 129.90 92.94
CA LEU H 181 59.48 128.82 92.12
C LEU H 181 59.16 129.28 90.70
N PHE H 182 58.56 130.46 90.51
CA PHE H 182 58.35 131.02 89.18
C PHE H 182 59.68 131.22 88.42
N ARG H 183 60.73 131.67 89.12
CA ARG H 183 62.11 131.75 88.60
C ARG H 183 62.66 130.38 88.15
N LEU H 184 62.32 129.29 88.85
CA LEU H 184 62.68 127.94 88.40
C LEU H 184 61.86 127.52 87.18
N GLU H 185 60.54 127.76 87.16
CA GLU H 185 59.66 127.42 86.06
C GLU H 185 60.01 128.16 84.76
N GLU H 186 60.33 129.45 84.87
CA GLU H 186 60.75 130.34 83.77
C GLU H 186 61.98 129.80 83.04
N LYS H 187 63.04 129.43 83.76
CA LYS H 187 64.23 128.82 83.13
C LYS H 187 64.04 127.34 82.82
N ALA H 188 63.17 126.61 83.51
CA ALA H 188 62.85 125.23 83.16
C ALA H 188 62.16 125.12 81.78
N GLU H 189 61.23 126.02 81.44
CA GLU H 189 60.68 126.07 80.08
C GLU H 189 61.75 126.45 79.05
N ARG H 190 62.58 127.47 79.32
CA ARG H 190 63.70 127.82 78.41
C ARG H 190 64.71 126.69 78.23
N ASN H 191 65.03 125.93 79.28
CA ASN H 191 65.89 124.74 79.19
C ASN H 191 65.26 123.63 78.35
N LEU H 192 63.93 123.44 78.40
CA LEU H 192 63.22 122.49 77.53
C LEU H 192 63.19 122.97 76.06
N LEU H 193 62.94 124.28 75.83
CA LEU H 193 62.95 124.89 74.49
C LEU H 193 64.35 124.79 73.82
N LEU H 194 65.42 125.05 74.56
CA LEU H 194 66.81 124.90 74.09
C LEU H 194 67.19 123.46 73.73
N VAL H 195 66.42 122.47 74.20
CA VAL H 195 66.61 121.05 73.89
C VAL H 195 65.65 120.60 72.77
N ASN H 196 64.47 121.21 72.65
CA ASN H 196 63.59 121.02 71.49
C ASN H 196 64.17 121.64 70.20
N ASP H 197 64.94 122.75 70.27
CA ASP H 197 65.76 123.24 69.15
C ASP H 197 66.70 122.13 68.62
N GLN H 198 67.44 121.46 69.52
CA GLN H 198 68.28 120.32 69.19
C GLN H 198 67.47 119.13 68.65
N LYS H 199 66.29 118.83 69.19
CA LYS H 199 65.41 117.75 68.70
C LYS H 199 65.02 117.99 67.24
N ASP H 200 64.47 119.17 66.95
CA ASP H 200 63.84 119.51 65.68
C ASP H 200 64.79 119.35 64.49
N GLN H 201 65.95 120.04 64.55
CA GLN H 201 66.98 119.98 63.50
C GLN H 201 67.54 118.57 63.30
N LEU H 202 67.72 117.80 64.38
CA LEU H 202 68.27 116.44 64.31
C LEU H 202 67.26 115.47 63.69
N GLN H 203 65.99 115.57 64.09
CA GLN H 203 64.88 114.77 63.55
C GLN H 203 64.65 115.07 62.06
N GLU H 204 64.77 116.34 61.65
CA GLU H 204 64.64 116.79 60.26
C GLU H 204 65.83 116.38 59.39
N THR H 205 67.06 116.49 59.92
CA THR H 205 68.28 115.96 59.26
C THR H 205 68.17 114.45 59.02
N ILE H 206 67.70 113.71 60.03
CA ILE H 206 67.44 112.27 59.94
C ILE H 206 66.36 111.96 58.91
N HIS H 207 65.33 112.80 58.77
CA HIS H 207 64.32 112.60 57.72
C HIS H 207 64.92 112.75 56.32
N MET H 208 65.73 113.77 56.06
CA MET H 208 66.40 113.91 54.75
C MET H 208 67.32 112.71 54.46
N MET H 209 68.12 112.30 55.45
CA MET H 209 68.99 111.12 55.33
C MET H 209 68.22 109.78 55.18
N LYS H 210 66.93 109.73 55.51
CA LYS H 210 66.01 108.62 55.21
C LYS H 210 65.37 108.77 53.82
N ARG H 211 64.89 109.96 53.47
CA ARG H 211 64.31 110.31 52.16
C ARG H 211 65.29 109.98 51.04
N ASP H 212 66.46 110.61 51.07
CA ASP H 212 67.39 110.63 49.94
C ASP H 212 67.99 109.24 49.71
N LEU H 213 68.28 108.50 50.79
CA LEU H 213 68.73 107.12 50.78
C LEU H 213 67.64 106.12 50.32
N THR H 214 66.36 106.48 50.43
CA THR H 214 65.24 105.67 49.91
C THR H 214 64.94 105.98 48.44
N LEU H 215 65.01 107.25 48.04
CA LEU H 215 64.89 107.67 46.64
C LEU H 215 66.03 107.11 45.77
N LEU H 216 67.28 107.16 46.26
CA LEU H 216 68.45 106.56 45.59
C LEU H 216 68.23 105.06 45.38
N GLN H 217 67.79 104.32 46.40
CA GLN H 217 67.43 102.90 46.27
C GLN H 217 66.26 102.62 45.30
N ARG H 218 65.43 103.62 44.98
CA ARG H 218 64.36 103.49 43.98
C ARG H 218 64.89 103.70 42.57
N GLU H 219 65.73 104.71 42.35
CA GLU H 219 66.36 104.95 41.05
C GLU H 219 67.47 103.93 40.72
N GLU H 220 68.16 103.39 41.74
CA GLU H 220 68.99 102.17 41.69
C GLU H 220 68.25 101.02 40.99
N ARG H 221 67.10 100.64 41.54
CA ARG H 221 66.31 99.48 41.06
C ARG H 221 65.61 99.76 39.74
N LEU H 222 65.22 101.01 39.49
CA LEU H 222 64.73 101.47 38.19
C LEU H 222 65.75 101.24 37.07
N ARG H 223 67.02 101.61 37.28
CA ARG H 223 68.10 101.42 36.29
C ARG H 223 68.46 99.94 36.08
N ASP H 224 68.47 99.15 37.15
CA ASP H 224 68.60 97.68 37.11
C ASP H 224 67.48 97.02 36.27
N LEU H 225 66.21 97.42 36.48
CA LEU H 225 65.04 96.91 35.76
C LEU H 225 65.03 97.36 34.28
N ILE H 226 65.60 98.54 33.99
CA ILE H 226 65.81 99.06 32.63
C ILE H 226 66.91 98.29 31.89
N GLU H 227 68.10 98.14 32.47
CA GLU H 227 69.24 97.52 31.78
C GLU H 227 68.96 96.03 31.47
N LYS H 228 68.23 95.35 32.37
CA LYS H 228 67.71 93.98 32.16
C LYS H 228 66.68 93.84 31.02
N GLN H 229 66.06 94.93 30.58
CA GLN H 229 65.20 94.98 29.39
C GLN H 229 65.96 95.44 28.14
N ASP H 230 66.81 96.46 28.27
CA ASP H 230 67.50 97.14 27.16
C ASP H 230 68.38 96.20 26.33
N GLU H 231 69.09 95.28 27.01
CA GLU H 231 69.87 94.16 26.46
C GLU H 231 69.06 93.27 25.49
N VAL H 232 67.75 93.17 25.73
CA VAL H 232 66.83 92.19 25.10
C VAL H 232 65.90 92.86 24.08
N LEU H 233 65.55 94.13 24.34
CA LEU H 233 64.82 94.99 23.42
C LEU H 233 65.66 95.36 22.21
N THR H 234 66.94 95.69 22.40
CA THR H 234 67.82 96.14 21.31
C THR H 234 67.94 95.09 20.19
N PRO H 235 68.21 93.79 20.45
CA PRO H 235 68.16 92.74 19.43
C PRO H 235 66.83 92.69 18.68
N VAL H 236 65.69 92.69 19.39
CA VAL H 236 64.35 92.66 18.78
C VAL H 236 64.13 93.86 17.86
N VAL H 237 64.48 95.08 18.31
CA VAL H 237 64.37 96.30 17.49
C VAL H 237 65.26 96.23 16.24
N THR H 238 66.51 95.76 16.35
CA THR H 238 67.39 95.59 15.17
C THR H 238 66.86 94.55 14.17
N SER H 239 65.94 93.67 14.59
CA SER H 239 65.27 92.70 13.71
C SER H 239 63.90 93.14 13.15
N LYS H 240 63.38 94.32 13.52
CA LYS H 240 61.96 94.72 13.28
C LYS H 240 61.53 94.69 11.81
N ASP H 241 61.79 95.75 11.06
CA ASP H 241 61.15 95.97 9.77
C ASP H 241 61.60 94.99 8.66
N PRO H 242 62.87 94.53 8.61
CA PRO H 242 63.28 93.44 7.71
C PRO H 242 62.55 92.10 7.95
N PHE H 243 61.94 91.89 9.12
CA PHE H 243 60.98 90.81 9.36
C PHE H 243 59.56 91.19 8.93
N LYS H 244 59.09 92.38 9.33
CA LYS H 244 57.76 92.90 9.02
C LYS H 244 57.46 92.86 7.52
N ASP H 245 58.36 93.37 6.68
CA ASP H 245 58.09 93.58 5.27
C ASP H 245 58.16 92.26 4.47
N ASN H 246 59.04 91.33 4.87
CA ASN H 246 59.03 89.94 4.41
C ASN H 246 57.72 89.24 4.78
N TYR H 247 57.28 89.41 6.04
CA TYR H 247 56.05 88.80 6.56
C TYR H 247 54.78 89.37 5.90
N THR H 248 54.72 90.68 5.64
CA THR H 248 53.61 91.31 4.90
C THR H 248 53.58 90.90 3.43
N THR H 249 54.76 90.80 2.78
CA THR H 249 54.86 90.26 1.41
C THR H 249 54.36 88.81 1.34
N PHE H 250 54.73 88.00 2.33
CA PHE H 250 54.23 86.64 2.50
C PHE H 250 52.71 86.59 2.76
N ALA H 251 52.18 87.46 3.62
CA ALA H 251 50.75 87.50 3.98
C ALA H 251 49.84 87.80 2.78
N THR H 252 50.10 88.88 2.04
CA THR H 252 49.34 89.26 0.83
C THR H 252 49.45 88.18 -0.26
N ALA H 253 50.65 87.60 -0.47
CA ALA H 253 50.83 86.52 -1.44
C ALA H 253 50.06 85.24 -1.04
N LEU H 254 50.04 84.91 0.25
CA LEU H 254 49.33 83.77 0.81
C LEU H 254 47.79 83.95 0.74
N ASP H 255 47.28 85.15 0.99
CA ASP H 255 45.85 85.47 0.90
C ASP H 255 45.30 85.35 -0.52
N SER H 256 46.13 85.65 -1.53
CA SER H 256 45.79 85.43 -2.94
C SER H 256 45.40 83.97 -3.28
N THR H 257 45.88 83.00 -2.48
CA THR H 257 45.52 81.58 -2.60
C THR H 257 44.13 81.24 -2.04
N ARG H 258 43.46 82.19 -1.38
CA ARG H 258 42.14 82.04 -0.74
C ARG H 258 41.05 82.87 -1.44
N HIS H 259 41.43 83.86 -2.25
CA HIS H 259 40.57 84.60 -3.20
C HIS H 259 40.02 83.73 -4.38
N GLN H 260 39.81 82.42 -4.16
CA GLN H 260 39.61 81.41 -5.22
C GLN H 260 38.59 80.35 -4.80
N LEU H 261 37.28 80.63 -4.95
CA LEU H 261 36.17 79.75 -4.54
C LEU H 261 36.18 78.38 -5.26
N ALA H 262 36.05 77.30 -4.49
CA ALA H 262 35.95 75.94 -4.99
C ALA H 262 34.58 75.61 -5.63
N ILE H 263 34.56 74.70 -6.60
CA ILE H 263 33.37 74.36 -7.41
C ILE H 263 33.28 72.85 -7.62
N LYS H 264 32.07 72.30 -7.60
CA LYS H 264 31.81 70.87 -7.81
C LYS H 264 30.54 70.66 -8.65
N ASN H 265 30.68 70.01 -9.80
CA ASN H 265 29.57 69.66 -10.70
C ASN H 265 28.61 70.81 -11.12
N ILE H 266 29.14 72.03 -11.28
CA ILE H 266 28.47 73.14 -11.99
C ILE H 266 28.86 73.11 -13.48
N HIS H 267 27.91 73.35 -14.37
CA HIS H 267 28.18 73.49 -15.80
C HIS H 267 28.71 74.90 -16.10
N ILE H 268 29.92 74.99 -16.65
CA ILE H 268 30.66 76.24 -16.88
C ILE H 268 31.21 76.25 -18.32
N THR H 269 31.01 77.37 -19.01
CA THR H 269 31.28 77.53 -20.45
C THR H 269 32.42 78.52 -20.71
N GLY H 270 33.61 78.00 -21.00
CA GLY H 270 34.78 78.80 -21.39
C GLY H 270 35.49 79.48 -20.21
N ASN H 271 35.96 80.72 -20.41
CA ASN H 271 36.72 81.48 -19.41
C ASN H 271 35.84 81.81 -18.19
N ARG H 272 36.38 81.66 -16.98
CA ARG H 272 35.65 81.90 -15.73
C ARG H 272 35.16 83.35 -15.55
N HIS H 273 35.88 84.34 -16.08
CA HIS H 273 35.38 85.72 -16.16
C HIS H 273 34.19 85.84 -17.12
N ARG H 274 34.21 85.16 -18.27
CA ARG H 274 33.09 85.15 -19.25
C ARG H 274 31.84 84.44 -18.72
N TYR H 275 32.00 83.43 -17.86
CA TYR H 275 30.89 82.80 -17.15
C TYR H 275 30.31 83.74 -16.08
N LEU H 276 31.15 84.40 -15.29
CA LEU H 276 30.74 85.43 -14.34
C LEU H 276 30.03 86.60 -15.03
N GLU H 277 30.52 87.06 -16.19
CA GLU H 277 29.86 88.11 -16.99
C GLU H 277 28.40 87.78 -17.32
N GLU H 278 28.08 86.53 -17.69
CA GLU H 278 26.71 86.14 -18.03
C GLU H 278 25.86 85.87 -16.78
N LEU H 279 26.44 85.28 -15.74
CA LEU H 279 25.77 85.11 -14.44
C LEU H 279 25.44 86.47 -13.80
N GLN H 280 26.33 87.46 -13.93
CA GLN H 280 26.12 88.85 -13.49
C GLN H 280 24.91 89.47 -14.18
N LYS H 281 24.73 89.26 -15.50
CA LYS H 281 23.57 89.74 -16.27
C LYS H 281 22.23 89.13 -15.82
N HIS H 282 22.25 88.03 -15.06
CA HIS H 282 21.05 87.42 -14.49
C HIS H 282 20.88 87.67 -12.98
N LEU H 283 21.95 87.83 -12.20
CA LEU H 283 21.85 88.32 -10.82
C LEU H 283 21.46 89.81 -10.77
N ALA H 284 21.81 90.57 -11.82
CA ALA H 284 21.26 91.90 -12.18
C ALA H 284 19.76 91.90 -12.54
N ILE H 285 19.10 90.75 -12.48
CA ILE H 285 17.64 90.62 -12.55
C ILE H 285 17.11 90.07 -11.22
N THR H 286 17.87 89.24 -10.50
CA THR H 286 17.44 88.68 -9.20
C THR H 286 17.43 89.71 -8.08
N LYS H 287 18.47 90.55 -7.96
CA LYS H 287 18.47 91.67 -7.00
C LYS H 287 17.38 92.68 -7.37
N SER H 288 17.30 93.07 -8.64
CA SER H 288 16.22 93.91 -9.18
C SER H 288 14.81 93.35 -8.94
N LEU H 289 14.65 92.04 -8.73
CA LEU H 289 13.37 91.42 -8.42
C LEU H 289 13.09 91.35 -6.93
N LEU H 290 14.11 91.25 -6.09
CA LEU H 290 13.95 91.47 -4.65
C LEU H 290 13.60 92.95 -4.38
N GLU H 291 14.11 93.88 -5.21
CA GLU H 291 13.63 95.28 -5.30
C GLU H 291 12.18 95.42 -5.85
N GLU H 292 11.61 94.38 -6.47
CA GLU H 292 10.20 94.31 -6.91
C GLU H 292 9.30 93.57 -5.89
N ILE H 293 9.86 93.06 -4.79
CA ILE H 293 9.23 92.05 -3.90
C ILE H 293 9.34 92.35 -2.40
N MET H 294 10.38 93.05 -1.94
CA MET H 294 10.63 93.30 -0.51
C MET H 294 9.78 94.47 0.03
N PRO H 295 8.80 94.25 0.93
CA PRO H 295 8.09 95.32 1.61
C PRO H 295 8.98 96.02 2.65
N SER H 296 8.63 97.25 3.03
CA SER H 296 9.34 98.05 4.05
C SER H 296 9.39 97.43 5.46
N HIS H 297 8.67 96.32 5.67
CA HIS H 297 8.55 95.59 6.94
C HIS H 297 8.97 94.12 6.82
N ALA H 298 9.68 93.74 5.74
CA ALA H 298 10.12 92.37 5.49
C ALA H 298 10.94 91.78 6.65
N SER H 299 11.77 92.62 7.32
CA SER H 299 12.57 92.20 8.47
C SER H 299 11.70 91.98 9.72
N GLU H 300 10.83 92.93 10.09
CA GLU H 300 9.90 92.78 11.23
C GLU H 300 9.02 91.52 11.09
N ASN H 301 8.52 91.28 9.88
CA ASN H 301 7.79 90.06 9.53
C ASN H 301 8.67 88.82 9.72
N ALA H 302 9.87 88.79 9.13
CA ALA H 302 10.84 87.69 9.21
C ALA H 302 11.39 87.43 10.63
N GLU H 303 11.35 88.41 11.53
CA GLU H 303 11.78 88.34 12.93
C GLU H 303 10.66 87.84 13.84
N SER H 304 9.39 88.11 13.50
CA SER H 304 8.23 87.63 14.25
C SER H 304 8.07 86.11 14.28
N PHE H 305 8.68 85.39 13.32
CA PHE H 305 8.57 83.96 13.05
C PHE H 305 8.41 83.07 14.29
N ASP H 306 9.28 83.27 15.28
CA ASP H 306 9.38 82.41 16.46
C ASP H 306 8.69 83.02 17.70
N THR H 307 8.45 84.34 17.71
CA THR H 307 7.59 84.99 18.72
C THR H 307 6.13 84.54 18.57
N ILE H 308 5.67 84.33 17.33
CA ILE H 308 4.36 83.74 17.02
C ILE H 308 4.25 82.33 17.61
N LYS H 309 5.29 81.51 17.44
CA LYS H 309 5.32 80.11 17.93
C LYS H 309 5.42 80.01 19.44
N ASP H 310 6.08 80.96 20.11
CA ASP H 310 6.14 80.98 21.57
C ASP H 310 4.80 81.47 22.17
N LEU H 311 4.14 82.47 21.56
CA LEU H 311 2.74 82.81 21.88
C LEU H 311 1.84 81.57 21.78
N GLU H 312 1.89 80.83 20.67
CA GLU H 312 1.12 79.59 20.51
C GLU H 312 1.50 78.53 21.54
N ASN H 313 2.78 78.37 21.85
CA ASN H 313 3.25 77.44 22.88
C ASN H 313 2.75 77.81 24.27
N ILE H 314 2.68 79.09 24.62
CA ILE H 314 2.17 79.57 25.90
C ILE H 314 0.66 79.31 25.96
N VAL H 315 -0.11 79.73 24.94
CA VAL H 315 -1.57 79.54 24.84
C VAL H 315 -1.98 78.06 24.91
N LEU H 316 -1.27 77.18 24.20
CA LEU H 316 -1.49 75.72 24.27
C LEU H 316 -1.22 75.14 25.67
N LYS H 317 -0.44 75.84 26.51
CA LYS H 317 -0.18 75.47 27.91
C LYS H 317 -1.13 76.20 28.87
N THR H 318 -1.68 77.35 28.50
CA THR H 318 -2.80 78.01 29.18
C THR H 318 -4.06 77.13 29.13
N ASP H 319 -4.32 76.43 28.02
CA ASP H 319 -5.42 75.45 27.97
C ASP H 319 -5.23 74.32 28.98
N GLU H 320 -4.03 73.72 29.00
CA GLU H 320 -3.70 72.72 30.02
C GLU H 320 -3.88 73.28 31.44
N GLU H 321 -3.49 74.54 31.68
CA GLU H 321 -3.44 75.12 33.02
C GLU H 321 -4.81 75.57 33.54
N LEU H 322 -5.69 76.09 32.67
CA LEU H 322 -7.12 76.25 32.97
C LEU H 322 -7.74 74.90 33.33
N ALA H 323 -7.44 73.87 32.52
CA ALA H 323 -7.93 72.51 32.74
C ALA H 323 -7.29 71.82 33.96
N ARG H 324 -6.09 72.20 34.40
CA ARG H 324 -5.49 71.78 35.69
C ARG H 324 -6.14 72.53 36.85
N SER H 325 -6.45 73.82 36.68
CA SER H 325 -6.92 74.71 37.75
C SER H 325 -8.35 74.42 38.16
N PHE H 326 -9.30 74.37 37.22
CA PHE H 326 -10.70 74.11 37.57
C PHE H 326 -10.91 72.70 38.16
N ARG H 327 -10.14 71.70 37.69
CA ARG H 327 -10.13 70.34 38.27
C ARG H 327 -9.54 70.30 39.70
N GLN H 328 -8.84 71.35 40.14
CA GLN H 328 -8.48 71.56 41.55
C GLN H 328 -9.48 72.43 42.34
N ILE H 329 -10.18 73.37 41.70
CA ILE H 329 -11.21 74.20 42.37
C ILE H 329 -12.43 73.34 42.74
N LEU H 330 -12.75 72.32 41.93
CA LEU H 330 -13.72 71.28 42.29
C LEU H 330 -13.29 70.45 43.53
N ASP H 331 -11.99 70.15 43.67
CA ASP H 331 -11.43 69.48 44.86
C ASP H 331 -11.52 70.41 46.08
N LEU H 332 -11.15 71.69 45.94
CA LEU H 332 -11.27 72.71 46.98
C LEU H 332 -12.70 72.82 47.51
N SER H 333 -13.71 72.93 46.63
CA SER H 333 -15.13 72.97 46.99
C SER H 333 -15.56 71.74 47.79
N PHE H 334 -15.28 70.53 47.28
CA PHE H 334 -15.62 69.28 47.94
C PHE H 334 -14.99 69.17 49.35
N LYS H 335 -13.71 69.59 49.47
CA LYS H 335 -12.95 69.56 50.72
C LYS H 335 -13.49 70.58 51.73
N VAL H 336 -13.74 71.83 51.30
CA VAL H 336 -14.40 72.87 52.12
C VAL H 336 -15.72 72.36 52.70
N ASN H 337 -16.55 71.73 51.87
CA ASN H 337 -17.86 71.27 52.31
C ASN H 337 -17.76 70.16 53.37
N LYS H 338 -16.76 69.26 53.31
CA LYS H 338 -16.50 68.30 54.41
C LYS H 338 -16.07 68.99 55.71
N GLU H 339 -15.27 70.05 55.64
CA GLU H 339 -14.86 70.84 56.82
C GLU H 339 -16.06 71.45 57.56
N ILE H 340 -17.05 71.95 56.80
CA ILE H 340 -18.29 72.51 57.36
C ILE H 340 -19.27 71.42 57.83
N SER H 341 -19.48 70.34 57.08
CA SER H 341 -20.41 69.28 57.49
C SER H 341 -19.96 68.55 58.76
N LEU H 342 -18.65 68.28 58.94
CA LEU H 342 -18.13 67.73 60.21
C LEU H 342 -18.29 68.70 61.40
N GLN H 343 -18.20 70.00 61.14
CA GLN H 343 -18.42 71.04 62.15
C GLN H 343 -19.90 71.15 62.55
N SER H 344 -20.81 71.00 61.57
CA SER H 344 -22.26 70.95 61.78
C SER H 344 -22.68 69.71 62.59
N GLN H 345 -22.23 68.53 62.18
CA GLN H 345 -22.47 67.26 62.90
C GLN H 345 -22.06 67.36 64.38
N LYS H 346 -20.85 67.87 64.65
CA LYS H 346 -20.34 68.02 66.02
C LYS H 346 -21.26 68.87 66.90
N ALA H 347 -21.90 69.90 66.36
CA ALA H 347 -22.81 70.76 67.13
C ALA H 347 -24.10 70.03 67.56
N VAL H 348 -24.67 69.17 66.70
CA VAL H 348 -25.81 68.31 67.05
C VAL H 348 -25.42 67.31 68.14
N GLU H 349 -24.27 66.66 67.99
CA GLU H 349 -23.76 65.68 68.96
C GLU H 349 -23.30 66.27 70.31
N GLU H 350 -23.34 67.59 70.49
CA GLU H 350 -23.03 68.30 71.74
C GLU H 350 -24.15 69.26 72.19
N THR H 351 -25.33 69.14 71.56
CA THR H 351 -26.60 69.78 72.00
C THR H 351 -27.69 68.75 72.32
N CYS H 352 -27.68 67.59 71.67
CA CYS H 352 -28.47 66.42 72.10
C CYS H 352 -27.76 65.64 73.22
N GLU H 353 -28.52 64.92 74.06
CA GLU H 353 -27.93 64.07 75.11
C GLU H 353 -27.02 62.98 74.53
N SER H 354 -25.81 62.83 75.06
CA SER H 354 -24.84 61.85 74.57
C SER H 354 -25.32 60.39 74.72
N ALA H 355 -26.28 60.12 75.60
CA ALA H 355 -26.95 58.81 75.70
C ALA H 355 -27.96 58.56 74.56
N LEU H 356 -28.65 59.60 74.08
CA LEU H 356 -29.61 59.53 72.97
C LEU H 356 -28.87 59.46 71.63
N VAL H 357 -27.82 60.28 71.45
CA VAL H 357 -26.90 60.21 70.29
C VAL H 357 -26.21 58.85 70.22
N ARG H 358 -25.81 58.28 71.37
CA ARG H 358 -25.31 56.91 71.47
C ARG H 358 -26.34 55.86 71.04
N GLN H 359 -27.62 56.08 71.34
CA GLN H 359 -28.69 55.17 70.91
C GLN H 359 -29.00 55.27 69.41
N TRP H 360 -28.79 56.43 68.77
CA TRP H 360 -28.80 56.57 67.32
C TRP H 360 -27.65 55.81 66.65
N TYR H 361 -26.43 55.94 67.16
CA TYR H 361 -25.22 55.53 66.44
C TYR H 361 -24.67 54.15 66.82
N PHE H 362 -24.85 53.67 68.06
CA PHE H 362 -24.05 52.56 68.60
C PHE H 362 -24.84 51.43 69.27
N ASP H 363 -25.97 51.72 69.95
CA ASP H 363 -26.71 50.65 70.65
C ASP H 363 -27.36 49.64 69.69
N GLY H 364 -27.58 50.01 68.43
CA GLY H 364 -27.97 49.08 67.35
C GLY H 364 -26.87 48.13 66.86
N SER H 365 -25.66 48.19 67.43
CA SER H 365 -24.47 47.47 66.94
C SER H 365 -23.59 46.84 68.03
N LEU H 366 -24.05 46.77 69.28
CA LEU H 366 -23.17 46.57 70.45
C LEU H 366 -23.22 45.15 71.08
N PRO H 367 -22.24 44.29 70.78
CA PRO H 367 -21.68 43.31 71.71
C PRO H 367 -20.56 43.94 72.56
#